data_9C2T
#
_entry.id   9C2T
#
_cell.length_a   1.00
_cell.length_b   1.00
_cell.length_c   1.00
_cell.angle_alpha   90.00
_cell.angle_beta   90.00
_cell.angle_gamma   90.00
#
_symmetry.space_group_name_H-M   'P 1'
#
loop_
_entity.id
_entity.type
_entity.pdbx_description
1 polymer 'Capsid protein 2'
2 polymer 'Alpha-1-antichymotrypsin His-Pro-less'
#
loop_
_entity_poly.entity_id
_entity_poly.type
_entity_poly.pdbx_seq_one_letter_code
_entity_poly.pdbx_strand_id
1 'polypeptide(L)'
;TSVNSAEASTGAGGGGSNPVKSMWSEGATFSANSVTCTFSRQFLIPYDPEHHYKVFSPAASSCHNASGKEAKVCTISPIM
GYSTPWRYLDFNALNLFFSPLEFQHLIENYGSIAPDALTVTISEIAVKDVTDKTGGGVQVTDSTTGRLCMLVDHEYKYPY
VLGQGQDTLAPELPIWVYFPPQYAYLTVGDVNTQGISGDSKKLASEESAFYVLEHSSFQLLGTGGTATMSYKFPPVPPEN
LEGCSQHFYEMYNPLYGSRLGVPDTLGGDPKFRSLTHEDHAIQPQNFMPGPLVNSVSTKEGDSSNTGAGKALTGLSTGTS
QNTRISLRPGPVSQPYHHWDTDKYVTGINAISHGQTTYGNAEDKEYQQGVGRFPNEKEQLKQLQGLNMHTYFPNKGTQQY
TDQIERPLMVGSVWNRRALHYESQLWSKIPNLDDSFKTQFAALGGWGLHQPPPQIFLKILPQSGPIGGIKSMGITTLVQY
AVGIMTVTMTFKLGPRKATGRWNPQPGVYPPHAAGHLPYVLYDPTATDAKQHHRHGYEKPEELWTAKSRVHPL
;
A,B,C,D,E,F
2 'polypeptide(L)'
;GLASANVDFAFSLYKQLVLKAPDKNVIFSPLSISTALAFLSLGAHNTTLTEILKGLKFNLTETSEAEIHQSFQHLLRTLN
QSSDELQLSMGNAMFVKEQLSLLDRFTEDAKRLYGSEAFATDFQDSAAAKKLINDYVKNGTRGKITDLIKDLDSQTMMVL
VNYIFFKAKWEMPFDPQDTHQSRFYLSKKKWVMVPMMSLHHLTIPYFRDEELSCTVVELKYTGNASALFILPDQDKMEEV
EAMLLPETLKRWRDSLEFREIGELYLPKFSISRDYNLNDILLQLGIEEAFTSKADLSGITGARNLAVSQVVHKAVLDVFE
EGTEASAATAVKITLLSALVETRTIVRFNRPFLMIIVPTDTQNIFFMSKVTNPKQ
;
S
#
# COMPACT_ATOMS: atom_id res chain seq x y z
N THR A 1 -56.27 41.67 -5.95
CA THR A 1 -54.93 41.68 -6.53
C THR A 1 -54.22 40.36 -6.27
N SER A 2 -52.97 40.25 -6.74
CA SER A 2 -52.19 39.05 -6.55
C SER A 2 -50.72 39.38 -6.75
N VAL A 3 -49.86 38.51 -6.22
CA VAL A 3 -48.42 38.66 -6.46
C VAL A 3 -48.06 38.22 -7.87
N ASN A 4 -48.95 37.49 -8.54
CA ASN A 4 -48.71 37.09 -9.93
C ASN A 4 -48.77 38.28 -10.88
N SER A 5 -49.30 39.42 -10.43
CA SER A 5 -49.38 40.60 -11.29
C SER A 5 -47.98 41.09 -11.67
N ALA A 6 -47.05 41.05 -10.73
CA ALA A 6 -45.67 41.44 -11.03
C ALA A 6 -45.05 40.45 -12.01
N GLU A 7 -44.21 40.98 -12.91
CA GLU A 7 -43.70 40.17 -14.02
C GLU A 7 -42.82 39.04 -13.53
N ALA A 8 -41.88 39.33 -12.62
CA ALA A 8 -40.90 38.33 -12.20
C ALA A 8 -40.70 38.34 -10.70
N SER A 9 -41.77 38.52 -9.94
CA SER A 9 -41.69 38.51 -8.48
C SER A 9 -42.24 37.20 -7.94
N THR A 10 -41.70 36.80 -6.79
CA THR A 10 -42.11 35.58 -6.11
C THR A 10 -42.57 35.92 -4.69
N GLY A 11 -43.68 35.31 -4.27
CA GLY A 11 -44.19 35.58 -2.94
C GLY A 11 -43.24 35.09 -1.85
N ALA A 12 -43.29 35.76 -0.71
CA ALA A 12 -42.42 35.45 0.41
C ALA A 12 -43.25 35.13 1.65
N GLY A 13 -42.76 34.19 2.45
CA GLY A 13 -43.46 33.75 3.64
C GLY A 13 -42.88 34.31 4.93
N GLY A 14 -41.71 34.93 4.84
CA GLY A 14 -41.10 35.58 6.00
C GLY A 14 -40.75 34.66 7.15
N GLY A 15 -40.08 33.55 6.87
CA GLY A 15 -39.71 32.61 7.91
C GLY A 15 -38.65 33.17 8.86
N GLY A 16 -38.12 32.26 9.67
CA GLY A 16 -37.16 32.64 10.69
C GLY A 16 -35.72 32.52 10.23
N SER A 17 -34.81 32.84 11.15
CA SER A 17 -33.38 32.80 10.89
C SER A 17 -32.68 32.08 12.05
N ASN A 18 -31.57 31.42 11.72
CA ASN A 18 -30.84 30.61 12.70
C ASN A 18 -29.36 30.61 12.34
N PRO A 19 -28.62 31.62 12.76
CA PRO A 19 -27.19 31.71 12.40
C PRO A 19 -26.30 30.81 13.24
N VAL A 20 -26.44 29.50 13.06
CA VAL A 20 -25.67 28.52 13.79
C VAL A 20 -24.68 27.86 12.85
N LYS A 21 -23.54 27.44 13.41
CA LYS A 21 -22.49 26.76 12.67
C LYS A 21 -22.30 25.38 13.28
N SER A 22 -22.48 24.34 12.47
CA SER A 22 -22.28 22.97 12.89
C SER A 22 -21.42 22.26 11.85
N MET A 23 -20.82 21.14 12.27
CA MET A 23 -19.87 20.42 11.44
C MET A 23 -20.47 19.09 10.98
N TRP A 24 -20.20 18.74 9.74
CA TRP A 24 -20.50 17.42 9.19
C TRP A 24 -19.20 16.63 9.26
N SER A 25 -19.00 15.94 10.39
CA SER A 25 -17.76 15.23 10.62
C SER A 25 -17.73 13.94 9.81
N GLU A 26 -16.62 13.71 9.12
CA GLU A 26 -16.46 12.52 8.28
C GLU A 26 -14.97 12.29 8.07
N GLY A 27 -14.64 11.09 7.60
CA GLY A 27 -13.27 10.75 7.26
C GLY A 27 -12.54 10.08 8.42
N ALA A 28 -11.37 9.54 8.10
CA ALA A 28 -10.54 8.85 9.08
C ALA A 28 -9.20 9.55 9.20
N THR A 29 -8.80 9.83 10.45
CA THR A 29 -7.49 10.40 10.75
C THR A 29 -6.61 9.26 11.26
N PHE A 30 -5.59 8.92 10.49
CA PHE A 30 -4.68 7.84 10.84
C PHE A 30 -3.51 8.37 11.66
N SER A 31 -3.06 7.56 12.61
CA SER A 31 -1.90 7.87 13.43
C SER A 31 -0.98 6.66 13.47
N ALA A 32 0.12 6.78 14.21
CA ALA A 32 1.08 5.68 14.28
C ALA A 32 0.48 4.46 14.96
N ASN A 33 -0.31 4.66 16.02
CA ASN A 33 -0.84 3.56 16.81
C ASN A 33 -2.35 3.43 16.78
N SER A 34 -3.07 4.38 16.18
CA SER A 34 -4.52 4.31 16.18
C SER A 34 -5.07 5.10 15.01
N VAL A 35 -6.34 4.85 14.69
CA VAL A 35 -7.07 5.60 13.69
C VAL A 35 -8.39 6.05 14.30
N THR A 36 -8.75 7.30 14.05
CA THR A 36 -10.02 7.87 14.50
C THR A 36 -10.90 8.06 13.26
N CYS A 37 -11.87 7.18 13.08
CA CYS A 37 -12.78 7.24 11.95
C CYS A 37 -14.08 7.91 12.38
N THR A 38 -14.67 8.67 11.47
CA THR A 38 -15.92 9.35 11.73
C THR A 38 -16.79 9.29 10.48
N PHE A 39 -18.07 9.01 10.67
CA PHE A 39 -19.02 9.09 9.58
C PHE A 39 -20.30 9.73 10.07
N SER A 40 -20.86 10.62 9.25
CA SER A 40 -22.11 11.30 9.54
C SER A 40 -23.15 10.87 8.53
N ARG A 41 -24.34 10.55 9.00
CA ARG A 41 -25.45 10.18 8.13
C ARG A 41 -26.71 10.93 8.57
N GLN A 42 -27.45 11.41 7.59
CA GLN A 42 -28.77 11.98 7.89
C GLN A 42 -29.73 10.85 8.21
N PHE A 43 -30.42 10.96 9.34
CA PHE A 43 -31.37 9.96 9.78
C PHE A 43 -32.75 10.57 9.86
N LEU A 44 -33.77 9.74 9.63
CA LEU A 44 -35.16 10.16 9.64
C LEU A 44 -35.97 9.21 10.51
N ILE A 45 -36.54 9.74 11.58
CA ILE A 45 -37.54 9.02 12.37
C ILE A 45 -38.91 9.30 11.74
N PRO A 46 -39.59 8.29 11.23
CA PRO A 46 -40.88 8.54 10.55
C PRO A 46 -41.98 8.84 11.54
N TYR A 47 -43.07 9.40 11.01
CA TYR A 47 -44.23 9.71 11.83
C TYR A 47 -44.96 8.42 12.20
N ASP A 48 -45.12 8.19 13.51
CA ASP A 48 -45.85 7.03 13.98
C ASP A 48 -47.26 7.47 14.34
N PRO A 49 -48.26 7.16 13.51
CA PRO A 49 -49.61 7.67 13.78
C PRO A 49 -50.19 7.22 15.11
N GLU A 50 -49.81 6.05 15.61
CA GLU A 50 -50.18 5.66 16.96
C GLU A 50 -49.05 4.81 17.54
N HIS A 51 -48.56 5.23 18.71
CA HIS A 51 -47.47 4.54 19.41
C HIS A 51 -48.05 3.36 20.17
N HIS A 52 -47.94 2.17 19.58
CA HIS A 52 -48.43 0.95 20.19
C HIS A 52 -47.27 0.00 20.48
N TYR A 53 -47.29 -0.60 21.67
CA TYR A 53 -46.48 -1.76 21.96
C TYR A 53 -47.25 -2.99 21.51
N LYS A 54 -46.73 -3.68 20.49
CA LYS A 54 -47.42 -4.83 19.92
C LYS A 54 -46.72 -6.12 20.32
N VAL A 55 -47.47 -7.21 20.29
CA VAL A 55 -46.95 -8.52 20.62
C VAL A 55 -46.72 -9.27 19.31
N PHE A 56 -45.47 -9.60 19.04
CA PHE A 56 -45.09 -10.33 17.82
C PHE A 56 -45.11 -11.82 18.14
N SER A 57 -46.07 -12.53 17.56
CA SER A 57 -46.25 -13.95 17.87
C SER A 57 -46.96 -14.67 16.72
N PRO A 58 -46.21 -15.15 15.72
CA PRO A 58 -46.83 -15.90 14.63
C PRO A 58 -47.13 -17.33 15.05
N ALA A 59 -47.90 -18.01 14.19
CA ALA A 59 -48.26 -19.41 14.40
C ALA A 59 -47.43 -20.31 13.49
N ALA A 60 -47.00 -21.44 14.04
CA ALA A 60 -46.14 -22.36 13.31
C ALA A 60 -46.48 -23.79 13.65
N SER A 61 -46.12 -24.70 12.75
CA SER A 61 -46.34 -26.13 12.95
C SER A 61 -45.16 -26.94 12.43
N LYS A 72 -40.97 -27.42 4.73
CA LYS A 72 -41.47 -26.65 5.86
C LYS A 72 -40.71 -26.98 7.14
N VAL A 73 -39.82 -26.07 7.54
CA VAL A 73 -39.03 -26.22 8.75
C VAL A 73 -39.22 -24.97 9.61
N CYS A 74 -39.63 -25.18 10.86
CA CYS A 74 -39.83 -24.10 11.81
C CYS A 74 -38.77 -24.17 12.90
N THR A 75 -38.82 -23.18 13.81
CA THR A 75 -37.88 -23.14 14.91
C THR A 75 -38.17 -24.27 15.89
N ILE A 76 -37.33 -24.36 16.93
CA ILE A 76 -37.51 -25.40 17.95
C ILE A 76 -38.86 -25.23 18.64
N SER A 77 -39.17 -23.99 19.02
CA SER A 77 -40.47 -23.62 19.57
C SER A 77 -40.93 -22.33 18.91
N PRO A 78 -42.24 -22.09 18.87
CA PRO A 78 -42.73 -20.81 18.33
C PRO A 78 -42.14 -19.65 19.09
N ILE A 79 -41.83 -18.59 18.37
CA ILE A 79 -41.14 -17.43 18.94
C ILE A 79 -42.17 -16.39 19.33
N MET A 80 -41.76 -15.48 20.22
CA MET A 80 -42.63 -14.43 20.70
C MET A 80 -41.77 -13.28 21.18
N GLY A 81 -42.28 -12.07 21.02
CA GLY A 81 -41.57 -10.90 21.49
C GLY A 81 -42.47 -9.69 21.49
N TYR A 82 -41.85 -8.53 21.70
CA TYR A 82 -42.57 -7.27 21.71
C TYR A 82 -41.94 -6.29 20.74
N SER A 83 -42.79 -5.56 20.02
CA SER A 83 -42.40 -4.48 19.12
C SER A 83 -42.78 -3.16 19.76
N THR A 84 -41.81 -2.25 19.83
CA THR A 84 -41.96 -0.98 20.51
C THR A 84 -42.06 0.17 19.50
N PRO A 85 -42.69 1.28 19.88
CA PRO A 85 -42.74 2.44 18.97
C PRO A 85 -41.41 3.16 18.81
N TRP A 86 -40.34 2.66 19.41
CA TRP A 86 -39.05 3.30 19.36
C TRP A 86 -38.22 2.77 18.19
N ARG A 87 -37.46 3.66 17.56
CA ARG A 87 -36.41 3.28 16.64
C ARG A 87 -35.06 3.34 17.35
N TYR A 88 -34.09 2.62 16.82
CA TYR A 88 -32.76 2.58 17.42
C TYR A 88 -31.70 2.67 16.33
N LEU A 89 -30.53 3.18 16.71
CA LEU A 89 -29.43 3.34 15.78
C LEU A 89 -28.64 2.06 15.63
N ASP A 90 -28.25 1.75 14.40
CA ASP A 90 -27.41 0.59 14.10
C ASP A 90 -26.28 1.04 13.18
N PHE A 91 -25.05 0.90 13.65
CA PHE A 91 -23.85 1.22 12.90
C PHE A 91 -22.80 0.13 13.08
N ASN A 92 -23.27 -1.10 13.21
CA ASN A 92 -22.39 -2.24 13.50
C ASN A 92 -21.86 -2.82 12.19
N ALA A 93 -20.96 -2.06 11.57
CA ALA A 93 -20.32 -2.49 10.33
C ALA A 93 -19.00 -1.73 10.19
N LEU A 94 -17.97 -2.45 9.73
CA LEU A 94 -16.66 -1.83 9.58
C LEU A 94 -16.63 -0.86 8.42
N ASN A 95 -17.35 -1.14 7.33
CA ASN A 95 -17.29 -0.29 6.15
C ASN A 95 -17.95 1.06 6.37
N LEU A 96 -18.69 1.25 7.46
CA LEU A 96 -19.29 2.56 7.72
C LEU A 96 -18.25 3.56 8.18
N PHE A 97 -17.18 3.09 8.82
CA PHE A 97 -16.16 3.97 9.37
C PHE A 97 -15.01 4.22 8.42
N PHE A 98 -14.73 3.29 7.51
CA PHE A 98 -13.65 3.42 6.54
C PHE A 98 -14.24 3.56 5.14
N SER A 99 -13.81 4.58 4.42
CA SER A 99 -14.01 4.61 2.99
C SER A 99 -13.09 3.57 2.35
N PRO A 100 -13.38 3.14 1.12
CA PRO A 100 -12.50 2.16 0.47
C PRO A 100 -11.05 2.59 0.44
N LEU A 101 -10.78 3.87 0.18
CA LEU A 101 -9.41 4.37 0.25
C LEU A 101 -8.85 4.24 1.66
N GLU A 102 -9.64 4.60 2.66
CA GLU A 102 -9.18 4.53 4.04
C GLU A 102 -8.99 3.08 4.49
N PHE A 103 -9.85 2.18 4.06
CA PHE A 103 -9.66 0.77 4.39
C PHE A 103 -8.42 0.21 3.71
N GLN A 104 -8.16 0.62 2.47
CA GLN A 104 -6.93 0.20 1.80
C GLN A 104 -5.71 0.70 2.56
N HIS A 105 -5.74 1.97 2.99
CA HIS A 105 -4.64 2.51 3.76
C HIS A 105 -4.46 1.75 5.07
N LEU A 106 -5.56 1.42 5.74
CA LEU A 106 -5.50 0.68 7.00
C LEU A 106 -4.85 -0.68 6.80
N ILE A 107 -5.35 -1.45 5.83
CA ILE A 107 -4.82 -2.80 5.62
C ILE A 107 -3.47 -2.81 4.95
N GLU A 108 -3.01 -1.67 4.42
CA GLU A 108 -1.68 -1.59 3.83
C GLU A 108 -0.62 -1.16 4.83
N ASN A 109 -0.96 -0.25 5.75
CA ASN A 109 0.03 0.39 6.60
C ASN A 109 0.05 -0.13 8.03
N TYR A 110 -0.81 -1.06 8.39
CA TYR A 110 -0.92 -1.50 9.77
C TYR A 110 -1.01 -3.02 9.84
N GLY A 111 -0.64 -3.55 11.00
CA GLY A 111 -0.56 -4.99 11.18
C GLY A 111 -1.70 -5.59 11.96
N SER A 112 -2.35 -4.80 12.81
CA SER A 112 -3.50 -5.29 13.58
C SER A 112 -4.44 -4.13 13.87
N ILE A 113 -5.70 -4.46 14.16
CA ILE A 113 -6.72 -3.48 14.44
C ILE A 113 -7.62 -4.00 15.55
N ALA A 114 -7.99 -3.12 16.49
CA ALA A 114 -8.91 -3.50 17.55
C ALA A 114 -9.68 -2.27 18.03
N PRO A 115 -11.00 -2.34 18.17
CA PRO A 115 -11.75 -1.16 18.59
C PRO A 115 -11.36 -0.72 20.00
N ASP A 116 -11.31 0.60 20.19
CA ASP A 116 -10.87 1.21 21.44
C ASP A 116 -11.96 2.05 22.08
N ALA A 117 -12.54 2.98 21.33
CA ALA A 117 -13.56 3.89 21.87
C ALA A 117 -14.55 4.22 20.77
N LEU A 118 -15.72 4.70 21.18
CA LEU A 118 -16.80 5.00 20.26
C LEU A 118 -17.56 6.23 20.76
N THR A 119 -17.91 7.12 19.84
CA THR A 119 -18.64 8.34 20.18
C THR A 119 -19.73 8.54 19.14
N VAL A 120 -20.98 8.66 19.60
CA VAL A 120 -22.12 8.86 18.72
C VAL A 120 -22.76 10.19 19.08
N THR A 121 -22.87 11.08 18.11
CA THR A 121 -23.42 12.41 18.32
C THR A 121 -24.64 12.58 17.41
N ILE A 122 -25.79 12.85 18.01
CA ILE A 122 -27.00 13.17 17.26
C ILE A 122 -27.17 14.68 17.32
N SER A 123 -27.03 15.33 16.17
CA SER A 123 -27.08 16.78 16.09
C SER A 123 -27.95 17.18 14.92
N GLU A 124 -28.18 18.49 14.78
CA GLU A 124 -29.05 19.04 13.75
C GLU A 124 -30.44 18.41 13.81
N ILE A 125 -30.91 18.16 15.03
CA ILE A 125 -32.23 17.59 15.22
C ILE A 125 -33.28 18.57 14.73
N ALA A 126 -34.28 18.04 14.02
CA ALA A 126 -35.36 18.88 13.49
C ALA A 126 -36.63 18.05 13.51
N VAL A 127 -37.49 18.30 14.48
CA VAL A 127 -38.84 17.74 14.46
C VAL A 127 -39.70 18.63 13.59
N LYS A 128 -40.41 18.04 12.64
CA LYS A 128 -41.10 18.78 11.60
C LYS A 128 -42.56 18.35 11.55
N ASP A 129 -43.45 19.33 11.64
CA ASP A 129 -44.87 19.10 11.45
C ASP A 129 -45.21 19.04 9.97
N VAL A 130 -46.20 18.22 9.64
CA VAL A 130 -46.68 18.07 8.27
C VAL A 130 -48.13 18.51 8.23
N THR A 131 -48.44 19.40 7.29
CA THR A 131 -49.80 19.90 7.12
C THR A 131 -50.18 19.88 5.65
N ASP A 132 -51.45 20.13 5.38
CA ASP A 132 -51.92 20.13 3.99
C ASP A 132 -51.35 21.33 3.24
N LYS A 133 -51.01 21.10 1.98
CA LYS A 133 -50.48 22.14 1.12
C LYS A 133 -51.55 22.64 0.15
N THR A 134 -51.47 23.93 -0.18
CA THR A 134 -52.42 24.51 -1.10
C THR A 134 -52.34 23.83 -2.46
N GLY A 135 -53.51 23.54 -3.03
CA GLY A 135 -53.56 22.82 -4.30
C GLY A 135 -53.23 21.35 -4.21
N GLY A 136 -53.41 20.73 -3.04
CA GLY A 136 -53.10 19.34 -2.85
C GLY A 136 -51.68 19.13 -2.35
N GLY A 137 -51.42 17.90 -1.90
CA GLY A 137 -50.13 17.57 -1.36
C GLY A 137 -49.98 17.99 0.09
N VAL A 138 -48.76 17.86 0.58
CA VAL A 138 -48.42 18.20 1.95
C VAL A 138 -47.21 19.12 1.96
N GLN A 139 -47.05 19.85 3.06
CA GLN A 139 -45.91 20.72 3.29
C GLN A 139 -45.41 20.52 4.71
N VAL A 140 -44.14 20.88 4.91
CA VAL A 140 -43.40 20.58 6.13
C VAL A 140 -42.95 21.88 6.76
N THR A 141 -43.19 22.02 8.07
CA THR A 141 -42.80 23.20 8.82
C THR A 141 -42.00 22.80 10.06
N ASP A 142 -40.95 23.55 10.36
CA ASP A 142 -40.15 23.25 11.53
C ASP A 142 -40.96 23.45 12.81
N SER A 143 -40.75 22.56 13.78
CA SER A 143 -41.51 22.58 15.02
C SER A 143 -40.60 23.01 16.17
N THR A 144 -41.03 24.04 16.91
CA THR A 144 -40.32 24.48 18.10
C THR A 144 -40.73 23.68 19.33
N THR A 145 -42.00 23.31 19.43
CA THR A 145 -42.48 22.53 20.56
C THR A 145 -42.31 21.03 20.38
N GLY A 146 -42.11 20.56 19.16
CA GLY A 146 -41.90 19.14 18.94
C GLY A 146 -40.58 18.69 19.56
N ARG A 147 -40.60 17.49 20.13
CA ARG A 147 -39.44 16.94 20.82
C ARG A 147 -39.09 15.58 20.26
N LEU A 148 -37.83 15.21 20.39
CA LEU A 148 -37.34 13.88 20.06
C LEU A 148 -36.86 13.22 21.34
N CYS A 149 -37.48 12.09 21.69
CA CYS A 149 -37.06 11.32 22.84
C CYS A 149 -35.87 10.45 22.45
N MET A 150 -34.74 10.68 23.11
CA MET A 150 -33.52 9.92 22.92
C MET A 150 -33.15 9.26 24.25
N LEU A 151 -32.93 7.95 24.22
CA LEU A 151 -32.62 7.17 25.41
C LEU A 151 -31.41 6.32 25.11
N VAL A 152 -30.34 6.52 25.87
CA VAL A 152 -29.12 5.73 25.73
C VAL A 152 -29.11 4.68 26.83
N ASP A 153 -29.14 3.41 26.42
CA ASP A 153 -29.24 2.30 27.38
C ASP A 153 -27.83 1.93 27.87
N HIS A 154 -27.25 2.86 28.63
CA HIS A 154 -25.91 2.64 29.18
C HIS A 154 -25.88 1.44 30.11
N GLU A 155 -26.99 1.14 30.77
CA GLU A 155 -27.05 0.06 31.74
C GLU A 155 -27.49 -1.26 31.14
N TYR A 156 -27.75 -1.30 29.83
CA TYR A 156 -28.21 -2.51 29.15
C TYR A 156 -29.49 -3.05 29.80
N LYS A 157 -30.35 -2.12 30.21
CA LYS A 157 -31.61 -2.50 30.85
C LYS A 157 -32.53 -3.24 29.87
N TYR A 158 -32.60 -2.77 28.64
CA TYR A 158 -33.47 -3.32 27.62
C TYR A 158 -32.72 -4.37 26.79
N PRO A 159 -33.44 -5.30 26.18
CA PRO A 159 -32.78 -6.36 25.40
C PRO A 159 -31.93 -5.78 24.28
N TYR A 160 -30.82 -6.46 24.01
CA TYR A 160 -29.85 -6.03 23.00
C TYR A 160 -30.10 -6.79 21.72
N VAL A 161 -30.36 -6.06 20.63
CA VAL A 161 -30.64 -6.66 19.33
C VAL A 161 -29.58 -6.33 18.29
N LEU A 162 -28.62 -5.47 18.62
CA LEU A 162 -27.54 -5.17 17.70
C LEU A 162 -26.57 -6.35 17.59
N GLY A 163 -25.84 -6.38 16.47
CA GLY A 163 -24.84 -7.41 16.28
C GLY A 163 -25.38 -8.77 15.89
N GLN A 164 -26.51 -8.82 15.19
CA GLN A 164 -27.09 -10.08 14.74
C GLN A 164 -27.10 -10.18 13.22
N GLY A 165 -26.36 -9.33 12.53
CA GLY A 165 -26.26 -9.38 11.08
C GLY A 165 -27.58 -9.17 10.37
N GLN A 166 -28.32 -8.14 10.77
CA GLN A 166 -29.64 -7.88 10.23
C GLN A 166 -29.61 -6.64 9.33
N ASP A 167 -30.61 -6.55 8.46
CA ASP A 167 -30.70 -5.49 7.46
C ASP A 167 -31.21 -4.20 8.12
N THR A 168 -30.41 -3.70 9.08
CA THR A 168 -30.76 -2.51 9.84
C THR A 168 -29.64 -1.49 9.86
N LEU A 169 -28.59 -1.69 9.05
CA LEU A 169 -27.38 -0.88 9.15
C LEU A 169 -27.59 0.52 8.57
N ALA A 170 -26.70 1.42 8.97
CA ALA A 170 -26.65 2.74 8.38
C ALA A 170 -26.23 2.64 6.91
N PRO A 171 -26.61 3.61 6.08
CA PRO A 171 -26.23 3.55 4.67
C PRO A 171 -24.72 3.52 4.47
N GLU A 172 -24.27 2.74 3.50
CA GLU A 172 -22.85 2.58 3.25
C GLU A 172 -22.23 3.84 2.64
N LEU A 173 -23.02 4.69 2.00
CA LEU A 173 -22.51 5.90 1.37
C LEU A 173 -22.96 7.12 2.15
N PRO A 174 -22.13 8.17 2.23
CA PRO A 174 -22.53 9.37 2.99
C PRO A 174 -23.61 10.19 2.33
N ILE A 175 -24.00 9.86 1.09
CA ILE A 175 -25.02 10.62 0.39
C ILE A 175 -26.44 10.14 0.69
N TRP A 176 -26.59 8.97 1.30
CA TRP A 176 -27.90 8.40 1.55
C TRP A 176 -28.41 8.78 2.94
N VAL A 177 -29.72 8.64 3.12
CA VAL A 177 -30.39 8.99 4.36
C VAL A 177 -30.66 7.71 5.14
N TYR A 178 -30.33 7.73 6.43
CA TYR A 178 -30.54 6.59 7.32
C TYR A 178 -31.99 6.56 7.78
N PHE A 179 -32.57 5.37 7.80
CA PHE A 179 -33.90 5.13 8.36
C PHE A 179 -33.74 4.12 9.47
N PRO A 180 -33.50 4.57 10.71
CA PRO A 180 -33.19 3.64 11.80
C PRO A 180 -34.29 2.64 12.01
N PRO A 181 -33.94 1.38 12.27
CA PRO A 181 -34.96 0.34 12.39
C PRO A 181 -35.81 0.51 13.63
N GLN A 182 -37.05 0.04 13.54
CA GLN A 182 -37.92 0.01 14.71
C GLN A 182 -37.42 -1.01 15.70
N TYR A 183 -37.44 -0.65 16.98
CA TYR A 183 -36.91 -1.53 18.01
C TYR A 183 -37.93 -2.59 18.39
N ALA A 184 -37.51 -3.85 18.34
CA ALA A 184 -38.32 -4.96 18.79
C ALA A 184 -37.38 -6.04 19.30
N TYR A 185 -37.92 -6.92 20.15
CA TYR A 185 -37.09 -7.95 20.75
C TYR A 185 -37.92 -9.20 20.96
N LEU A 186 -37.22 -10.32 21.16
CA LEU A 186 -37.84 -11.60 21.45
C LEU A 186 -37.59 -11.98 22.90
N THR A 187 -38.57 -12.65 23.50
CA THR A 187 -38.47 -13.04 24.91
C THR A 187 -39.07 -14.42 25.07
N VAL A 188 -38.80 -15.03 26.23
CA VAL A 188 -39.23 -16.39 26.51
C VAL A 188 -40.72 -16.41 26.81
N GLY A 189 -41.30 -17.60 26.78
CA GLY A 189 -42.71 -17.74 27.07
C GLY A 189 -43.08 -19.19 27.22
N ASP A 190 -44.40 -19.44 27.31
CA ASP A 190 -44.94 -20.79 27.44
C ASP A 190 -45.60 -21.18 26.13
N VAL A 191 -45.19 -22.32 25.59
CA VAL A 191 -45.78 -22.83 24.34
C VAL A 191 -47.13 -23.44 24.65
N ASN A 192 -48.17 -22.97 23.97
CA ASN A 192 -49.52 -23.45 24.15
C ASN A 192 -50.06 -23.91 22.81
N THR A 193 -50.70 -25.08 22.80
CA THR A 193 -51.28 -25.63 21.58
C THR A 193 -52.62 -24.96 21.29
N GLN A 194 -52.81 -24.54 20.04
CA GLN A 194 -54.03 -23.85 19.63
C GLN A 194 -55.08 -24.89 19.27
N GLY A 195 -55.88 -25.28 20.25
CA GLY A 195 -56.94 -26.24 20.03
C GLY A 195 -56.40 -27.61 19.68
N ILE A 196 -57.17 -28.36 18.89
CA ILE A 196 -56.77 -29.69 18.45
C ILE A 196 -55.99 -29.67 17.15
N SER A 197 -55.80 -28.51 16.54
CA SER A 197 -55.09 -28.44 15.26
C SER A 197 -53.63 -28.81 15.42
N GLY A 198 -53.07 -28.67 16.62
CA GLY A 198 -51.67 -28.93 16.87
C GLY A 198 -50.76 -27.72 16.70
N ASP A 199 -51.29 -26.60 16.22
CA ASP A 199 -50.49 -25.39 16.12
C ASP A 199 -50.11 -24.90 17.51
N SER A 200 -48.88 -24.41 17.63
CA SER A 200 -48.33 -23.96 18.91
C SER A 200 -47.96 -22.49 18.82
N LYS A 201 -48.35 -21.72 19.83
CA LYS A 201 -47.99 -20.31 19.95
C LYS A 201 -47.33 -20.08 21.29
N LYS A 202 -46.29 -19.24 21.31
CA LYS A 202 -45.60 -18.93 22.55
C LYS A 202 -46.35 -17.79 23.22
N LEU A 203 -47.24 -18.13 24.13
CA LEU A 203 -47.95 -17.13 24.92
C LEU A 203 -47.03 -16.58 26.00
N ALA A 204 -47.25 -15.30 26.34
CA ALA A 204 -46.45 -14.67 27.37
C ALA A 204 -46.64 -15.37 28.71
N SER A 205 -45.55 -15.55 29.43
CA SER A 205 -45.55 -16.19 30.74
C SER A 205 -45.08 -15.19 31.79
N GLU A 206 -44.93 -15.67 33.02
CA GLU A 206 -44.44 -14.81 34.09
C GLU A 206 -42.98 -14.41 33.85
N GLU A 207 -42.23 -15.23 33.12
CA GLU A 207 -40.85 -14.90 32.79
C GLU A 207 -40.72 -14.01 31.55
N SER A 208 -41.78 -13.82 30.79
CA SER A 208 -41.73 -12.98 29.61
C SER A 208 -41.42 -11.54 30.01
N ALA A 209 -40.47 -10.92 29.31
CA ALA A 209 -40.00 -9.58 29.64
C ALA A 209 -40.75 -8.59 28.76
N PHE A 210 -41.61 -7.80 29.39
CA PHE A 210 -42.34 -6.73 28.71
C PHE A 210 -41.71 -5.40 29.12
N TYR A 211 -40.99 -4.78 28.20
CA TYR A 211 -40.28 -3.54 28.46
C TYR A 211 -41.03 -2.38 27.86
N VAL A 212 -41.37 -1.39 28.69
CA VAL A 212 -42.00 -0.16 28.25
C VAL A 212 -40.96 0.94 28.41
N LEU A 213 -40.42 1.43 27.29
CA LEU A 213 -39.34 2.39 27.35
C LEU A 213 -39.78 3.76 27.85
N GLU A 214 -41.08 4.03 27.85
CA GLU A 214 -41.59 5.29 28.40
C GLU A 214 -41.54 5.31 29.92
N HIS A 215 -41.22 4.20 30.57
CA HIS A 215 -41.10 4.14 32.02
C HIS A 215 -39.65 4.33 32.48
N SER A 216 -38.86 5.08 31.71
CA SER A 216 -37.51 5.43 32.09
C SER A 216 -37.24 6.87 31.68
N SER A 217 -36.28 7.48 32.36
CA SER A 217 -35.92 8.86 32.07
C SER A 217 -35.10 8.92 30.79
N PHE A 218 -35.59 9.68 29.81
CA PHE A 218 -34.87 9.90 28.57
C PHE A 218 -34.92 11.37 28.22
N GLN A 219 -34.01 11.79 27.35
CA GLN A 219 -33.89 13.20 27.00
C GLN A 219 -34.90 13.58 25.94
N LEU A 220 -35.53 14.74 26.12
CA LEU A 220 -36.39 15.35 25.12
C LEU A 220 -35.60 16.47 24.45
N LEU A 221 -35.23 16.27 23.20
CA LEU A 221 -34.39 17.20 22.47
C LEU A 221 -35.23 17.97 21.46
N GLY A 222 -35.18 19.28 21.54
CA GLY A 222 -35.92 20.13 20.62
C GLY A 222 -35.23 20.25 19.28
N THR A 223 -35.87 21.00 18.39
CA THR A 223 -35.31 21.26 17.07
C THR A 223 -33.99 22.01 17.21
N GLY A 224 -32.97 21.52 16.52
CA GLY A 224 -31.64 22.07 16.64
C GLY A 224 -30.84 21.57 17.82
N GLY A 225 -31.41 20.68 18.63
CA GLY A 225 -30.69 20.14 19.78
C GLY A 225 -29.66 19.12 19.38
N THR A 226 -28.90 18.66 20.38
CA THR A 226 -27.86 17.68 20.16
C THR A 226 -27.65 16.87 21.44
N ALA A 227 -27.21 15.64 21.26
CA ALA A 227 -26.88 14.77 22.38
C ALA A 227 -25.74 13.85 21.97
N THR A 228 -25.02 13.34 22.97
CA THR A 228 -23.85 12.50 22.72
C THR A 228 -23.88 11.25 23.60
N MET A 229 -23.26 10.20 23.09
CA MET A 229 -23.01 8.98 23.82
C MET A 229 -21.56 8.59 23.64
N SER A 230 -20.89 8.23 24.73
CA SER A 230 -19.51 7.79 24.69
C SER A 230 -19.43 6.38 25.27
N TYR A 231 -18.69 5.51 24.58
CA TYR A 231 -18.51 4.13 25.00
C TYR A 231 -17.04 3.77 24.87
N LYS A 232 -16.53 3.01 25.83
CA LYS A 232 -15.14 2.57 25.82
C LYS A 232 -15.11 1.07 25.65
N PHE A 233 -14.50 0.60 24.57
CA PHE A 233 -14.42 -0.82 24.32
C PHE A 233 -13.52 -1.49 25.36
N PRO A 234 -13.86 -2.70 25.79
CA PRO A 234 -12.96 -3.45 26.66
C PRO A 234 -11.69 -3.84 25.91
N PRO A 235 -10.62 -4.20 26.62
CA PRO A 235 -9.38 -4.55 25.91
C PRO A 235 -9.49 -5.87 25.18
N VAL A 236 -10.12 -5.83 24.01
CA VAL A 236 -10.38 -7.02 23.19
C VAL A 236 -9.09 -7.44 22.49
N PRO A 237 -8.97 -8.70 22.07
CA PRO A 237 -7.80 -9.11 21.29
C PRO A 237 -7.80 -8.44 19.93
N PRO A 238 -6.64 -7.98 19.46
CA PRO A 238 -6.58 -7.35 18.14
C PRO A 238 -6.76 -8.37 17.03
N GLU A 239 -7.22 -7.88 15.88
CA GLU A 239 -7.40 -8.71 14.70
C GLU A 239 -6.17 -8.58 13.81
N ASN A 240 -5.53 -9.71 13.53
CA ASN A 240 -4.29 -9.69 12.76
C ASN A 240 -4.59 -9.37 11.30
N LEU A 241 -3.89 -8.37 10.77
CA LEU A 241 -4.07 -7.93 9.39
C LEU A 241 -3.03 -8.51 8.44
N GLU A 242 -2.19 -9.42 8.92
CA GLU A 242 -1.10 -9.97 8.11
C GLU A 242 -1.23 -11.48 8.03
N GLY A 243 -0.84 -12.02 6.89
CA GLY A 243 -1.00 -13.43 6.60
C GLY A 243 0.12 -14.29 7.16
N CYS A 244 0.28 -15.46 6.57
CA CYS A 244 1.20 -16.47 7.07
C CYS A 244 1.92 -17.10 5.89
N SER A 245 3.25 -17.12 5.93
CA SER A 245 4.06 -17.63 4.84
C SER A 245 4.52 -19.06 5.05
N GLN A 246 3.94 -19.77 6.02
CA GLN A 246 4.32 -21.14 6.30
C GLN A 246 3.08 -21.92 6.73
N HIS A 247 3.18 -23.25 6.61
CA HIS A 247 2.21 -24.16 7.18
C HIS A 247 2.74 -24.64 8.52
N PHE A 248 1.90 -24.57 9.56
CA PHE A 248 2.35 -24.94 10.89
C PHE A 248 2.69 -26.43 11.00
N TYR A 249 2.25 -27.24 10.04
CA TYR A 249 2.62 -28.64 9.98
C TYR A 249 3.82 -28.89 9.07
N GLU A 250 4.38 -27.83 8.49
CA GLU A 250 5.58 -27.92 7.66
C GLU A 250 6.65 -26.98 8.21
N MET A 251 6.77 -26.94 9.53
CA MET A 251 7.71 -26.05 10.20
C MET A 251 9.09 -26.67 10.39
N TYR A 252 9.31 -27.85 9.85
CA TYR A 252 10.55 -28.59 10.08
C TYR A 252 11.58 -28.28 9.00
N ASN A 253 12.80 -28.77 9.22
CA ASN A 253 13.84 -28.70 8.20
C ASN A 253 13.61 -29.80 7.17
N PRO A 254 13.40 -29.46 5.89
CA PRO A 254 13.11 -30.50 4.90
C PRO A 254 14.30 -31.36 4.52
N LEU A 255 15.52 -30.97 4.89
CA LEU A 255 16.71 -31.70 4.48
C LEU A 255 17.08 -32.83 5.42
N TYR A 256 16.46 -32.92 6.59
CA TYR A 256 16.84 -33.89 7.60
C TYR A 256 15.63 -34.68 8.06
N GLY A 257 15.80 -35.99 8.20
CA GLY A 257 14.75 -36.83 8.70
C GLY A 257 14.59 -36.73 10.21
N SER A 258 13.54 -37.36 10.71
CA SER A 258 13.23 -37.31 12.13
C SER A 258 14.03 -38.34 12.91
N ARG A 259 14.35 -38.00 14.15
CA ARG A 259 14.95 -38.96 15.07
C ARG A 259 13.91 -39.81 15.77
N LEU A 260 12.63 -39.56 15.53
CA LEU A 260 11.54 -40.28 16.17
C LEU A 260 10.97 -41.29 15.18
N GLY A 261 10.97 -42.57 15.56
CA GLY A 261 10.42 -43.59 14.69
C GLY A 261 8.90 -43.67 14.77
N VAL A 262 8.32 -44.30 13.76
CA VAL A 262 6.88 -44.51 13.69
C VAL A 262 6.61 -45.98 13.45
N PRO A 263 5.43 -46.48 13.81
CA PRO A 263 5.13 -47.89 13.60
C PRO A 263 5.26 -48.30 12.14
N ASP A 264 5.85 -49.48 11.93
CA ASP A 264 5.97 -50.07 10.60
C ASP A 264 5.19 -51.37 10.49
N THR A 265 5.36 -52.28 11.43
CA THR A 265 4.55 -53.48 11.55
C THR A 265 3.72 -53.39 12.83
N LEU A 266 2.41 -53.58 12.71
CA LEU A 266 1.51 -53.43 13.83
C LEU A 266 1.34 -54.78 14.55
N GLY A 267 0.40 -54.85 15.47
CA GLY A 267 0.11 -56.06 16.21
C GLY A 267 0.41 -55.90 17.68
N GLY A 268 0.35 -57.03 18.38
CA GLY A 268 0.65 -57.05 19.81
C GLY A 268 2.08 -56.68 20.13
N ASP A 269 3.01 -56.92 19.22
CA ASP A 269 4.41 -56.57 19.38
C ASP A 269 4.84 -55.75 18.16
N PRO A 270 4.48 -54.47 18.13
CA PRO A 270 4.80 -53.65 16.95
C PRO A 270 6.29 -53.37 16.84
N LYS A 271 6.72 -53.16 15.61
CA LYS A 271 8.07 -52.71 15.29
C LYS A 271 8.01 -51.28 14.76
N PHE A 272 9.09 -50.54 14.96
CA PHE A 272 9.15 -49.14 14.59
C PHE A 272 10.30 -48.89 13.63
N ARG A 273 10.10 -47.97 12.69
CA ARG A 273 11.09 -47.59 11.71
C ARG A 273 11.44 -46.12 11.85
N SER A 274 12.69 -45.79 11.53
CA SER A 274 13.12 -44.40 11.54
C SER A 274 12.61 -43.67 10.31
N LEU A 275 12.56 -42.35 10.39
CA LEU A 275 12.00 -41.54 9.33
C LEU A 275 13.10 -41.01 8.42
N THR A 276 12.81 -40.97 7.12
CA THR A 276 13.72 -40.44 6.12
C THR A 276 13.22 -39.08 5.63
N HIS A 277 14.05 -38.42 4.83
CA HIS A 277 13.70 -37.14 4.25
C HIS A 277 12.89 -37.28 2.97
N GLU A 278 12.44 -38.50 2.64
CA GLU A 278 11.59 -38.72 1.49
C GLU A 278 10.11 -38.89 1.84
N ASP A 279 9.80 -39.38 3.04
CA ASP A 279 8.42 -39.52 3.50
C ASP A 279 8.13 -38.39 4.49
N HIS A 280 7.67 -37.26 3.96
CA HIS A 280 7.40 -36.09 4.77
C HIS A 280 5.99 -36.07 5.34
N ALA A 281 5.14 -37.02 4.94
CA ALA A 281 3.77 -37.07 5.45
C ALA A 281 3.67 -37.79 6.79
N ILE A 282 4.75 -38.39 7.27
CA ILE A 282 4.76 -39.09 8.54
C ILE A 282 5.54 -38.32 9.60
N GLN A 283 5.87 -37.07 9.32
CA GLN A 283 6.60 -36.25 10.28
C GLN A 283 5.72 -35.96 11.49
N PRO A 284 6.16 -36.27 12.71
CA PRO A 284 5.35 -35.97 13.89
C PRO A 284 5.19 -34.47 14.08
N GLN A 285 4.05 -34.09 14.66
CA GLN A 285 3.69 -32.69 14.82
C GLN A 285 3.67 -32.31 16.30
N ASN A 286 4.23 -31.14 16.59
CA ASN A 286 4.25 -30.63 17.96
C ASN A 286 2.90 -30.11 18.40
N PHE A 287 2.20 -29.40 17.52
CA PHE A 287 0.92 -28.81 17.83
C PHE A 287 -0.10 -29.26 16.79
N MET A 288 -1.36 -29.19 17.17
CA MET A 288 -2.42 -29.86 16.43
C MET A 288 -3.34 -28.86 15.75
N PRO A 289 -4.02 -29.26 14.68
CA PRO A 289 -4.95 -28.36 14.01
C PRO A 289 -6.18 -28.08 14.86
N GLY A 290 -6.83 -26.95 14.55
CA GLY A 290 -7.97 -26.52 15.31
C GLY A 290 -9.20 -27.37 15.06
N PRO A 291 -10.22 -27.20 15.89
CA PRO A 291 -11.44 -28.01 15.74
C PRO A 291 -12.21 -27.62 14.49
N LEU A 292 -12.80 -28.64 13.85
CA LEU A 292 -13.68 -28.44 12.71
C LEU A 292 -15.00 -29.14 13.01
N VAL A 293 -16.10 -28.42 12.90
CA VAL A 293 -17.43 -28.95 13.16
C VAL A 293 -18.29 -28.72 11.92
N ASN A 294 -18.63 -29.80 11.22
CA ASN A 294 -19.39 -29.74 9.97
C ASN A 294 -18.80 -28.72 9.01
N SER A 295 -17.48 -28.83 8.80
CA SER A 295 -16.78 -27.94 7.88
C SER A 295 -16.70 -28.55 6.49
N VAL A 296 -17.88 -28.84 5.95
CA VAL A 296 -18.00 -29.45 4.64
C VAL A 296 -18.45 -28.39 3.64
N SER A 297 -18.26 -28.69 2.36
CA SER A 297 -18.66 -27.80 1.30
C SER A 297 -20.13 -28.00 0.95
N THR A 298 -20.66 -27.10 0.12
CA THR A 298 -22.04 -27.24 -0.34
C THR A 298 -22.24 -28.47 -1.20
N LYS A 299 -21.19 -28.91 -1.90
CA LYS A 299 -21.28 -30.11 -2.71
C LYS A 299 -21.39 -31.37 -1.87
N GLU A 300 -21.02 -31.30 -0.59
CA GLU A 300 -21.10 -32.47 0.29
C GLU A 300 -22.43 -32.56 1.02
N GLY A 301 -22.99 -31.43 1.45
CA GLY A 301 -24.27 -31.43 2.14
C GLY A 301 -25.46 -31.62 1.21
N ALA A 311 -35.34 -26.33 2.49
CA ALA A 311 -35.48 -26.30 3.94
C ALA A 311 -34.17 -25.87 4.60
N LEU A 312 -33.88 -26.47 5.76
CA LEU A 312 -32.67 -26.16 6.50
C LEU A 312 -31.51 -26.98 5.98
N THR A 313 -30.34 -26.33 5.87
CA THR A 313 -29.10 -26.99 5.50
C THR A 313 -27.99 -26.50 6.42
N GLY A 314 -26.93 -27.30 6.53
CA GLY A 314 -25.80 -26.93 7.33
C GLY A 314 -25.96 -27.29 8.79
N LEU A 315 -25.02 -26.78 9.59
CA LEU A 315 -24.99 -27.06 11.01
C LEU A 315 -26.22 -26.46 11.68
N SER A 316 -27.01 -27.31 12.33
CA SER A 316 -28.22 -26.87 13.01
C SER A 316 -28.45 -27.74 14.23
N THR A 317 -29.16 -27.19 15.21
CA THR A 317 -29.44 -27.89 16.45
C THR A 317 -30.91 -27.75 16.80
N GLY A 318 -31.50 -28.80 17.35
CA GLY A 318 -32.91 -28.77 17.68
C GLY A 318 -33.36 -30.10 18.25
N THR A 319 -34.66 -30.17 18.52
CA THR A 319 -35.27 -31.35 19.11
C THR A 319 -35.76 -32.36 18.06
N SER A 320 -35.76 -31.99 16.79
CA SER A 320 -36.20 -32.87 15.72
C SER A 320 -35.72 -32.29 14.40
N GLN A 321 -35.88 -33.06 13.33
CA GLN A 321 -35.47 -32.59 12.01
C GLN A 321 -36.27 -31.36 11.60
N ASN A 322 -37.58 -31.37 11.87
CA ASN A 322 -38.44 -30.25 11.48
C ASN A 322 -38.25 -29.05 12.39
N THR A 323 -37.91 -29.26 13.65
CA THR A 323 -37.77 -28.19 14.64
C THR A 323 -36.28 -28.01 14.93
N ARG A 324 -35.65 -27.08 14.21
CA ARG A 324 -34.24 -26.80 14.37
C ARG A 324 -34.02 -25.30 14.34
N ILE A 325 -32.82 -24.89 14.73
CA ILE A 325 -32.30 -23.56 14.47
C ILE A 325 -30.92 -23.72 13.85
N SER A 326 -30.65 -22.96 12.79
CA SER A 326 -29.37 -23.05 12.10
C SER A 326 -28.26 -22.47 12.96
N LEU A 327 -27.08 -23.08 12.87
CA LEU A 327 -25.90 -22.60 13.58
C LEU A 327 -24.90 -21.93 12.65
N ARG A 328 -25.36 -21.44 11.51
CA ARG A 328 -24.48 -20.72 10.60
C ARG A 328 -24.01 -19.43 11.26
N PRO A 329 -22.80 -18.96 10.92
CA PRO A 329 -21.85 -19.53 9.96
C PRO A 329 -20.91 -20.53 10.62
N GLY A 330 -21.26 -21.04 11.79
CA GLY A 330 -20.40 -21.92 12.53
C GLY A 330 -19.36 -21.14 13.32
N PRO A 331 -18.49 -21.85 14.02
CA PRO A 331 -17.48 -21.17 14.83
C PRO A 331 -16.48 -20.41 13.97
N VAL A 332 -15.87 -19.38 14.57
CA VAL A 332 -14.87 -18.60 13.88
C VAL A 332 -13.61 -19.41 13.59
N SER A 333 -13.43 -20.54 14.26
CA SER A 333 -12.24 -21.36 14.06
C SER A 333 -12.21 -22.04 12.70
N GLN A 334 -13.31 -22.02 11.95
CA GLN A 334 -13.37 -22.69 10.66
C GLN A 334 -13.89 -21.74 9.61
N PRO A 335 -13.41 -21.88 8.37
CA PRO A 335 -13.92 -21.05 7.27
C PRO A 335 -15.25 -21.58 6.75
N TYR A 336 -15.88 -20.76 5.91
CA TYR A 336 -17.04 -21.19 5.16
C TYR A 336 -16.91 -20.92 3.67
N HIS A 337 -15.79 -20.36 3.22
CA HIS A 337 -15.51 -20.13 1.81
C HIS A 337 -14.05 -19.77 1.66
N HIS A 338 -13.41 -20.35 0.65
CA HIS A 338 -12.02 -20.05 0.34
C HIS A 338 -11.73 -20.47 -1.09
N TRP A 339 -10.47 -20.32 -1.49
CA TRP A 339 -10.02 -20.69 -2.82
C TRP A 339 -9.09 -21.90 -2.71
N ASP A 340 -9.48 -23.01 -3.33
CA ASP A 340 -8.66 -24.22 -3.33
C ASP A 340 -7.56 -24.07 -4.38
N THR A 341 -6.90 -25.17 -4.72
CA THR A 341 -5.81 -25.12 -5.69
C THR A 341 -6.30 -24.57 -7.03
N ASP A 342 -7.45 -25.06 -7.51
CA ASP A 342 -8.02 -24.58 -8.77
C ASP A 342 -9.52 -24.40 -8.66
N LYS A 343 -10.00 -23.96 -7.50
CA LYS A 343 -11.44 -24.02 -7.23
C LYS A 343 -11.78 -23.06 -6.09
N TYR A 344 -12.98 -22.49 -6.16
CA TYR A 344 -13.57 -21.75 -5.06
C TYR A 344 -14.54 -22.68 -4.33
N VAL A 345 -14.26 -22.96 -3.06
CA VAL A 345 -15.03 -23.88 -2.26
C VAL A 345 -15.83 -23.09 -1.23
N THR A 346 -17.14 -23.32 -1.21
CA THR A 346 -18.06 -22.64 -0.30
C THR A 346 -18.66 -23.64 0.66
N GLY A 347 -18.61 -23.33 1.95
CA GLY A 347 -19.14 -24.24 2.95
C GLY A 347 -20.65 -24.26 2.99
N ILE A 348 -21.19 -25.36 3.51
CA ILE A 348 -22.63 -25.46 3.68
C ILE A 348 -23.11 -24.50 4.76
N ASN A 349 -22.23 -24.11 5.67
CA ASN A 349 -22.53 -23.14 6.72
C ASN A 349 -22.04 -21.74 6.37
N ALA A 350 -22.11 -21.38 5.10
CA ALA A 350 -21.61 -20.09 4.64
C ALA A 350 -22.70 -19.03 4.69
N ILE A 351 -22.31 -17.84 5.13
CA ILE A 351 -23.17 -16.66 5.06
C ILE A 351 -22.55 -15.69 4.05
N SER A 352 -23.40 -15.10 3.22
CA SER A 352 -22.94 -14.19 2.17
C SER A 352 -23.42 -12.79 2.50
N HIS A 353 -22.49 -11.84 2.60
CA HIS A 353 -22.81 -10.44 2.84
C HIS A 353 -23.33 -9.84 1.53
N GLY A 354 -24.56 -10.21 1.19
CA GLY A 354 -25.12 -9.87 -0.09
C GLY A 354 -24.81 -10.93 -1.14
N GLN A 355 -25.32 -10.70 -2.33
CA GLN A 355 -25.12 -11.62 -3.44
C GLN A 355 -24.89 -10.84 -4.73
N THR A 356 -24.29 -11.51 -5.70
CA THR A 356 -24.06 -10.97 -7.03
C THR A 356 -25.00 -11.67 -8.00
N THR A 357 -25.69 -10.89 -8.83
CA THR A 357 -26.70 -11.43 -9.76
C THR A 357 -26.15 -12.55 -10.63
N GLN A 368 -31.38 -13.48 -5.27
CA GLN A 368 -30.64 -14.72 -5.34
C GLN A 368 -29.51 -14.64 -6.36
N GLY A 369 -28.33 -15.10 -5.98
CA GLY A 369 -27.20 -15.08 -6.88
C GLY A 369 -25.97 -15.63 -6.19
N VAL A 370 -24.82 -15.43 -6.84
CA VAL A 370 -23.55 -15.88 -6.26
C VAL A 370 -23.26 -15.07 -5.01
N GLY A 371 -22.95 -15.78 -3.93
CA GLY A 371 -22.72 -15.11 -2.66
C GLY A 371 -21.43 -14.33 -2.63
N ARG A 372 -21.32 -13.47 -1.62
CA ARG A 372 -20.12 -12.65 -1.41
C ARG A 372 -19.51 -13.06 -0.08
N PHE A 373 -18.39 -13.75 -0.13
CA PHE A 373 -17.70 -14.27 1.05
C PHE A 373 -16.25 -13.80 1.04
N PRO A 374 -15.62 -13.73 2.20
CA PRO A 374 -14.17 -13.50 2.23
C PRO A 374 -13.40 -14.74 1.81
N ASN A 375 -12.18 -14.53 1.34
CA ASN A 375 -11.29 -15.62 0.95
C ASN A 375 -10.48 -16.01 2.17
N GLU A 376 -10.84 -17.12 2.80
CA GLU A 376 -10.16 -17.59 4.01
C GLU A 376 -8.94 -18.43 3.64
N LYS A 377 -7.99 -17.78 2.96
CA LYS A 377 -6.77 -18.47 2.57
C LYS A 377 -5.88 -18.78 3.77
N GLU A 378 -5.88 -17.91 4.79
CA GLU A 378 -5.07 -18.14 5.97
C GLU A 378 -5.51 -19.39 6.71
N GLN A 379 -6.82 -19.60 6.83
CA GLN A 379 -7.32 -20.81 7.47
C GLN A 379 -7.08 -22.04 6.61
N LEU A 380 -7.19 -21.91 5.28
CA LEU A 380 -6.86 -23.02 4.41
C LEU A 380 -5.41 -23.44 4.55
N LYS A 381 -4.52 -22.46 4.79
CA LYS A 381 -3.10 -22.75 4.92
C LYS A 381 -2.76 -23.54 6.17
N GLN A 382 -3.67 -23.64 7.13
CA GLN A 382 -3.37 -24.29 8.41
C GLN A 382 -4.37 -25.40 8.73
N LEU A 383 -4.65 -26.26 7.77
CA LEU A 383 -5.43 -27.48 7.96
C LEU A 383 -6.88 -27.22 8.32
N GLN A 384 -7.38 -26.00 8.09
CA GLN A 384 -8.76 -25.67 8.43
C GLN A 384 -9.67 -25.66 7.20
N GLY A 385 -9.16 -26.04 6.03
CA GLY A 385 -9.95 -25.94 4.82
C GLY A 385 -11.17 -26.82 4.85
N LEU A 386 -12.09 -26.53 3.92
CA LEU A 386 -13.33 -27.30 3.83
C LEU A 386 -13.05 -28.71 3.31
N ASN A 387 -13.91 -29.64 3.68
CA ASN A 387 -13.81 -31.05 3.31
C ASN A 387 -12.50 -31.68 3.79
N MET A 388 -11.86 -31.09 4.79
CA MET A 388 -10.62 -31.64 5.34
C MET A 388 -10.97 -32.81 6.24
N HIS A 389 -10.83 -34.02 5.71
CA HIS A 389 -11.14 -35.22 6.48
C HIS A 389 -10.12 -35.42 7.58
N THR A 390 -10.56 -36.13 8.63
CA THR A 390 -9.71 -36.51 9.74
C THR A 390 -9.92 -37.98 10.03
N TYR A 391 -8.83 -38.71 10.22
CA TYR A 391 -8.84 -40.16 10.22
C TYR A 391 -8.47 -40.70 11.59
N PHE A 392 -9.34 -41.55 12.13
CA PHE A 392 -9.16 -42.16 13.44
C PHE A 392 -9.27 -43.67 13.27
N PRO A 393 -8.15 -44.36 13.02
CA PRO A 393 -8.16 -45.82 12.84
C PRO A 393 -8.38 -46.55 14.17
N THR A 401 -13.81 -44.69 10.60
CA THR A 401 -12.41 -44.29 10.75
C THR A 401 -12.15 -42.94 10.09
N ASP A 402 -12.96 -42.59 9.11
CA ASP A 402 -12.84 -41.35 8.38
C ASP A 402 -14.06 -40.47 8.67
N GLN A 403 -13.81 -39.22 9.06
CA GLN A 403 -14.89 -38.32 9.41
C GLN A 403 -14.42 -36.88 9.22
N ILE A 404 -15.39 -35.96 9.19
CA ILE A 404 -15.10 -34.55 9.03
C ILE A 404 -14.78 -33.88 10.37
N GLU A 405 -15.53 -34.22 11.41
CA GLU A 405 -15.47 -33.48 12.66
C GLU A 405 -14.11 -33.66 13.33
N ARG A 406 -13.32 -32.58 13.38
CA ARG A 406 -12.10 -32.58 14.15
C ARG A 406 -12.40 -32.14 15.56
N PRO A 407 -12.13 -32.96 16.57
CA PRO A 407 -12.38 -32.54 17.95
C PRO A 407 -11.42 -31.44 18.37
N LEU A 408 -11.78 -30.77 19.47
CA LEU A 408 -10.88 -29.80 20.09
C LEU A 408 -9.87 -30.58 20.92
N MET A 409 -8.64 -30.67 20.42
CA MET A 409 -7.61 -31.46 21.05
C MET A 409 -6.53 -30.57 21.63
N VAL A 410 -5.93 -31.03 22.73
CA VAL A 410 -4.98 -30.22 23.48
C VAL A 410 -3.77 -29.89 22.62
N GLY A 411 -3.32 -28.64 22.71
CA GLY A 411 -2.25 -28.17 21.85
C GLY A 411 -2.69 -27.73 20.48
N SER A 412 -3.97 -27.37 20.32
CA SER A 412 -4.49 -26.98 19.03
C SER A 412 -4.06 -25.57 18.66
N VAL A 413 -3.91 -25.34 17.36
CA VAL A 413 -3.64 -24.02 16.82
C VAL A 413 -4.49 -23.85 15.57
N TRP A 414 -5.11 -22.69 15.42
CA TRP A 414 -5.99 -22.44 14.29
C TRP A 414 -6.07 -20.94 14.04
N ASN A 415 -6.58 -20.59 12.87
CA ASN A 415 -6.79 -19.20 12.48
C ASN A 415 -8.28 -18.87 12.52
N ARG A 416 -8.62 -17.73 13.10
CA ARG A 416 -9.99 -17.26 13.08
C ARG A 416 -10.31 -16.66 11.72
N ARG A 417 -11.61 -16.61 11.42
CA ARG A 417 -12.05 -16.00 10.17
C ARG A 417 -11.68 -14.52 10.15
N ALA A 418 -11.12 -14.08 9.02
CA ALA A 418 -10.54 -12.76 8.95
C ALA A 418 -11.62 -11.67 8.96
N LEU A 419 -11.26 -10.52 9.54
CA LEU A 419 -12.13 -9.36 9.58
C LEU A 419 -12.11 -8.69 8.22
N HIS A 420 -13.25 -8.70 7.53
CA HIS A 420 -13.33 -8.10 6.21
C HIS A 420 -13.95 -6.72 6.29
N TYR A 421 -14.07 -6.08 5.12
CA TYR A 421 -14.49 -4.69 5.06
C TYR A 421 -15.92 -4.51 5.55
N GLU A 422 -16.82 -5.41 5.19
CA GLU A 422 -18.23 -5.26 5.48
C GLU A 422 -18.68 -6.02 6.72
N SER A 423 -17.77 -6.63 7.45
CA SER A 423 -18.14 -7.43 8.61
C SER A 423 -18.69 -6.55 9.72
N GLN A 424 -19.57 -7.14 10.53
CA GLN A 424 -20.04 -6.45 11.72
C GLN A 424 -18.88 -6.23 12.68
N LEU A 425 -18.98 -5.18 13.48
CA LEU A 425 -17.86 -4.76 14.31
C LEU A 425 -17.92 -5.30 15.73
N TRP A 426 -19.11 -5.64 16.23
CA TRP A 426 -19.22 -6.24 17.56
C TRP A 426 -20.53 -7.00 17.65
N SER A 427 -20.60 -7.86 18.65
CA SER A 427 -21.84 -8.53 19.02
C SER A 427 -21.81 -8.79 20.51
N LYS A 428 -23.00 -8.84 21.11
CA LYS A 428 -23.09 -9.03 22.56
C LYS A 428 -22.99 -10.51 22.88
N ILE A 429 -21.99 -10.87 23.68
CA ILE A 429 -21.95 -12.23 24.22
C ILE A 429 -23.12 -12.40 25.19
N PRO A 430 -23.93 -13.44 25.06
CA PRO A 430 -24.95 -13.68 26.07
C PRO A 430 -24.32 -13.90 27.44
N ASN A 431 -25.02 -13.47 28.48
CA ASN A 431 -24.48 -13.51 29.83
C ASN A 431 -24.78 -14.82 30.54
N LEU A 432 -24.85 -15.91 29.79
CA LEU A 432 -24.99 -17.24 30.36
C LEU A 432 -23.81 -17.54 31.28
N ASP A 433 -23.92 -18.65 32.01
CA ASP A 433 -23.00 -18.93 33.11
C ASP A 433 -21.56 -19.05 32.60
N ASP A 434 -21.35 -19.77 31.50
CA ASP A 434 -20.01 -20.03 31.02
C ASP A 434 -19.92 -19.82 29.52
N SER A 435 -18.70 -19.55 29.06
CA SER A 435 -18.43 -19.36 27.65
C SER A 435 -17.01 -19.84 27.36
N PHE A 436 -16.77 -20.18 26.10
CA PHE A 436 -15.46 -20.69 25.66
C PHE A 436 -15.03 -19.93 24.42
N LYS A 437 -13.96 -19.13 24.57
CA LYS A 437 -13.34 -18.42 23.45
C LYS A 437 -14.36 -17.60 22.66
N THR A 438 -15.16 -16.82 23.39
CA THR A 438 -16.17 -15.96 22.80
C THR A 438 -15.64 -14.56 22.50
N GLN A 439 -14.33 -14.42 22.32
CA GLN A 439 -13.77 -13.10 22.04
C GLN A 439 -14.18 -12.57 20.68
N PHE A 440 -14.52 -13.45 19.74
CA PHE A 440 -14.89 -13.05 18.39
C PHE A 440 -16.22 -13.70 18.02
N ALA A 441 -17.14 -12.88 17.53
CA ALA A 441 -18.45 -13.38 17.12
C ALA A 441 -18.35 -14.09 15.77
N ALA A 442 -19.26 -15.04 15.55
CA ALA A 442 -19.23 -15.81 14.32
C ALA A 442 -19.53 -14.97 13.09
N LEU A 443 -20.35 -13.92 13.26
CA LEU A 443 -20.67 -13.03 12.15
C LEU A 443 -19.58 -12.01 11.87
N GLY A 444 -18.53 -11.98 12.69
CA GLY A 444 -17.46 -11.01 12.55
C GLY A 444 -17.39 -10.09 13.75
N GLY A 445 -16.29 -9.35 13.81
CA GLY A 445 -16.09 -8.42 14.90
C GLY A 445 -15.71 -9.12 16.20
N TRP A 446 -15.91 -8.40 17.29
CA TRP A 446 -15.53 -8.87 18.62
C TRP A 446 -16.76 -9.09 19.47
N GLY A 447 -16.77 -10.20 20.22
CA GLY A 447 -17.84 -10.45 21.17
C GLY A 447 -17.59 -9.67 22.44
N LEU A 448 -18.59 -8.89 22.86
CA LEU A 448 -18.47 -8.03 24.03
C LEU A 448 -19.56 -8.38 25.03
N HIS A 449 -19.18 -8.51 26.30
CA HIS A 449 -20.18 -8.70 27.34
C HIS A 449 -20.98 -7.43 27.57
N GLN A 450 -20.35 -6.27 27.40
CA GLN A 450 -21.02 -4.98 27.47
C GLN A 450 -20.69 -4.23 26.18
N PRO A 451 -21.44 -4.48 25.11
CA PRO A 451 -21.15 -3.85 23.82
C PRO A 451 -21.57 -2.39 23.84
N PRO A 452 -21.37 -1.65 22.74
CA PRO A 452 -21.87 -0.28 22.67
C PRO A 452 -23.34 -0.21 23.00
N PRO A 453 -23.75 0.70 23.88
CA PRO A 453 -25.15 0.74 24.30
C PRO A 453 -26.08 1.15 23.17
N GLN A 454 -27.30 0.64 23.23
CA GLN A 454 -28.31 0.94 22.22
C GLN A 454 -28.91 2.32 22.46
N ILE A 455 -29.04 3.08 21.37
CA ILE A 455 -29.62 4.42 21.42
C ILE A 455 -30.99 4.35 20.77
N PHE A 456 -32.04 4.56 21.56
CA PHE A 456 -33.41 4.51 21.08
C PHE A 456 -33.91 5.92 20.84
N LEU A 457 -34.56 6.11 19.69
CA LEU A 457 -35.11 7.39 19.28
C LEU A 457 -36.57 7.24 18.92
N LYS A 458 -37.40 8.17 19.40
CA LYS A 458 -38.79 8.20 18.96
C LYS A 458 -39.30 9.64 19.06
N ILE A 459 -40.22 10.00 18.17
CA ILE A 459 -40.80 11.32 18.22
C ILE A 459 -41.81 11.39 19.36
N LEU A 460 -41.70 12.39 20.20
CA LEU A 460 -42.66 12.56 21.28
C LEU A 460 -44.02 12.87 20.67
N PRO A 461 -45.05 12.08 20.93
CA PRO A 461 -46.35 12.33 20.30
C PRO A 461 -47.01 13.58 20.85
N GLN A 462 -47.61 14.35 19.95
CA GLN A 462 -48.33 15.57 20.30
C GLN A 462 -49.80 15.37 19.99
N SER A 463 -50.65 15.87 20.88
CA SER A 463 -52.08 15.64 20.79
C SER A 463 -52.75 16.68 19.91
N GLY A 464 -53.82 16.26 19.22
CA GLY A 464 -54.61 17.16 18.42
C GLY A 464 -55.54 17.99 19.28
N PRO A 465 -56.10 19.04 18.68
CA PRO A 465 -56.94 19.96 19.45
C PRO A 465 -58.22 19.29 19.92
N ILE A 466 -58.64 19.66 21.13
CA ILE A 466 -59.90 19.21 21.71
C ILE A 466 -60.57 20.42 22.37
N GLY A 467 -61.83 20.65 22.05
CA GLY A 467 -62.54 21.78 22.62
C GLY A 467 -63.82 22.14 21.91
N GLY A 468 -63.99 23.43 21.60
CA GLY A 468 -65.21 23.90 20.98
C GLY A 468 -65.42 23.45 19.55
N ILE A 469 -64.37 22.93 18.90
CA ILE A 469 -64.52 22.43 17.53
C ILE A 469 -65.38 21.17 17.54
N LYS A 470 -66.33 21.10 16.62
CA LYS A 470 -67.30 20.03 16.61
C LYS A 470 -66.65 18.70 16.19
N SER A 471 -66.80 17.69 17.04
CA SER A 471 -66.39 16.32 16.72
C SER A 471 -64.93 16.24 16.29
N MET A 472 -64.07 16.96 16.99
CA MET A 472 -62.64 16.91 16.68
C MET A 472 -62.07 15.52 16.91
N GLY A 473 -62.42 14.89 18.02
CA GLY A 473 -61.90 13.57 18.33
C GLY A 473 -60.48 13.60 18.82
N ILE A 474 -60.00 12.51 19.38
CA ILE A 474 -58.62 12.42 19.86
C ILE A 474 -57.74 12.07 18.67
N THR A 475 -56.82 12.97 18.32
CA THR A 475 -55.92 12.80 17.19
C THR A 475 -54.50 13.12 17.64
N THR A 476 -53.57 13.03 16.70
CA THR A 476 -52.17 13.34 16.95
C THR A 476 -51.62 14.19 15.81
N LEU A 477 -50.79 15.17 16.17
CA LEU A 477 -50.17 16.02 15.16
C LEU A 477 -49.18 15.21 14.32
N VAL A 478 -49.23 15.41 13.01
CA VAL A 478 -48.35 14.67 12.10
C VAL A 478 -46.95 15.29 12.20
N GLN A 479 -46.05 14.59 12.90
CA GLN A 479 -44.69 15.05 13.08
C GLN A 479 -43.72 13.93 12.74
N TYR A 480 -42.65 14.29 12.03
CA TYR A 480 -41.56 13.37 11.77
C TYR A 480 -40.24 14.06 12.07
N ALA A 481 -39.24 13.29 12.50
CA ALA A 481 -37.98 13.88 12.92
C ALA A 481 -36.89 13.58 11.90
N VAL A 482 -35.98 14.52 11.74
CA VAL A 482 -34.77 14.32 10.96
C VAL A 482 -33.59 14.79 11.80
N GLY A 483 -32.40 14.38 11.40
CA GLY A 483 -31.22 14.81 12.10
C GLY A 483 -29.97 14.26 11.45
N ILE A 484 -28.83 14.55 12.06
CA ILE A 484 -27.55 14.05 11.61
C ILE A 484 -26.95 13.23 12.75
N MET A 485 -26.75 11.94 12.50
CA MET A 485 -26.08 11.06 13.44
C MET A 485 -24.62 10.93 13.03
N THR A 486 -23.74 11.38 13.91
CA THR A 486 -22.30 11.37 13.67
C THR A 486 -21.67 10.37 14.61
N VAL A 487 -21.01 9.37 14.05
CA VAL A 487 -20.43 8.28 14.83
C VAL A 487 -18.92 8.30 14.64
N THR A 488 -18.20 8.39 15.75
CA THR A 488 -16.74 8.39 15.78
C THR A 488 -16.29 7.13 16.51
N MET A 489 -15.45 6.34 15.85
CA MET A 489 -14.86 5.17 16.48
C MET A 489 -13.35 5.23 16.36
N THR A 490 -12.66 4.95 17.45
CA THR A 490 -11.21 4.84 17.46
C THR A 490 -10.82 3.37 17.42
N PHE A 491 -9.80 3.05 16.64
CA PHE A 491 -9.25 1.71 16.56
C PHE A 491 -7.77 1.77 16.93
N LYS A 492 -7.39 1.04 17.97
CA LYS A 492 -5.97 0.83 18.24
C LYS A 492 -5.37 0.00 17.13
N LEU A 493 -4.25 0.46 16.60
CA LEU A 493 -3.61 -0.17 15.46
C LEU A 493 -2.23 -0.68 15.85
N GLY A 494 -1.95 -1.92 15.50
CA GLY A 494 -0.67 -2.53 15.76
C GLY A 494 0.21 -2.53 14.53
N PRO A 495 1.48 -2.18 14.70
CA PRO A 495 2.36 -1.98 13.55
C PRO A 495 2.61 -3.26 12.78
N ARG A 496 2.93 -3.09 11.51
CA ARG A 496 3.27 -4.22 10.66
C ARG A 496 4.49 -4.95 11.20
N LYS A 497 4.44 -6.28 11.15
CA LYS A 497 5.58 -7.07 11.60
C LYS A 497 6.76 -6.89 10.66
N ALA A 498 7.96 -6.81 11.24
CA ALA A 498 9.17 -6.66 10.43
C ALA A 498 9.38 -7.90 9.57
N THR A 499 9.93 -7.67 8.38
CA THR A 499 10.13 -8.75 7.41
C THR A 499 11.59 -8.78 6.98
N GLY A 500 12.08 -9.99 6.70
CA GLY A 500 13.44 -10.18 6.25
C GLY A 500 13.56 -10.93 4.95
N ARG A 501 12.45 -11.04 4.22
CA ARG A 501 12.47 -11.73 2.94
C ARG A 501 13.32 -10.96 1.93
N TRP A 502 13.96 -11.72 1.04
CA TRP A 502 14.58 -11.09 -0.12
C TRP A 502 13.53 -10.64 -1.13
N ASN A 503 12.54 -11.50 -1.40
CA ASN A 503 11.53 -11.22 -2.39
C ASN A 503 10.45 -10.29 -1.83
N PRO A 504 9.77 -9.53 -2.70
CA PRO A 504 8.73 -8.62 -2.22
C PRO A 504 7.55 -9.36 -1.62
N GLN A 505 6.90 -8.72 -0.66
CA GLN A 505 5.67 -9.23 -0.11
C GLN A 505 4.58 -9.23 -1.19
N PRO A 506 3.56 -10.09 -1.04
CA PRO A 506 2.45 -10.04 -1.98
C PRO A 506 1.79 -8.67 -1.97
N GLY A 507 1.41 -8.21 -3.16
CA GLY A 507 0.79 -6.89 -3.26
C GLY A 507 -0.56 -6.87 -2.55
N VAL A 508 -0.87 -5.74 -1.94
CA VAL A 508 -2.16 -5.56 -1.30
C VAL A 508 -3.15 -5.17 -2.38
N TYR A 509 -3.72 -6.17 -3.04
CA TYR A 509 -4.53 -5.92 -4.21
C TYR A 509 -5.86 -5.29 -3.81
N PRO A 510 -6.30 -4.25 -4.50
CA PRO A 510 -7.68 -3.80 -4.36
C PRO A 510 -8.63 -4.89 -4.78
N PRO A 511 -9.77 -5.03 -4.11
CA PRO A 511 -10.65 -6.17 -4.37
C PRO A 511 -11.21 -6.12 -5.79
N HIS A 512 -11.47 -7.30 -6.34
CA HIS A 512 -12.03 -7.40 -7.67
C HIS A 512 -13.55 -7.39 -7.61
N ALA A 513 -14.17 -6.82 -8.64
CA ALA A 513 -15.62 -6.75 -8.74
C ALA A 513 -16.09 -7.63 -9.88
N ALA A 514 -17.39 -7.96 -9.84
CA ALA A 514 -17.97 -8.78 -10.90
C ALA A 514 -17.90 -8.06 -12.24
N GLY A 515 -18.18 -6.76 -12.26
CA GLY A 515 -18.08 -5.98 -13.47
C GLY A 515 -17.18 -4.78 -13.30
N HIS A 516 -16.09 -4.73 -14.07
CA HIS A 516 -15.12 -3.63 -14.04
C HIS A 516 -14.53 -3.55 -12.64
N LEU A 517 -14.61 -2.42 -11.94
CA LEU A 517 -13.93 -2.20 -10.68
C LEU A 517 -14.92 -1.78 -9.61
N PRO A 518 -14.61 -2.07 -8.35
CA PRO A 518 -15.51 -1.69 -7.25
C PRO A 518 -15.16 -0.33 -6.66
N TYR A 519 -16.14 0.23 -5.96
CA TYR A 519 -15.96 1.45 -5.17
C TYR A 519 -15.62 2.66 -6.02
N VAL A 520 -15.70 2.52 -7.33
CA VAL A 520 -15.51 3.63 -8.26
C VAL A 520 -16.77 3.76 -9.10
N LEU A 521 -17.16 5.00 -9.37
CA LEU A 521 -18.36 5.28 -10.16
C LEU A 521 -17.96 5.35 -11.63
N TYR A 522 -18.32 4.33 -12.39
CA TYR A 522 -18.00 4.27 -13.81
C TYR A 522 -19.28 4.38 -14.62
N ASP A 523 -19.13 4.39 -15.94
CA ASP A 523 -20.26 4.43 -16.85
C ASP A 523 -20.51 3.03 -17.38
N PRO A 524 -21.61 2.38 -16.98
CA PRO A 524 -21.85 1.01 -17.47
C PRO A 524 -21.98 0.91 -18.97
N THR A 525 -22.45 1.95 -19.64
CA THR A 525 -22.56 1.91 -21.10
C THR A 525 -21.18 1.90 -21.75
N ALA A 526 -20.20 2.58 -21.16
CA ALA A 526 -18.83 2.51 -21.65
C ALA A 526 -18.25 1.12 -21.53
N THR A 527 -18.53 0.41 -20.43
CA THR A 527 -18.04 -0.94 -20.21
C THR A 527 -18.92 -1.93 -20.95
N ASP A 528 -18.36 -3.09 -21.26
CA ASP A 528 -19.14 -4.20 -21.82
C ASP A 528 -19.60 -5.19 -20.76
N ALA A 529 -19.32 -4.92 -19.48
CA ALA A 529 -19.73 -5.81 -18.41
C ALA A 529 -21.26 -5.81 -18.26
N LYS A 530 -21.76 -6.89 -17.65
CA LYS A 530 -23.19 -7.12 -17.55
C LYS A 530 -23.78 -6.73 -16.20
N GLN A 531 -23.03 -6.00 -15.38
CA GLN A 531 -23.54 -5.52 -14.10
C GLN A 531 -24.16 -4.13 -14.22
N HIS A 532 -25.12 -3.99 -15.16
CA HIS A 532 -25.77 -2.71 -15.38
C HIS A 532 -26.75 -2.36 -14.28
N HIS A 533 -27.21 -3.34 -13.50
CA HIS A 533 -28.20 -3.09 -12.46
C HIS A 533 -27.65 -2.20 -11.36
N ARG A 534 -26.34 -2.23 -11.10
CA ARG A 534 -25.73 -1.39 -10.10
C ARG A 534 -25.59 0.06 -10.53
N HIS A 535 -25.83 0.35 -11.81
CA HIS A 535 -25.85 1.72 -12.34
C HIS A 535 -24.52 2.44 -12.12
N GLY A 536 -23.42 1.72 -12.34
CA GLY A 536 -22.11 2.32 -12.42
C GLY A 536 -21.29 2.25 -11.15
N TYR A 537 -21.93 2.06 -9.99
CA TYR A 537 -21.21 1.91 -8.73
C TYR A 537 -21.36 0.47 -8.25
N GLU A 538 -20.24 -0.20 -8.01
CA GLU A 538 -20.23 -1.62 -7.76
C GLU A 538 -19.47 -1.93 -6.49
N LYS A 539 -19.77 -3.08 -5.93
CA LYS A 539 -19.17 -3.75 -4.79
C LYS A 539 -18.33 -4.93 -5.26
N PRO A 540 -17.24 -5.24 -4.56
CA PRO A 540 -16.45 -6.42 -4.93
C PRO A 540 -17.23 -7.69 -4.69
N GLU A 541 -17.03 -8.68 -5.55
CA GLU A 541 -17.66 -9.98 -5.36
C GLU A 541 -16.96 -10.82 -4.30
N GLU A 542 -15.75 -10.42 -3.89
CA GLU A 542 -15.07 -11.03 -2.76
C GLU A 542 -14.90 -9.98 -1.68
N LEU A 543 -15.32 -10.30 -0.47
CA LEU A 543 -15.23 -9.35 0.64
C LEU A 543 -13.79 -8.98 0.91
N TRP A 544 -13.53 -7.68 1.01
CA TRP A 544 -12.18 -7.15 1.20
C TRP A 544 -11.60 -7.65 2.52
N THR A 545 -10.64 -8.57 2.44
CA THR A 545 -10.27 -9.39 3.60
C THR A 545 -8.95 -9.02 4.26
N ALA A 546 -8.08 -8.29 3.57
CA ALA A 546 -6.73 -7.98 4.06
C ALA A 546 -5.96 -9.29 4.19
N LYS A 547 -5.00 -9.34 5.13
CA LYS A 547 -4.16 -10.52 5.35
C LYS A 547 -3.43 -10.92 4.07
N SER A 548 -2.89 -9.94 3.36
CA SER A 548 -2.18 -10.21 2.11
C SER A 548 -0.69 -10.39 2.34
N ARG A 549 -0.11 -9.65 3.27
CA ARG A 549 1.32 -9.79 3.57
C ARG A 549 1.54 -10.93 4.54
N VAL A 550 2.51 -11.79 4.21
CA VAL A 550 2.72 -13.04 4.93
C VAL A 550 4.05 -12.98 5.68
N HIS A 551 4.10 -13.69 6.81
CA HIS A 551 5.27 -13.76 7.67
C HIS A 551 5.47 -15.20 8.11
N PRO A 552 6.70 -15.58 8.46
CA PRO A 552 6.97 -16.98 8.78
C PRO A 552 6.42 -17.36 10.15
N LEU A 553 6.39 -18.66 10.39
CA LEU A 553 5.87 -19.19 11.65
C LEU A 553 7.01 -19.51 12.62
N THR B 1 -66.59 36.12 6.81
CA THR B 1 -65.91 37.41 6.84
C THR B 1 -64.44 37.28 6.43
N SER B 2 -63.84 38.40 6.06
CA SER B 2 -62.45 38.41 5.62
C SER B 2 -61.92 39.82 5.73
N VAL B 3 -60.59 39.95 5.63
CA VAL B 3 -59.95 41.27 5.64
C VAL B 3 -60.26 42.08 4.40
N ASN B 4 -60.88 41.47 3.38
CA ASN B 4 -61.30 42.21 2.19
C ASN B 4 -62.41 43.21 2.48
N SER B 5 -63.05 43.13 3.64
CA SER B 5 -64.11 44.07 3.99
C SER B 5 -63.58 45.50 4.05
N ALA B 6 -62.41 45.68 4.66
CA ALA B 6 -61.76 46.98 4.72
C ALA B 6 -60.94 47.17 3.44
N GLU B 7 -61.37 48.08 2.58
CA GLU B 7 -60.72 48.28 1.29
C GLU B 7 -59.33 48.88 1.44
N ALA B 8 -59.02 49.50 2.58
CA ALA B 8 -57.73 50.12 2.81
C ALA B 8 -56.82 49.28 3.71
N SER B 9 -57.17 48.02 3.94
CA SER B 9 -56.41 47.15 4.82
C SER B 9 -55.99 45.89 4.08
N THR B 10 -54.82 45.36 4.47
CA THR B 10 -54.29 44.12 3.92
C THR B 10 -53.97 43.17 5.06
N GLY B 11 -54.10 41.87 4.79
CA GLY B 11 -53.82 40.88 5.81
C GLY B 11 -52.34 40.81 6.15
N ALA B 12 -52.06 40.36 7.37
CA ALA B 12 -50.70 40.23 7.87
C ALA B 12 -50.46 38.81 8.33
N GLY B 13 -49.24 38.32 8.08
CA GLY B 13 -48.89 36.97 8.46
C GLY B 13 -48.17 36.87 9.79
N GLY B 14 -47.74 38.02 10.32
CA GLY B 14 -47.06 38.05 11.60
C GLY B 14 -45.75 37.30 11.63
N GLY B 15 -44.90 37.52 10.63
CA GLY B 15 -43.62 36.86 10.57
C GLY B 15 -42.69 37.28 11.69
N GLY B 16 -41.47 36.76 11.62
CA GLY B 16 -40.48 37.00 12.66
C GLY B 16 -39.78 38.35 12.51
N SER B 17 -38.80 38.56 13.39
CA SER B 17 -38.02 39.79 13.42
C SER B 17 -36.56 39.44 13.59
N ASN B 18 -35.68 40.32 13.10
CA ASN B 18 -34.25 40.07 13.15
C ASN B 18 -33.47 41.38 13.14
N PRO B 19 -33.26 42.00 14.29
CA PRO B 19 -32.49 43.27 14.35
C PRO B 19 -30.99 43.06 14.23
N VAL B 20 -30.55 42.73 13.02
CA VAL B 20 -29.14 42.48 12.76
C VAL B 20 -28.64 43.52 11.76
N LYS B 21 -27.42 44.02 12.00
CA LYS B 21 -26.77 44.98 11.11
C LYS B 21 -25.55 44.32 10.49
N SER B 22 -25.53 44.26 9.16
CA SER B 22 -24.41 43.72 8.41
C SER B 22 -23.93 44.74 7.41
N MET B 23 -22.77 44.46 6.81
CA MET B 23 -22.11 45.39 5.91
C MET B 23 -22.07 44.81 4.50
N TRP B 24 -22.33 45.67 3.52
CA TRP B 24 -22.11 45.35 2.10
C TRP B 24 -20.79 46.01 1.72
N SER B 25 -19.71 45.25 1.80
CA SER B 25 -18.38 45.79 1.55
C SER B 25 -18.08 45.76 0.07
N GLU B 26 -17.58 46.88 -0.46
CA GLU B 26 -17.19 46.98 -1.85
C GLU B 26 -16.30 48.21 -2.00
N GLY B 27 -15.56 48.25 -3.11
CA GLY B 27 -14.67 49.35 -3.40
C GLY B 27 -13.21 49.01 -3.17
N ALA B 28 -12.35 49.89 -3.65
CA ALA B 28 -10.90 49.73 -3.53
C ALA B 28 -10.33 50.85 -2.70
N THR B 29 -9.50 50.51 -1.73
CA THR B 29 -8.77 51.47 -0.91
C THR B 29 -7.31 51.40 -1.30
N PHE B 30 -6.82 52.46 -1.93
CA PHE B 30 -5.43 52.52 -2.37
C PHE B 30 -4.54 53.07 -1.27
N SER B 31 -3.26 52.70 -1.35
CA SER B 31 -2.25 53.21 -0.44
C SER B 31 -0.99 53.49 -1.24
N ALA B 32 0.09 53.86 -0.54
CA ALA B 32 1.34 54.14 -1.21
C ALA B 32 1.97 52.89 -1.80
N ASN B 33 1.68 51.72 -1.23
CA ASN B 33 2.32 50.49 -1.65
C ASN B 33 1.35 49.34 -1.89
N SER B 34 0.06 49.49 -1.60
CA SER B 34 -0.87 48.39 -1.76
C SER B 34 -2.27 48.94 -1.94
N VAL B 35 -3.14 48.10 -2.52
CA VAL B 35 -4.55 48.41 -2.67
C VAL B 35 -5.37 47.24 -2.15
N THR B 36 -6.35 47.53 -1.31
CA THR B 36 -7.26 46.52 -0.80
C THR B 36 -8.59 46.67 -1.53
N CYS B 37 -8.88 45.71 -2.42
CA CYS B 37 -10.11 45.72 -3.19
C CYS B 37 -11.11 44.74 -2.58
N THR B 38 -12.36 45.14 -2.53
CA THR B 38 -13.42 44.32 -1.98
C THR B 38 -14.63 44.38 -2.91
N PHE B 39 -15.29 43.24 -3.11
CA PHE B 39 -16.53 43.23 -3.86
C PHE B 39 -17.48 42.21 -3.25
N SER B 40 -18.74 42.61 -3.16
CA SER B 40 -19.80 41.74 -2.65
C SER B 40 -20.78 41.42 -3.77
N ARG B 41 -21.18 40.16 -3.84
CA ARG B 41 -22.15 39.71 -4.83
C ARG B 41 -23.18 38.83 -4.14
N GLN B 42 -24.46 39.08 -4.44
CA GLN B 42 -25.49 38.15 -4.01
C GLN B 42 -25.38 36.88 -4.83
N PHE B 43 -25.33 35.74 -4.16
CA PHE B 43 -25.22 34.45 -4.82
C PHE B 43 -26.42 33.58 -4.49
N LEU B 44 -26.84 32.79 -5.47
CA LEU B 44 -27.98 31.89 -5.34
C LEU B 44 -27.53 30.48 -5.71
N ILE B 45 -27.79 29.53 -4.82
CA ILE B 45 -27.55 28.11 -5.06
C ILE B 45 -28.90 27.44 -5.26
N PRO B 46 -29.18 26.88 -6.43
CA PRO B 46 -30.52 26.38 -6.71
C PRO B 46 -30.83 25.10 -5.96
N TYR B 47 -32.12 24.78 -5.90
CA TYR B 47 -32.56 23.53 -5.32
C TYR B 47 -32.08 22.36 -6.17
N ASP B 48 -31.50 21.35 -5.53
CA ASP B 48 -31.02 20.16 -6.23
C ASP B 48 -31.95 19.00 -5.91
N PRO B 49 -32.87 18.64 -6.80
CA PRO B 49 -33.84 17.58 -6.48
C PRO B 49 -33.19 16.23 -6.24
N GLU B 50 -31.99 15.99 -6.75
CA GLU B 50 -31.28 14.75 -6.52
C GLU B 50 -29.80 15.07 -6.31
N HIS B 51 -29.26 14.69 -5.17
CA HIS B 51 -27.85 14.90 -4.85
C HIS B 51 -27.08 13.64 -5.26
N HIS B 52 -26.89 13.51 -6.57
CA HIS B 52 -26.25 12.34 -7.16
C HIS B 52 -24.96 12.74 -7.86
N TYR B 53 -23.88 12.01 -7.57
CA TYR B 53 -22.66 12.14 -8.34
C TYR B 53 -22.86 11.48 -9.70
N LYS B 54 -22.51 12.20 -10.76
CA LYS B 54 -22.66 11.69 -12.12
C LYS B 54 -21.29 11.51 -12.75
N VAL B 55 -21.22 10.62 -13.72
CA VAL B 55 -20.01 10.41 -14.51
C VAL B 55 -20.16 11.17 -15.82
N PHE B 56 -19.04 11.69 -16.31
CA PHE B 56 -19.00 12.46 -17.55
C PHE B 56 -18.12 11.69 -18.52
N SER B 57 -18.75 11.07 -19.53
CA SER B 57 -18.05 10.21 -20.47
C SER B 57 -18.73 10.27 -21.82
N PRO B 58 -18.49 11.33 -22.59
CA PRO B 58 -19.03 11.39 -23.94
C PRO B 58 -18.31 10.45 -24.88
N ALA B 59 -18.97 10.12 -25.99
CA ALA B 59 -18.41 9.22 -26.98
C ALA B 59 -17.45 9.97 -27.89
N ALA B 60 -16.34 9.32 -28.22
CA ALA B 60 -15.33 9.89 -29.11
C ALA B 60 -15.24 9.07 -30.38
N SER B 61 -15.08 9.75 -31.51
CA SER B 61 -15.04 9.08 -32.80
C SER B 61 -13.93 9.65 -33.69
N LYS B 72 -13.34 17.62 -38.77
CA LYS B 72 -13.69 17.19 -37.43
C LYS B 72 -12.45 16.80 -36.64
N VAL B 73 -12.28 17.41 -35.47
CA VAL B 73 -11.15 17.14 -34.59
C VAL B 73 -11.67 16.85 -33.19
N CYS B 74 -11.23 15.73 -32.62
CA CYS B 74 -11.54 15.36 -31.25
C CYS B 74 -10.27 15.44 -30.40
N THR B 75 -10.43 15.17 -29.11
CA THR B 75 -9.29 15.20 -28.21
C THR B 75 -8.33 14.06 -28.53
N ILE B 76 -7.18 14.06 -27.85
CA ILE B 76 -6.20 12.99 -28.02
C ILE B 76 -6.79 11.66 -27.59
N SER B 77 -7.46 11.66 -26.44
CA SER B 77 -8.22 10.52 -25.94
C SER B 77 -9.56 11.02 -25.44
N PRO B 78 -10.57 10.15 -25.42
CA PRO B 78 -11.87 10.57 -24.87
C PRO B 78 -11.73 11.01 -23.42
N ILE B 79 -12.53 11.98 -23.03
CA ILE B 79 -12.46 12.54 -21.69
C ILE B 79 -13.37 11.76 -20.77
N MET B 80 -13.11 11.87 -19.47
CA MET B 80 -13.97 11.30 -18.44
C MET B 80 -13.77 12.08 -17.17
N GLY B 81 -14.83 12.20 -16.39
CA GLY B 81 -14.74 12.91 -15.14
C GLY B 81 -15.95 12.69 -14.28
N TYR B 82 -16.08 13.51 -13.25
CA TYR B 82 -17.16 13.40 -12.30
C TYR B 82 -17.81 14.77 -12.10
N SER B 83 -19.14 14.78 -12.13
CA SER B 83 -19.94 15.94 -11.78
C SER B 83 -20.52 15.74 -10.39
N THR B 84 -20.26 16.69 -9.50
CA THR B 84 -20.64 16.58 -8.11
C THR B 84 -21.84 17.47 -7.81
N PRO B 85 -22.65 17.14 -6.80
CA PRO B 85 -23.77 17.99 -6.43
C PRO B 85 -23.39 19.30 -5.75
N TRP B 86 -22.10 19.62 -5.69
CA TRP B 86 -21.62 20.82 -5.03
C TRP B 86 -21.40 21.94 -6.05
N ARG B 87 -21.69 23.16 -5.64
CA ARG B 87 -21.29 24.35 -6.38
C ARG B 87 -20.04 24.95 -5.73
N TYR B 88 -19.25 25.64 -6.55
CA TYR B 88 -18.01 26.20 -6.05
C TYR B 88 -17.89 27.66 -6.50
N LEU B 89 -17.35 28.49 -5.62
CA LEU B 89 -17.16 29.90 -5.93
C LEU B 89 -16.05 30.09 -6.97
N ASP B 90 -16.21 31.11 -7.80
CA ASP B 90 -15.22 31.46 -8.82
C ASP B 90 -15.18 32.98 -8.93
N PHE B 91 -14.05 33.57 -8.56
CA PHE B 91 -13.83 35.01 -8.63
C PHE B 91 -12.46 35.30 -9.21
N ASN B 92 -12.06 34.51 -10.22
CA ASN B 92 -10.73 34.62 -10.81
C ASN B 92 -10.77 35.60 -11.99
N ALA B 93 -10.84 36.88 -11.65
CA ALA B 93 -10.84 37.94 -12.65
C ALA B 93 -10.42 39.24 -11.98
N LEU B 94 -9.58 40.01 -12.67
CA LEU B 94 -9.13 41.29 -12.13
C LEU B 94 -10.25 42.31 -12.07
N ASN B 95 -11.16 42.30 -13.05
CA ASN B 95 -12.20 43.31 -13.12
C ASN B 95 -13.27 43.14 -12.04
N LEU B 96 -13.30 42.00 -11.35
CA LEU B 96 -14.24 41.82 -10.25
C LEU B 96 -13.85 42.64 -9.03
N PHE B 97 -12.57 42.99 -8.90
CA PHE B 97 -12.08 43.72 -7.74
C PHE B 97 -11.90 45.20 -7.98
N PHE B 98 -11.67 45.61 -9.23
CA PHE B 98 -11.53 47.01 -9.59
C PHE B 98 -12.72 47.45 -10.42
N SER B 99 -13.36 48.54 -10.00
CA SER B 99 -14.28 49.23 -10.88
C SER B 99 -13.48 49.95 -11.95
N PRO B 100 -14.11 50.30 -13.08
CA PRO B 100 -13.37 50.99 -14.15
C PRO B 100 -12.64 52.23 -13.67
N LEU B 101 -13.26 53.02 -12.79
CA LEU B 101 -12.55 54.16 -12.21
C LEU B 101 -11.40 53.70 -11.33
N GLU B 102 -11.61 52.65 -10.54
CA GLU B 102 -10.54 52.13 -9.70
C GLU B 102 -9.42 51.54 -10.53
N PHE B 103 -9.75 50.87 -11.63
CA PHE B 103 -8.69 50.34 -12.50
C PHE B 103 -7.93 51.47 -13.17
N GLN B 104 -8.63 52.54 -13.58
CA GLN B 104 -7.94 53.70 -14.14
C GLN B 104 -6.98 54.31 -13.12
N HIS B 105 -7.44 54.44 -11.87
CA HIS B 105 -6.56 54.94 -10.80
C HIS B 105 -5.37 54.02 -10.62
N LEU B 106 -5.60 52.71 -10.64
CA LEU B 106 -4.51 51.74 -10.47
C LEU B 106 -3.47 51.90 -11.56
N ILE B 107 -3.89 51.90 -12.82
CA ILE B 107 -2.94 51.95 -13.93
C ILE B 107 -2.39 53.35 -14.17
N GLU B 108 -2.94 54.37 -13.53
CA GLU B 108 -2.39 55.71 -13.64
C GLU B 108 -1.38 56.01 -12.56
N ASN B 109 -1.64 55.59 -11.32
CA ASN B 109 -0.84 56.04 -10.19
C ASN B 109 0.26 55.06 -9.77
N TYR B 110 0.34 53.88 -10.37
CA TYR B 110 1.23 52.85 -9.87
C TYR B 110 2.02 52.21 -11.01
N GLY B 111 3.14 51.60 -10.65
CA GLY B 111 4.06 51.04 -11.62
C GLY B 111 3.98 49.54 -11.77
N SER B 112 3.61 48.82 -10.72
CA SER B 112 3.47 47.38 -10.81
C SER B 112 2.41 46.91 -9.83
N ILE B 113 1.85 45.74 -10.10
CA ILE B 113 0.80 45.16 -9.28
C ILE B 113 1.05 43.66 -9.13
N ALA B 114 0.90 43.15 -7.91
CA ALA B 114 1.01 41.72 -7.65
C ALA B 114 -0.01 41.33 -6.58
N PRO B 115 -0.53 40.11 -6.64
CA PRO B 115 -1.44 39.66 -5.58
C PRO B 115 -0.69 39.41 -4.28
N ASP B 116 -1.33 39.79 -3.17
CA ASP B 116 -0.72 39.66 -1.84
C ASP B 116 -1.52 38.75 -0.92
N ALA B 117 -2.82 39.00 -0.78
CA ALA B 117 -3.65 38.24 0.14
C ALA B 117 -5.07 38.20 -0.41
N LEU B 118 -5.90 37.37 0.22
CA LEU B 118 -7.27 37.18 -0.22
C LEU B 118 -8.13 36.79 0.97
N THR B 119 -9.34 37.33 1.02
CA THR B 119 -10.29 37.03 2.08
C THR B 119 -11.68 36.92 1.49
N VAL B 120 -12.30 35.75 1.62
CA VAL B 120 -13.62 35.48 1.08
C VAL B 120 -14.58 35.26 2.23
N THR B 121 -15.59 36.12 2.32
CA THR B 121 -16.59 36.04 3.38
C THR B 121 -17.94 35.71 2.79
N ILE B 122 -18.59 34.68 3.31
CA ILE B 122 -19.94 34.29 2.91
C ILE B 122 -20.85 34.61 4.09
N SER B 123 -21.59 35.71 3.96
CA SER B 123 -22.50 36.17 5.00
C SER B 123 -23.90 36.30 4.43
N GLU B 124 -24.85 36.62 5.29
CA GLU B 124 -26.25 36.74 4.92
C GLU B 124 -26.74 35.46 4.25
N ILE B 125 -26.28 34.32 4.76
CA ILE B 125 -26.75 33.04 4.28
C ILE B 125 -28.22 32.90 4.63
N ALA B 126 -29.01 32.40 3.68
CA ALA B 126 -30.44 32.22 3.90
C ALA B 126 -30.86 31.00 3.09
N VAL B 127 -31.08 29.89 3.78
CA VAL B 127 -31.68 28.72 3.18
C VAL B 127 -33.19 28.89 3.22
N LYS B 128 -33.84 28.77 2.07
CA LYS B 128 -35.24 29.12 1.92
C LYS B 128 -35.99 27.92 1.36
N ASP B 129 -37.04 27.50 2.07
CA ASP B 129 -37.96 26.49 1.58
C ASP B 129 -38.92 27.12 0.58
N VAL B 130 -39.35 26.32 -0.40
CA VAL B 130 -40.29 26.75 -1.40
C VAL B 130 -41.52 25.85 -1.31
N THR B 131 -42.68 26.46 -1.15
CA THR B 131 -43.94 25.74 -1.14
C THR B 131 -44.90 26.39 -2.12
N ASP B 132 -46.13 25.91 -2.17
CA ASP B 132 -47.13 26.44 -3.09
C ASP B 132 -47.99 27.47 -2.39
N LYS B 133 -48.13 28.63 -3.03
CA LYS B 133 -48.97 29.71 -2.51
C LYS B 133 -50.36 29.64 -3.13
N THR B 134 -51.31 30.31 -2.47
CA THR B 134 -52.69 30.30 -2.93
C THR B 134 -52.80 30.96 -4.29
N GLY B 135 -53.66 30.40 -5.14
CA GLY B 135 -53.87 30.93 -6.47
C GLY B 135 -52.80 30.57 -7.47
N GLY B 136 -52.07 29.49 -7.25
CA GLY B 136 -51.01 29.08 -8.15
C GLY B 136 -49.69 29.74 -7.81
N GLY B 137 -48.64 29.27 -8.49
CA GLY B 137 -47.31 29.78 -8.24
C GLY B 137 -46.70 29.19 -6.99
N VAL B 138 -45.53 29.72 -6.63
CA VAL B 138 -44.80 29.25 -5.46
C VAL B 138 -44.51 30.44 -4.56
N GLN B 139 -44.27 30.14 -3.28
CA GLN B 139 -43.86 31.12 -2.30
C GLN B 139 -42.67 30.59 -1.53
N VAL B 140 -41.90 31.52 -0.97
CA VAL B 140 -40.59 31.24 -0.39
C VAL B 140 -40.60 31.65 1.07
N THR B 141 -40.14 30.77 1.95
CA THR B 141 -40.11 31.01 3.38
C THR B 141 -38.73 30.67 3.92
N ASP B 142 -38.16 31.59 4.70
CA ASP B 142 -36.84 31.34 5.28
C ASP B 142 -36.87 30.13 6.18
N SER B 143 -35.80 29.32 6.12
CA SER B 143 -35.74 28.05 6.83
C SER B 143 -34.84 28.17 8.04
N THR B 144 -35.35 27.74 9.20
CA THR B 144 -34.57 27.75 10.42
C THR B 144 -33.58 26.59 10.47
N THR B 145 -33.95 25.44 9.90
CA THR B 145 -33.10 24.25 9.96
C THR B 145 -32.34 23.99 8.67
N GLY B 146 -32.67 24.69 7.58
CA GLY B 146 -31.92 24.56 6.35
C GLY B 146 -30.46 24.92 6.56
N ARG B 147 -29.56 24.06 6.12
CA ARG B 147 -28.13 24.25 6.32
C ARG B 147 -27.42 24.34 4.98
N LEU B 148 -26.49 25.29 4.90
CA LEU B 148 -25.60 25.41 3.74
C LEU B 148 -24.30 24.70 4.06
N CYS B 149 -23.95 23.71 3.26
CA CYS B 149 -22.70 23.00 3.42
C CYS B 149 -21.59 23.79 2.71
N MET B 150 -20.61 24.23 3.49
CA MET B 150 -19.46 24.96 2.98
C MET B 150 -18.19 24.20 3.30
N LEU B 151 -17.36 23.98 2.29
CA LEU B 151 -16.11 23.23 2.43
C LEU B 151 -15.01 23.99 1.72
N VAL B 152 -13.99 24.40 2.46
CA VAL B 152 -12.85 25.11 1.89
C VAL B 152 -11.73 24.11 1.69
N ASP B 153 -11.28 23.95 0.44
CA ASP B 153 -10.26 22.97 0.09
C ASP B 153 -8.88 23.55 0.37
N HIS B 154 -8.60 23.75 1.66
CA HIS B 154 -7.33 24.35 2.06
C HIS B 154 -6.15 23.46 1.66
N GLU B 155 -6.30 22.15 1.79
CA GLU B 155 -5.22 21.21 1.51
C GLU B 155 -5.18 20.79 0.04
N TYR B 156 -6.02 21.37 -0.80
CA TYR B 156 -6.07 21.03 -2.23
C TYR B 156 -6.33 19.54 -2.43
N LYS B 157 -7.23 18.98 -1.62
CA LYS B 157 -7.53 17.56 -1.67
C LYS B 157 -8.27 17.20 -2.96
N TYR B 158 -9.17 18.06 -3.40
CA TYR B 158 -10.01 17.84 -4.57
C TYR B 158 -9.44 18.55 -5.79
N PRO B 159 -9.75 18.05 -7.00
CA PRO B 159 -9.17 18.64 -8.21
C PRO B 159 -9.51 20.12 -8.33
N TYR B 160 -8.53 20.88 -8.83
CA TYR B 160 -8.65 22.33 -8.98
C TYR B 160 -9.09 22.65 -10.40
N VAL B 161 -10.24 23.31 -10.54
CA VAL B 161 -10.79 23.65 -11.84
C VAL B 161 -10.82 25.16 -12.08
N LEU B 162 -10.41 25.95 -11.10
CA LEU B 162 -10.35 27.40 -11.29
C LEU B 162 -9.16 27.78 -12.17
N GLY B 163 -9.23 28.98 -12.74
CA GLY B 163 -8.15 29.49 -13.56
C GLY B 163 -7.98 28.76 -14.88
N GLN B 164 -9.07 28.39 -15.53
CA GLN B 164 -9.02 27.76 -16.84
C GLN B 164 -9.80 28.53 -17.89
N GLY B 165 -10.17 29.78 -17.61
CA GLY B 165 -10.90 30.58 -18.57
C GLY B 165 -12.33 30.18 -18.78
N GLN B 166 -12.91 29.44 -17.84
CA GLN B 166 -14.28 28.96 -17.98
C GLN B 166 -15.28 30.08 -17.72
N ASP B 167 -16.46 29.95 -18.33
CA ASP B 167 -17.54 30.91 -18.15
C ASP B 167 -18.30 30.62 -16.85
N THR B 168 -17.54 30.65 -15.75
CA THR B 168 -18.06 30.37 -14.42
C THR B 168 -17.84 31.55 -13.48
N LEU B 169 -17.52 32.73 -14.02
CA LEU B 169 -17.06 33.84 -13.23
C LEU B 169 -18.22 34.56 -12.55
N ALA B 170 -17.89 35.31 -11.50
CA ALA B 170 -18.87 36.15 -10.84
C ALA B 170 -19.27 37.30 -11.77
N PRO B 171 -20.47 37.84 -11.60
CA PRO B 171 -20.90 38.94 -12.48
C PRO B 171 -20.02 40.17 -12.32
N GLU B 172 -19.85 40.89 -13.42
CA GLU B 172 -18.93 42.03 -13.44
C GLU B 172 -19.50 43.27 -12.76
N LEU B 173 -20.82 43.35 -12.59
CA LEU B 173 -21.41 44.48 -11.89
C LEU B 173 -22.08 44.00 -10.60
N PRO B 174 -22.06 44.83 -9.55
CA PRO B 174 -22.62 44.40 -8.25
C PRO B 174 -24.13 44.31 -8.23
N ILE B 175 -24.81 44.61 -9.33
CA ILE B 175 -26.27 44.62 -9.35
C ILE B 175 -26.80 43.30 -9.89
N TRP B 176 -25.91 42.36 -10.15
CA TRP B 176 -26.29 41.06 -10.67
C TRP B 176 -26.08 39.98 -9.62
N VAL B 177 -26.87 38.92 -9.72
CA VAL B 177 -26.81 37.80 -8.79
C VAL B 177 -25.90 36.72 -9.35
N TYR B 178 -25.00 36.22 -8.51
CA TYR B 178 -24.04 35.20 -8.91
C TYR B 178 -24.67 33.82 -8.77
N PHE B 179 -24.59 33.02 -9.83
CA PHE B 179 -24.99 31.62 -9.77
C PHE B 179 -23.74 30.76 -9.82
N PRO B 180 -23.22 30.33 -8.68
CA PRO B 180 -21.95 29.59 -8.67
C PRO B 180 -22.03 28.33 -9.53
N PRO B 181 -20.96 28.02 -10.24
CA PRO B 181 -20.99 26.86 -11.13
C PRO B 181 -21.03 25.55 -10.36
N GLN B 182 -21.62 24.54 -10.99
CA GLN B 182 -21.60 23.20 -10.42
C GLN B 182 -20.20 22.62 -10.54
N TYR B 183 -19.75 21.95 -9.48
CA TYR B 183 -18.38 21.43 -9.46
C TYR B 183 -18.30 20.12 -10.23
N ALA B 184 -17.35 20.06 -11.16
CA ALA B 184 -17.04 18.84 -11.89
C ALA B 184 -15.58 18.89 -12.28
N TYR B 185 -15.01 17.71 -12.51
CA TYR B 185 -13.60 17.62 -12.83
C TYR B 185 -13.38 16.46 -13.79
N LEU B 186 -12.19 16.41 -14.38
CA LEU B 186 -11.78 15.36 -15.28
C LEU B 186 -10.64 14.57 -14.66
N THR B 187 -10.71 13.24 -14.77
CA THR B 187 -9.71 12.35 -14.22
C THR B 187 -9.25 11.37 -15.28
N VAL B 188 -8.15 10.68 -15.00
CA VAL B 188 -7.55 9.75 -15.95
C VAL B 188 -8.36 8.46 -15.97
N GLY B 189 -8.13 7.65 -17.01
CA GLY B 189 -8.82 6.39 -17.12
C GLY B 189 -8.22 5.55 -18.23
N ASP B 190 -8.92 4.47 -18.55
CA ASP B 190 -8.51 3.55 -19.60
C ASP B 190 -9.41 3.74 -20.82
N VAL B 191 -8.80 3.96 -21.98
CA VAL B 191 -9.56 4.09 -23.21
C VAL B 191 -10.03 2.71 -23.64
N ASN B 192 -11.34 2.57 -23.81
CA ASN B 192 -11.96 1.29 -24.16
C ASN B 192 -12.82 1.46 -25.40
N THR B 193 -12.62 0.60 -26.38
CA THR B 193 -13.38 0.66 -27.62
C THR B 193 -14.82 0.22 -27.38
N GLN B 194 -15.75 0.83 -28.12
CA GLN B 194 -17.16 0.47 -28.03
C GLN B 194 -17.51 -0.44 -29.21
N GLY B 195 -17.06 -1.69 -29.10
CA GLY B 195 -17.45 -2.69 -30.08
C GLY B 195 -16.86 -2.45 -31.45
N ILE B 196 -17.67 -2.71 -32.47
CA ILE B 196 -17.21 -2.67 -33.86
C ILE B 196 -16.84 -1.24 -34.27
N SER B 197 -17.66 -0.27 -33.88
CA SER B 197 -17.61 1.07 -34.47
C SER B 197 -16.25 1.74 -34.30
N GLY B 198 -15.44 1.30 -33.34
CA GLY B 198 -14.17 1.92 -33.08
C GLY B 198 -14.23 3.16 -32.21
N ASP B 199 -15.43 3.60 -31.82
CA ASP B 199 -15.55 4.69 -30.89
C ASP B 199 -15.02 4.27 -29.52
N SER B 200 -14.26 5.15 -28.89
CA SER B 200 -13.61 4.85 -27.63
C SER B 200 -14.14 5.77 -26.53
N LYS B 201 -14.35 5.21 -25.36
CA LYS B 201 -14.74 5.96 -24.18
C LYS B 201 -13.66 5.78 -23.11
N LYS B 202 -13.39 6.85 -22.37
CA LYS B 202 -12.44 6.75 -21.26
C LYS B 202 -13.18 6.16 -20.07
N LEU B 203 -13.19 4.83 -20.00
CA LEU B 203 -13.79 4.15 -18.87
C LEU B 203 -12.91 4.37 -17.64
N ALA B 204 -13.53 4.38 -16.47
CA ALA B 204 -12.79 4.54 -15.23
C ALA B 204 -11.77 3.42 -15.07
N SER B 205 -10.70 3.72 -14.35
CA SER B 205 -9.63 2.77 -14.09
C SER B 205 -9.26 2.83 -12.62
N GLU B 206 -8.26 2.05 -12.24
CA GLU B 206 -7.78 2.10 -10.86
C GLU B 206 -7.18 3.46 -10.54
N GLU B 207 -6.61 4.13 -11.55
CA GLU B 207 -6.05 5.46 -11.37
C GLU B 207 -7.10 6.57 -11.40
N SER B 208 -8.32 6.26 -11.82
CA SER B 208 -9.37 7.26 -11.84
C SER B 208 -9.70 7.72 -10.43
N ALA B 209 -9.75 9.02 -10.23
CA ALA B 209 -9.97 9.60 -8.90
C ALA B 209 -11.46 9.95 -8.77
N PHE B 210 -12.19 9.13 -8.04
CA PHE B 210 -13.59 9.39 -7.72
C PHE B 210 -13.64 10.08 -6.37
N TYR B 211 -13.93 11.38 -6.39
CA TYR B 211 -13.93 12.19 -5.18
C TYR B 211 -15.36 12.40 -4.70
N VAL B 212 -15.62 12.04 -3.46
CA VAL B 212 -16.92 12.24 -2.82
C VAL B 212 -16.72 13.28 -1.74
N LEU B 213 -17.29 14.47 -1.94
CA LEU B 213 -17.07 15.56 -1.00
C LEU B 213 -17.84 15.38 0.30
N GLU B 214 -18.92 14.59 0.29
CA GLU B 214 -19.63 14.30 1.52
C GLU B 214 -18.79 13.50 2.51
N HIS B 215 -17.74 12.84 2.03
CA HIS B 215 -16.84 12.09 2.90
C HIS B 215 -15.70 12.98 3.40
N SER B 216 -16.05 14.12 4.00
CA SER B 216 -15.08 15.03 4.57
C SER B 216 -15.78 15.93 5.57
N SER B 217 -14.99 16.59 6.40
CA SER B 217 -15.52 17.49 7.42
C SER B 217 -15.69 18.88 6.81
N PHE B 218 -16.94 19.33 6.74
CA PHE B 218 -17.25 20.67 6.27
C PHE B 218 -18.26 21.30 7.24
N GLN B 219 -18.47 22.60 7.06
CA GLN B 219 -19.32 23.36 7.96
C GLN B 219 -20.75 23.40 7.46
N LEU B 220 -21.70 23.37 8.39
CA LEU B 220 -23.11 23.59 8.11
C LEU B 220 -23.49 24.95 8.69
N LEU B 221 -23.95 25.85 7.82
CA LEU B 221 -24.24 27.23 8.20
C LEU B 221 -25.72 27.47 8.04
N GLY B 222 -26.36 27.91 9.13
CA GLY B 222 -27.78 28.21 9.10
C GLY B 222 -28.07 29.56 8.48
N THR B 223 -29.36 29.89 8.42
CA THR B 223 -29.79 31.16 7.87
C THR B 223 -29.22 32.31 8.70
N GLY B 224 -28.61 33.27 8.03
CA GLY B 224 -27.98 34.39 8.71
C GLY B 224 -26.56 34.13 9.17
N GLY B 225 -26.04 32.92 8.99
CA GLY B 225 -24.68 32.64 9.38
C GLY B 225 -23.66 33.22 8.41
N THR B 226 -22.41 33.21 8.86
CA THR B 226 -21.30 33.72 8.06
C THR B 226 -20.10 32.81 8.24
N ALA B 227 -19.24 32.78 7.23
CA ALA B 227 -18.01 31.99 7.29
C ALA B 227 -16.95 32.65 6.43
N THR B 228 -15.73 32.68 6.95
CA THR B 228 -14.63 33.40 6.32
C THR B 228 -13.49 32.46 5.97
N MET B 229 -12.90 32.66 4.80
CA MET B 229 -11.69 31.99 4.37
C MET B 229 -10.61 33.04 4.14
N SER B 230 -9.40 32.76 4.62
CA SER B 230 -8.25 33.61 4.37
C SER B 230 -7.21 32.84 3.58
N TYR B 231 -6.48 33.55 2.72
CA TYR B 231 -5.44 32.95 1.91
C TYR B 231 -4.35 33.99 1.69
N LYS B 232 -3.10 33.53 1.64
CA LYS B 232 -1.96 34.41 1.43
C LYS B 232 -1.25 33.97 0.16
N PHE B 233 -1.18 34.86 -0.82
CA PHE B 233 -0.50 34.54 -2.07
C PHE B 233 1.00 34.35 -1.82
N PRO B 234 1.63 33.41 -2.51
CA PRO B 234 3.07 33.30 -2.46
C PRO B 234 3.72 34.51 -3.12
N PRO B 235 4.96 34.83 -2.79
CA PRO B 235 5.63 35.95 -3.46
C PRO B 235 5.79 35.68 -4.95
N VAL B 236 5.14 36.51 -5.76
CA VAL B 236 5.09 36.31 -7.20
C VAL B 236 5.70 37.53 -7.89
N PRO B 237 6.21 37.38 -9.11
CA PRO B 237 6.76 38.53 -9.82
C PRO B 237 5.67 39.55 -10.11
N PRO B 238 5.90 40.82 -9.76
CA PRO B 238 4.90 41.85 -10.05
C PRO B 238 4.76 42.06 -11.55
N GLU B 239 3.56 42.43 -11.96
CA GLU B 239 3.28 42.73 -13.37
C GLU B 239 3.56 44.20 -13.61
N ASN B 240 4.44 44.49 -14.56
CA ASN B 240 4.84 45.87 -14.82
C ASN B 240 3.72 46.62 -15.53
N LEU B 241 3.32 47.75 -14.95
CA LEU B 241 2.25 48.57 -15.51
C LEU B 241 2.77 49.67 -16.42
N GLU B 242 4.07 49.69 -16.70
CA GLU B 242 4.66 50.72 -17.56
C GLU B 242 5.42 50.06 -18.69
N GLY B 243 5.44 50.75 -19.83
CA GLY B 243 6.02 50.24 -21.05
C GLY B 243 7.48 50.63 -21.22
N CYS B 244 7.91 50.61 -22.48
CA CYS B 244 9.28 50.90 -22.84
C CYS B 244 9.32 51.94 -23.95
N SER B 245 10.23 52.91 -23.80
CA SER B 245 10.40 53.96 -24.79
C SER B 245 11.55 53.69 -25.75
N GLN B 246 12.13 52.49 -25.70
CA GLN B 246 13.25 52.14 -26.55
C GLN B 246 13.07 50.71 -27.05
N HIS B 247 13.72 50.42 -28.17
CA HIS B 247 13.85 49.05 -28.64
C HIS B 247 15.14 48.47 -28.10
N PHE B 248 15.07 47.25 -27.55
CA PHE B 248 16.25 46.64 -26.97
C PHE B 248 17.31 46.34 -28.02
N TYR B 249 16.96 46.33 -29.29
CA TYR B 249 17.90 46.16 -30.38
C TYR B 249 18.37 47.49 -30.97
N GLU B 250 17.85 48.61 -30.48
CA GLU B 250 18.27 49.94 -30.87
C GLU B 250 18.81 50.70 -29.66
N MET B 251 19.57 50.00 -28.82
CA MET B 251 20.10 50.56 -27.59
C MET B 251 21.51 51.12 -27.74
N TYR B 252 21.89 51.52 -28.95
CA TYR B 252 23.24 51.98 -29.25
C TYR B 252 23.23 53.48 -29.55
N ASN B 253 24.40 53.98 -29.94
CA ASN B 253 24.56 55.37 -30.30
C ASN B 253 24.47 55.50 -31.82
N PRO B 254 23.42 56.14 -32.35
CA PRO B 254 23.28 56.20 -33.82
C PRO B 254 24.36 57.02 -34.51
N LEU B 255 25.05 57.91 -33.81
CA LEU B 255 26.06 58.75 -34.44
C LEU B 255 27.35 58.01 -34.73
N TYR B 256 27.62 56.90 -34.05
CA TYR B 256 28.91 56.24 -34.09
C TYR B 256 28.75 54.81 -34.58
N GLY B 257 29.63 54.39 -35.48
CA GLY B 257 29.64 53.02 -35.93
C GLY B 257 30.29 52.09 -34.92
N SER B 258 30.16 50.80 -35.20
CA SER B 258 30.69 49.79 -34.28
C SER B 258 32.18 49.62 -34.47
N ARG B 259 32.86 49.27 -33.38
CA ARG B 259 34.26 48.90 -33.45
C ARG B 259 34.45 47.47 -33.94
N LEU B 260 33.38 46.69 -34.03
CA LEU B 260 33.43 45.33 -34.52
C LEU B 260 33.18 45.29 -36.02
N GLY B 261 33.59 44.17 -36.63
CA GLY B 261 33.41 44.00 -38.06
C GLY B 261 32.52 42.82 -38.40
N VAL B 262 31.96 42.81 -39.60
CA VAL B 262 31.06 41.73 -40.00
C VAL B 262 31.55 41.15 -41.32
N PRO B 263 31.24 39.89 -41.64
CA PRO B 263 31.73 39.30 -42.90
C PRO B 263 31.24 40.09 -44.11
N ASP B 264 32.12 40.20 -45.10
CA ASP B 264 31.77 40.80 -46.39
C ASP B 264 31.87 39.79 -47.53
N THR B 265 32.99 39.08 -47.62
CA THR B 265 33.17 37.99 -48.56
C THR B 265 33.31 36.69 -47.78
N LEU B 266 32.49 35.70 -48.13
CA LEU B 266 32.45 34.44 -47.40
C LEU B 266 33.38 33.43 -48.05
N GLY B 267 33.39 32.21 -47.51
CA GLY B 267 34.17 31.12 -48.04
C GLY B 267 35.10 30.56 -46.98
N GLY B 268 36.07 29.77 -47.44
CA GLY B 268 37.05 29.18 -46.54
C GLY B 268 37.94 30.19 -45.86
N ASP B 269 38.19 31.32 -46.50
CA ASP B 269 38.99 32.40 -45.93
C ASP B 269 38.18 33.69 -45.99
N PRO B 270 37.20 33.84 -45.12
CA PRO B 270 36.34 35.02 -45.18
C PRO B 270 37.08 36.29 -44.81
N LYS B 271 36.66 37.38 -45.45
CA LYS B 271 37.15 38.72 -45.14
C LYS B 271 36.05 39.49 -44.44
N PHE B 272 36.43 40.31 -43.46
CA PHE B 272 35.47 41.09 -42.70
C PHE B 272 35.65 42.58 -42.99
N ARG B 273 34.52 43.30 -43.01
CA ARG B 273 34.50 44.73 -43.24
C ARG B 273 34.05 45.44 -41.97
N SER B 274 34.64 46.60 -41.73
CA SER B 274 34.32 47.39 -40.55
C SER B 274 32.96 48.05 -40.70
N LEU B 275 32.24 48.17 -39.59
CA LEU B 275 30.89 48.71 -39.62
C LEU B 275 30.89 50.23 -39.59
N THR B 276 29.94 50.81 -40.30
CA THR B 276 29.70 52.25 -40.31
C THR B 276 28.32 52.53 -39.70
N HIS B 277 28.01 53.81 -39.55
CA HIS B 277 26.69 54.20 -39.05
C HIS B 277 25.63 54.22 -40.13
N GLU B 278 25.99 53.99 -41.39
CA GLU B 278 25.02 53.98 -42.47
C GLU B 278 24.28 52.66 -42.59
N ASP B 279 24.74 51.61 -41.91
CA ASP B 279 24.14 50.29 -41.95
C ASP B 279 23.79 49.86 -40.53
N HIS B 280 22.61 50.26 -40.07
CA HIS B 280 22.17 49.94 -38.72
C HIS B 280 21.53 48.58 -38.60
N ALA B 281 21.21 47.92 -39.72
CA ALA B 281 20.58 46.62 -39.68
C ALA B 281 21.55 45.51 -39.33
N ILE B 282 22.85 45.77 -39.31
CA ILE B 282 23.84 44.74 -39.04
C ILE B 282 24.59 45.07 -37.76
N GLN B 283 23.99 45.89 -36.91
CA GLN B 283 24.61 46.24 -35.64
C GLN B 283 24.61 45.02 -34.72
N PRO B 284 25.75 44.62 -34.17
CA PRO B 284 25.78 43.45 -33.29
C PRO B 284 24.93 43.68 -32.04
N GLN B 285 24.31 42.60 -31.56
CA GLN B 285 23.40 42.66 -30.44
C GLN B 285 23.98 41.93 -29.23
N ASN B 286 23.82 42.52 -28.06
CA ASN B 286 24.28 41.90 -26.83
C ASN B 286 23.34 40.79 -26.35
N PHE B 287 22.05 40.93 -26.58
CA PHE B 287 21.06 39.98 -26.08
C PHE B 287 20.09 39.60 -27.19
N MET B 288 19.67 38.34 -27.17
CA MET B 288 18.82 37.80 -28.21
C MET B 288 17.35 38.11 -27.93
N PRO B 289 16.50 38.09 -28.95
CA PRO B 289 15.07 38.22 -28.74
C PRO B 289 14.48 36.97 -28.11
N GLY B 290 13.27 37.11 -27.57
CA GLY B 290 12.60 36.02 -26.91
C GLY B 290 12.10 34.96 -27.88
N PRO B 291 11.80 33.78 -27.34
CA PRO B 291 11.35 32.69 -28.21
C PRO B 291 9.97 32.94 -28.77
N LEU B 292 9.76 32.46 -30.00
CA LEU B 292 8.46 32.51 -30.66
C LEU B 292 8.14 31.13 -31.20
N VAL B 293 6.95 30.63 -30.89
CA VAL B 293 6.47 29.35 -31.38
C VAL B 293 5.11 29.58 -32.02
N ASN B 294 5.05 29.41 -33.34
CA ASN B 294 3.82 29.59 -34.12
C ASN B 294 3.18 30.94 -33.83
N SER B 295 4.01 31.98 -33.73
CA SER B 295 3.52 33.34 -33.52
C SER B 295 3.23 33.99 -34.87
N VAL B 296 2.16 33.50 -35.49
CA VAL B 296 1.76 33.94 -36.82
C VAL B 296 0.33 34.46 -36.76
N SER B 297 0.00 35.32 -37.73
CA SER B 297 -1.34 35.87 -37.83
C SER B 297 -2.30 34.87 -38.47
N THR B 298 -3.59 35.15 -38.34
CA THR B 298 -4.60 34.29 -38.94
C THR B 298 -4.55 34.32 -40.47
N LYS B 299 -3.97 35.37 -41.06
CA LYS B 299 -3.82 35.41 -42.51
C LYS B 299 -2.76 34.44 -43.00
N GLU B 300 -1.77 34.12 -42.16
CA GLU B 300 -0.76 33.14 -42.54
C GLU B 300 -1.30 31.71 -42.48
N GLY B 301 -2.14 31.42 -41.49
CA GLY B 301 -2.69 30.08 -41.32
C GLY B 301 -3.62 29.66 -42.44
N ALA B 311 -12.62 22.23 -37.53
CA ALA B 311 -11.21 21.91 -37.65
C ALA B 311 -10.38 22.76 -36.71
N LEU B 312 -9.66 22.11 -35.80
CA LEU B 312 -8.80 22.82 -34.87
C LEU B 312 -7.65 23.49 -35.60
N THR B 313 -7.38 24.74 -35.23
CA THR B 313 -6.31 25.53 -35.82
C THR B 313 -5.40 26.06 -34.73
N GLY B 314 -4.29 26.65 -35.15
CA GLY B 314 -3.35 27.23 -34.21
C GLY B 314 -2.43 26.19 -33.60
N LEU B 315 -1.66 26.65 -32.62
CA LEU B 315 -0.72 25.79 -31.90
C LEU B 315 -1.47 24.69 -31.15
N SER B 316 -1.30 23.45 -31.61
CA SER B 316 -1.96 22.31 -31.00
C SER B 316 -1.02 21.11 -31.02
N THR B 317 -1.20 20.22 -30.05
CA THR B 317 -0.37 19.03 -29.94
C THR B 317 -1.25 17.80 -29.78
N GLY B 318 -0.79 16.68 -30.32
CA GLY B 318 -1.57 15.46 -30.26
C GLY B 318 -0.89 14.33 -30.99
N THR B 319 -1.63 13.24 -31.15
CA THR B 319 -1.11 12.04 -31.78
C THR B 319 -1.42 11.96 -33.27
N SER B 320 -2.36 12.75 -33.76
CA SER B 320 -2.73 12.74 -35.17
C SER B 320 -3.41 14.06 -35.51
N GLN B 321 -3.57 14.30 -36.81
CA GLN B 321 -4.24 15.52 -37.25
C GLN B 321 -5.68 15.60 -36.74
N ASN B 322 -6.30 14.44 -36.49
CA ASN B 322 -7.67 14.41 -36.01
C ASN B 322 -7.77 14.40 -34.49
N THR B 323 -6.74 13.91 -33.80
CA THR B 323 -6.74 13.81 -32.34
C THR B 323 -5.71 14.78 -31.79
N ARG B 324 -6.14 15.99 -31.46
CA ARG B 324 -5.26 17.02 -30.93
C ARG B 324 -5.93 17.71 -29.74
N ILE B 325 -5.13 18.49 -29.03
CA ILE B 325 -5.63 19.47 -28.07
C ILE B 325 -4.91 20.78 -28.36
N SER B 326 -5.68 21.87 -28.34
CA SER B 326 -5.12 23.18 -28.65
C SER B 326 -4.23 23.67 -27.53
N LEU B 327 -3.14 24.35 -27.90
CA LEU B 327 -2.25 24.98 -26.94
C LEU B 327 -2.43 26.49 -26.92
N ARG B 328 -3.61 26.98 -27.33
CA ARG B 328 -3.89 28.40 -27.27
C ARG B 328 -3.90 28.86 -25.81
N PRO B 329 -3.51 30.11 -25.55
CA PRO B 329 -3.07 31.14 -26.50
C PRO B 329 -1.57 31.07 -26.77
N GLY B 330 -0.92 29.99 -26.38
CA GLY B 330 0.51 29.89 -26.51
C GLY B 330 1.22 30.48 -25.31
N PRO B 331 2.56 30.49 -25.35
CA PRO B 331 3.32 31.02 -24.21
C PRO B 331 3.08 32.50 -24.02
N VAL B 332 3.24 32.95 -22.77
CA VAL B 332 3.13 34.36 -22.45
C VAL B 332 4.25 35.19 -23.07
N SER B 333 5.29 34.54 -23.59
CA SER B 333 6.39 35.24 -24.22
C SER B 333 6.05 35.82 -25.59
N GLN B 334 4.89 35.48 -26.14
CA GLN B 334 4.50 35.96 -27.45
C GLN B 334 3.08 36.49 -27.42
N PRO B 335 2.76 37.46 -28.27
CA PRO B 335 1.41 38.02 -28.31
C PRO B 335 0.50 37.20 -29.21
N TYR B 336 -0.77 37.61 -29.25
CA TYR B 336 -1.70 37.10 -30.23
C TYR B 336 -2.55 38.18 -30.87
N HIS B 337 -2.34 39.45 -30.52
CA HIS B 337 -3.03 40.57 -31.15
C HIS B 337 -2.35 41.88 -30.79
N HIS B 338 -2.10 42.72 -31.78
CA HIS B 338 -1.44 44.00 -31.55
C HIS B 338 -1.65 44.90 -32.76
N TRP B 339 -1.40 46.19 -32.55
CA TRP B 339 -1.48 47.17 -33.63
C TRP B 339 -0.12 47.27 -34.30
N ASP B 340 0.00 46.70 -35.50
CA ASP B 340 1.14 46.93 -36.34
C ASP B 340 1.01 48.30 -37.02
N THR B 341 2.11 48.74 -37.65
CA THR B 341 2.30 50.12 -38.10
C THR B 341 1.03 50.76 -38.67
N ASP B 342 0.25 50.00 -39.44
CA ASP B 342 -0.99 50.54 -40.00
C ASP B 342 -2.13 49.52 -39.97
N LYS B 343 -2.08 48.53 -39.10
CA LYS B 343 -3.04 47.44 -39.15
C LYS B 343 -3.25 46.87 -37.75
N TYR B 344 -4.32 46.10 -37.60
CA TYR B 344 -4.57 45.32 -36.39
C TYR B 344 -4.35 43.85 -36.73
N VAL B 345 -3.27 43.27 -36.19
CA VAL B 345 -2.86 41.92 -36.52
C VAL B 345 -3.20 41.02 -35.34
N THR B 346 -3.97 39.97 -35.62
CA THR B 346 -4.40 39.01 -34.62
C THR B 346 -3.76 37.67 -34.90
N GLY B 347 -3.22 37.04 -33.86
CA GLY B 347 -2.56 35.76 -34.03
C GLY B 347 -3.53 34.62 -34.22
N ILE B 348 -3.02 33.55 -34.84
CA ILE B 348 -3.83 32.35 -35.01
C ILE B 348 -4.10 31.66 -33.69
N ASN B 349 -3.26 31.91 -32.68
CA ASN B 349 -3.45 31.37 -31.34
C ASN B 349 -4.09 32.39 -30.40
N ALA B 350 -5.01 33.21 -30.91
CA ALA B 350 -5.59 34.27 -30.12
C ALA B 350 -6.82 33.78 -29.37
N ILE B 351 -6.97 34.25 -28.13
CA ILE B 351 -8.16 34.05 -27.33
C ILE B 351 -8.81 35.41 -27.12
N SER B 352 -10.14 35.45 -27.25
CA SER B 352 -10.89 36.70 -27.15
C SER B 352 -11.72 36.68 -25.88
N HIS B 353 -11.53 37.67 -25.02
CA HIS B 353 -12.31 37.82 -23.80
C HIS B 353 -13.67 38.44 -24.17
N GLY B 354 -14.48 37.63 -24.85
CA GLY B 354 -15.75 38.07 -25.37
C GLY B 354 -15.63 38.58 -26.79
N GLN B 355 -16.77 38.56 -27.49
CA GLN B 355 -16.85 39.00 -28.88
C GLN B 355 -17.53 40.36 -28.97
N THR B 356 -17.39 40.98 -30.13
CA THR B 356 -18.06 42.23 -30.45
C THR B 356 -19.07 41.96 -31.56
N THR B 357 -20.33 42.28 -31.31
CA THR B 357 -21.39 42.00 -32.27
C THR B 357 -21.50 43.10 -33.32
N GLN B 368 -20.88 34.91 -32.43
CA GLN B 368 -19.74 35.09 -33.33
C GLN B 368 -19.60 36.55 -33.75
N GLY B 369 -18.37 37.04 -33.72
CA GLY B 369 -18.12 38.42 -34.09
C GLY B 369 -16.65 38.76 -33.91
N VAL B 370 -16.37 40.06 -33.96
CA VAL B 370 -15.00 40.53 -33.76
C VAL B 370 -14.58 40.25 -32.34
N GLY B 371 -13.39 39.66 -32.17
CA GLY B 371 -12.89 39.34 -30.86
C GLY B 371 -12.44 40.58 -30.10
N ARG B 372 -12.16 40.36 -28.81
CA ARG B 372 -11.71 41.42 -27.91
C ARG B 372 -10.36 40.98 -27.32
N PHE B 373 -9.30 41.64 -27.74
CA PHE B 373 -7.95 41.27 -27.33
C PHE B 373 -7.20 42.48 -26.81
N PRO B 374 -6.21 42.28 -25.95
CA PRO B 374 -5.32 43.39 -25.57
C PRO B 374 -4.38 43.74 -26.71
N ASN B 375 -3.90 44.98 -26.68
CA ASN B 375 -2.93 45.48 -27.65
C ASN B 375 -1.54 45.25 -27.08
N GLU B 376 -0.86 44.22 -27.57
CA GLU B 376 0.48 43.89 -27.09
C GLU B 376 1.53 44.68 -27.86
N LYS B 377 1.45 46.01 -27.70
CA LYS B 377 2.42 46.89 -28.36
C LYS B 377 3.80 46.75 -27.74
N GLU B 378 3.89 46.49 -26.44
CA GLU B 378 5.18 46.38 -25.80
C GLU B 378 5.96 45.16 -26.29
N GLN B 379 5.26 44.06 -26.59
CA GLN B 379 5.94 42.91 -27.16
C GLN B 379 6.31 43.16 -28.61
N LEU B 380 5.45 43.87 -29.35
CA LEU B 380 5.78 44.24 -30.73
C LEU B 380 7.02 45.12 -30.79
N LYS B 381 7.23 45.95 -29.76
CA LYS B 381 8.40 46.84 -29.73
C LYS B 381 9.70 46.09 -29.50
N GLN B 382 9.67 44.81 -29.12
CA GLN B 382 10.86 44.06 -28.77
C GLN B 382 10.95 42.77 -29.57
N LEU B 383 10.73 42.87 -30.88
CA LEU B 383 10.93 41.79 -31.85
C LEU B 383 10.00 40.60 -31.64
N GLN B 384 8.96 40.74 -30.81
CA GLN B 384 8.06 39.64 -30.53
C GLN B 384 6.77 39.70 -31.35
N GLY B 385 6.67 40.63 -32.30
CA GLY B 385 5.42 40.80 -33.02
C GLY B 385 5.06 39.59 -33.85
N LEU B 386 3.81 39.56 -34.30
CA LEU B 386 3.32 38.46 -35.10
C LEU B 386 3.96 38.47 -36.49
N ASN B 387 4.00 37.30 -37.11
CA ASN B 387 4.61 37.12 -38.43
C ASN B 387 6.06 37.60 -38.44
N MET B 388 6.79 37.31 -37.36
CA MET B 388 8.17 37.76 -37.21
C MET B 388 9.09 36.62 -37.64
N HIS B 389 9.47 36.62 -38.91
CA HIS B 389 10.33 35.58 -39.43
C HIS B 389 11.74 35.70 -38.85
N THR B 390 12.38 34.56 -38.66
CA THR B 390 13.75 34.49 -38.18
C THR B 390 14.57 33.70 -39.19
N TYR B 391 15.68 34.27 -39.64
CA TYR B 391 16.40 33.79 -40.81
C TYR B 391 17.71 33.13 -40.41
N PHE B 392 18.01 32.00 -41.04
CA PHE B 392 19.24 31.25 -40.82
C PHE B 392 19.84 30.95 -42.19
N PRO B 393 21.07 31.39 -42.46
CA PRO B 393 21.72 31.07 -43.73
C PRO B 393 22.18 29.61 -43.79
N THR B 401 15.57 27.80 -43.88
CA THR B 401 16.38 29.01 -43.88
C THR B 401 15.56 30.23 -43.48
N ASP B 402 14.23 30.09 -43.56
CA ASP B 402 13.31 31.17 -43.19
C ASP B 402 12.10 30.51 -42.54
N GLN B 403 11.96 30.69 -41.22
CA GLN B 403 10.82 30.15 -40.50
C GLN B 403 10.49 31.06 -39.33
N ILE B 404 9.28 30.92 -38.83
CA ILE B 404 8.78 31.79 -37.77
C ILE B 404 9.28 31.33 -36.40
N GLU B 405 9.46 30.03 -36.21
CA GLU B 405 9.83 29.50 -34.91
C GLU B 405 11.17 30.05 -34.46
N ARG B 406 11.17 30.80 -33.36
CA ARG B 406 12.39 31.31 -32.76
C ARG B 406 12.74 30.46 -31.55
N PRO B 407 13.85 29.72 -31.58
CA PRO B 407 14.27 28.97 -30.40
C PRO B 407 14.64 29.90 -29.26
N LEU B 408 14.44 29.41 -28.04
CA LEU B 408 14.82 30.16 -26.85
C LEU B 408 16.34 30.16 -26.75
N MET B 409 16.95 31.29 -27.08
CA MET B 409 18.40 31.39 -27.10
C MET B 409 18.93 31.80 -25.73
N VAL B 410 20.20 31.51 -25.50
CA VAL B 410 20.87 31.94 -24.27
C VAL B 410 21.08 33.44 -24.32
N GLY B 411 20.77 34.12 -23.22
CA GLY B 411 20.82 35.56 -23.19
C GLY B 411 19.66 36.23 -23.86
N SER B 412 18.48 35.60 -23.85
CA SER B 412 17.31 36.16 -24.49
C SER B 412 16.59 37.12 -23.54
N VAL B 413 15.88 38.08 -24.15
CA VAL B 413 15.05 39.02 -23.41
C VAL B 413 13.74 39.19 -24.15
N TRP B 414 12.64 39.23 -23.42
CA TRP B 414 11.32 39.35 -24.03
C TRP B 414 10.35 39.95 -23.02
N ASN B 415 9.20 40.38 -23.54
CA ASN B 415 8.13 40.93 -22.73
C ASN B 415 7.00 39.92 -22.62
N ARG B 416 6.47 39.76 -21.41
CA ARG B 416 5.30 38.91 -21.21
C ARG B 416 4.04 39.64 -21.63
N ARG B 417 3.00 38.86 -21.90
CA ARG B 417 1.72 39.45 -22.29
C ARG B 417 1.16 40.28 -21.15
N ALA B 418 0.77 41.51 -21.47
CA ALA B 418 0.38 42.46 -20.44
C ALA B 418 -0.92 42.07 -19.76
N LEU B 419 -0.96 42.26 -18.45
CA LEU B 419 -2.19 42.03 -17.70
C LEU B 419 -3.22 43.08 -18.06
N HIS B 420 -4.44 42.65 -18.33
CA HIS B 420 -5.51 43.55 -18.71
C HIS B 420 -6.62 43.52 -17.66
N TYR B 421 -7.66 44.33 -17.90
CA TYR B 421 -8.72 44.51 -16.92
C TYR B 421 -9.48 43.21 -16.67
N GLU B 422 -9.79 42.48 -17.73
CA GLU B 422 -10.61 41.28 -17.63
C GLU B 422 -9.80 40.00 -17.50
N SER B 423 -8.48 40.10 -17.39
CA SER B 423 -7.65 38.91 -17.31
C SER B 423 -7.90 38.14 -16.02
N GLN B 424 -7.74 36.83 -16.10
CA GLN B 424 -7.78 36.01 -14.90
C GLN B 424 -6.62 36.37 -13.99
N LEU B 425 -6.81 36.13 -12.69
CA LEU B 425 -5.82 36.54 -11.71
C LEU B 425 -4.82 35.45 -11.38
N TRP B 426 -5.23 34.18 -11.41
CA TRP B 426 -4.33 33.09 -11.07
C TRP B 426 -4.76 31.82 -11.78
N SER B 427 -3.83 30.88 -11.85
CA SER B 427 -4.11 29.53 -12.32
C SER B 427 -3.16 28.58 -11.60
N LYS B 428 -3.63 27.36 -11.35
CA LYS B 428 -2.83 26.39 -10.62
C LYS B 428 -1.80 25.77 -11.55
N ILE B 429 -0.52 25.97 -11.25
CA ILE B 429 0.50 25.22 -11.96
C ILE B 429 0.35 23.74 -11.63
N PRO B 430 0.29 22.86 -12.63
CA PRO B 430 0.25 21.42 -12.31
C PRO B 430 1.50 21.00 -11.57
N ASN B 431 1.37 19.93 -10.78
CA ASN B 431 2.44 19.47 -9.91
C ASN B 431 3.35 18.46 -10.59
N LEU B 432 3.50 18.58 -11.91
CA LEU B 432 4.45 17.77 -12.64
C LEU B 432 5.86 17.99 -12.12
N ASP B 433 6.78 17.12 -12.55
CA ASP B 433 8.11 17.08 -11.95
C ASP B 433 8.87 18.39 -12.16
N ASP B 434 8.79 18.96 -13.36
CA ASP B 434 9.59 20.13 -13.68
C ASP B 434 8.74 21.14 -14.43
N SER B 435 9.19 22.40 -14.38
CA SER B 435 8.51 23.48 -15.08
C SER B 435 9.54 24.54 -15.44
N PHE B 436 9.23 25.32 -16.48
CA PHE B 436 10.10 26.39 -16.96
C PHE B 436 9.31 27.69 -17.03
N LYS B 437 9.66 28.63 -16.16
CA LYS B 437 9.11 29.98 -16.17
C LYS B 437 7.57 29.96 -16.17
N THR B 438 7.03 29.27 -15.17
CA THR B 438 5.59 29.12 -15.01
C THR B 438 4.99 30.18 -14.08
N GLN B 439 5.72 31.28 -13.85
CA GLN B 439 5.23 32.31 -12.95
C GLN B 439 3.98 33.00 -13.45
N PHE B 440 3.72 32.97 -14.76
CA PHE B 440 2.58 33.65 -15.35
C PHE B 440 1.84 32.68 -16.25
N ALA B 441 0.54 32.52 -16.00
CA ALA B 441 -0.28 31.62 -16.79
C ALA B 441 -0.55 32.21 -18.17
N ALA B 442 -0.72 31.32 -19.15
CA ALA B 442 -0.95 31.77 -20.53
C ALA B 442 -2.26 32.54 -20.66
N LEU B 443 -3.29 32.10 -19.95
CA LEU B 443 -4.58 32.80 -19.99
C LEU B 443 -4.56 34.12 -19.25
N GLY B 444 -3.52 34.38 -18.45
CA GLY B 444 -3.41 35.62 -17.71
C GLY B 444 -3.11 35.36 -16.25
N GLY B 445 -2.79 36.45 -15.56
CA GLY B 445 -2.55 36.35 -14.13
C GLY B 445 -1.23 35.69 -13.81
N TRP B 446 -1.21 35.00 -12.67
CA TRP B 446 -0.01 34.40 -12.12
C TRP B 446 -0.19 32.90 -11.99
N GLY B 447 0.89 32.15 -12.21
CA GLY B 447 0.86 30.73 -11.97
C GLY B 447 1.23 30.41 -10.54
N LEU B 448 0.37 29.68 -9.84
CA LEU B 448 0.57 29.37 -8.43
C LEU B 448 0.53 27.86 -8.23
N HIS B 449 1.52 27.34 -7.52
CA HIS B 449 1.48 25.94 -7.11
C HIS B 449 0.39 25.71 -6.07
N GLN B 450 0.12 26.70 -5.22
CA GLN B 450 -0.93 26.65 -4.23
C GLN B 450 -1.81 27.87 -4.41
N PRO B 451 -2.73 27.83 -5.36
CA PRO B 451 -3.60 28.99 -5.62
C PRO B 451 -4.65 29.14 -4.54
N PRO B 452 -5.48 30.17 -4.60
CA PRO B 452 -6.58 30.29 -3.64
C PRO B 452 -7.43 29.03 -3.61
N PRO B 453 -7.70 28.50 -2.42
CA PRO B 453 -8.44 27.24 -2.33
C PRO B 453 -9.87 27.38 -2.84
N GLN B 454 -10.37 26.28 -3.40
CA GLN B 454 -11.75 26.24 -3.87
C GLN B 454 -12.71 26.17 -2.70
N ILE B 455 -13.80 26.93 -2.80
CA ILE B 455 -14.85 26.93 -1.80
C ILE B 455 -16.05 26.23 -2.41
N PHE B 456 -16.39 25.05 -1.89
CA PHE B 456 -17.51 24.26 -2.38
C PHE B 456 -18.72 24.53 -1.50
N LEU B 457 -19.86 24.80 -2.14
CA LEU B 457 -21.09 25.13 -1.45
C LEU B 457 -22.23 24.29 -2.01
N LYS B 458 -23.04 23.74 -1.10
CA LYS B 458 -24.26 23.07 -1.49
C LYS B 458 -25.29 23.27 -0.38
N ILE B 459 -26.49 22.71 -0.58
CA ILE B 459 -27.54 22.75 0.43
C ILE B 459 -27.70 21.35 0.99
N LEU B 460 -27.77 21.25 2.31
CA LEU B 460 -27.99 19.96 2.95
C LEU B 460 -29.35 19.41 2.50
N PRO B 461 -29.41 18.21 1.96
CA PRO B 461 -30.66 17.65 1.41
C PRO B 461 -31.64 17.16 2.49
N GLN B 462 -32.43 18.10 3.00
CA GLN B 462 -33.45 17.75 3.98
C GLN B 462 -34.45 16.77 3.39
N SER B 463 -34.93 15.86 4.23
CA SER B 463 -35.78 14.76 3.79
C SER B 463 -37.25 15.10 3.99
N GLY B 464 -38.09 14.57 3.11
CA GLY B 464 -39.51 14.78 3.20
C GLY B 464 -40.15 13.87 4.24
N PRO B 465 -41.45 14.05 4.43
CA PRO B 465 -42.16 13.30 5.46
C PRO B 465 -42.32 11.83 5.09
N ILE B 466 -42.22 10.96 6.09
CA ILE B 466 -42.48 9.54 5.95
C ILE B 466 -43.25 9.08 7.18
N GLY B 467 -44.28 8.26 6.96
CA GLY B 467 -45.04 7.74 8.09
C GLY B 467 -46.47 7.39 7.79
N GLY B 468 -47.38 7.89 8.63
CA GLY B 468 -48.79 7.53 8.51
C GLY B 468 -49.50 8.16 7.33
N ILE B 469 -48.88 9.14 6.66
CA ILE B 469 -49.49 9.72 5.48
C ILE B 469 -49.55 8.68 4.37
N LYS B 470 -50.68 8.63 3.68
CA LYS B 470 -50.93 7.58 2.69
C LYS B 470 -50.00 7.75 1.50
N SER B 471 -49.08 6.79 1.33
CA SER B 471 -48.22 6.69 0.15
C SER B 471 -47.47 7.99 -0.11
N MET B 472 -46.59 8.34 0.84
CA MET B 472 -45.79 9.55 0.70
C MET B 472 -44.58 9.33 -0.21
N GLY B 473 -43.71 8.41 0.17
CA GLY B 473 -42.49 8.17 -0.57
C GLY B 473 -41.34 9.05 -0.12
N ILE B 474 -40.13 8.62 -0.44
CA ILE B 474 -38.92 9.32 -0.03
C ILE B 474 -38.73 10.52 -0.96
N THR B 475 -38.92 11.72 -0.43
CA THR B 475 -38.77 12.96 -1.18
C THR B 475 -37.85 13.90 -0.43
N THR B 476 -37.56 15.04 -1.05
CA THR B 476 -36.71 16.07 -0.48
C THR B 476 -37.47 17.38 -0.43
N LEU B 477 -37.28 18.13 0.66
CA LEU B 477 -37.91 19.43 0.77
C LEU B 477 -37.29 20.40 -0.22
N VAL B 478 -38.13 21.17 -0.90
CA VAL B 478 -37.65 22.11 -1.90
C VAL B 478 -36.99 23.29 -1.20
N GLN B 479 -35.66 23.31 -1.19
CA GLN B 479 -34.90 24.35 -0.53
C GLN B 479 -33.80 24.86 -1.46
N TYR B 480 -33.64 26.17 -1.49
CA TYR B 480 -32.55 26.79 -2.23
C TYR B 480 -31.89 27.83 -1.34
N ALA B 481 -30.61 28.10 -1.59
CA ALA B 481 -29.86 28.99 -0.72
C ALA B 481 -29.56 30.30 -1.42
N VAL B 482 -29.49 31.38 -0.64
CA VAL B 482 -28.98 32.65 -1.11
C VAL B 482 -27.99 33.17 -0.09
N GLY B 483 -27.21 34.16 -0.50
CA GLY B 483 -26.27 34.76 0.43
C GLY B 483 -25.53 35.90 -0.23
N ILE B 484 -24.61 36.48 0.53
CA ILE B 484 -23.72 37.51 0.04
C ILE B 484 -22.30 36.99 0.15
N MET B 485 -21.61 36.88 -0.99
CA MET B 485 -20.21 36.49 -1.02
C MET B 485 -19.39 37.78 -1.14
N THR B 486 -18.61 38.06 -0.11
CA THR B 486 -17.74 39.23 -0.07
C THR B 486 -16.31 38.75 -0.21
N VAL B 487 -15.63 39.19 -1.27
CA VAL B 487 -14.27 38.77 -1.57
C VAL B 487 -13.37 39.99 -1.51
N THR B 488 -12.30 39.89 -0.72
CA THR B 488 -11.32 40.95 -0.57
C THR B 488 -9.97 40.42 -1.02
N MET B 489 -9.31 41.15 -1.93
CA MET B 489 -7.96 40.84 -2.37
C MET B 489 -7.08 42.05 -2.17
N THR B 490 -5.90 41.84 -1.59
CA THR B 490 -4.89 42.88 -1.47
C THR B 490 -3.89 42.72 -2.60
N PHE B 491 -3.42 43.85 -3.12
CA PHE B 491 -2.41 43.87 -4.17
C PHE B 491 -1.23 44.72 -3.69
N LYS B 492 -0.05 44.12 -3.68
CA LYS B 492 1.18 44.88 -3.51
C LYS B 492 1.41 45.72 -4.76
N LEU B 493 1.71 47.00 -4.56
CA LEU B 493 1.89 47.93 -5.66
C LEU B 493 3.29 48.51 -5.63
N GLY B 494 3.92 48.55 -6.80
CA GLY B 494 5.20 49.18 -6.96
C GLY B 494 5.06 50.55 -7.60
N PRO B 495 5.76 51.54 -7.05
CA PRO B 495 5.55 52.92 -7.49
C PRO B 495 6.04 53.14 -8.92
N ARG B 496 5.53 54.21 -9.51
CA ARG B 496 5.91 54.54 -10.88
C ARG B 496 7.40 54.84 -10.97
N LYS B 497 8.02 54.37 -12.05
CA LYS B 497 9.42 54.64 -12.29
C LYS B 497 9.63 56.13 -12.54
N ALA B 498 10.75 56.65 -12.02
CA ALA B 498 11.04 58.06 -12.18
C ALA B 498 11.26 58.41 -13.65
N THR B 499 10.75 59.56 -14.05
CA THR B 499 10.81 60.01 -15.44
C THR B 499 11.75 61.20 -15.56
N GLY B 500 12.68 61.13 -16.52
CA GLY B 500 13.53 62.24 -16.86
C GLY B 500 13.25 62.88 -18.20
N ARG B 501 12.15 62.54 -18.85
CA ARG B 501 11.84 63.09 -20.16
C ARG B 501 11.56 64.59 -20.07
N TRP B 502 11.63 65.24 -21.22
CA TRP B 502 11.16 66.61 -21.35
C TRP B 502 9.71 66.63 -21.82
N ASN B 503 9.41 65.94 -22.91
CA ASN B 503 8.05 65.90 -23.42
C ASN B 503 7.16 65.10 -22.48
N PRO B 504 5.85 65.37 -22.49
CA PRO B 504 4.94 64.66 -21.59
C PRO B 504 4.86 63.17 -21.93
N GLN B 505 4.61 62.37 -20.91
CA GLN B 505 4.35 60.96 -21.11
C GLN B 505 3.05 60.79 -21.88
N PRO B 506 2.90 59.68 -22.60
CA PRO B 506 1.62 59.42 -23.28
C PRO B 506 0.48 59.36 -22.27
N GLY B 507 -0.66 59.92 -22.65
CA GLY B 507 -1.80 59.94 -21.76
C GLY B 507 -2.33 58.54 -21.50
N VAL B 508 -2.81 58.34 -20.28
CA VAL B 508 -3.43 57.05 -19.91
C VAL B 508 -4.88 57.15 -20.31
N TYR B 509 -5.14 56.88 -21.58
CA TYR B 509 -6.48 57.03 -22.12
C TYR B 509 -7.35 55.85 -21.69
N PRO B 510 -8.60 56.12 -21.29
CA PRO B 510 -9.54 55.03 -21.10
C PRO B 510 -9.79 54.33 -22.43
N PRO B 511 -10.05 53.02 -22.40
CA PRO B 511 -10.13 52.27 -23.66
C PRO B 511 -11.35 52.67 -24.48
N HIS B 512 -11.23 52.51 -25.79
CA HIS B 512 -12.31 52.85 -26.70
C HIS B 512 -13.30 51.70 -26.79
N ALA B 513 -14.55 52.04 -27.12
CA ALA B 513 -15.60 51.06 -27.28
C ALA B 513 -16.05 51.03 -28.75
N ALA B 514 -16.68 49.92 -29.12
CA ALA B 514 -17.17 49.78 -30.49
C ALA B 514 -18.20 50.84 -30.83
N GLY B 515 -18.97 51.29 -29.85
CA GLY B 515 -19.91 52.37 -30.07
C GLY B 515 -19.99 53.29 -28.87
N HIS B 516 -19.77 54.59 -29.09
CA HIS B 516 -19.79 55.60 -28.03
C HIS B 516 -18.73 55.24 -27.00
N LEU B 517 -19.03 55.28 -25.70
CA LEU B 517 -18.03 55.12 -24.65
C LEU B 517 -18.32 53.87 -23.82
N PRO B 518 -17.29 53.24 -23.26
CA PRO B 518 -17.50 52.10 -22.38
C PRO B 518 -17.59 52.49 -20.92
N TYR B 519 -18.11 51.55 -20.12
CA TYR B 519 -18.17 51.67 -18.66
C TYR B 519 -19.01 52.86 -18.20
N VAL B 520 -19.85 53.40 -19.08
CA VAL B 520 -20.80 54.45 -18.72
C VAL B 520 -22.14 54.07 -19.31
N LEU B 521 -23.21 54.29 -18.55
CA LEU B 521 -24.56 53.95 -18.99
C LEU B 521 -25.11 55.15 -19.74
N TYR B 522 -25.13 55.04 -21.06
CA TYR B 522 -25.70 56.08 -21.92
C TYR B 522 -27.02 55.60 -22.50
N ASP B 523 -27.67 56.49 -23.25
CA ASP B 523 -28.92 56.16 -23.91
C ASP B 523 -28.63 55.85 -25.38
N PRO B 524 -28.82 54.62 -25.84
CA PRO B 524 -28.49 54.30 -27.24
C PRO B 524 -29.27 55.11 -28.25
N THR B 525 -30.51 55.50 -27.94
CA THR B 525 -31.30 56.30 -28.86
C THR B 525 -30.77 57.71 -29.03
N ALA B 526 -29.90 58.17 -28.14
CA ALA B 526 -29.34 59.51 -28.20
C ALA B 526 -28.04 59.59 -28.99
N THR B 527 -27.59 58.48 -29.56
CA THR B 527 -26.35 58.44 -30.33
C THR B 527 -26.57 57.69 -31.63
N ASP B 528 -25.64 57.85 -32.56
CA ASP B 528 -25.70 57.21 -33.86
C ASP B 528 -24.98 55.87 -33.88
N ALA B 529 -24.47 55.40 -32.74
CA ALA B 529 -23.75 54.14 -32.69
C ALA B 529 -24.67 52.97 -33.01
N LYS B 530 -24.08 51.92 -33.58
CA LYS B 530 -24.81 50.74 -33.99
C LYS B 530 -24.79 49.63 -32.93
N GLN B 531 -24.17 49.87 -31.77
CA GLN B 531 -24.10 48.86 -30.72
C GLN B 531 -25.29 49.00 -29.77
N HIS B 532 -26.48 48.96 -30.34
CA HIS B 532 -27.71 48.99 -29.57
C HIS B 532 -27.97 47.69 -28.82
N HIS B 533 -27.29 46.61 -29.20
CA HIS B 533 -27.56 45.31 -28.60
C HIS B 533 -27.14 45.22 -27.14
N ARG B 534 -26.23 46.08 -26.70
CA ARG B 534 -25.80 46.11 -25.30
C ARG B 534 -26.63 47.05 -24.45
N HIS B 535 -27.55 47.80 -25.06
CA HIS B 535 -28.57 48.56 -24.34
C HIS B 535 -27.95 49.60 -23.38
N GLY B 536 -26.99 50.36 -23.88
CA GLY B 536 -26.51 51.55 -23.20
C GLY B 536 -25.27 51.36 -22.35
N TYR B 537 -24.96 50.14 -21.95
CA TYR B 537 -23.74 49.86 -21.19
C TYR B 537 -22.84 48.97 -22.04
N GLU B 538 -21.58 49.39 -22.19
CA GLU B 538 -20.67 48.75 -23.13
C GLU B 538 -19.33 48.46 -22.47
N LYS B 539 -18.68 47.43 -22.96
CA LYS B 539 -17.31 47.07 -22.69
C LYS B 539 -16.41 47.52 -23.84
N PRO B 540 -15.17 47.89 -23.56
CA PRO B 540 -14.28 48.32 -24.65
C PRO B 540 -14.03 47.20 -25.64
N GLU B 541 -13.92 47.55 -26.92
CA GLU B 541 -13.61 46.56 -27.93
C GLU B 541 -12.15 46.11 -27.85
N GLU B 542 -11.32 46.84 -27.15
CA GLU B 542 -9.94 46.45 -26.86
C GLU B 542 -9.77 46.34 -25.37
N LEU B 543 -9.19 45.23 -24.91
CA LEU B 543 -9.03 45.00 -23.49
C LEU B 543 -8.12 46.05 -22.87
N TRP B 544 -8.53 46.60 -21.73
CA TRP B 544 -7.80 47.66 -21.05
C TRP B 544 -6.44 47.16 -20.59
N THR B 545 -5.37 47.57 -21.29
CA THR B 545 -4.08 46.91 -21.18
C THR B 545 -3.07 47.64 -20.31
N ALA B 546 -3.26 48.92 -20.04
CA ALA B 546 -2.30 49.75 -19.29
C ALA B 546 -0.99 49.80 -20.09
N LYS B 547 0.14 49.90 -19.38
CA LYS B 547 1.46 50.02 -20.02
C LYS B 547 1.52 51.20 -20.98
N SER B 548 0.90 52.31 -20.59
CA SER B 548 0.86 53.49 -21.46
C SER B 548 2.10 54.36 -21.29
N ARG B 549 2.55 54.54 -20.06
CA ARG B 549 3.76 55.33 -19.80
C ARG B 549 5.00 54.51 -20.09
N VAL B 550 5.93 55.11 -20.82
CA VAL B 550 7.09 54.40 -21.34
C VAL B 550 8.35 54.94 -20.69
N HIS B 551 9.35 54.08 -20.53
CA HIS B 551 10.63 54.39 -19.91
C HIS B 551 11.76 53.80 -20.74
N PRO B 552 12.96 54.39 -20.64
CA PRO B 552 14.07 53.89 -21.45
C PRO B 552 14.60 52.56 -20.93
N LEU B 553 15.40 51.91 -21.77
CA LEU B 553 15.95 50.60 -21.46
C LEU B 553 17.41 50.71 -21.01
N THR C 1 58.74 -42.42 7.90
CA THR C 1 57.42 -42.41 8.52
C THR C 1 56.61 -41.20 8.04
N SER C 2 55.29 -41.27 8.22
CA SER C 2 54.40 -40.21 7.77
C SER C 2 53.11 -40.29 8.56
N VAL C 3 52.33 -39.21 8.50
CA VAL C 3 51.02 -39.19 9.14
C VAL C 3 49.99 -40.03 8.41
N ASN C 4 50.32 -40.52 7.21
CA ASN C 4 49.44 -41.44 6.51
C ASN C 4 49.32 -42.78 7.21
N SER C 5 50.28 -43.12 8.08
CA SER C 5 50.21 -44.39 8.80
C SER C 5 49.05 -44.41 9.78
N ALA C 6 48.73 -43.27 10.38
CA ALA C 6 47.61 -43.21 11.31
C ALA C 6 46.30 -43.45 10.58
N GLU C 7 45.33 -44.01 11.32
CA GLU C 7 44.08 -44.45 10.69
C GLU C 7 43.27 -43.27 10.17
N ALA C 8 43.05 -42.26 11.00
CA ALA C 8 42.16 -41.15 10.65
C ALA C 8 42.76 -39.82 11.10
N SER C 9 44.05 -39.63 10.85
CA SER C 9 44.74 -38.41 11.22
C SER C 9 45.23 -37.69 9.97
N THR C 10 45.09 -36.37 9.97
CA THR C 10 45.56 -35.52 8.89
C THR C 10 46.59 -34.54 9.44
N GLY C 11 47.55 -34.16 8.60
CA GLY C 11 48.61 -33.26 9.03
C GLY C 11 48.09 -31.88 9.34
N ALA C 12 48.86 -31.17 10.17
CA ALA C 12 48.50 -29.83 10.61
C ALA C 12 49.63 -28.86 10.28
N GLY C 13 49.27 -27.66 9.86
CA GLY C 13 50.25 -26.65 9.48
C GLY C 13 50.56 -25.65 10.57
N GLY C 14 49.75 -25.63 11.62
CA GLY C 14 50.00 -24.77 12.76
C GLY C 14 50.00 -23.28 12.46
N GLY C 15 48.99 -22.79 11.76
CA GLY C 15 48.91 -21.39 11.42
C GLY C 15 48.59 -20.51 12.61
N GLY C 16 48.47 -19.21 12.33
CA GLY C 16 48.23 -18.22 13.37
C GLY C 16 46.77 -18.16 13.79
N SER C 17 46.53 -17.32 14.79
CA SER C 17 45.19 -17.13 15.37
C SER C 17 44.89 -15.64 15.46
N ASN C 18 43.69 -15.27 15.01
CA ASN C 18 43.28 -13.86 14.99
C ASN C 18 41.88 -13.74 15.58
N PRO C 19 41.77 -13.54 16.89
CA PRO C 19 40.45 -13.42 17.53
C PRO C 19 39.85 -12.03 17.42
N VAL C 20 39.38 -11.69 16.22
CA VAL C 20 38.80 -10.39 15.96
C VAL C 20 37.30 -10.51 15.74
N LYS C 21 36.58 -9.46 16.11
CA LYS C 21 35.14 -9.35 15.87
C LYS C 21 34.91 -8.37 14.73
N SER C 22 34.19 -8.80 13.70
CA SER C 22 33.85 -7.96 12.58
C SER C 22 32.38 -8.16 12.24
N MET C 23 31.81 -7.15 11.57
CA MET C 23 30.39 -7.15 11.23
C MET C 23 30.22 -7.14 9.72
N TRP C 24 29.23 -7.88 9.24
CA TRP C 24 28.81 -7.86 7.84
C TRP C 24 27.52 -7.07 7.79
N SER C 25 27.63 -5.75 7.59
CA SER C 25 26.48 -4.87 7.64
C SER C 25 25.69 -4.96 6.34
N GLU C 26 24.38 -5.11 6.45
CA GLU C 26 23.50 -5.22 5.30
C GLU C 26 22.09 -4.87 5.74
N GLY C 27 21.22 -4.64 4.75
CA GLY C 27 19.84 -4.34 5.01
C GLY C 27 19.55 -2.84 5.05
N ALA C 28 18.26 -2.51 4.99
CA ALA C 28 17.80 -1.14 5.02
C ALA C 28 16.95 -0.91 6.25
N THR C 29 17.27 0.14 7.01
CA THR C 29 16.51 0.54 8.17
C THR C 29 15.71 1.80 7.81
N PHE C 30 14.39 1.67 7.83
CA PHE C 30 13.52 2.78 7.45
C PHE C 30 13.14 3.61 8.65
N SER C 31 12.88 4.89 8.42
CA SER C 31 12.44 5.82 9.45
C SER C 31 11.26 6.61 8.89
N ALA C 32 10.81 7.60 9.66
CA ALA C 32 9.68 8.41 9.22
C ALA C 32 10.03 9.23 7.99
N ASN C 33 11.24 9.77 7.93
CA ASN C 33 11.64 10.64 6.83
C ASN C 33 13.00 10.28 6.24
N SER C 34 13.53 9.10 6.52
CA SER C 34 14.80 8.69 5.94
C SER C 34 14.92 7.18 5.99
N VAL C 35 15.81 6.65 5.16
CA VAL C 35 16.16 5.24 5.18
C VAL C 35 17.67 5.12 5.08
N THR C 36 18.25 4.28 5.92
CA THR C 36 19.68 3.99 5.90
C THR C 36 19.87 2.60 5.33
N CYS C 37 20.38 2.52 4.10
CA CYS C 37 20.58 1.26 3.42
C CYS C 37 22.06 0.90 3.41
N THR C 38 22.37 -0.35 3.72
CA THR C 38 23.75 -0.80 3.78
C THR C 38 23.87 -2.11 3.02
N PHE C 39 24.90 -2.21 2.18
CA PHE C 39 25.20 -3.47 1.51
C PHE C 39 26.69 -3.74 1.60
N SER C 40 27.03 -4.98 1.91
CA SER C 40 28.41 -5.44 1.97
C SER C 40 28.64 -6.44 0.86
N ARG C 41 29.76 -6.29 0.15
CA ARG C 41 30.13 -7.22 -0.90
C ARG C 41 31.59 -7.60 -0.74
N GLN C 42 31.89 -8.88 -0.88
CA GLN C 42 33.28 -9.30 -0.97
C GLN C 42 33.85 -8.87 -2.31
N PHE C 43 35.00 -8.20 -2.27
CA PHE C 43 35.65 -7.71 -3.48
C PHE C 43 37.04 -8.33 -3.59
N LEU C 44 37.47 -8.51 -4.84
CA LEU C 44 38.77 -9.08 -5.15
C LEU C 44 39.50 -8.19 -6.15
N ILE C 45 40.73 -7.84 -5.82
CA ILE C 45 41.63 -7.10 -6.72
C ILE C 45 42.68 -8.09 -7.20
N PRO C 46 42.74 -8.39 -8.50
CA PRO C 46 43.61 -9.45 -8.98
C PRO C 46 45.08 -9.05 -8.99
N TYR C 47 45.93 -10.07 -9.09
CA TYR C 47 47.37 -9.85 -9.14
C TYR C 47 47.74 -9.18 -10.46
N ASP C 48 48.54 -8.13 -10.38
CA ASP C 48 49.01 -7.40 -11.56
C ASP C 48 50.49 -7.69 -11.77
N PRO C 49 50.87 -8.51 -12.74
CA PRO C 49 52.29 -8.80 -12.95
C PRO C 49 53.12 -7.56 -13.24
N GLU C 50 52.57 -6.58 -13.95
CA GLU C 50 53.27 -5.33 -14.22
C GLU C 50 52.31 -4.17 -14.00
N HIS C 51 52.67 -3.27 -13.09
CA HIS C 51 51.89 -2.07 -12.82
C HIS C 51 52.32 -1.00 -13.82
N HIS C 52 51.76 -1.07 -15.02
CA HIS C 52 52.10 -0.18 -16.11
C HIS C 52 50.90 0.67 -16.50
N TYR C 53 51.18 1.91 -16.90
CA TYR C 53 50.19 2.79 -17.50
C TYR C 53 50.22 2.60 -19.01
N LYS C 54 49.04 2.38 -19.60
CA LYS C 54 48.94 2.20 -21.03
C LYS C 54 48.20 3.37 -21.65
N VAL C 55 48.46 3.62 -22.93
CA VAL C 55 47.72 4.61 -23.69
C VAL C 55 46.68 3.87 -24.53
N PHE C 56 45.46 4.38 -24.51
CA PHE C 56 44.33 3.78 -25.22
C PHE C 56 44.04 4.67 -26.42
N SER C 57 44.46 4.21 -27.61
CA SER C 57 44.33 5.00 -28.84
C SER C 57 43.96 4.07 -29.98
N PRO C 58 42.70 3.66 -30.07
CA PRO C 58 42.27 2.83 -31.20
C PRO C 58 42.28 3.62 -32.50
N ALA C 59 42.51 2.91 -33.60
CA ALA C 59 42.57 3.53 -34.91
C ALA C 59 41.17 3.80 -35.44
N ALA C 60 41.00 4.95 -36.09
CA ALA C 60 39.72 5.36 -36.63
C ALA C 60 39.81 5.48 -38.15
N SER C 61 38.71 5.17 -38.82
CA SER C 61 38.67 5.22 -40.27
C SER C 61 37.26 5.50 -40.79
N LYS C 72 29.05 1.38 -40.72
CA LYS C 72 30.18 1.69 -39.85
C LYS C 72 30.20 3.18 -39.49
N VAL C 73 30.03 3.48 -38.21
CA VAL C 73 30.02 4.86 -37.72
C VAL C 73 31.07 4.98 -36.63
N CYS C 74 31.90 6.03 -36.72
CA CYS C 74 32.91 6.34 -35.73
C CYS C 74 32.52 7.61 -34.99
N THR C 75 33.28 7.92 -33.94
CA THR C 75 33.03 9.13 -33.19
C THR C 75 33.47 10.35 -33.99
N ILE C 76 33.19 11.53 -33.43
CA ILE C 76 33.55 12.78 -34.09
C ILE C 76 35.06 12.86 -34.27
N SER C 77 35.80 12.54 -33.22
CA SER C 77 37.24 12.43 -33.26
C SER C 77 37.65 11.11 -32.64
N PRO C 78 38.79 10.54 -33.06
CA PRO C 78 39.27 9.31 -32.41
C PRO C 78 39.49 9.55 -30.93
N ILE C 79 39.15 8.57 -30.12
CA ILE C 79 39.22 8.69 -28.68
C ILE C 79 40.59 8.24 -28.19
N MET C 80 41.16 9.00 -27.26
CA MET C 80 42.44 8.67 -26.67
C MET C 80 42.35 8.85 -25.16
N GLY C 81 43.01 7.96 -24.43
CA GLY C 81 42.95 8.01 -22.99
C GLY C 81 44.10 7.25 -22.37
N TYR C 82 44.02 7.10 -21.06
CA TYR C 82 45.04 6.41 -20.28
C TYR C 82 44.39 5.33 -19.41
N SER C 83 45.05 4.19 -19.34
CA SER C 83 44.66 3.07 -18.49
C SER C 83 45.68 2.91 -17.39
N THR C 84 45.21 2.87 -16.15
CA THR C 84 46.04 2.87 -14.96
C THR C 84 46.01 1.51 -14.28
N PRO C 85 47.05 1.17 -13.51
CA PRO C 85 47.04 -0.10 -12.77
C PRO C 85 46.13 -0.12 -11.55
N TRP C 86 45.29 0.90 -11.37
CA TRP C 86 44.41 1.00 -10.22
C TRP C 86 43.02 0.51 -10.58
N ARG C 87 42.36 -0.15 -9.63
CA ARG C 87 40.95 -0.45 -9.72
C ARG C 87 40.18 0.56 -8.86
N TYR C 88 38.88 0.68 -9.13
CA TYR C 88 38.04 1.60 -8.39
C TYR C 88 36.71 0.94 -8.08
N LEU C 89 36.04 1.46 -7.06
CA LEU C 89 34.76 0.93 -6.61
C LEU C 89 33.62 1.60 -7.37
N ASP C 90 32.68 0.81 -7.85
CA ASP C 90 31.49 1.31 -8.54
C ASP C 90 30.26 0.69 -7.89
N PHE C 91 29.51 1.52 -7.16
CA PHE C 91 28.28 1.10 -6.51
C PHE C 91 27.14 2.05 -6.85
N ASN C 92 27.19 2.63 -8.04
CA ASN C 92 26.22 3.66 -8.45
C ASN C 92 24.98 2.97 -9.03
N ALA C 93 24.18 2.43 -8.12
CA ALA C 93 22.94 1.77 -8.51
C ALA C 93 22.00 1.76 -7.32
N LEU C 94 20.70 1.86 -7.62
CA LEU C 94 19.69 1.83 -6.57
C LEU C 94 19.45 0.42 -6.05
N ASN C 95 19.53 -0.59 -6.91
CA ASN C 95 19.25 -1.96 -6.49
C ASN C 95 20.33 -2.52 -5.58
N LEU C 96 21.49 -1.87 -5.49
CA LEU C 96 22.53 -2.38 -4.59
C LEU C 96 22.21 -2.09 -3.14
N PHE C 97 21.44 -1.02 -2.87
CA PHE C 97 21.12 -0.62 -1.51
C PHE C 97 19.79 -1.15 -1.02
N PHE C 98 18.86 -1.46 -1.91
CA PHE C 98 17.56 -2.00 -1.56
C PHE C 98 17.42 -3.43 -2.06
N SER C 99 17.00 -4.33 -1.17
CA SER C 99 16.50 -5.61 -1.62
C SER C 99 15.12 -5.39 -2.25
N PRO C 100 14.65 -6.33 -3.07
CA PRO C 100 13.32 -6.17 -3.67
C PRO C 100 12.23 -5.89 -2.64
N LEU C 101 12.28 -6.56 -1.49
CA LEU C 101 11.32 -6.26 -0.44
C LEU C 101 11.52 -4.85 0.12
N GLU C 102 12.78 -4.44 0.31
CA GLU C 102 13.04 -3.11 0.83
C GLU C 102 12.64 -2.03 -0.17
N PHE C 103 12.88 -2.26 -1.47
CA PHE C 103 12.42 -1.31 -2.47
C PHE C 103 10.90 -1.25 -2.53
N GLN C 104 10.23 -2.40 -2.38
CA GLN C 104 8.78 -2.41 -2.31
C GLN C 104 8.29 -1.58 -1.13
N HIS C 105 8.91 -1.75 0.03
CA HIS C 105 8.56 -0.96 1.20
C HIS C 105 8.77 0.52 0.95
N LEU C 106 9.90 0.86 0.32
CA LEU C 106 10.19 2.27 0.02
C LEU C 106 9.13 2.88 -0.88
N ILE C 107 8.81 2.20 -1.98
CA ILE C 107 7.85 2.77 -2.93
C ILE C 107 6.42 2.66 -2.44
N GLU C 108 6.16 1.85 -1.41
CA GLU C 108 4.81 1.76 -0.87
C GLU C 108 4.55 2.80 0.20
N ASN C 109 5.52 3.04 1.07
CA ASN C 109 5.29 3.85 2.27
C ASN C 109 5.78 5.29 2.15
N TYR C 110 6.34 5.69 1.01
CA TYR C 110 6.94 7.01 0.89
C TYR C 110 6.57 7.62 -0.45
N GLY C 111 6.64 8.96 -0.50
CA GLY C 111 6.25 9.68 -1.68
C GLY C 111 7.37 10.37 -2.42
N SER C 112 8.55 10.44 -1.81
CA SER C 112 9.70 11.05 -2.46
C SER C 112 10.98 10.52 -1.83
N ILE C 113 12.04 10.47 -2.62
CA ILE C 113 13.32 9.94 -2.17
C ILE C 113 14.44 10.80 -2.75
N ALA C 114 15.46 11.08 -1.93
CA ALA C 114 16.60 11.84 -2.42
C ALA C 114 17.84 11.46 -1.63
N PRO C 115 18.97 11.21 -2.28
CA PRO C 115 20.18 10.83 -1.55
C PRO C 115 20.62 11.92 -0.58
N ASP C 116 21.10 11.50 0.59
CA ASP C 116 21.50 12.39 1.67
C ASP C 116 22.96 12.26 2.03
N ALA C 117 23.42 11.03 2.31
CA ALA C 117 24.79 10.81 2.75
C ALA C 117 25.26 9.45 2.25
N LEU C 118 26.56 9.22 2.36
CA LEU C 118 27.18 8.01 1.86
C LEU C 118 28.38 7.65 2.72
N THR C 119 28.56 6.37 2.99
CA THR C 119 29.70 5.89 3.76
C THR C 119 30.18 4.57 3.16
N VAL C 120 31.45 4.52 2.77
CA VAL C 120 32.04 3.34 2.16
C VAL C 120 33.16 2.85 3.07
N THR C 121 33.08 1.59 3.47
CA THR C 121 34.07 0.99 4.35
C THR C 121 34.73 -0.19 3.66
N ILE C 122 36.06 -0.17 3.62
CA ILE C 122 36.86 -1.29 3.14
C ILE C 122 37.41 -1.98 4.39
N SER C 123 36.80 -3.11 4.74
CA SER C 123 37.18 -3.88 5.93
C SER C 123 37.54 -5.29 5.51
N GLU C 124 38.10 -6.04 6.46
CA GLU C 124 38.52 -7.42 6.24
C GLU C 124 39.48 -7.51 5.06
N ILE C 125 40.38 -6.53 4.96
CA ILE C 125 41.38 -6.54 3.91
C ILE C 125 42.34 -7.69 4.13
N ALA C 126 42.63 -8.43 3.06
CA ALA C 126 43.58 -9.54 3.12
C ALA C 126 44.37 -9.54 1.82
N VAL C 127 45.62 -9.12 1.90
CA VAL C 127 46.57 -9.27 0.81
C VAL C 127 47.16 -10.66 0.92
N LYS C 128 47.03 -11.46 -0.14
CA LYS C 128 47.33 -12.87 -0.09
C LYS C 128 48.40 -13.20 -1.13
N ASP C 129 49.45 -13.90 -0.68
CA ASP C 129 50.48 -14.39 -1.57
C ASP C 129 50.05 -15.73 -2.17
N VAL C 130 50.46 -15.95 -3.42
CA VAL C 130 50.16 -17.18 -4.14
C VAL C 130 51.48 -17.87 -4.46
N THR C 131 51.59 -19.14 -4.07
CA THR C 131 52.80 -19.91 -4.33
C THR C 131 52.42 -21.26 -4.91
N ASP C 132 53.42 -22.02 -5.33
CA ASP C 132 53.19 -23.33 -5.90
C ASP C 132 52.71 -24.30 -4.83
N LYS C 133 51.70 -25.10 -5.18
CA LYS C 133 51.16 -26.10 -4.29
C LYS C 133 51.78 -27.47 -4.61
N THR C 134 51.87 -28.31 -3.58
CA THR C 134 52.39 -29.65 -3.78
C THR C 134 51.46 -30.46 -4.68
N GLY C 135 52.06 -31.20 -5.62
CA GLY C 135 51.27 -31.97 -6.56
C GLY C 135 50.56 -31.15 -7.62
N GLY C 136 51.09 -29.97 -7.94
CA GLY C 136 50.48 -29.10 -8.93
C GLY C 136 49.49 -28.12 -8.32
N GLY C 137 49.09 -27.15 -9.13
CA GLY C 137 48.20 -26.12 -8.67
C GLY C 137 48.92 -25.07 -7.86
N VAL C 138 48.14 -24.15 -7.31
CA VAL C 138 48.67 -23.06 -6.49
C VAL C 138 47.97 -23.07 -5.15
N GLN C 139 48.62 -22.49 -4.15
CA GLN C 139 48.06 -22.33 -2.82
C GLN C 139 48.24 -20.88 -2.38
N VAL C 140 47.40 -20.47 -1.44
CA VAL C 140 47.25 -19.08 -1.07
C VAL C 140 47.53 -18.94 0.43
N THR C 141 48.36 -17.96 0.79
CA THR C 141 48.71 -17.68 2.17
C THR C 141 48.47 -16.21 2.47
N ASP C 142 48.31 -15.90 3.74
CA ASP C 142 48.07 -14.53 4.16
C ASP C 142 49.38 -13.77 4.31
N SER C 143 49.41 -12.54 3.82
CA SER C 143 50.61 -11.72 3.82
C SER C 143 50.52 -10.66 4.90
N THR C 144 51.45 -10.69 5.85
CA THR C 144 51.57 -9.63 6.85
C THR C 144 52.34 -8.43 6.31
N THR C 145 53.04 -8.57 5.19
CA THR C 145 53.78 -7.47 4.60
C THR C 145 53.09 -6.87 3.38
N GLY C 146 52.21 -7.62 2.72
CA GLY C 146 51.50 -7.07 1.58
C GLY C 146 50.60 -5.93 2.00
N ARG C 147 50.48 -4.93 1.12
CA ARG C 147 49.70 -3.73 1.40
C ARG C 147 48.69 -3.48 0.29
N LEU C 148 47.60 -2.82 0.67
CA LEU C 148 46.57 -2.40 -0.26
C LEU C 148 46.62 -0.88 -0.34
N CYS C 149 46.87 -0.35 -1.53
CA CYS C 149 46.86 1.09 -1.76
C CYS C 149 45.43 1.54 -2.01
N MET C 150 44.92 2.37 -1.10
CA MET C 150 43.59 2.96 -1.20
C MET C 150 43.71 4.48 -1.23
N LEU C 151 43.08 5.09 -2.23
CA LEU C 151 43.12 6.54 -2.39
C LEU C 151 41.69 7.03 -2.67
N VAL C 152 41.18 7.90 -1.80
CA VAL C 152 39.87 8.50 -1.99
C VAL C 152 40.06 9.85 -2.65
N ASP C 153 39.48 10.02 -3.84
CA ASP C 153 39.64 11.24 -4.63
C ASP C 153 38.64 12.28 -4.13
N HIS C 154 38.85 12.73 -2.89
CA HIS C 154 37.97 13.73 -2.30
C HIS C 154 38.00 15.03 -3.09
N GLU C 155 39.18 15.40 -3.60
CA GLU C 155 39.34 16.66 -4.31
C GLU C 155 38.96 16.57 -5.78
N TYR C 156 38.54 15.39 -6.26
CA TYR C 156 38.22 15.19 -7.67
C TYR C 156 39.41 15.55 -8.56
N LYS C 157 40.61 15.21 -8.07
CA LYS C 157 41.82 15.49 -8.83
C LYS C 157 41.87 14.70 -10.13
N TYR C 158 41.51 13.43 -10.07
CA TYR C 158 41.57 12.52 -11.20
C TYR C 158 40.24 12.48 -11.94
N PRO C 159 40.27 12.14 -13.24
CA PRO C 159 39.04 12.14 -14.03
C PRO C 159 37.97 11.23 -13.43
N TYR C 160 36.72 11.67 -13.52
CA TYR C 160 35.59 10.96 -12.95
C TYR C 160 34.93 10.12 -14.03
N VAL C 161 34.89 8.81 -13.84
CA VAL C 161 34.30 7.89 -14.80
C VAL C 161 33.07 7.19 -14.26
N LEU C 162 32.70 7.43 -13.01
CA LEU C 162 31.49 6.86 -12.45
C LEU C 162 30.26 7.59 -12.97
N GLY C 163 29.15 6.86 -13.07
CA GLY C 163 27.89 7.45 -13.49
C GLY C 163 27.63 7.45 -14.97
N GLN C 164 28.37 6.66 -15.75
CA GLN C 164 28.17 6.59 -17.19
C GLN C 164 27.43 5.33 -17.61
N GLY C 165 26.92 4.56 -16.65
CA GLY C 165 26.16 3.36 -16.94
C GLY C 165 26.97 2.30 -17.66
N GLN C 166 27.98 1.77 -16.99
CA GLN C 166 28.86 0.76 -17.57
C GLN C 166 28.81 -0.52 -16.74
N ASP C 167 29.21 -1.62 -17.37
CA ASP C 167 29.20 -2.92 -16.71
C ASP C 167 30.35 -3.02 -15.71
N THR C 168 30.32 -2.17 -14.70
CA THR C 168 31.34 -2.15 -13.66
C THR C 168 30.75 -2.20 -12.27
N LEU C 169 29.45 -2.45 -12.15
CA LEU C 169 28.73 -2.30 -10.90
C LEU C 169 29.06 -3.42 -9.92
N ALA C 170 28.83 -3.15 -8.64
CA ALA C 170 28.89 -4.20 -7.64
C ALA C 170 27.76 -5.21 -7.92
N PRO C 171 27.98 -6.48 -7.58
CA PRO C 171 26.97 -7.50 -7.92
C PRO C 171 25.63 -7.22 -7.25
N GLU C 172 24.55 -7.55 -7.98
CA GLU C 172 23.21 -7.31 -7.46
C GLU C 172 22.91 -8.20 -6.26
N LEU C 173 23.42 -9.43 -6.25
CA LEU C 173 23.11 -10.28 -5.11
C LEU C 173 24.23 -10.21 -4.07
N PRO C 174 23.88 -10.22 -2.78
CA PRO C 174 24.92 -10.14 -1.74
C PRO C 174 25.82 -11.37 -1.67
N ILE C 175 25.45 -12.47 -2.33
CA ILE C 175 26.24 -13.69 -2.28
C ILE C 175 27.37 -13.71 -3.31
N TRP C 176 27.37 -12.79 -4.26
CA TRP C 176 28.40 -12.75 -5.29
C TRP C 176 29.57 -11.88 -4.85
N VAL C 177 30.69 -12.03 -5.56
CA VAL C 177 31.93 -11.35 -5.23
C VAL C 177 32.20 -10.27 -6.26
N TYR C 178 32.50 -9.07 -5.78
CA TYR C 178 32.79 -7.95 -6.66
C TYR C 178 34.20 -8.05 -7.20
N PHE C 179 34.36 -7.69 -8.48
CA PHE C 179 35.66 -7.53 -9.12
C PHE C 179 35.75 -6.10 -9.61
N PRO C 180 36.31 -5.19 -8.82
CA PRO C 180 36.30 -3.77 -9.18
C PRO C 180 36.96 -3.53 -10.52
N PRO C 181 36.39 -2.64 -11.33
CA PRO C 181 36.94 -2.40 -12.67
C PRO C 181 38.27 -1.69 -12.63
N GLN C 182 39.07 -1.92 -13.67
CA GLN C 182 40.33 -1.22 -13.80
C GLN C 182 40.08 0.24 -14.19
N TYR C 183 40.82 1.14 -13.56
CA TYR C 183 40.60 2.57 -13.78
C TYR C 183 41.23 3.00 -15.09
N ALA C 184 40.46 3.68 -15.92
CA ALA C 184 40.94 4.29 -17.14
C ALA C 184 40.05 5.47 -17.47
N TYR C 185 40.57 6.38 -18.29
CA TYR C 185 39.83 7.59 -18.62
C TYR C 185 40.22 8.05 -20.01
N LEU C 186 39.42 8.96 -20.55
CA LEU C 186 39.66 9.54 -21.86
C LEU C 186 39.95 11.03 -21.70
N THR C 187 40.90 11.52 -22.50
CA THR C 187 41.32 12.91 -22.45
C THR C 187 41.53 13.43 -23.86
N VAL C 188 41.80 14.73 -23.96
CA VAL C 188 41.87 15.42 -25.23
C VAL C 188 43.22 15.21 -25.91
N GLY C 189 43.30 15.57 -27.18
CA GLY C 189 44.52 15.43 -27.94
C GLY C 189 44.32 15.98 -29.34
N ASP C 190 45.35 15.83 -30.17
CA ASP C 190 45.29 16.30 -31.55
C ASP C 190 45.11 15.12 -32.49
N VAL C 191 44.16 15.25 -33.41
CA VAL C 191 43.87 14.21 -34.38
C VAL C 191 44.88 14.30 -35.51
N ASN C 192 45.72 13.28 -35.64
CA ASN C 192 46.77 13.23 -36.65
C ASN C 192 46.45 12.14 -37.66
N THR C 193 46.57 12.47 -38.94
CA THR C 193 46.33 11.52 -40.01
C THR C 193 47.52 10.59 -40.17
N GLN C 194 47.25 9.31 -40.43
CA GLN C 194 48.29 8.30 -40.58
C GLN C 194 48.78 8.23 -42.03
N GLY C 195 49.21 9.38 -42.54
CA GLY C 195 49.84 9.42 -43.84
C GLY C 195 48.86 9.15 -44.98
N ILE C 196 49.35 8.42 -45.98
CA ILE C 196 48.57 8.16 -47.19
C ILE C 196 47.33 7.33 -46.88
N SER C 197 47.38 6.53 -45.81
CA SER C 197 46.26 5.66 -45.48
C SER C 197 44.98 6.47 -45.23
N GLY C 198 45.11 7.64 -44.62
CA GLY C 198 43.97 8.47 -44.32
C GLY C 198 43.34 8.23 -42.97
N ASP C 199 43.72 7.15 -42.28
CA ASP C 199 43.22 6.91 -40.93
C ASP C 199 43.75 7.97 -39.97
N SER C 200 43.00 8.21 -38.91
CA SER C 200 43.33 9.25 -37.94
C SER C 200 43.43 8.65 -36.55
N LYS C 201 44.35 9.21 -35.76
CA LYS C 201 44.50 8.81 -34.37
C LYS C 201 44.69 10.06 -33.51
N LYS C 202 44.07 10.06 -32.33
CA LYS C 202 44.23 11.18 -31.42
C LYS C 202 45.51 10.99 -30.62
N LEU C 203 46.53 11.77 -30.95
CA LEU C 203 47.81 11.73 -30.25
C LEU C 203 47.79 12.68 -29.07
N ALA C 204 48.57 12.33 -28.04
CA ALA C 204 48.64 13.14 -26.84
C ALA C 204 49.24 14.51 -27.13
N SER C 205 48.84 15.49 -26.32
CA SER C 205 49.23 16.87 -26.52
C SER C 205 49.69 17.48 -25.20
N GLU C 206 49.90 18.81 -25.23
CA GLU C 206 50.07 19.55 -23.99
C GLU C 206 48.79 19.56 -23.19
N GLU C 207 47.64 19.56 -23.85
CA GLU C 207 46.35 19.56 -23.18
C GLU C 207 45.95 18.18 -22.67
N SER C 208 46.60 17.12 -23.15
CA SER C 208 46.29 15.78 -22.68
C SER C 208 46.66 15.64 -21.21
N ALA C 209 45.75 15.07 -20.42
CA ALA C 209 45.93 14.93 -18.99
C ALA C 209 46.44 13.53 -18.69
N PHE C 210 47.72 13.44 -18.35
CA PHE C 210 48.36 12.17 -17.96
C PHE C 210 48.43 12.13 -16.44
N TYR C 211 47.58 11.33 -15.83
CA TYR C 211 47.48 11.24 -14.38
C TYR C 211 48.17 9.97 -13.90
N VAL C 212 49.15 10.14 -13.01
CA VAL C 212 49.82 9.03 -12.36
C VAL C 212 49.37 9.05 -10.91
N LEU C 213 48.62 8.01 -10.51
CA LEU C 213 48.06 7.97 -9.16
C LEU C 213 49.10 7.65 -8.11
N GLU C 214 50.27 7.17 -8.53
CA GLU C 214 51.38 6.93 -7.60
C GLU C 214 52.10 8.19 -7.20
N HIS C 215 51.74 9.34 -7.77
CA HIS C 215 52.31 10.62 -7.41
C HIS C 215 51.41 11.39 -6.44
N SER C 216 50.72 10.67 -5.56
CA SER C 216 49.89 11.29 -4.55
C SER C 216 49.91 10.41 -3.31
N SER C 217 49.58 11.01 -2.17
CA SER C 217 49.56 10.28 -0.91
C SER C 217 48.32 9.42 -0.83
N PHE C 218 48.50 8.12 -0.61
CA PHE C 218 47.40 7.19 -0.43
C PHE C 218 47.74 6.24 0.70
N GLN C 219 46.69 5.64 1.27
CA GLN C 219 46.86 4.77 2.43
C GLN C 219 47.34 3.39 2.01
N LEU C 220 48.32 2.87 2.72
CA LEU C 220 48.74 1.47 2.59
C LEU C 220 48.13 0.71 3.76
N LEU C 221 47.24 -0.22 3.45
CA LEU C 221 46.49 -0.96 4.46
C LEU C 221 46.94 -2.40 4.48
N GLY C 222 47.35 -2.87 5.66
CA GLY C 222 47.79 -4.23 5.81
C GLY C 222 46.63 -5.21 5.87
N THR C 223 46.98 -6.48 5.99
CA THR C 223 45.97 -7.52 6.11
C THR C 223 45.15 -7.31 7.37
N GLY C 224 43.83 -7.35 7.23
CA GLY C 224 42.92 -7.07 8.33
C GLY C 224 42.65 -5.61 8.57
N GLY C 225 43.25 -4.71 7.80
CA GLY C 225 43.05 -3.29 7.99
C GLY C 225 41.67 -2.84 7.53
N THR C 226 41.32 -1.63 7.95
CA THR C 226 40.05 -1.01 7.62
C THR C 226 40.30 0.43 7.16
N ALA C 227 39.47 0.91 6.25
CA ALA C 227 39.56 2.29 5.81
C ALA C 227 38.17 2.77 5.41
N THR C 228 37.77 3.92 5.95
CA THR C 228 36.42 4.43 5.76
C THR C 228 36.45 5.74 4.99
N MET C 229 35.36 6.01 4.29
CA MET C 229 35.18 7.23 3.51
C MET C 229 33.75 7.72 3.71
N SER C 230 33.59 9.02 3.91
CA SER C 230 32.29 9.62 4.09
C SER C 230 32.06 10.67 3.01
N TYR C 231 30.79 10.87 2.67
CA TYR C 231 30.40 11.83 1.66
C TYR C 231 29.01 12.34 1.99
N LYS C 232 28.77 13.63 1.74
CA LYS C 232 27.49 14.25 2.00
C LYS C 232 26.93 14.76 0.68
N PHE C 233 25.77 14.25 0.29
CA PHE C 233 25.14 14.68 -0.95
C PHE C 233 24.68 16.13 -0.82
N PRO C 234 24.72 16.89 -1.92
CA PRO C 234 24.16 18.24 -1.90
C PRO C 234 22.64 18.18 -1.83
N PRO C 235 21.98 19.30 -1.52
CA PRO C 235 20.52 19.28 -1.45
C PRO C 235 19.87 19.14 -2.83
N VAL C 236 19.84 17.90 -3.33
CA VAL C 236 19.28 17.60 -4.65
C VAL C 236 17.77 17.64 -4.57
N PRO C 237 17.06 17.83 -5.69
CA PRO C 237 15.61 17.75 -5.67
C PRO C 237 15.15 16.30 -5.48
N PRO C 238 14.18 16.07 -4.59
CA PRO C 238 13.70 14.71 -4.39
C PRO C 238 12.96 14.19 -5.62
N GLU C 239 12.98 12.87 -5.77
CA GLU C 239 12.28 12.22 -6.87
C GLU C 239 10.92 11.76 -6.38
N ASN C 240 9.86 12.24 -7.03
CA ASN C 240 8.51 11.90 -6.61
C ASN C 240 8.22 10.44 -6.86
N LEU C 241 7.67 9.76 -5.85
CA LEU C 241 7.28 8.37 -5.95
C LEU C 241 5.78 8.20 -6.17
N GLU C 242 5.05 9.27 -6.42
CA GLU C 242 3.61 9.24 -6.58
C GLU C 242 3.22 9.83 -7.92
N GLY C 243 2.21 9.25 -8.55
CA GLY C 243 1.78 9.64 -9.87
C GLY C 243 0.76 10.75 -9.87
N CYS C 244 0.05 10.86 -10.99
CA CYS C 244 -0.94 11.91 -11.21
C CYS C 244 -2.24 11.27 -11.67
N SER C 245 -3.34 11.68 -11.05
CA SER C 245 -4.67 11.19 -11.43
C SER C 245 -5.38 12.10 -12.42
N GLN C 246 -4.70 13.14 -12.90
CA GLN C 246 -5.26 14.09 -13.86
C GLN C 246 -4.26 14.35 -14.97
N HIS C 247 -4.78 14.77 -16.11
CA HIS C 247 -3.97 15.35 -17.17
C HIS C 247 -3.90 16.86 -16.96
N PHE C 248 -2.70 17.42 -17.05
CA PHE C 248 -2.53 18.83 -16.79
C PHE C 248 -3.28 19.70 -17.79
N TYR C 249 -3.63 19.15 -18.95
CA TYR C 249 -4.42 19.85 -19.94
C TYR C 249 -5.92 19.57 -19.81
N GLU C 250 -6.32 18.80 -18.81
CA GLU C 250 -7.72 18.50 -18.54
C GLU C 250 -8.09 18.91 -17.13
N MET C 251 -7.55 20.04 -16.67
CA MET C 251 -7.81 20.54 -15.33
C MET C 251 -9.02 21.47 -15.27
N TYR C 252 -9.75 21.63 -16.37
CA TYR C 252 -10.88 22.54 -16.41
C TYR C 252 -12.15 21.83 -15.94
N ASN C 253 -13.22 22.60 -15.85
CA ASN C 253 -14.53 22.05 -15.53
C ASN C 253 -15.20 21.55 -16.80
N PRO C 254 -15.48 20.25 -16.91
CA PRO C 254 -16.09 19.74 -18.16
C PRO C 254 -17.50 20.22 -18.40
N LEU C 255 -18.20 20.72 -17.37
CA LEU C 255 -19.59 21.11 -17.53
C LEU C 255 -19.74 22.44 -18.24
N TYR C 256 -18.81 23.36 -18.03
CA TYR C 256 -18.96 24.74 -18.48
C TYR C 256 -17.95 25.06 -19.58
N GLY C 257 -18.43 25.71 -20.63
CA GLY C 257 -17.53 26.16 -21.68
C GLY C 257 -16.74 27.39 -21.26
N SER C 258 -15.67 27.64 -21.99
CA SER C 258 -14.79 28.76 -21.67
C SER C 258 -15.43 30.08 -22.07
N ARG C 259 -15.05 31.14 -21.35
CA ARG C 259 -15.48 32.49 -21.67
C ARG C 259 -14.65 33.12 -22.76
N LEU C 260 -13.60 32.44 -23.22
CA LEU C 260 -12.70 32.95 -24.24
C LEU C 260 -13.03 32.34 -25.58
N GLY C 261 -13.13 33.19 -26.61
CA GLY C 261 -13.41 32.72 -27.94
C GLY C 261 -12.17 32.31 -28.70
N VAL C 262 -12.38 31.56 -29.78
CA VAL C 262 -11.30 31.12 -30.65
C VAL C 262 -11.64 31.51 -32.08
N PRO C 263 -10.65 31.62 -32.96
CA PRO C 263 -10.94 32.01 -34.35
C PRO C 263 -11.89 31.04 -35.02
N ASP C 264 -12.78 31.58 -35.85
CA ASP C 264 -13.70 30.80 -36.66
C ASP C 264 -13.42 30.97 -38.14
N THR C 265 -13.36 32.21 -38.62
CA THR C 265 -12.98 32.51 -39.99
C THR C 265 -11.62 33.20 -39.99
N LEU C 266 -10.69 32.67 -40.78
CA LEU C 266 -9.33 33.20 -40.82
C LEU C 266 -9.28 34.39 -41.76
N GLY C 267 -8.08 34.87 -42.06
CA GLY C 267 -7.89 35.99 -42.95
C GLY C 267 -7.37 37.21 -42.21
N GLY C 268 -7.38 38.34 -42.92
CA GLY C 268 -6.91 39.58 -42.36
C GLY C 268 -7.82 40.16 -41.30
N ASP C 269 -9.10 39.81 -41.31
CA ASP C 269 -10.08 40.28 -40.34
C ASP C 269 -10.77 39.05 -39.74
N PRO C 270 -10.13 38.41 -38.77
CA PRO C 270 -10.67 37.15 -38.25
C PRO C 270 -11.84 37.35 -37.30
N LYS C 271 -12.90 36.59 -37.53
CA LYS C 271 -14.02 36.54 -36.61
C LYS C 271 -13.76 35.47 -35.56
N PHE C 272 -14.27 35.68 -34.35
CA PHE C 272 -14.07 34.77 -33.25
C PHE C 272 -15.42 34.27 -32.74
N ARG C 273 -15.41 33.05 -32.20
CA ARG C 273 -16.62 32.42 -31.69
C ARG C 273 -16.39 31.92 -30.27
N SER C 274 -17.43 31.98 -29.46
CA SER C 274 -17.36 31.50 -28.09
C SER C 274 -17.43 29.98 -28.04
N LEU C 275 -16.82 29.40 -27.01
CA LEU C 275 -16.72 27.97 -26.88
C LEU C 275 -17.96 27.39 -26.19
N THR C 276 -18.18 26.10 -26.41
CA THR C 276 -19.27 25.35 -25.80
C THR C 276 -18.69 24.20 -24.99
N HIS C 277 -19.57 23.41 -24.39
CA HIS C 277 -19.17 22.21 -23.68
C HIS C 277 -18.98 21.01 -24.59
N GLU C 278 -19.32 21.15 -25.87
CA GLU C 278 -19.15 20.06 -26.83
C GLU C 278 -17.76 20.01 -27.43
N ASP C 279 -17.09 21.16 -27.55
CA ASP C 279 -15.75 21.25 -28.12
C ASP C 279 -14.74 21.33 -26.97
N HIS C 280 -14.05 20.22 -26.72
CA HIS C 280 -13.06 20.13 -25.67
C HIS C 280 -11.63 20.06 -26.18
N ALA C 281 -11.45 19.82 -27.47
CA ALA C 281 -10.11 19.80 -28.06
C ALA C 281 -9.57 21.19 -28.33
N ILE C 282 -10.37 22.22 -28.17
CA ILE C 282 -9.96 23.59 -28.44
C ILE C 282 -9.90 24.41 -27.15
N GLN C 283 -9.90 23.74 -26.00
CA GLN C 283 -9.86 24.45 -24.72
C GLN C 283 -8.54 25.20 -24.57
N PRO C 284 -8.57 26.49 -24.25
CA PRO C 284 -7.33 27.22 -24.02
C PRO C 284 -6.60 26.69 -22.78
N GLN C 285 -5.27 26.77 -22.82
CA GLN C 285 -4.43 26.22 -21.77
C GLN C 285 -3.64 27.33 -21.08
N ASN C 286 -3.41 27.14 -19.78
CA ASN C 286 -2.62 28.08 -19.00
C ASN C 286 -1.13 27.77 -19.04
N PHE C 287 -0.77 26.49 -19.17
CA PHE C 287 0.62 26.07 -19.16
C PHE C 287 0.85 25.08 -20.29
N MET C 288 2.10 24.95 -20.69
CA MET C 288 2.44 24.29 -21.94
C MET C 288 3.15 22.97 -21.68
N PRO C 289 3.11 22.04 -22.64
CA PRO C 289 3.84 20.79 -22.48
C PRO C 289 5.35 21.01 -22.59
N GLY C 290 6.09 20.12 -21.95
CA GLY C 290 7.54 20.18 -21.94
C GLY C 290 8.14 19.81 -23.28
N PRO C 291 9.41 20.16 -23.48
CA PRO C 291 10.02 19.96 -24.79
C PRO C 291 10.18 18.49 -25.14
N LEU C 292 10.10 18.19 -26.43
CA LEU C 292 10.32 16.86 -26.97
C LEU C 292 11.29 16.97 -28.13
N VAL C 293 12.46 16.38 -27.98
CA VAL C 293 13.49 16.40 -29.01
C VAL C 293 13.66 14.98 -29.55
N ASN C 294 13.18 14.75 -30.78
CA ASN C 294 13.22 13.45 -31.43
C ASN C 294 12.69 12.35 -30.49
N SER C 295 11.48 12.56 -30.01
CA SER C 295 10.82 11.59 -29.13
C SER C 295 9.88 10.70 -29.93
N VAL C 296 10.49 9.91 -30.81
CA VAL C 296 9.76 9.00 -31.68
C VAL C 296 10.09 7.56 -31.30
N SER C 297 9.26 6.64 -31.77
CA SER C 297 9.46 5.23 -31.54
C SER C 297 10.30 4.61 -32.66
N THR C 298 10.50 3.30 -32.60
CA THR C 298 11.25 2.60 -33.63
C THR C 298 10.48 2.47 -34.93
N LYS C 299 9.18 2.80 -34.95
CA LYS C 299 8.42 2.77 -36.18
C LYS C 299 8.91 3.83 -37.17
N GLU C 300 9.33 4.99 -36.66
CA GLU C 300 9.84 6.08 -37.48
C GLU C 300 11.36 6.18 -37.40
N GLY C 301 12.03 5.04 -37.30
CA GLY C 301 13.49 5.02 -37.22
C GLY C 301 14.16 5.05 -38.57
N ALA C 311 25.04 0.69 -37.96
CA ALA C 311 24.70 2.09 -38.10
C ALA C 311 24.20 2.66 -36.77
N LEU C 312 24.40 3.96 -36.58
CA LEU C 312 23.98 4.63 -35.35
C LEU C 312 22.60 5.25 -35.55
N THR C 313 21.64 4.82 -34.76
CA THR C 313 20.29 5.34 -34.82
C THR C 313 20.02 6.26 -33.62
N GLY C 314 18.84 6.84 -33.59
CA GLY C 314 18.44 7.67 -32.48
C GLY C 314 19.03 9.07 -32.56
N LEU C 315 18.80 9.83 -31.49
CA LEU C 315 19.31 11.19 -31.38
C LEU C 315 20.83 11.16 -31.30
N SER C 316 21.49 11.79 -32.26
CA SER C 316 22.94 11.79 -32.33
C SER C 316 23.41 13.13 -32.89
N THR C 317 24.61 13.51 -32.49
CA THR C 317 25.19 14.79 -32.92
C THR C 317 26.63 14.57 -33.38
N GLY C 318 27.04 15.33 -34.39
CA GLY C 318 28.37 15.17 -34.92
C GLY C 318 28.59 16.06 -36.12
N THR C 319 29.77 15.92 -36.73
CA THR C 319 30.14 16.74 -37.88
C THR C 319 29.77 16.12 -39.22
N SER C 320 29.29 14.88 -39.23
CA SER C 320 28.96 14.21 -40.48
C SER C 320 28.10 12.98 -40.16
N GLN C 321 27.54 12.40 -41.21
CA GLN C 321 26.74 11.18 -41.05
C GLN C 321 27.57 10.01 -40.53
N ASN C 322 28.88 10.04 -40.72
CA ASN C 322 29.75 8.94 -40.32
C ASN C 322 30.58 9.23 -39.08
N THR C 323 30.59 10.46 -38.59
CA THR C 323 31.33 10.83 -37.39
C THR C 323 30.33 11.46 -36.42
N ARG C 324 29.74 10.64 -35.56
CA ARG C 324 28.70 11.09 -34.65
C ARG C 324 28.94 10.48 -33.27
N ILE C 325 28.23 11.04 -32.29
CA ILE C 325 28.07 10.43 -30.98
C ILE C 325 26.58 10.37 -30.68
N SER C 326 26.16 9.27 -30.06
CA SER C 326 24.76 9.10 -29.71
C SER C 326 24.41 9.96 -28.51
N LEU C 327 23.22 10.55 -28.55
CA LEU C 327 22.69 11.34 -27.43
C LEU C 327 21.63 10.57 -26.65
N ARG C 328 21.60 9.26 -26.78
CA ARG C 328 20.68 8.44 -26.01
C ARG C 328 21.00 8.57 -24.52
N PRO C 329 19.99 8.49 -23.65
CA PRO C 329 18.58 8.26 -23.93
C PRO C 329 17.83 9.56 -24.20
N GLY C 330 18.55 10.67 -24.37
CA GLY C 330 17.94 11.96 -24.54
C GLY C 330 17.64 12.61 -23.19
N PRO C 331 17.03 13.79 -23.22
CA PRO C 331 16.75 14.49 -21.97
C PRO C 331 15.75 13.73 -21.11
N VAL C 332 15.84 13.94 -19.80
CA VAL C 332 14.91 13.33 -18.86
C VAL C 332 13.49 13.84 -19.04
N SER C 333 13.30 14.91 -19.80
CA SER C 333 11.97 15.46 -20.03
C SER C 333 11.11 14.59 -20.94
N GLN C 334 11.69 13.60 -21.60
CA GLN C 334 10.95 12.78 -22.54
C GLN C 334 11.17 11.30 -22.26
N PRO C 335 10.18 10.47 -22.50
CA PRO C 335 10.32 9.03 -22.30
C PRO C 335 10.92 8.34 -23.53
N TYR C 336 11.35 7.11 -23.31
CA TYR C 336 11.76 6.24 -24.41
C TYR C 336 11.02 4.91 -24.42
N HIS C 337 10.11 4.69 -23.48
CA HIS C 337 9.31 3.48 -23.44
C HIS C 337 8.12 3.64 -22.49
N HIS C 338 6.93 3.30 -22.95
CA HIS C 338 5.74 3.37 -22.11
C HIS C 338 4.66 2.49 -22.71
N TRP C 339 3.70 2.12 -21.87
CA TRP C 339 2.55 1.34 -22.31
C TRP C 339 1.51 2.28 -22.89
N ASP C 340 1.25 2.15 -24.19
CA ASP C 340 0.23 2.94 -24.85
C ASP C 340 -1.13 2.31 -24.60
N THR C 341 -2.14 2.73 -25.37
CA THR C 341 -3.49 2.23 -25.15
C THR C 341 -3.57 0.72 -25.34
N ASP C 342 -2.82 0.17 -26.31
CA ASP C 342 -2.90 -1.26 -26.58
C ASP C 342 -1.54 -1.91 -26.86
N LYS C 343 -0.44 -1.20 -26.66
CA LYS C 343 0.87 -1.77 -26.97
C LYS C 343 1.93 -1.07 -26.13
N TYR C 344 3.12 -1.67 -26.10
CA TYR C 344 4.29 -1.08 -25.45
C TYR C 344 5.10 -0.35 -26.51
N VAL C 345 5.06 0.98 -26.49
CA VAL C 345 5.76 1.80 -27.47
C VAL C 345 7.14 2.14 -26.89
N THR C 346 8.18 1.79 -27.64
CA THR C 346 9.56 2.00 -27.23
C THR C 346 10.21 2.99 -28.17
N GLY C 347 10.91 3.99 -27.61
CA GLY C 347 11.49 5.04 -28.42
C GLY C 347 12.77 4.59 -29.11
N ILE C 348 13.15 5.38 -30.13
CA ILE C 348 14.38 5.11 -30.85
C ILE C 348 15.60 5.46 -30.01
N ASN C 349 15.43 6.31 -28.99
CA ASN C 349 16.50 6.69 -28.08
C ASN C 349 16.48 5.87 -26.80
N ALA C 350 15.93 4.66 -26.84
CA ALA C 350 15.74 3.88 -25.64
C ALA C 350 17.02 3.18 -25.20
N ILE C 351 17.26 3.20 -23.90
CA ILE C 351 18.34 2.43 -23.27
C ILE C 351 17.71 1.30 -22.47
N SER C 352 18.29 0.11 -22.58
CA SER C 352 17.74 -1.08 -21.95
C SER C 352 18.65 -1.49 -20.80
N HIS C 353 18.07 -1.59 -19.60
CA HIS C 353 18.81 -2.08 -18.43
C HIS C 353 18.75 -3.61 -18.46
N GLY C 354 19.63 -4.18 -19.27
CA GLY C 354 19.63 -5.61 -19.51
C GLY C 354 18.64 -6.01 -20.59
N GLN C 355 18.62 -7.30 -20.87
CA GLN C 355 17.75 -7.85 -21.91
C GLN C 355 17.13 -9.15 -21.42
N THR C 356 16.03 -9.51 -22.06
CA THR C 356 15.33 -10.77 -21.78
C THR C 356 15.43 -11.66 -23.00
N THR C 357 15.86 -12.90 -22.78
CA THR C 357 16.03 -13.86 -23.87
C THR C 357 14.70 -14.19 -24.54
N GLN C 368 21.61 -10.55 -27.35
CA GLN C 368 20.66 -9.70 -28.04
C GLN C 368 19.24 -10.21 -27.88
N GLY C 369 18.34 -9.33 -27.44
CA GLY C 369 16.96 -9.71 -27.24
C GLY C 369 16.11 -8.50 -26.93
N VAL C 370 14.89 -8.77 -26.46
CA VAL C 370 13.99 -7.69 -26.09
C VAL C 370 14.55 -6.95 -24.88
N GLY C 371 14.37 -5.63 -24.87
CA GLY C 371 14.95 -4.81 -23.83
C GLY C 371 14.10 -4.74 -22.58
N ARG C 372 14.69 -4.14 -21.54
CA ARG C 372 14.03 -3.95 -20.26
C ARG C 372 14.01 -2.46 -19.95
N PHE C 373 12.83 -1.87 -19.96
CA PHE C 373 12.64 -0.44 -19.80
C PHE C 373 11.58 -0.16 -18.76
N PRO C 374 11.61 1.02 -18.15
CA PRO C 374 10.51 1.42 -17.26
C PRO C 374 9.27 1.81 -18.06
N ASN C 375 8.12 1.75 -17.39
CA ASN C 375 6.86 2.18 -17.97
C ASN C 375 6.68 3.65 -17.63
N GLU C 376 6.96 4.53 -18.60
CA GLU C 376 6.85 5.97 -18.40
C GLU C 376 5.40 6.44 -18.62
N LYS C 377 4.51 5.91 -17.77
CA LYS C 377 3.10 6.26 -17.87
C LYS C 377 2.84 7.69 -17.43
N GLU C 378 3.58 8.18 -16.43
CA GLU C 378 3.36 9.52 -15.93
C GLU C 378 3.71 10.58 -16.96
N GLN C 379 4.72 10.32 -17.80
CA GLN C 379 5.04 11.25 -18.87
C GLN C 379 4.08 11.13 -20.03
N LEU C 380 3.59 9.92 -20.33
CA LEU C 380 2.57 9.76 -21.35
C LEU C 380 1.28 10.49 -20.97
N LYS C 381 0.96 10.53 -19.67
CA LYS C 381 -0.25 11.19 -19.22
C LYS C 381 -0.21 12.71 -19.38
N GLN C 382 0.96 13.30 -19.62
CA GLN C 382 1.12 14.74 -19.65
C GLN C 382 1.77 15.19 -20.95
N LEU C 383 1.23 14.71 -22.07
CA LEU C 383 1.55 15.16 -23.43
C LEU C 383 2.98 14.87 -23.84
N GLN C 384 3.72 14.07 -23.08
CA GLN C 384 5.11 13.76 -23.42
C GLN C 384 5.28 12.41 -24.09
N GLY C 385 4.19 11.73 -24.43
CA GLY C 385 4.29 10.40 -24.97
C GLY C 385 5.06 10.36 -26.28
N LEU C 386 5.50 9.16 -26.63
CA LEU C 386 6.25 8.96 -27.87
C LEU C 386 5.37 9.19 -29.08
N ASN C 387 6.00 9.64 -30.17
CA ASN C 387 5.30 9.96 -31.41
C ASN C 387 4.21 11.02 -31.20
N MET C 388 4.47 11.97 -30.31
CA MET C 388 3.52 13.04 -30.01
C MET C 388 3.83 14.21 -30.93
N HIS C 389 3.06 14.33 -32.01
CA HIS C 389 3.29 15.38 -32.98
C HIS C 389 2.87 16.74 -32.44
N THR C 390 3.58 17.77 -32.89
CA THR C 390 3.23 19.16 -32.59
C THR C 390 3.07 19.91 -33.89
N TYR C 391 2.00 20.71 -33.98
CA TYR C 391 1.56 21.29 -35.24
C TYR C 391 1.69 22.81 -35.19
N PHE C 392 2.29 23.38 -36.22
CA PHE C 392 2.43 24.83 -36.37
C PHE C 392 1.85 25.24 -37.72
N PRO C 393 0.68 25.89 -37.77
CA PRO C 393 0.09 26.38 -39.02
C PRO C 393 1.02 27.31 -39.80
N THR C 401 4.45 21.97 -40.99
CA THR C 401 3.27 22.19 -40.18
C THR C 401 2.92 20.95 -39.36
N ASP C 402 3.74 19.91 -39.51
CA ASP C 402 3.51 18.65 -38.81
C ASP C 402 4.89 18.05 -38.52
N GLN C 403 5.39 18.29 -37.30
CA GLN C 403 6.68 17.77 -36.89
C GLN C 403 6.55 17.16 -35.50
N ILE C 404 7.65 16.59 -35.03
CA ILE C 404 7.69 15.89 -33.74
C ILE C 404 8.37 16.77 -32.70
N GLU C 405 9.29 17.61 -33.15
CA GLU C 405 10.05 18.44 -32.24
C GLU C 405 9.16 19.49 -31.61
N ARG C 406 9.19 19.56 -30.28
CA ARG C 406 8.46 20.58 -29.54
C ARG C 406 9.47 21.57 -28.95
N PRO C 407 9.35 22.85 -29.24
CA PRO C 407 10.24 23.83 -28.59
C PRO C 407 9.98 23.89 -27.10
N LEU C 408 11.01 24.32 -26.37
CA LEU C 408 10.90 24.49 -24.92
C LEU C 408 10.26 25.85 -24.69
N MET C 409 8.92 25.85 -24.69
CA MET C 409 8.16 27.08 -24.65
C MET C 409 8.00 27.58 -23.22
N VAL C 410 7.88 28.91 -23.08
CA VAL C 410 7.78 29.53 -21.78
C VAL C 410 6.48 29.11 -21.11
N GLY C 411 6.58 28.79 -19.83
CA GLY C 411 5.43 28.25 -19.10
C GLY C 411 5.25 26.76 -19.25
N SER C 412 6.28 26.03 -19.65
CA SER C 412 6.16 24.60 -19.87
C SER C 412 6.10 23.85 -18.55
N VAL C 413 5.42 22.70 -18.57
CA VAL C 413 5.39 21.77 -17.45
C VAL C 413 5.55 20.37 -18.02
N TRP C 414 6.36 19.55 -17.35
CA TRP C 414 6.61 18.20 -17.83
C TRP C 414 7.02 17.32 -16.66
N ASN C 415 7.00 16.02 -16.90
CA ASN C 415 7.42 15.03 -15.92
C ASN C 415 8.79 14.47 -16.32
N ARG C 416 9.64 14.28 -15.32
CA ARG C 416 10.93 13.65 -15.56
C ARG C 416 10.77 12.14 -15.65
N ARG C 417 11.74 11.50 -16.31
CA ARG C 417 11.75 10.05 -16.38
C ARG C 417 11.83 9.46 -14.99
N ALA C 418 10.94 8.51 -14.71
CA ALA C 418 10.77 8.01 -13.35
C ALA C 418 11.99 7.24 -12.88
N LEU C 419 12.31 7.37 -11.61
CA LEU C 419 13.40 6.62 -11.00
C LEU C 419 12.97 5.18 -10.79
N HIS C 420 13.76 4.24 -11.31
CA HIS C 420 13.43 2.84 -11.21
C HIS C 420 14.45 2.10 -10.35
N TYR C 421 14.18 0.80 -10.15
CA TYR C 421 14.96 0.02 -9.19
C TYR C 421 16.40 -0.13 -9.61
N GLU C 422 16.65 -0.31 -10.91
CA GLU C 422 17.98 -0.63 -11.42
C GLU C 422 18.74 0.60 -11.90
N SER C 423 18.18 1.80 -11.75
CA SER C 423 18.82 2.99 -12.29
C SER C 423 20.06 3.35 -11.49
N GLN C 424 20.94 4.11 -12.13
CA GLN C 424 22.07 4.68 -11.42
C GLN C 424 21.59 5.77 -10.45
N LEU C 425 22.40 6.04 -9.44
CA LEU C 425 22.02 6.99 -8.41
C LEU C 425 22.56 8.38 -8.64
N TRP C 426 23.68 8.52 -9.35
CA TRP C 426 24.25 9.83 -9.59
C TRP C 426 25.11 9.79 -10.84
N SER C 427 25.39 10.97 -11.37
CA SER C 427 26.40 11.17 -12.40
C SER C 427 26.96 12.57 -12.23
N LYS C 428 28.21 12.75 -12.65
CA LYS C 428 28.86 14.04 -12.48
C LYS C 428 28.46 14.97 -13.61
N ILE C 429 27.92 16.14 -13.25
CA ILE C 429 27.68 17.18 -14.22
C ILE C 429 29.04 17.70 -14.66
N PRO C 430 29.36 17.72 -15.95
CA PRO C 430 30.64 18.27 -16.39
C PRO C 430 30.72 19.75 -16.07
N ASN C 431 31.80 20.14 -15.39
CA ASN C 431 31.93 21.51 -14.92
C ASN C 431 32.22 22.45 -16.07
N LEU C 432 31.27 22.58 -17.00
CA LEU C 432 31.37 23.54 -18.07
C LEU C 432 30.89 24.91 -17.58
N ASP C 433 30.93 25.91 -18.46
CA ASP C 433 30.59 27.27 -18.05
C ASP C 433 29.13 27.37 -17.61
N ASP C 434 28.23 26.76 -18.36
CA ASP C 434 26.81 26.88 -18.07
C ASP C 434 26.13 25.53 -18.23
N SER C 435 25.00 25.38 -17.52
CA SER C 435 24.18 24.19 -17.59
C SER C 435 22.73 24.59 -17.42
N PHE C 436 21.84 23.75 -17.93
CA PHE C 436 20.40 24.01 -17.88
C PHE C 436 19.68 22.77 -17.35
N LYS C 437 19.10 22.89 -16.16
CA LYS C 437 18.30 21.83 -15.55
C LYS C 437 19.07 20.51 -15.51
N THR C 438 20.31 20.57 -15.03
CA THR C 438 21.16 19.40 -14.91
C THR C 438 21.00 18.70 -13.56
N GLN C 439 19.85 18.87 -12.90
CA GLN C 439 19.64 18.25 -11.60
C GLN C 439 19.52 16.74 -11.69
N PHE C 440 19.15 16.21 -12.87
CA PHE C 440 18.94 14.78 -13.04
C PHE C 440 19.66 14.32 -14.30
N ALA C 441 20.45 13.25 -14.16
CA ALA C 441 21.16 12.68 -15.29
C ALA C 441 20.19 11.90 -16.18
N ALA C 442 20.54 11.82 -17.47
CA ALA C 442 19.67 11.13 -18.42
C ALA C 442 19.58 9.64 -18.13
N LEU C 443 20.68 9.03 -17.69
CA LEU C 443 20.68 7.61 -17.35
C LEU C 443 19.98 7.32 -16.04
N GLY C 444 19.55 8.34 -15.32
CA GLY C 444 18.90 8.18 -14.04
C GLY C 444 19.71 8.82 -12.91
N GLY C 445 19.07 8.85 -11.75
CA GLY C 445 19.72 9.43 -10.59
C GLY C 445 19.74 10.95 -10.65
N TRP C 446 20.68 11.53 -9.90
CA TRP C 446 20.81 12.97 -9.76
C TRP C 446 22.17 13.40 -10.30
N GLY C 447 22.16 14.43 -11.14
CA GLY C 447 23.41 15.03 -11.57
C GLY C 447 24.04 15.81 -10.44
N LEU C 448 25.35 15.62 -10.23
CA LEU C 448 26.05 16.23 -9.13
C LEU C 448 27.32 16.90 -9.64
N HIS C 449 27.55 18.14 -9.18
CA HIS C 449 28.82 18.80 -9.49
C HIS C 449 29.96 18.24 -8.66
N GLN C 450 29.67 17.77 -7.45
CA GLN C 450 30.64 17.09 -6.59
C GLN C 450 30.03 15.77 -6.17
N PRO C 451 30.12 14.75 -7.02
CA PRO C 451 29.48 13.47 -6.73
C PRO C 451 30.28 12.69 -5.71
N PRO C 452 29.82 11.51 -5.30
CA PRO C 452 30.62 10.66 -4.42
C PRO C 452 32.02 10.46 -4.99
N PRO C 453 33.05 10.74 -4.20
CA PRO C 453 34.41 10.65 -4.73
C PRO C 453 34.79 9.23 -5.09
N GLN C 454 35.64 9.11 -6.10
CA GLN C 454 36.12 7.81 -6.56
C GLN C 454 37.13 7.25 -5.57
N ILE C 455 36.99 5.96 -5.26
CA ILE C 455 37.91 5.25 -4.38
C ILE C 455 38.73 4.31 -5.24
N PHE C 456 40.03 4.58 -5.34
CA PHE C 456 40.93 3.79 -6.16
C PHE C 456 41.67 2.78 -5.28
N LEU C 457 41.67 1.53 -5.72
CA LEU C 457 42.30 0.43 -5.02
C LEU C 457 43.30 -0.26 -5.93
N LYS C 458 44.47 -0.57 -5.38
CA LYS C 458 45.43 -1.43 -6.07
C LYS C 458 46.25 -2.14 -5.01
N ILE C 459 47.06 -3.10 -5.45
CA ILE C 459 47.95 -3.83 -4.55
C ILE C 459 49.36 -3.30 -4.76
N LEU C 460 50.00 -2.90 -3.67
CA LEU C 460 51.36 -2.40 -3.74
C LEU C 460 52.29 -3.52 -4.21
N PRO C 461 53.00 -3.35 -5.33
CA PRO C 461 53.84 -4.43 -5.82
C PRO C 461 55.00 -4.72 -4.87
N GLN C 462 55.36 -5.99 -4.79
CA GLN C 462 56.48 -6.43 -3.98
C GLN C 462 57.53 -7.06 -4.89
N SER C 463 58.78 -6.71 -4.65
CA SER C 463 59.87 -7.17 -5.51
C SER C 463 60.26 -8.60 -5.17
N GLY C 464 60.68 -9.33 -6.18
CA GLY C 464 61.18 -10.67 -5.99
C GLY C 464 62.61 -10.67 -5.47
N PRO C 465 63.10 -11.86 -5.14
CA PRO C 465 64.45 -11.97 -4.59
C PRO C 465 65.50 -11.56 -5.61
N ILE C 466 66.50 -10.80 -5.14
CA ILE C 466 67.66 -10.42 -5.94
C ILE C 466 68.89 -10.60 -5.08
N GLY C 467 69.89 -11.33 -5.59
CA GLY C 467 71.10 -11.57 -4.83
C GLY C 467 71.96 -12.68 -5.38
N GLY C 468 72.37 -13.61 -4.52
CA GLY C 468 73.25 -14.68 -4.89
C GLY C 468 72.61 -15.82 -5.65
N ILE C 469 71.29 -15.80 -5.82
CA ILE C 469 70.62 -16.84 -6.60
C ILE C 469 71.01 -16.70 -8.06
N LYS C 470 70.96 -17.83 -8.78
CA LYS C 470 71.46 -17.88 -10.15
C LYS C 470 70.56 -17.14 -11.12
N SER C 471 70.86 -15.87 -11.37
CA SER C 471 70.19 -15.05 -12.39
C SER C 471 68.68 -15.07 -12.22
N MET C 472 68.23 -14.56 -11.07
CA MET C 472 66.80 -14.49 -10.79
C MET C 472 66.12 -13.43 -11.66
N GLY C 473 66.71 -12.24 -11.74
CA GLY C 473 66.12 -11.15 -12.48
C GLY C 473 65.03 -10.46 -11.71
N ILE C 474 64.60 -9.31 -12.24
CA ILE C 474 63.56 -8.52 -11.58
C ILE C 474 62.22 -9.21 -11.76
N THR C 475 61.58 -9.57 -10.65
CA THR C 475 60.27 -10.20 -10.65
C THR C 475 59.38 -9.51 -9.64
N THR C 476 58.12 -9.95 -9.58
CA THR C 476 57.16 -9.44 -8.64
C THR C 476 56.49 -10.60 -7.92
N LEU C 477 56.28 -10.45 -6.61
CA LEU C 477 55.60 -11.47 -5.84
C LEU C 477 54.14 -11.57 -6.24
N VAL C 478 53.66 -12.80 -6.42
CA VAL C 478 52.29 -13.04 -6.86
C VAL C 478 51.38 -12.78 -5.67
N GLN C 479 50.78 -11.60 -5.62
CA GLN C 479 49.89 -11.20 -4.54
C GLN C 479 48.60 -10.65 -5.11
N TYR C 480 47.48 -11.05 -4.51
CA TYR C 480 46.18 -10.52 -4.87
C TYR C 480 45.44 -10.13 -3.59
N ALA C 481 44.56 -9.15 -3.70
CA ALA C 481 43.89 -8.62 -2.52
C ALA C 481 42.43 -9.04 -2.51
N VAL C 482 41.89 -9.27 -1.31
CA VAL C 482 40.46 -9.48 -1.12
C VAL C 482 40.03 -8.60 0.05
N GLY C 483 38.72 -8.40 0.16
CA GLY C 483 38.21 -7.64 1.28
C GLY C 483 36.70 -7.61 1.25
N ILE C 484 36.14 -6.87 2.20
CA ILE C 484 34.70 -6.65 2.28
C ILE C 484 34.47 -5.15 2.17
N MET C 485 33.80 -4.74 1.10
CA MET C 485 33.45 -3.34 0.87
C MET C 485 32.00 -3.15 1.29
N THR C 486 31.81 -2.29 2.30
CA THR C 486 30.49 -2.03 2.88
C THR C 486 30.12 -0.59 2.57
N VAL C 487 28.97 -0.39 1.93
CA VAL C 487 28.51 0.93 1.53
C VAL C 487 27.19 1.20 2.24
N THR C 488 27.11 2.35 2.91
CA THR C 488 25.92 2.82 3.58
C THR C 488 25.48 4.13 2.93
N MET C 489 24.29 4.14 2.36
CA MET C 489 23.69 5.35 1.81
C MET C 489 22.45 5.70 2.60
N THR C 490 22.33 6.97 2.98
CA THR C 490 21.11 7.49 3.59
C THR C 490 20.30 8.18 2.51
N PHE C 491 18.98 7.99 2.55
CA PHE C 491 18.06 8.66 1.64
C PHE C 491 17.05 9.44 2.47
N LYS C 492 17.00 10.75 2.25
CA LYS C 492 15.87 11.54 2.74
C LYS C 492 14.59 11.06 2.08
N LEU C 493 13.56 10.87 2.89
CA LEU C 493 12.29 10.33 2.43
C LEU C 493 11.18 11.31 2.75
N GLY C 494 10.28 11.50 1.80
CA GLY C 494 9.16 12.39 1.98
C GLY C 494 7.88 11.62 2.21
N PRO C 495 7.01 12.15 3.07
CA PRO C 495 5.76 11.45 3.38
C PRO C 495 4.86 11.37 2.16
N ARG C 496 4.06 10.31 2.12
CA ARG C 496 3.08 10.18 1.06
C ARG C 496 2.08 11.33 1.13
N LYS C 497 1.71 11.86 -0.04
CA LYS C 497 0.74 12.93 -0.08
C LYS C 497 -0.62 12.44 0.38
N ALA C 498 -1.35 13.30 1.08
CA ALA C 498 -2.67 12.93 1.57
C ALA C 498 -3.63 12.70 0.40
N THR C 499 -4.56 11.78 0.61
CA THR C 499 -5.52 11.40 -0.41
C THR C 499 -6.94 11.53 0.13
N GLY C 500 -7.84 12.04 -0.70
CA GLY C 500 -9.23 12.17 -0.32
C GLY C 500 -10.17 11.46 -1.27
N ARG C 501 -9.63 10.53 -2.04
CA ARG C 501 -10.46 9.75 -2.95
C ARG C 501 -11.42 8.85 -2.18
N TRP C 502 -12.52 8.51 -2.84
CA TRP C 502 -13.38 7.45 -2.33
C TRP C 502 -12.87 6.08 -2.74
N ASN C 503 -12.63 5.89 -4.03
CA ASN C 503 -12.15 4.61 -4.52
C ASN C 503 -10.71 4.37 -4.05
N PRO C 504 -10.31 3.11 -3.89
CA PRO C 504 -8.94 2.82 -3.45
C PRO C 504 -7.91 3.27 -4.48
N GLN C 505 -6.74 3.65 -3.98
CA GLN C 505 -5.63 3.97 -4.87
C GLN C 505 -5.20 2.70 -5.61
N PRO C 506 -4.59 2.84 -6.78
CA PRO C 506 -4.10 1.67 -7.50
C PRO C 506 -3.10 0.89 -6.65
N GLY C 507 -3.20 -0.43 -6.71
CA GLY C 507 -2.30 -1.26 -5.93
C GLY C 507 -0.87 -1.10 -6.40
N VAL C 508 0.06 -1.21 -5.44
CA VAL C 508 1.47 -1.14 -5.76
C VAL C 508 1.90 -2.52 -6.24
N TYR C 509 1.71 -2.77 -7.53
CA TYR C 509 1.98 -4.09 -8.08
C TYR C 509 3.48 -4.34 -8.12
N PRO C 510 3.95 -5.46 -7.60
CA PRO C 510 5.31 -5.90 -7.92
C PRO C 510 5.45 -6.11 -9.41
N PRO C 511 6.59 -5.78 -9.99
CA PRO C 511 6.71 -5.84 -11.45
C PRO C 511 6.62 -7.26 -11.96
N HIS C 512 6.19 -7.40 -13.21
CA HIS C 512 5.99 -8.70 -13.80
C HIS C 512 7.27 -9.18 -14.48
N ALA C 513 7.58 -10.46 -14.31
CA ALA C 513 8.72 -11.07 -14.95
C ALA C 513 8.29 -11.74 -16.26
N ALA C 514 9.29 -12.00 -17.12
CA ALA C 514 9.00 -12.67 -18.38
C ALA C 514 8.43 -14.07 -18.15
N GLY C 515 8.97 -14.77 -17.16
CA GLY C 515 8.45 -16.08 -16.80
C GLY C 515 8.24 -16.21 -15.31
N HIS C 516 7.03 -16.60 -14.90
CA HIS C 516 6.67 -16.80 -13.50
C HIS C 516 6.84 -15.47 -12.76
N LEU C 517 7.63 -15.41 -11.70
CA LEU C 517 7.71 -14.24 -10.85
C LEU C 517 9.16 -13.76 -10.73
N PRO C 518 9.36 -12.46 -10.53
CA PRO C 518 10.71 -11.93 -10.37
C PRO C 518 11.16 -11.95 -8.91
N TYR C 519 12.47 -11.85 -8.73
CA TYR C 519 13.12 -11.74 -7.44
C TYR C 519 12.80 -12.90 -6.51
N VAL C 520 12.25 -13.98 -7.04
CA VAL C 520 11.92 -15.16 -6.26
C VAL C 520 12.69 -16.33 -6.84
N LEU C 521 13.50 -16.98 -6.01
CA LEU C 521 14.17 -18.19 -6.44
C LEU C 521 13.15 -19.33 -6.49
N TYR C 522 13.11 -20.04 -7.61
CA TYR C 522 12.13 -21.10 -7.79
C TYR C 522 12.75 -22.23 -8.60
N ASP C 523 11.99 -23.30 -8.77
CA ASP C 523 12.42 -24.43 -9.58
C ASP C 523 11.93 -24.22 -11.01
N PRO C 524 12.81 -23.97 -11.97
CA PRO C 524 12.36 -23.79 -13.36
C PRO C 524 11.68 -25.03 -13.92
N THR C 525 12.06 -26.22 -13.47
CA THR C 525 11.45 -27.46 -13.96
C THR C 525 9.97 -27.55 -13.59
N ALA C 526 9.55 -26.93 -12.49
CA ALA C 526 8.15 -26.95 -12.09
C ALA C 526 7.31 -25.94 -12.85
N THR C 527 7.93 -25.03 -13.60
CA THR C 527 7.20 -24.04 -14.37
C THR C 527 6.77 -24.61 -15.72
N ASP C 528 5.87 -23.90 -16.39
CA ASP C 528 5.43 -24.26 -17.73
C ASP C 528 6.17 -23.50 -18.83
N ALA C 529 6.64 -22.28 -18.54
CA ALA C 529 7.34 -21.48 -19.53
C ALA C 529 8.72 -22.06 -19.82
N LYS C 530 9.24 -21.72 -20.99
CA LYS C 530 10.56 -22.16 -21.43
C LYS C 530 11.65 -21.18 -21.05
N GLN C 531 11.43 -20.34 -20.04
CA GLN C 531 12.42 -19.34 -19.62
C GLN C 531 13.33 -19.92 -18.53
N HIS C 532 13.91 -21.06 -18.84
CA HIS C 532 14.85 -21.73 -17.94
C HIS C 532 16.28 -21.22 -18.08
N HIS C 533 16.53 -20.30 -19.01
CA HIS C 533 17.89 -19.84 -19.27
C HIS C 533 18.47 -19.03 -18.12
N ARG C 534 17.63 -18.45 -17.27
CA ARG C 534 18.11 -17.71 -16.11
C ARG C 534 18.22 -18.57 -14.86
N HIS C 535 17.84 -19.85 -14.94
CA HIS C 535 18.12 -20.84 -13.91
C HIS C 535 17.46 -20.50 -12.58
N GLY C 536 16.15 -20.25 -12.63
CA GLY C 536 15.33 -20.21 -11.45
C GLY C 536 15.19 -18.86 -10.76
N TYR C 537 16.09 -17.92 -11.03
CA TYR C 537 16.01 -16.58 -10.48
C TYR C 537 15.91 -15.60 -11.62
N GLU C 538 14.89 -14.74 -11.58
CA GLU C 538 14.59 -13.84 -12.69
C GLU C 538 14.30 -12.45 -12.17
N LYS C 539 14.56 -11.47 -13.02
CA LYS C 539 14.26 -10.06 -12.87
C LYS C 539 13.09 -9.68 -13.77
N PRO C 540 12.31 -8.68 -13.39
CA PRO C 540 11.14 -8.30 -14.21
C PRO C 540 11.58 -7.77 -15.56
N GLU C 541 10.73 -8.01 -16.56
CA GLU C 541 10.98 -7.45 -17.88
C GLU C 541 10.77 -5.93 -17.89
N GLU C 542 9.84 -5.44 -17.09
CA GLU C 542 9.64 -4.01 -16.92
C GLU C 542 10.39 -3.55 -15.68
N LEU C 543 11.20 -2.49 -15.84
CA LEU C 543 11.94 -1.96 -14.70
C LEU C 543 10.99 -1.45 -13.63
N TRP C 544 11.28 -1.82 -12.38
CA TRP C 544 10.41 -1.47 -11.27
C TRP C 544 10.35 0.03 -11.08
N THR C 545 9.23 0.65 -11.46
CA THR C 545 9.19 2.09 -11.69
C THR C 545 8.50 2.89 -10.59
N ALA C 546 7.71 2.24 -9.73
CA ALA C 546 6.93 2.92 -8.69
C ALA C 546 5.92 3.84 -9.37
N LYS C 547 5.59 4.95 -8.71
CA LYS C 547 4.59 5.91 -9.21
C LYS C 547 3.24 5.24 -9.44
N SER C 548 2.87 4.33 -8.54
CA SER C 548 1.60 3.62 -8.67
C SER C 548 0.44 4.45 -8.14
N ARG C 549 0.62 5.10 -6.99
CA ARG C 549 -0.44 5.91 -6.41
C ARG C 549 -0.50 7.28 -7.09
N VAL C 550 -1.71 7.75 -7.35
CA VAL C 550 -1.92 8.95 -8.13
C VAL C 550 -2.63 10.00 -7.28
N HIS C 551 -2.41 11.27 -7.63
CA HIS C 551 -2.97 12.41 -6.93
C HIS C 551 -3.41 13.44 -7.95
N PRO C 552 -4.38 14.28 -7.60
CA PRO C 552 -4.88 15.28 -8.57
C PRO C 552 -3.86 16.38 -8.79
N LEU C 553 -4.02 17.04 -9.94
CA LEU C 553 -3.13 18.14 -10.33
C LEU C 553 -3.70 19.49 -9.94
N THR D 1 71.94 -32.36 1.59
CA THR D 1 71.74 -32.81 2.96
C THR D 1 70.27 -32.68 3.35
N SER D 2 69.92 -33.20 4.53
CA SER D 2 68.55 -33.14 5.02
C SER D 2 68.55 -33.41 6.52
N VAL D 3 67.36 -33.27 7.11
CA VAL D 3 67.21 -33.54 8.54
C VAL D 3 67.42 -35.02 8.83
N ASN D 4 67.09 -35.90 7.87
CA ASN D 4 67.20 -37.34 8.09
C ASN D 4 68.63 -37.78 8.38
N SER D 5 69.63 -36.96 8.04
CA SER D 5 71.00 -37.30 8.37
C SER D 5 71.20 -37.39 9.87
N ALA D 6 70.49 -36.59 10.65
CA ALA D 6 70.53 -36.70 12.10
C ALA D 6 69.91 -38.01 12.54
N GLU D 7 70.47 -38.57 13.61
CA GLU D 7 70.09 -39.93 14.03
C GLU D 7 68.65 -39.97 14.51
N ALA D 8 68.28 -39.07 15.42
CA ALA D 8 66.96 -39.10 16.05
C ALA D 8 66.37 -37.69 16.14
N SER D 9 66.46 -36.93 15.06
CA SER D 9 65.94 -35.57 15.02
C SER D 9 64.95 -35.44 13.87
N THR D 10 63.86 -34.71 14.11
CA THR D 10 62.82 -34.47 13.13
C THR D 10 62.75 -32.98 12.82
N GLY D 11 62.43 -32.67 11.57
CA GLY D 11 62.35 -31.28 11.15
C GLY D 11 61.20 -30.55 11.82
N ALA D 12 61.35 -29.25 11.96
CA ALA D 12 60.35 -28.40 12.59
C ALA D 12 59.91 -27.31 11.62
N GLY D 13 58.64 -26.94 11.72
CA GLY D 13 58.07 -25.94 10.83
C GLY D 13 58.05 -24.54 11.39
N GLY D 14 58.38 -24.40 12.68
CA GLY D 14 58.44 -23.09 13.30
C GLY D 14 57.12 -22.35 13.35
N GLY D 15 56.06 -23.03 13.77
CA GLY D 15 54.74 -22.44 13.83
C GLY D 15 54.64 -21.33 14.86
N GLY D 16 53.40 -20.88 15.07
CA GLY D 16 53.13 -19.77 15.95
C GLY D 16 52.94 -20.19 17.40
N SER D 17 52.60 -19.19 18.22
CA SER D 17 52.35 -19.39 19.65
C SER D 17 51.13 -18.59 20.06
N ASN D 18 50.41 -19.11 21.05
CA ASN D 18 49.17 -18.48 21.51
C ASN D 18 48.90 -18.88 22.95
N PRO D 19 49.43 -18.12 23.91
CA PRO D 19 49.19 -18.42 25.34
C PRO D 19 47.85 -17.89 25.86
N VAL D 20 46.78 -18.60 25.51
CA VAL D 20 45.43 -18.23 25.91
C VAL D 20 44.86 -19.31 26.81
N LYS D 21 44.17 -18.89 27.87
CA LYS D 21 43.50 -19.79 28.79
C LYS D 21 42.00 -19.70 28.57
N SER D 22 41.38 -20.84 28.28
CA SER D 22 39.94 -20.92 28.12
C SER D 22 39.43 -22.15 28.86
N MET D 23 38.13 -22.19 29.08
CA MET D 23 37.50 -23.21 29.91
C MET D 23 36.62 -24.12 29.06
N TRP D 24 36.59 -25.39 29.41
CA TRP D 24 35.64 -26.36 28.88
C TRP D 24 34.60 -26.58 29.96
N SER D 25 33.48 -25.87 29.85
CA SER D 25 32.44 -25.90 30.88
C SER D 25 31.47 -27.03 30.61
N GLU D 26 31.17 -27.80 31.66
CA GLU D 26 30.19 -28.88 31.57
C GLU D 26 29.81 -29.28 32.99
N GLY D 27 28.67 -29.95 33.11
CA GLY D 27 28.14 -30.38 34.38
C GLY D 27 26.98 -29.54 34.85
N ALA D 28 26.28 -30.05 35.86
CA ALA D 28 25.13 -29.36 36.43
C ALA D 28 25.43 -29.00 37.88
N THR D 29 25.20 -27.74 38.22
CA THR D 29 25.26 -27.26 39.59
C THR D 29 23.84 -27.17 40.12
N PHE D 30 23.51 -28.02 41.07
CA PHE D 30 22.17 -28.04 41.66
C PHE D 30 22.08 -27.06 42.81
N SER D 31 20.87 -26.53 43.02
CA SER D 31 20.61 -25.61 44.12
C SER D 31 19.30 -26.03 44.77
N ALA D 32 18.86 -25.22 45.75
CA ALA D 32 17.62 -25.53 46.45
C ALA D 32 16.42 -25.44 45.51
N ASN D 33 16.41 -24.45 44.61
CA ASN D 33 15.26 -24.21 43.75
C ASN D 33 15.66 -24.01 42.29
N SER D 34 16.85 -24.47 41.89
CA SER D 34 17.28 -24.32 40.51
C SER D 34 18.46 -25.26 40.25
N VAL D 35 18.70 -25.49 38.97
CA VAL D 35 19.89 -26.22 38.52
C VAL D 35 20.44 -25.53 37.28
N THR D 36 21.75 -25.34 37.23
CA THR D 36 22.42 -24.72 36.09
C THR D 36 23.23 -25.80 35.40
N CYS D 37 22.79 -26.21 34.21
CA CYS D 37 23.42 -27.29 33.47
C CYS D 37 24.16 -26.72 32.26
N THR D 38 25.46 -26.95 32.20
CA THR D 38 26.30 -26.53 31.09
C THR D 38 26.82 -27.75 30.36
N PHE D 39 26.95 -27.65 29.04
CA PHE D 39 27.59 -28.69 28.27
C PHE D 39 28.33 -28.07 27.09
N SER D 40 29.53 -28.59 26.84
CA SER D 40 30.37 -28.12 25.74
C SER D 40 30.55 -29.24 24.73
N ARG D 41 30.46 -28.88 23.45
CA ARG D 41 30.66 -29.83 22.37
C ARG D 41 31.52 -29.20 21.29
N GLN D 42 32.46 -29.97 20.75
CA GLN D 42 33.20 -29.51 19.60
C GLN D 42 32.31 -29.59 18.36
N PHE D 43 32.24 -28.50 17.61
CA PHE D 43 31.42 -28.43 16.41
C PHE D 43 32.29 -28.15 15.20
N LEU D 44 31.88 -28.69 14.06
CA LEU D 44 32.61 -28.55 12.80
C LEU D 44 31.63 -28.17 11.70
N ILE D 45 31.88 -27.01 11.08
CA ILE D 45 31.18 -26.59 9.87
C ILE D 45 32.06 -26.94 8.68
N PRO D 46 31.63 -27.83 7.80
CA PRO D 46 32.50 -28.30 6.71
C PRO D 46 32.68 -27.25 5.63
N TYR D 47 33.62 -27.52 4.74
CA TYR D 47 33.87 -26.65 3.60
C TYR D 47 32.71 -26.74 2.62
N ASP D 48 32.21 -25.58 2.20
CA ASP D 48 31.14 -25.50 1.22
C ASP D 48 31.72 -24.96 -0.09
N PRO D 49 31.96 -25.81 -1.09
CA PRO D 49 32.64 -25.34 -2.31
C PRO D 49 31.90 -24.22 -3.02
N GLU D 50 30.56 -24.22 -3.00
CA GLU D 50 29.78 -23.17 -3.63
C GLU D 50 28.57 -22.88 -2.75
N HIS D 51 28.48 -21.65 -2.26
CA HIS D 51 27.41 -21.23 -1.36
C HIS D 51 26.16 -20.97 -2.19
N HIS D 52 25.37 -22.01 -2.36
CA HIS D 52 24.18 -21.96 -3.20
C HIS D 52 22.92 -21.99 -2.35
N TYR D 53 21.99 -21.07 -2.63
CA TYR D 53 20.62 -21.21 -2.18
C TYR D 53 19.89 -22.10 -3.17
N LYS D 54 19.40 -23.25 -2.71
CA LYS D 54 18.67 -24.17 -3.56
C LYS D 54 17.19 -24.14 -3.21
N VAL D 55 16.39 -24.61 -4.15
CA VAL D 55 14.95 -24.78 -3.93
C VAL D 55 14.67 -26.27 -3.74
N PHE D 56 13.87 -26.58 -2.74
CA PHE D 56 13.53 -27.95 -2.38
C PHE D 56 12.11 -28.20 -2.87
N SER D 57 12.00 -28.77 -4.07
CA SER D 57 10.71 -28.99 -4.73
C SER D 57 10.64 -30.41 -5.25
N PRO D 58 10.40 -31.38 -4.36
CA PRO D 58 10.20 -32.76 -4.83
C PRO D 58 8.91 -32.88 -5.64
N ALA D 59 8.92 -33.85 -6.56
CA ALA D 59 7.80 -34.06 -7.47
C ALA D 59 6.83 -35.05 -6.85
N ALA D 60 5.58 -34.62 -6.65
CA ALA D 60 4.55 -35.49 -6.12
C ALA D 60 3.94 -36.33 -7.24
N SER D 61 3.62 -37.57 -6.91
CA SER D 61 3.03 -38.49 -7.89
C SER D 61 2.19 -39.56 -7.22
N LYS D 72 1.16 -46.20 -0.80
CA LYS D 72 1.87 -44.94 -1.02
C LYS D 72 1.00 -43.75 -0.63
N VAL D 73 1.49 -42.95 0.32
CA VAL D 73 0.79 -41.77 0.79
C VAL D 73 1.69 -40.56 0.58
N CYS D 74 1.08 -39.41 0.35
CA CYS D 74 1.79 -38.15 0.13
C CYS D 74 1.21 -37.08 1.03
N THR D 75 1.82 -35.90 0.98
CA THR D 75 1.32 -34.75 1.72
C THR D 75 0.02 -34.26 1.08
N ILE D 76 -0.69 -33.39 1.80
CA ILE D 76 -1.91 -32.80 1.27
C ILE D 76 -1.63 -32.10 -0.04
N SER D 77 -0.56 -31.31 -0.08
CA SER D 77 -0.04 -30.69 -1.29
C SER D 77 1.46 -30.88 -1.32
N PRO D 78 2.07 -30.87 -2.49
CA PRO D 78 3.53 -31.01 -2.57
C PRO D 78 4.21 -29.89 -1.78
N ILE D 79 5.32 -30.25 -1.13
CA ILE D 79 6.04 -29.29 -0.31
C ILE D 79 7.04 -28.54 -1.18
N MET D 80 7.42 -27.36 -0.72
CA MET D 80 8.42 -26.55 -1.39
C MET D 80 9.12 -25.68 -0.36
N GLY D 81 10.44 -25.60 -0.45
CA GLY D 81 11.19 -24.80 0.48
C GLY D 81 12.49 -24.28 -0.06
N TYR D 82 13.33 -23.74 0.81
CA TYR D 82 14.64 -23.22 0.44
C TYR D 82 15.71 -23.83 1.33
N SER D 83 16.80 -24.23 0.70
CA SER D 83 18.00 -24.70 1.40
C SER D 83 19.06 -23.62 1.32
N THR D 84 19.60 -23.24 2.47
CA THR D 84 20.54 -22.15 2.56
C THR D 84 21.95 -22.65 2.83
N PRO D 85 22.98 -21.91 2.43
CA PRO D 85 24.36 -22.31 2.71
C PRO D 85 24.76 -22.19 4.17
N TRP D 86 23.83 -21.86 5.07
CA TRP D 86 24.12 -21.67 6.48
C TRP D 86 23.78 -22.93 7.25
N ARG D 87 24.56 -23.20 8.29
CA ARG D 87 24.22 -24.22 9.27
C ARG D 87 23.62 -23.55 10.49
N TYR D 88 23.10 -24.36 11.41
CA TYR D 88 22.52 -23.84 12.64
C TYR D 88 22.71 -24.83 13.76
N LEU D 89 22.61 -24.34 14.99
CA LEU D 89 22.85 -25.14 16.18
C LEU D 89 21.53 -25.71 16.70
N ASP D 90 21.54 -27.01 16.99
CA ASP D 90 20.37 -27.71 17.53
C ASP D 90 20.79 -28.38 18.83
N PHE D 91 20.28 -27.88 19.95
CA PHE D 91 20.52 -28.44 21.27
C PHE D 91 19.22 -28.62 22.02
N ASN D 92 18.13 -28.88 21.30
CA ASN D 92 16.80 -28.99 21.89
C ASN D 92 16.55 -30.42 22.34
N ALA D 93 17.25 -30.79 23.41
CA ALA D 93 17.12 -32.11 24.01
C ALA D 93 17.52 -32.02 25.47
N LEU D 94 16.72 -32.66 26.34
CA LEU D 94 16.98 -32.58 27.77
C LEU D 94 18.24 -33.34 28.15
N ASN D 95 18.52 -34.46 27.48
CA ASN D 95 19.68 -35.27 27.85
C ASN D 95 21.00 -34.63 27.50
N LEU D 96 21.00 -33.54 26.74
CA LEU D 96 22.25 -32.85 26.43
C LEU D 96 22.78 -32.09 27.62
N PHE D 97 21.90 -31.66 28.52
CA PHE D 97 22.29 -30.83 29.66
C PHE D 97 22.51 -31.62 30.93
N PHE D 98 21.84 -32.76 31.10
CA PHE D 98 21.99 -33.61 32.26
C PHE D 98 22.75 -34.87 31.87
N SER D 99 23.81 -35.19 32.62
CA SER D 99 24.39 -36.51 32.56
C SER D 99 23.46 -37.48 33.28
N PRO D 100 23.58 -38.79 33.02
CA PRO D 100 22.68 -39.75 33.67
C PRO D 100 22.66 -39.64 35.18
N LEU D 101 23.82 -39.45 35.81
CA LEU D 101 23.84 -39.23 37.26
C LEU D 101 23.19 -37.90 37.62
N GLU D 102 23.45 -36.86 36.83
CA GLU D 102 22.84 -35.56 37.08
C GLU D 102 21.32 -35.62 36.91
N PHE D 103 20.85 -36.33 35.88
CA PHE D 103 19.41 -36.47 35.70
C PHE D 103 18.79 -37.29 36.82
N GLN D 104 19.49 -38.34 37.28
CA GLN D 104 19.01 -39.09 38.43
C GLN D 104 18.90 -38.22 39.66
N HIS D 105 19.90 -37.36 39.89
CA HIS D 105 19.83 -36.41 41.00
C HIS D 105 18.64 -35.49 40.86
N LEU D 106 18.41 -34.98 39.65
CA LEU D 106 17.29 -34.07 39.41
C LEU D 106 15.96 -34.75 39.72
N ILE D 107 15.76 -35.96 39.18
CA ILE D 107 14.47 -36.62 39.37
C ILE D 107 14.31 -37.22 40.75
N GLU D 108 15.40 -37.36 41.51
CA GLU D 108 15.30 -37.87 42.88
C GLU D 108 15.05 -36.76 43.89
N ASN D 109 15.69 -35.60 43.73
CA ASN D 109 15.69 -34.58 44.77
C ASN D 109 14.69 -33.45 44.53
N TYR D 110 13.90 -33.50 43.46
CA TYR D 110 13.04 -32.37 43.12
C TYR D 110 11.68 -32.89 42.68
N GLY D 111 10.73 -31.96 42.57
CA GLY D 111 9.36 -32.30 42.27
C GLY D 111 8.83 -31.75 40.96
N SER D 112 9.42 -30.67 40.46
CA SER D 112 9.01 -30.11 39.18
C SER D 112 10.18 -29.33 38.59
N ILE D 113 10.21 -29.25 37.26
CA ILE D 113 11.30 -28.61 36.54
C ILE D 113 10.72 -27.75 35.43
N ALA D 114 11.25 -26.54 35.27
CA ALA D 114 10.87 -25.66 34.17
C ALA D 114 12.12 -24.97 33.65
N PRO D 115 12.17 -24.64 32.36
CA PRO D 115 13.30 -23.87 31.85
C PRO D 115 13.23 -22.42 32.29
N ASP D 116 14.39 -21.84 32.61
CA ASP D 116 14.48 -20.48 33.11
C ASP D 116 15.29 -19.57 32.20
N ALA D 117 16.51 -19.96 31.85
CA ALA D 117 17.37 -19.14 31.01
C ALA D 117 18.30 -20.02 30.22
N LEU D 118 18.84 -19.47 29.14
CA LEU D 118 19.71 -20.20 28.23
C LEU D 118 20.86 -19.29 27.81
N THR D 119 22.05 -19.87 27.65
CA THR D 119 23.22 -19.13 27.20
C THR D 119 24.04 -20.04 26.31
N VAL D 120 24.32 -19.59 25.08
CA VAL D 120 25.10 -20.33 24.11
C VAL D 120 26.37 -19.57 23.81
N THR D 121 27.52 -20.22 23.98
CA THR D 121 28.81 -19.58 23.76
C THR D 121 29.54 -20.32 22.65
N ILE D 122 29.90 -19.59 21.60
CA ILE D 122 30.74 -20.10 20.52
C ILE D 122 32.15 -19.61 20.80
N SER D 123 32.99 -20.50 21.34
CA SER D 123 34.34 -20.15 21.73
C SER D 123 35.32 -21.10 21.05
N GLU D 124 36.60 -20.74 21.12
CA GLU D 124 37.67 -21.51 20.46
C GLU D 124 37.37 -21.69 18.98
N ILE D 125 36.87 -20.62 18.35
CA ILE D 125 36.62 -20.64 16.92
C ILE D 125 37.95 -20.76 16.19
N ALA D 126 37.97 -21.58 15.15
CA ALA D 126 39.17 -21.77 14.34
C ALA D 126 38.74 -22.05 12.91
N VAL D 127 38.88 -21.05 12.05
CA VAL D 127 38.71 -21.26 10.61
C VAL D 127 40.04 -21.75 10.05
N LYS D 128 40.00 -22.88 9.35
CA LYS D 128 41.21 -23.59 8.96
C LYS D 128 41.21 -23.83 7.46
N ASP D 129 42.32 -23.44 6.82
CA ASP D 129 42.51 -23.70 5.40
C ASP D 129 43.08 -25.09 5.20
N VAL D 130 42.65 -25.74 4.13
CA VAL D 130 43.09 -27.08 3.78
C VAL D 130 43.88 -26.99 2.48
N THR D 131 45.13 -27.44 2.50
CA THR D 131 45.98 -27.47 1.32
C THR D 131 46.51 -28.88 1.13
N ASP D 132 47.31 -29.08 0.09
CA ASP D 132 47.86 -30.39 -0.20
C ASP D 132 49.11 -30.65 0.65
N LYS D 133 49.19 -31.85 1.19
CA LYS D 133 50.34 -32.28 1.97
C LYS D 133 51.33 -33.02 1.09
N THR D 134 52.61 -32.88 1.41
CA THR D 134 53.66 -33.53 0.65
C THR D 134 53.46 -35.05 0.65
N GLY D 135 53.57 -35.65 -0.54
CA GLY D 135 53.39 -37.08 -0.67
C GLY D 135 51.96 -37.55 -0.62
N GLY D 136 51.01 -36.74 -1.06
CA GLY D 136 49.61 -37.13 -1.07
C GLY D 136 48.90 -36.77 0.23
N GLY D 137 47.59 -36.63 0.12
CA GLY D 137 46.78 -36.23 1.26
C GLY D 137 46.65 -34.73 1.38
N VAL D 138 45.98 -34.32 2.45
CA VAL D 138 45.75 -32.91 2.72
C VAL D 138 46.24 -32.58 4.12
N GLN D 139 46.51 -31.29 4.34
CA GLN D 139 46.94 -30.78 5.62
C GLN D 139 46.20 -29.49 5.93
N VAL D 140 46.12 -29.17 7.22
CA VAL D 140 45.24 -28.14 7.74
C VAL D 140 46.09 -27.09 8.44
N THR D 141 45.80 -25.81 8.17
CA THR D 141 46.53 -24.70 8.74
C THR D 141 45.54 -23.65 9.26
N ASP D 142 45.74 -23.19 10.48
CA ASP D 142 44.86 -22.18 11.04
C ASP D 142 44.94 -20.89 10.24
N SER D 143 43.79 -20.24 10.06
CA SER D 143 43.67 -19.06 9.21
C SER D 143 43.43 -17.83 10.08
N THR D 144 44.23 -16.78 9.83
CA THR D 144 44.07 -15.51 10.52
C THR D 144 43.08 -14.59 9.84
N THR D 145 42.64 -14.92 8.62
CA THR D 145 41.65 -14.11 7.92
C THR D 145 40.35 -14.84 7.65
N GLY D 146 40.33 -16.17 7.74
CA GLY D 146 39.10 -16.91 7.62
C GLY D 146 38.12 -16.48 8.68
N ARG D 147 36.91 -16.12 8.26
CA ARG D 147 35.90 -15.58 9.16
C ARG D 147 34.74 -16.55 9.30
N LEU D 148 34.21 -16.64 10.51
CA LEU D 148 33.00 -17.39 10.79
C LEU D 148 31.84 -16.42 10.85
N CYS D 149 30.90 -16.57 9.93
CA CYS D 149 29.69 -15.74 9.92
C CYS D 149 28.68 -16.35 10.88
N MET D 150 28.37 -15.62 11.96
CA MET D 150 27.43 -16.07 12.97
C MET D 150 26.32 -15.05 13.09
N LEU D 151 25.07 -15.53 13.01
CA LEU D 151 23.90 -14.67 13.07
C LEU D 151 22.92 -15.26 14.08
N VAL D 152 22.60 -14.49 15.10
CA VAL D 152 21.62 -14.91 16.11
C VAL D 152 20.29 -14.28 15.76
N ASP D 153 19.28 -15.11 15.48
CA ASP D 153 17.99 -14.63 15.01
C ASP D 153 17.12 -14.23 16.20
N HIS D 154 17.55 -13.16 16.88
CA HIS D 154 16.82 -12.67 18.03
C HIS D 154 15.42 -12.21 17.67
N GLU D 155 15.24 -11.68 16.47
CA GLU D 155 13.96 -11.14 16.03
C GLU D 155 13.04 -12.18 15.42
N TYR D 156 13.50 -13.43 15.28
CA TYR D 156 12.71 -14.51 14.68
C TYR D 156 12.25 -14.14 13.27
N LYS D 157 13.10 -13.41 12.55
CA LYS D 157 12.78 -12.98 11.20
C LYS D 157 12.92 -14.10 10.18
N TYR D 158 13.64 -15.16 10.50
CA TYR D 158 13.82 -16.31 9.64
C TYR D 158 13.00 -17.50 10.15
N PRO D 159 12.59 -18.42 9.27
CA PRO D 159 11.79 -19.55 9.71
C PRO D 159 12.48 -20.36 10.80
N TYR D 160 11.68 -20.81 11.76
CA TYR D 160 12.18 -21.52 12.93
C TYR D 160 11.94 -23.01 12.75
N VAL D 161 13.03 -23.78 12.67
CA VAL D 161 12.95 -25.21 12.38
C VAL D 161 13.41 -26.07 13.54
N LEU D 162 13.79 -25.46 14.66
CA LEU D 162 14.15 -26.24 15.84
C LEU D 162 12.91 -26.83 16.50
N GLY D 163 13.12 -27.91 17.23
CA GLY D 163 12.03 -28.51 17.99
C GLY D 163 10.99 -29.23 17.16
N GLN D 164 11.38 -29.79 16.02
CA GLN D 164 10.47 -30.58 15.20
C GLN D 164 10.83 -32.06 15.20
N GLY D 165 11.62 -32.49 16.19
CA GLY D 165 12.01 -33.88 16.27
C GLY D 165 12.90 -34.35 15.15
N GLN D 166 13.86 -33.52 14.73
CA GLN D 166 14.76 -33.88 13.64
C GLN D 166 16.06 -34.48 14.18
N ASP D 167 16.66 -35.34 13.36
CA ASP D 167 17.95 -35.96 13.70
C ASP D 167 19.09 -34.97 13.45
N THR D 168 19.04 -33.85 14.18
CA THR D 168 20.00 -32.77 14.04
C THR D 168 20.61 -32.36 15.36
N LEU D 169 20.35 -33.09 16.44
CA LEU D 169 20.77 -32.67 17.76
C LEU D 169 22.28 -32.76 17.94
N ALA D 170 22.78 -32.04 18.93
CA ALA D 170 24.17 -32.16 19.32
C ALA D 170 24.40 -33.57 19.88
N PRO D 171 25.62 -34.10 19.74
CA PRO D 171 25.89 -35.45 20.24
C PRO D 171 25.68 -35.54 21.75
N GLU D 172 25.11 -36.65 22.20
CA GLU D 172 24.76 -36.81 23.60
C GLU D 172 25.98 -37.07 24.48
N LEU D 173 27.11 -37.48 23.91
CA LEU D 173 28.30 -37.68 24.69
C LEU D 173 29.28 -36.54 24.48
N PRO D 174 29.93 -36.06 25.54
CA PRO D 174 30.89 -34.95 25.39
C PRO D 174 32.10 -35.31 24.55
N ILE D 175 32.37 -36.60 24.34
CA ILE D 175 33.54 -37.02 23.58
C ILE D 175 33.32 -37.03 22.08
N TRP D 176 32.16 -36.57 21.60
CA TRP D 176 31.83 -36.58 20.20
C TRP D 176 31.81 -35.17 19.63
N VAL D 177 31.95 -35.09 18.31
CA VAL D 177 32.02 -33.81 17.60
C VAL D 177 30.67 -33.53 16.97
N TYR D 178 30.18 -32.31 17.16
CA TYR D 178 28.90 -31.88 16.59
C TYR D 178 29.11 -31.43 15.15
N PHE D 179 28.21 -31.85 14.27
CA PHE D 179 28.15 -31.36 12.90
C PHE D 179 26.84 -30.63 12.72
N PRO D 180 26.79 -29.32 12.90
CA PRO D 180 25.53 -28.59 12.85
C PRO D 180 24.82 -28.78 11.53
N PRO D 181 23.51 -28.99 11.55
CA PRO D 181 22.78 -29.27 10.32
C PRO D 181 22.70 -28.05 9.42
N GLN D 182 22.60 -28.31 8.12
CA GLN D 182 22.40 -27.23 7.16
C GLN D 182 21.00 -26.66 7.30
N TYR D 183 20.91 -25.33 7.28
CA TYR D 183 19.63 -24.67 7.48
C TYR D 183 18.79 -24.73 6.22
N ALA D 184 17.55 -25.18 6.36
CA ALA D 184 16.59 -25.18 5.28
C ALA D 184 15.20 -25.07 5.89
N TYR D 185 14.25 -24.61 5.08
CA TYR D 185 12.91 -24.39 5.59
C TYR D 185 11.90 -24.63 4.48
N LEU D 186 10.64 -24.81 4.89
CA LEU D 186 9.53 -24.99 3.97
C LEU D 186 8.63 -23.77 4.02
N THR D 187 8.12 -23.36 2.86
CA THR D 187 7.27 -22.19 2.75
C THR D 187 6.06 -22.53 1.89
N VAL D 188 5.16 -21.56 1.76
CA VAL D 188 3.91 -21.75 1.03
C VAL D 188 4.13 -21.50 -0.46
N GLY D 189 3.20 -21.94 -1.27
CA GLY D 189 3.32 -21.74 -2.70
C GLY D 189 2.03 -22.13 -3.40
N ASP D 190 2.08 -22.12 -4.73
CA ASP D 190 0.94 -22.48 -5.57
C ASP D 190 1.19 -23.83 -6.20
N VAL D 191 0.24 -24.75 -6.05
CA VAL D 191 0.39 -26.09 -6.59
C VAL D 191 -0.02 -26.07 -8.06
N ASN D 192 0.88 -26.52 -8.93
CA ASN D 192 0.65 -26.57 -10.36
C ASN D 192 0.79 -27.99 -10.84
N THR D 193 -0.15 -28.43 -11.69
CA THR D 193 -0.11 -29.75 -12.28
C THR D 193 0.80 -29.74 -13.50
N GLN D 194 1.59 -30.80 -13.66
CA GLN D 194 2.59 -30.86 -14.72
C GLN D 194 1.98 -31.28 -16.05
N GLY D 195 0.92 -30.60 -16.47
CA GLY D 195 0.36 -30.81 -17.80
C GLY D 195 -0.12 -32.23 -18.02
N ILE D 196 0.34 -32.83 -19.12
CA ILE D 196 -0.14 -34.15 -19.52
C ILE D 196 0.25 -35.21 -18.50
N SER D 197 1.48 -35.13 -17.98
CA SER D 197 1.98 -36.18 -17.09
C SER D 197 1.10 -36.34 -15.85
N GLY D 198 0.44 -35.27 -15.42
CA GLY D 198 -0.47 -35.33 -14.30
C GLY D 198 0.16 -35.17 -12.94
N ASP D 199 1.49 -35.08 -12.86
CA ASP D 199 2.15 -34.85 -11.59
C ASP D 199 1.93 -33.41 -11.13
N SER D 200 2.20 -33.17 -9.86
CA SER D 200 1.99 -31.86 -9.25
C SER D 200 3.26 -31.40 -8.57
N LYS D 201 3.45 -30.08 -8.53
CA LYS D 201 4.60 -29.48 -7.87
C LYS D 201 4.20 -28.13 -7.30
N LYS D 202 4.70 -27.83 -6.10
CA LYS D 202 4.40 -26.55 -5.47
C LYS D 202 5.40 -25.52 -5.98
N LEU D 203 5.02 -24.79 -7.02
CA LEU D 203 5.83 -23.69 -7.51
C LEU D 203 5.76 -22.51 -6.54
N ALA D 204 6.84 -21.73 -6.50
CA ALA D 204 6.89 -20.58 -5.62
C ALA D 204 5.85 -19.55 -6.04
N SER D 205 5.32 -18.83 -5.06
CA SER D 205 4.29 -17.83 -5.33
C SER D 205 4.69 -16.48 -4.75
N GLU D 206 3.79 -15.51 -4.81
CA GLU D 206 4.05 -14.23 -4.19
C GLU D 206 4.13 -14.35 -2.67
N GLU D 207 3.34 -15.25 -2.08
CA GLU D 207 3.40 -15.47 -0.65
C GLU D 207 4.60 -16.31 -0.23
N SER D 208 5.25 -16.99 -1.18
CA SER D 208 6.44 -17.76 -0.86
C SER D 208 7.52 -16.85 -0.32
N ALA D 209 8.12 -17.26 0.80
CA ALA D 209 9.11 -16.46 1.51
C ALA D 209 10.50 -16.97 1.15
N PHE D 210 11.23 -16.19 0.37
CA PHE D 210 12.62 -16.49 0.04
C PHE D 210 13.52 -15.65 0.93
N TYR D 211 14.31 -16.30 1.77
CA TYR D 211 15.15 -15.62 2.74
C TYR D 211 16.61 -15.77 2.37
N VAL D 212 17.29 -14.63 2.26
CA VAL D 212 18.73 -14.59 2.00
C VAL D 212 19.38 -14.08 3.27
N LEU D 213 20.05 -14.98 4.00
CA LEU D 213 20.65 -14.60 5.27
C LEU D 213 21.83 -13.65 5.10
N GLU D 214 22.45 -13.64 3.92
CA GLU D 214 23.52 -12.68 3.67
C GLU D 214 23.02 -11.24 3.62
N HIS D 215 21.71 -11.05 3.45
CA HIS D 215 21.12 -9.71 3.46
C HIS D 215 20.72 -9.30 4.88
N SER D 216 21.66 -9.39 5.80
CA SER D 216 21.43 -9.03 7.19
C SER D 216 22.78 -8.77 7.85
N SER D 217 22.73 -8.12 9.01
CA SER D 217 23.93 -7.82 9.77
C SER D 217 24.26 -8.99 10.68
N PHE D 218 25.39 -9.65 10.42
CA PHE D 218 25.83 -10.77 11.24
C PHE D 218 27.32 -10.64 11.53
N GLN D 219 27.73 -11.25 12.64
CA GLN D 219 29.10 -11.13 13.11
C GLN D 219 30.05 -11.97 12.29
N LEU D 220 31.27 -11.46 12.13
CA LEU D 220 32.39 -12.22 11.58
C LEU D 220 33.40 -12.45 12.69
N LEU D 221 33.71 -13.71 12.96
CA LEU D 221 34.56 -14.08 14.08
C LEU D 221 35.79 -14.81 13.58
N GLY D 222 36.97 -14.34 13.98
CA GLY D 222 38.21 -14.93 13.52
C GLY D 222 38.62 -16.14 14.35
N THR D 223 39.77 -16.69 14.00
CA THR D 223 40.32 -17.85 14.70
C THR D 223 40.65 -17.48 16.15
N GLY D 224 40.02 -18.15 17.09
CA GLY D 224 40.16 -17.84 18.49
C GLY D 224 39.13 -16.89 19.03
N GLY D 225 38.25 -16.35 18.19
CA GLY D 225 37.20 -15.48 18.66
C GLY D 225 36.09 -16.24 19.35
N THR D 226 35.13 -15.47 19.86
CA THR D 226 34.01 -16.05 20.58
C THR D 226 32.81 -15.12 20.47
N ALA D 227 31.63 -15.67 20.75
CA ALA D 227 30.41 -14.88 20.77
C ALA D 227 29.41 -15.57 21.70
N THR D 228 28.45 -14.79 22.19
CA THR D 228 27.51 -15.28 23.19
C THR D 228 26.09 -14.86 22.83
N MET D 229 25.16 -15.79 22.97
CA MET D 229 23.74 -15.53 22.91
C MET D 229 23.13 -15.79 24.28
N SER D 230 22.36 -14.83 24.78
CA SER D 230 21.60 -14.99 26.01
C SER D 230 20.11 -14.99 25.69
N TYR D 231 19.36 -15.80 26.42
CA TYR D 231 17.93 -15.91 26.20
C TYR D 231 17.26 -16.19 27.53
N LYS D 232 16.08 -15.61 27.73
CA LYS D 232 15.31 -15.80 28.95
C LYS D 232 14.00 -16.47 28.59
N PHE D 233 13.77 -17.65 29.14
CA PHE D 233 12.54 -18.38 28.86
C PHE D 233 11.35 -17.62 29.44
N PRO D 234 10.21 -17.63 28.76
CA PRO D 234 9.00 -17.07 29.35
C PRO D 234 8.52 -17.94 30.49
N PRO D 235 7.75 -17.38 31.43
CA PRO D 235 7.22 -18.21 32.53
C PRO D 235 6.32 -19.31 31.99
N VAL D 236 6.74 -20.55 32.22
CA VAL D 236 6.06 -21.72 31.65
C VAL D 236 5.59 -22.62 32.79
N PRO D 237 4.56 -23.42 32.58
CA PRO D 237 4.13 -24.37 33.62
C PRO D 237 5.20 -25.41 33.88
N PRO D 238 5.62 -25.58 35.13
CA PRO D 238 6.60 -26.62 35.44
C PRO D 238 6.03 -28.01 35.21
N GLU D 239 6.91 -28.93 34.82
CA GLU D 239 6.54 -30.31 34.59
C GLU D 239 6.71 -31.10 35.90
N ASN D 240 5.63 -31.68 36.38
CA ASN D 240 5.65 -32.38 37.66
C ASN D 240 6.51 -33.64 37.56
N LEU D 241 7.45 -33.78 38.49
CA LEU D 241 8.32 -34.95 38.56
C LEU D 241 7.81 -36.01 39.52
N GLU D 242 6.63 -35.82 40.09
CA GLU D 242 6.07 -36.73 41.08
C GLU D 242 4.72 -37.24 40.60
N GLY D 243 4.38 -38.45 41.04
CA GLY D 243 3.20 -39.14 40.57
C GLY D 243 2.01 -38.98 41.50
N CYS D 244 1.04 -39.88 41.33
CA CYS D 244 -0.19 -39.87 42.11
C CYS D 244 -0.40 -41.26 42.70
N SER D 245 -0.81 -41.31 43.97
CA SER D 245 -1.08 -42.57 44.66
C SER D 245 -2.56 -42.89 44.71
N GLN D 246 -3.37 -42.21 43.89
CA GLN D 246 -4.81 -42.41 43.89
C GLN D 246 -5.32 -42.32 42.46
N HIS D 247 -6.54 -42.81 42.26
CA HIS D 247 -7.29 -42.59 41.04
C HIS D 247 -8.31 -41.48 41.31
N PHE D 248 -8.37 -40.49 40.42
CA PHE D 248 -9.27 -39.37 40.63
C PHE D 248 -10.73 -39.79 40.58
N TYR D 249 -11.02 -40.96 40.02
CA TYR D 249 -12.36 -41.53 40.05
C TYR D 249 -12.58 -42.46 41.23
N GLU D 250 -11.59 -42.60 42.10
CA GLU D 250 -11.68 -43.39 43.33
C GLU D 250 -11.25 -42.57 44.51
N MET D 251 -11.70 -41.31 44.57
CA MET D 251 -11.34 -40.40 45.63
C MET D 251 -12.35 -40.40 46.78
N TYR D 252 -13.34 -41.28 46.74
CA TYR D 252 -14.42 -41.30 47.71
C TYR D 252 -14.04 -42.16 48.91
N ASN D 253 -15.00 -42.39 49.80
CA ASN D 253 -14.81 -43.24 50.96
C ASN D 253 -15.37 -44.63 50.64
N PRO D 254 -14.53 -45.66 50.58
CA PRO D 254 -15.04 -46.99 50.20
C PRO D 254 -16.01 -47.59 51.21
N LEU D 255 -16.03 -47.11 52.45
CA LEU D 255 -16.86 -47.71 53.48
C LEU D 255 -18.31 -47.25 53.42
N TYR D 256 -18.60 -46.15 52.73
CA TYR D 256 -19.91 -45.53 52.76
C TYR D 256 -20.49 -45.41 51.36
N GLY D 257 -21.78 -45.68 51.23
CA GLY D 257 -22.47 -45.50 49.98
C GLY D 257 -22.79 -44.05 49.70
N SER D 258 -23.22 -43.79 48.47
CA SER D 258 -23.52 -42.44 48.04
C SER D 258 -24.95 -42.05 48.40
N ARG D 259 -25.13 -40.78 48.75
CA ARG D 259 -26.45 -40.25 49.05
C ARG D 259 -27.25 -39.92 47.79
N LEU D 260 -26.64 -40.01 46.62
CA LEU D 260 -27.29 -39.69 45.36
C LEU D 260 -27.69 -40.98 44.66
N GLY D 261 -28.95 -41.04 44.22
CA GLY D 261 -29.45 -42.20 43.54
C GLY D 261 -29.16 -42.17 42.05
N VAL D 262 -29.26 -43.35 41.44
CA VAL D 262 -29.03 -43.51 40.00
C VAL D 262 -30.24 -44.22 39.41
N PRO D 263 -30.48 -44.06 38.11
CA PRO D 263 -31.65 -44.70 37.49
C PRO D 263 -31.63 -46.21 37.69
N ASP D 264 -32.81 -46.75 37.98
CA ASP D 264 -33.02 -48.18 38.14
C ASP D 264 -33.96 -48.73 37.07
N THR D 265 -35.13 -48.14 36.90
CA THR D 265 -36.05 -48.44 35.82
C THR D 265 -36.04 -47.25 34.86
N LEU D 266 -35.90 -47.54 33.57
CA LEU D 266 -35.82 -46.50 32.55
C LEU D 266 -37.22 -46.20 32.02
N GLY D 267 -37.28 -45.39 30.97
CA GLY D 267 -38.53 -45.04 30.34
C GLY D 267 -38.93 -43.60 30.58
N GLY D 268 -40.21 -43.32 30.33
CA GLY D 268 -40.73 -41.97 30.51
C GLY D 268 -40.90 -41.57 31.96
N ASP D 269 -41.03 -42.54 32.85
CA ASP D 269 -41.18 -42.30 34.29
C ASP D 269 -40.12 -43.12 35.01
N PRO D 270 -38.87 -42.65 35.00
CA PRO D 270 -37.79 -43.45 35.58
C PRO D 270 -37.82 -43.45 37.10
N LYS D 271 -37.57 -44.61 37.68
CA LYS D 271 -37.38 -44.76 39.11
C LYS D 271 -35.88 -44.72 39.41
N PHE D 272 -35.54 -44.33 40.64
CA PHE D 272 -34.15 -44.19 41.04
C PHE D 272 -33.89 -45.00 42.30
N ARG D 273 -32.65 -45.46 42.44
CA ARG D 273 -32.24 -46.28 43.56
C ARG D 273 -31.06 -45.62 44.28
N SER D 274 -31.00 -45.82 45.59
CA SER D 274 -29.89 -45.30 46.38
C SER D 274 -28.71 -46.25 46.31
N LEU D 275 -27.51 -45.69 46.39
CA LEU D 275 -26.29 -46.46 46.22
C LEU D 275 -25.80 -47.03 47.54
N THR D 276 -25.07 -48.13 47.45
CA THR D 276 -24.47 -48.81 48.58
C THR D 276 -22.95 -48.86 48.40
N HIS D 277 -22.27 -49.53 49.33
CA HIS D 277 -20.84 -49.71 49.24
C HIS D 277 -20.44 -50.98 48.50
N GLU D 278 -21.41 -51.71 47.95
CA GLU D 278 -21.12 -52.86 47.11
C GLU D 278 -21.01 -52.48 45.64
N ASP D 279 -21.75 -51.45 45.23
CA ASP D 279 -21.75 -50.99 43.83
C ASP D 279 -20.87 -49.75 43.71
N HIS D 280 -19.58 -49.98 43.55
CA HIS D 280 -18.60 -48.91 43.42
C HIS D 280 -18.37 -48.48 41.98
N ALA D 281 -18.95 -49.18 41.01
CA ALA D 281 -18.79 -48.81 39.61
C ALA D 281 -19.75 -47.72 39.17
N ILE D 282 -20.79 -47.43 39.94
CA ILE D 282 -21.77 -46.42 39.61
C ILE D 282 -21.65 -45.19 40.50
N GLN D 283 -20.51 -45.02 41.14
CA GLN D 283 -20.31 -43.85 42.00
C GLN D 283 -20.26 -42.59 41.14
N PRO D 284 -21.08 -41.58 41.44
CA PRO D 284 -21.03 -40.34 40.66
C PRO D 284 -19.69 -39.64 40.82
N GLN D 285 -19.29 -38.95 39.75
CA GLN D 285 -17.99 -38.29 39.69
C GLN D 285 -18.17 -36.77 39.65
N ASN D 286 -17.32 -36.08 40.41
CA ASN D 286 -17.34 -34.61 40.40
C ASN D 286 -16.67 -34.05 39.15
N PHE D 287 -15.69 -34.75 38.60
CA PHE D 287 -14.93 -34.26 37.46
C PHE D 287 -14.80 -35.37 36.42
N MET D 288 -14.55 -34.96 35.18
CA MET D 288 -14.54 -35.85 34.04
C MET D 288 -13.12 -36.18 33.61
N PRO D 289 -12.91 -37.31 32.93
CA PRO D 289 -11.58 -37.61 32.40
C PRO D 289 -11.24 -36.74 31.21
N GLY D 290 -9.96 -36.77 30.84
CA GLY D 290 -9.46 -35.95 29.76
C GLY D 290 -9.87 -36.46 28.40
N PRO D 291 -9.71 -35.61 27.38
CA PRO D 291 -10.10 -36.02 26.02
C PRO D 291 -9.13 -37.03 25.44
N LEU D 292 -9.67 -37.97 24.67
CA LEU D 292 -8.88 -38.98 23.97
C LEU D 292 -9.22 -38.91 22.48
N VAL D 293 -8.19 -38.79 21.65
CA VAL D 293 -8.36 -38.66 20.21
C VAL D 293 -7.60 -39.82 19.57
N ASN D 294 -8.33 -40.87 19.18
CA ASN D 294 -7.75 -42.04 18.53
C ASN D 294 -6.62 -42.62 19.37
N SER D 295 -6.84 -42.72 20.68
CA SER D 295 -5.86 -43.26 21.60
C SER D 295 -6.08 -44.77 21.70
N VAL D 296 -5.64 -45.48 20.67
CA VAL D 296 -5.79 -46.93 20.59
C VAL D 296 -4.44 -47.57 20.31
N SER D 297 -4.35 -48.85 20.64
CA SER D 297 -3.10 -49.59 20.52
C SER D 297 -2.85 -50.01 19.07
N THR D 298 -1.64 -50.48 18.82
CA THR D 298 -1.25 -50.92 17.48
C THR D 298 -2.02 -52.17 17.05
N LYS D 299 -2.62 -52.90 17.99
CA LYS D 299 -3.41 -54.08 17.63
C LYS D 299 -4.64 -53.71 16.82
N GLU D 300 -5.11 -52.47 16.93
CA GLU D 300 -6.23 -51.97 16.14
C GLU D 300 -5.68 -51.11 15.00
N GLY D 301 -5.92 -51.54 13.77
CA GLY D 301 -5.44 -50.81 12.61
C GLY D 301 -5.95 -51.35 11.29
N ALA D 311 2.44 -47.41 4.38
CA ALA D 311 1.32 -46.46 4.34
C ALA D 311 1.25 -45.65 5.63
N LEU D 312 0.37 -44.65 5.63
CA LEU D 312 0.18 -43.78 6.79
C LEU D 312 -0.85 -44.41 7.72
N THR D 313 -0.49 -44.56 8.99
CA THR D 313 -1.38 -45.09 10.01
C THR D 313 -1.46 -44.11 11.17
N GLY D 314 -2.47 -44.32 12.02
CA GLY D 314 -2.66 -43.47 13.17
C GLY D 314 -3.47 -42.24 12.87
N LEU D 315 -3.45 -41.31 13.82
CA LEU D 315 -4.18 -40.05 13.68
C LEU D 315 -3.55 -39.23 12.57
N SER D 316 -4.31 -38.98 11.51
CA SER D 316 -3.83 -38.19 10.38
C SER D 316 -5.00 -37.37 9.84
N THR D 317 -4.68 -36.23 9.24
CA THR D 317 -5.68 -35.35 8.68
C THR D 317 -5.25 -34.90 7.28
N GLY D 318 -6.22 -34.73 6.39
CA GLY D 318 -5.89 -34.39 5.03
C GLY D 318 -7.12 -34.25 4.17
N THR D 319 -6.89 -34.18 2.86
CA THR D 319 -7.96 -33.97 1.90
C THR D 319 -8.52 -35.27 1.33
N SER D 320 -7.78 -36.36 1.44
CA SER D 320 -8.21 -37.66 0.94
C SER D 320 -7.39 -38.73 1.62
N GLN D 321 -7.74 -39.98 1.34
CA GLN D 321 -7.01 -41.09 1.94
C GLN D 321 -5.54 -41.09 1.54
N ASN D 322 -5.24 -40.64 0.31
CA ASN D 322 -3.87 -40.64 -0.19
C ASN D 322 -3.17 -39.30 0.00
N THR D 323 -3.87 -38.27 0.46
CA THR D 323 -3.28 -36.94 0.70
C THR D 323 -3.58 -36.56 2.14
N ARG D 324 -2.63 -36.88 3.03
CA ARG D 324 -2.78 -36.61 4.45
C ARG D 324 -1.44 -36.16 5.03
N ILE D 325 -1.50 -35.71 6.27
CA ILE D 325 -0.32 -35.52 7.11
C ILE D 325 -0.60 -36.22 8.43
N SER D 326 0.42 -36.87 8.98
CA SER D 326 0.27 -37.59 10.23
C SER D 326 0.21 -36.61 11.39
N LEU D 327 -0.79 -36.79 12.26
CA LEU D 327 -0.91 -35.99 13.47
C LEU D 327 -0.30 -36.69 14.68
N ARG D 328 0.68 -37.58 14.45
CA ARG D 328 1.39 -38.19 15.54
C ARG D 328 2.19 -37.13 16.30
N PRO D 329 2.41 -37.33 17.61
CA PRO D 329 1.96 -38.44 18.45
C PRO D 329 0.58 -38.19 19.03
N GLY D 330 -0.13 -37.17 18.56
CA GLY D 330 -1.40 -36.80 19.12
C GLY D 330 -1.24 -35.79 20.25
N PRO D 331 -2.34 -35.40 20.87
CA PRO D 331 -2.27 -34.42 21.95
C PRO D 331 -1.50 -34.98 23.15
N VAL D 332 -0.89 -34.07 23.91
CA VAL D 332 -0.19 -34.45 25.13
C VAL D 332 -1.12 -34.98 26.20
N SER D 333 -2.42 -34.77 26.05
CA SER D 333 -3.39 -35.26 27.03
C SER D 333 -3.52 -36.77 27.03
N GLN D 334 -2.98 -37.46 26.04
CA GLN D 334 -3.11 -38.90 25.94
C GLN D 334 -1.75 -39.55 25.74
N PRO D 335 -1.56 -40.75 26.27
CA PRO D 335 -0.30 -41.47 26.07
C PRO D 335 -0.29 -42.21 24.73
N TYR D 336 0.90 -42.66 24.36
CA TYR D 336 1.06 -43.54 23.22
C TYR D 336 1.75 -44.85 23.58
N HIS D 337 2.11 -45.06 24.85
CA HIS D 337 2.74 -46.29 25.30
C HIS D 337 2.75 -46.29 26.82
N HIS D 338 2.39 -47.44 27.40
CA HIS D 338 2.42 -47.59 28.86
C HIS D 338 2.34 -49.07 29.19
N TRP D 339 2.71 -49.39 30.43
CA TRP D 339 2.65 -50.75 30.93
C TRP D 339 1.24 -51.04 31.46
N ASP D 340 0.56 -52.00 30.83
CA ASP D 340 -0.75 -52.44 31.29
C ASP D 340 -0.57 -53.40 32.47
N THR D 341 -1.64 -54.12 32.81
CA THR D 341 -1.57 -55.05 33.94
C THR D 341 -0.53 -56.13 33.70
N ASP D 342 -0.47 -56.69 32.49
CA ASP D 342 0.48 -57.75 32.19
C ASP D 342 1.10 -57.62 30.81
N LYS D 343 1.04 -56.43 30.20
CA LYS D 343 1.55 -56.26 28.84
C LYS D 343 1.95 -54.81 28.65
N TYR D 344 2.90 -54.58 27.74
CA TYR D 344 3.28 -53.23 27.33
C TYR D 344 2.43 -52.86 26.13
N VAL D 345 1.56 -51.87 26.29
CA VAL D 345 0.63 -51.46 25.25
C VAL D 345 1.16 -50.19 24.60
N THR D 346 1.32 -50.24 23.28
CA THR D 346 1.85 -49.13 22.50
C THR D 346 0.76 -48.59 21.59
N GLY D 347 0.55 -47.28 21.63
CA GLY D 347 -0.48 -46.68 20.81
C GLY D 347 -0.10 -46.63 19.34
N ILE D 348 -1.14 -46.52 18.50
CA ILE D 348 -0.92 -46.44 17.07
C ILE D 348 -0.26 -45.13 16.68
N ASN D 349 -0.38 -44.10 17.53
CA ASN D 349 0.26 -42.81 17.29
C ASN D 349 1.54 -42.65 18.12
N ALA D 350 2.30 -43.72 18.28
CA ALA D 350 3.49 -43.66 19.11
C ALA D 350 4.71 -43.19 18.32
N ILE D 351 5.49 -42.32 18.94
CA ILE D 351 6.77 -41.88 18.41
C ILE D 351 7.87 -42.51 19.26
N SER D 352 8.88 -43.06 18.61
CA SER D 352 9.94 -43.81 19.27
C SER D 352 11.24 -43.02 19.21
N HIS D 353 11.77 -42.66 20.38
CA HIS D 353 13.07 -41.99 20.47
C HIS D 353 14.15 -43.03 20.26
N GLY D 354 14.42 -43.32 18.99
CA GLY D 354 15.32 -44.41 18.64
C GLY D 354 14.62 -45.75 18.76
N GLN D 355 15.37 -46.81 18.45
CA GLN D 355 14.85 -48.16 18.51
C GLN D 355 15.89 -49.08 19.11
N THR D 356 15.45 -50.30 19.43
CA THR D 356 16.32 -51.36 19.94
C THR D 356 16.38 -52.47 18.90
N THR D 357 17.59 -52.79 18.46
CA THR D 357 17.78 -53.79 17.41
C THR D 357 17.90 -55.20 18.00
N GLN D 368 15.43 -50.59 11.87
CA GLN D 368 14.11 -50.92 12.36
C GLN D 368 14.17 -51.92 13.51
N GLY D 369 13.51 -51.58 14.61
CA GLY D 369 13.50 -52.47 15.76
C GLY D 369 12.40 -52.09 16.72
N VAL D 370 12.46 -52.65 17.92
CA VAL D 370 11.49 -52.34 18.96
C VAL D 370 11.68 -50.89 19.39
N GLY D 371 10.58 -50.14 19.43
CA GLY D 371 10.67 -48.74 19.75
C GLY D 371 10.98 -48.48 21.22
N ARG D 372 11.41 -47.25 21.49
CA ARG D 372 11.73 -46.81 22.84
C ARG D 372 10.77 -45.70 23.22
N PHE D 373 9.94 -45.95 24.23
CA PHE D 373 8.91 -45.03 24.68
C PHE D 373 8.95 -44.89 26.18
N PRO D 374 8.43 -43.80 26.73
CA PRO D 374 8.28 -43.69 28.18
C PRO D 374 7.07 -44.49 28.67
N ASN D 375 7.09 -44.78 29.96
CA ASN D 375 6.00 -45.49 30.61
C ASN D 375 5.04 -44.46 31.18
N GLU D 376 3.91 -44.25 30.50
CA GLU D 376 2.92 -43.26 30.94
C GLU D 376 1.94 -43.92 31.91
N LYS D 377 2.48 -44.32 33.06
CA LYS D 377 1.64 -44.90 34.10
C LYS D 377 0.76 -43.86 34.76
N GLU D 378 1.23 -42.62 34.86
CA GLU D 378 0.45 -41.56 35.48
C GLU D 378 -0.80 -41.21 34.68
N GLN D 379 -0.77 -41.41 33.37
CA GLN D 379 -1.95 -41.19 32.54
C GLN D 379 -2.86 -42.41 32.50
N LEU D 380 -2.29 -43.62 32.49
CA LEU D 380 -3.12 -44.81 32.61
C LEU D 380 -3.87 -44.84 33.94
N LYS D 381 -3.27 -44.29 34.99
CA LYS D 381 -3.91 -44.27 36.30
C LYS D 381 -5.14 -43.38 36.33
N GLN D 382 -5.28 -42.47 35.37
CA GLN D 382 -6.38 -41.50 35.41
C GLN D 382 -7.27 -41.61 34.17
N LEU D 383 -7.62 -42.84 33.80
CA LEU D 383 -8.59 -43.13 32.74
C LEU D 383 -8.11 -42.73 31.35
N GLN D 384 -6.83 -42.40 31.18
CA GLN D 384 -6.33 -41.98 29.89
C GLN D 384 -5.61 -43.08 29.13
N GLY D 385 -5.62 -44.30 29.64
CA GLY D 385 -4.87 -45.38 29.00
C GLY D 385 -5.37 -45.69 27.60
N LEU D 386 -4.55 -46.42 26.87
CA LEU D 386 -4.89 -46.79 25.50
C LEU D 386 -6.03 -47.81 25.49
N ASN D 387 -6.74 -47.86 24.36
CA ASN D 387 -7.91 -48.73 24.20
C ASN D 387 -8.94 -48.46 25.29
N MET D 388 -9.14 -47.19 25.60
CA MET D 388 -10.07 -46.79 26.67
C MET D 388 -11.40 -46.41 26.02
N HIS D 389 -12.34 -47.36 26.00
CA HIS D 389 -13.63 -47.11 25.40
C HIS D 389 -14.46 -46.17 26.25
N THR D 390 -15.29 -45.37 25.58
CA THR D 390 -16.22 -44.46 26.24
C THR D 390 -17.60 -44.68 25.66
N TYR D 391 -18.59 -44.80 26.54
CA TYR D 391 -19.91 -45.30 26.15
C TYR D 391 -20.94 -44.19 26.26
N PHE D 392 -21.66 -43.94 25.15
CA PHE D 392 -22.74 -42.96 25.08
C PHE D 392 -23.99 -43.69 24.62
N PRO D 393 -24.85 -44.16 25.55
CA PRO D 393 -26.08 -44.86 25.18
C PRO D 393 -27.04 -43.99 24.39
N THR D 401 -23.02 -46.68 20.25
CA THR D 401 -23.05 -46.39 21.68
C THR D 401 -21.67 -46.58 22.30
N ASP D 402 -20.84 -47.40 21.65
CA ASP D 402 -19.47 -47.67 22.11
C ASP D 402 -18.50 -47.04 21.13
N GLN D 403 -17.58 -46.23 21.65
CA GLN D 403 -16.58 -45.58 20.82
C GLN D 403 -15.37 -45.25 21.67
N ILE D 404 -14.27 -44.92 21.00
CA ILE D 404 -13.00 -44.66 21.65
C ILE D 404 -12.80 -43.18 21.94
N GLU D 405 -13.18 -42.31 21.00
CA GLU D 405 -12.93 -40.88 21.15
C GLU D 405 -13.69 -40.31 22.35
N ARG D 406 -12.98 -39.52 23.15
CA ARG D 406 -13.57 -38.85 24.29
C ARG D 406 -13.65 -37.36 24.04
N PRO D 407 -14.84 -36.76 24.12
CA PRO D 407 -14.94 -35.30 23.98
C PRO D 407 -14.30 -34.59 25.16
N LEU D 408 -13.92 -33.34 24.92
CA LEU D 408 -13.36 -32.49 25.97
C LEU D 408 -14.53 -31.95 26.79
N MET D 409 -14.85 -32.66 27.86
CA MET D 409 -15.97 -32.29 28.71
C MET D 409 -15.59 -31.14 29.65
N VAL D 410 -16.59 -30.34 30.01
CA VAL D 410 -16.38 -29.27 30.96
C VAL D 410 -16.12 -29.86 32.34
N GLY D 411 -15.09 -29.37 33.01
CA GLY D 411 -14.68 -29.95 34.28
C GLY D 411 -13.77 -31.14 34.16
N SER D 412 -13.09 -31.29 33.02
CA SER D 412 -12.21 -32.42 32.79
C SER D 412 -10.88 -32.25 33.51
N VAL D 413 -10.28 -33.37 33.87
CA VAL D 413 -8.95 -33.39 34.47
C VAL D 413 -8.16 -34.52 33.82
N TRP D 414 -6.90 -34.25 33.50
CA TRP D 414 -6.07 -35.25 32.84
C TRP D 414 -4.61 -34.97 33.14
N ASN D 415 -3.77 -35.97 32.87
CA ASN D 415 -2.33 -35.85 33.02
C ASN D 415 -1.69 -35.70 31.65
N ARG D 416 -0.63 -34.90 31.59
CA ARG D 416 0.14 -34.73 30.37
C ARG D 416 1.25 -35.77 30.31
N ARG D 417 1.73 -36.02 29.09
CA ARG D 417 2.83 -36.96 28.90
C ARG D 417 4.07 -36.47 29.62
N ALA D 418 4.73 -37.38 30.34
CA ALA D 418 5.82 -37.00 31.22
C ALA D 418 7.04 -36.56 30.41
N LEU D 419 7.85 -35.70 31.03
CA LEU D 419 9.08 -35.22 30.43
C LEU D 419 10.18 -36.25 30.68
N HIS D 420 10.56 -36.98 29.64
CA HIS D 420 11.57 -38.01 29.81
C HIS D 420 12.97 -37.45 29.55
N TYR D 421 13.98 -38.30 29.71
CA TYR D 421 15.36 -37.86 29.64
C TYR D 421 15.71 -37.34 28.25
N GLU D 422 15.25 -38.02 27.20
CA GLU D 422 15.62 -37.71 25.83
C GLU D 422 14.65 -36.76 25.14
N SER D 423 13.61 -36.30 25.83
CA SER D 423 12.61 -35.46 25.21
C SER D 423 13.18 -34.10 24.84
N GLN D 424 12.61 -33.51 23.79
CA GLN D 424 12.99 -32.15 23.42
C GLN D 424 12.55 -31.18 24.50
N LEU D 425 13.24 -30.04 24.56
CA LEU D 425 13.00 -29.08 25.63
C LEU D 425 11.98 -28.02 25.26
N TRP D 426 11.87 -27.66 23.98
CA TRP D 426 10.92 -26.64 23.58
C TRP D 426 10.52 -26.85 22.14
N SER D 427 9.52 -26.08 21.71
CA SER D 427 9.09 -26.03 20.33
C SER D 427 8.32 -24.74 20.13
N LYS D 428 8.47 -24.13 18.96
CA LYS D 428 7.87 -22.84 18.70
C LYS D 428 6.41 -23.01 18.34
N ILE D 429 5.51 -22.44 19.15
CA ILE D 429 4.09 -22.45 18.80
C ILE D 429 3.89 -21.61 17.53
N PRO D 430 3.16 -22.11 16.55
CA PRO D 430 2.86 -21.28 15.37
C PRO D 430 2.08 -20.04 15.77
N ASN D 431 2.27 -18.98 14.98
CA ASN D 431 1.69 -17.68 15.29
C ASN D 431 0.25 -17.54 14.83
N LEU D 432 -0.46 -18.66 14.70
CA LEU D 432 -1.86 -18.65 14.30
C LEU D 432 -2.69 -17.80 15.27
N ASP D 433 -3.90 -17.44 14.83
CA ASP D 433 -4.70 -16.46 15.56
C ASP D 433 -5.05 -16.94 16.96
N ASP D 434 -5.45 -18.20 17.10
CA ASP D 434 -5.88 -18.73 18.38
C ASP D 434 -5.24 -20.09 18.62
N SER D 435 -5.07 -20.41 19.90
CA SER D 435 -4.51 -21.69 20.30
C SER D 435 -5.19 -22.15 21.59
N PHE D 436 -5.20 -23.46 21.79
CA PHE D 436 -5.81 -24.05 22.98
C PHE D 436 -4.80 -24.93 23.68
N LYS D 437 -4.39 -24.52 24.88
CA LYS D 437 -3.50 -25.29 25.74
C LYS D 437 -2.25 -25.75 24.99
N THR D 438 -1.54 -24.77 24.43
CA THR D 438 -0.32 -25.01 23.68
C THR D 438 0.93 -24.87 24.55
N GLN D 439 0.78 -24.99 25.87
CA GLN D 439 1.94 -24.82 26.76
C GLN D 439 2.95 -25.93 26.58
N PHE D 440 2.51 -27.13 26.20
CA PHE D 440 3.39 -28.28 26.08
C PHE D 440 3.27 -28.88 24.69
N ALA D 441 4.41 -29.06 24.03
CA ALA D 441 4.44 -29.62 22.69
C ALA D 441 4.25 -31.13 22.73
N ALA D 442 3.71 -31.67 21.63
CA ALA D 442 3.42 -33.10 21.58
C ALA D 442 4.69 -33.94 21.65
N LEU D 443 5.76 -33.49 20.96
CA LEU D 443 7.02 -34.23 20.99
C LEU D 443 7.74 -34.11 22.31
N GLY D 444 7.29 -33.22 23.20
CA GLY D 444 7.91 -33.03 24.49
C GLY D 444 8.29 -31.58 24.71
N GLY D 445 8.67 -31.30 25.96
CA GLY D 445 9.09 -29.96 26.31
C GLY D 445 7.93 -28.99 26.40
N TRP D 446 8.24 -27.72 26.17
CA TRP D 446 7.29 -26.63 26.34
C TRP D 446 7.04 -25.94 25.01
N GLY D 447 5.84 -25.38 24.86
CA GLY D 447 5.51 -24.57 23.70
C GLY D 447 5.79 -23.12 24.00
N LEU D 448 6.58 -22.48 23.12
CA LEU D 448 7.00 -21.10 23.31
C LEU D 448 6.66 -20.29 22.07
N HIS D 449 6.02 -19.13 22.27
CA HIS D 449 5.84 -18.20 21.17
C HIS D 449 7.15 -17.53 20.80
N GLN D 450 8.05 -17.38 21.78
CA GLN D 450 9.38 -16.79 21.57
C GLN D 450 10.40 -17.80 22.10
N PRO D 451 10.72 -18.83 21.32
CA PRO D 451 11.63 -19.85 21.78
C PRO D 451 13.08 -19.38 21.70
N PRO D 452 14.03 -20.18 22.17
CA PRO D 452 15.44 -19.81 21.99
C PRO D 452 15.76 -19.54 20.53
N PRO D 453 16.32 -18.37 20.23
CA PRO D 453 16.55 -18.00 18.84
C PRO D 453 17.55 -18.92 18.16
N GLN D 454 17.38 -19.10 16.86
CA GLN D 454 18.30 -19.94 16.09
C GLN D 454 19.61 -19.20 15.86
N ILE D 455 20.71 -19.95 15.95
CA ILE D 455 22.05 -19.42 15.71
C ILE D 455 22.54 -20.03 14.39
N PHE D 456 22.70 -19.19 13.37
CA PHE D 456 23.14 -19.62 12.06
C PHE D 456 24.63 -19.41 11.93
N LEU D 457 25.34 -20.45 11.49
CA LEU D 457 26.78 -20.42 11.33
C LEU D 457 27.15 -20.81 9.90
N LYS D 458 28.07 -20.06 9.31
CA LYS D 458 28.67 -20.46 8.04
C LYS D 458 30.09 -19.90 8.00
N ILE D 459 30.82 -20.25 6.96
CA ILE D 459 32.19 -19.78 6.76
C ILE D 459 32.18 -18.80 5.60
N LEU D 460 32.77 -17.63 5.82
CA LEU D 460 32.83 -16.61 4.78
C LEU D 460 33.61 -17.15 3.58
N PRO D 461 33.03 -17.15 2.39
CA PRO D 461 33.67 -17.78 1.22
C PRO D 461 34.81 -16.97 0.63
N GLN D 462 36.00 -17.16 1.20
CA GLN D 462 37.20 -16.51 0.69
C GLN D 462 37.43 -16.89 -0.77
N SER D 463 37.86 -15.91 -1.56
CA SER D 463 38.01 -16.11 -2.99
C SER D 463 39.42 -16.56 -3.34
N GLY D 464 39.53 -17.33 -4.42
CA GLY D 464 40.80 -17.82 -4.88
C GLY D 464 41.57 -16.77 -5.65
N PRO D 465 42.78 -17.13 -6.05
CA PRO D 465 43.65 -16.17 -6.75
C PRO D 465 43.20 -15.91 -8.18
N ILE D 466 43.37 -14.66 -8.61
CA ILE D 466 43.17 -14.26 -9.99
C ILE D 466 44.27 -13.28 -10.34
N GLY D 467 44.85 -13.43 -11.53
CA GLY D 467 45.90 -12.52 -11.95
C GLY D 467 46.68 -12.97 -13.17
N GLY D 468 48.00 -12.92 -13.07
CA GLY D 468 48.86 -13.30 -14.17
C GLY D 468 49.02 -14.78 -14.39
N ILE D 469 48.49 -15.61 -13.49
CA ILE D 469 48.56 -17.05 -13.67
C ILE D 469 47.64 -17.47 -14.81
N LYS D 470 48.11 -18.42 -15.62
CA LYS D 470 47.40 -18.81 -16.84
C LYS D 470 46.10 -19.50 -16.48
N SER D 471 44.98 -18.80 -16.66
CA SER D 471 43.63 -19.35 -16.57
C SER D 471 43.41 -20.05 -15.22
N MET D 472 43.55 -19.28 -14.14
CA MET D 472 43.25 -19.83 -12.83
C MET D 472 41.75 -19.96 -12.62
N GLY D 473 40.98 -18.96 -13.03
CA GLY D 473 39.54 -19.00 -12.91
C GLY D 473 39.05 -18.58 -11.54
N ILE D 474 37.73 -18.43 -11.43
CA ILE D 474 37.11 -18.06 -10.17
C ILE D 474 36.99 -19.30 -9.30
N THR D 475 37.68 -19.30 -8.16
CA THR D 475 37.66 -20.41 -7.23
C THR D 475 37.42 -19.88 -5.83
N THR D 476 37.33 -20.80 -4.87
CA THR D 476 37.18 -20.48 -3.46
C THR D 476 38.22 -21.25 -2.65
N LEU D 477 38.79 -20.59 -1.65
CA LEU D 477 39.78 -21.23 -0.81
C LEU D 477 39.12 -22.31 0.05
N VAL D 478 39.78 -23.46 0.14
CA VAL D 478 39.25 -24.59 0.90
C VAL D 478 39.40 -24.30 2.39
N GLN D 479 38.30 -23.92 3.02
CA GLN D 479 38.29 -23.58 4.44
C GLN D 479 37.13 -24.29 5.12
N TYR D 480 37.39 -24.77 6.33
CA TYR D 480 36.35 -25.33 7.19
C TYR D 480 36.53 -24.78 8.59
N ALA D 481 35.43 -24.66 9.33
CA ALA D 481 35.47 -24.04 10.64
C ALA D 481 35.27 -25.08 11.72
N VAL D 482 35.92 -24.89 12.86
CA VAL D 482 35.72 -25.69 14.05
C VAL D 482 35.55 -24.76 15.23
N GLY D 483 35.03 -25.29 16.32
CA GLY D 483 34.90 -24.49 17.52
C GLY D 483 34.32 -25.31 18.66
N ILE D 484 34.10 -24.62 19.78
CA ILE D 484 33.49 -25.22 20.96
C ILE D 484 32.20 -24.48 21.25
N MET D 485 31.07 -25.18 21.12
CA MET D 485 29.77 -24.63 21.46
C MET D 485 29.49 -24.99 22.92
N THR D 486 29.38 -23.98 23.77
CA THR D 486 29.07 -24.16 25.17
C THR D 486 27.65 -23.64 25.41
N VAL D 487 26.76 -24.53 25.84
CA VAL D 487 25.36 -24.18 26.07
C VAL D 487 25.06 -24.35 27.55
N THR D 488 24.54 -23.30 28.17
CA THR D 488 24.16 -23.30 29.57
C THR D 488 22.67 -23.03 29.67
N MET D 489 21.93 -23.93 30.29
CA MET D 489 20.52 -23.73 30.56
C MET D 489 20.27 -23.81 32.06
N THR D 490 19.52 -22.85 32.58
CA THR D 490 19.04 -22.88 33.95
C THR D 490 17.64 -23.46 33.99
N PHE D 491 17.34 -24.20 35.06
CA PHE D 491 16.01 -24.75 35.28
C PHE D 491 15.55 -24.34 36.67
N LYS D 492 14.38 -23.72 36.73
CA LYS D 492 13.69 -23.55 38.00
C LYS D 492 13.22 -24.91 38.49
N LEU D 493 13.52 -25.23 39.74
CA LEU D 493 13.18 -26.52 40.33
C LEU D 493 12.29 -26.29 41.54
N GLY D 494 11.23 -27.10 41.63
CA GLY D 494 10.31 -27.02 42.73
C GLY D 494 10.61 -28.09 43.77
N PRO D 495 10.33 -27.79 45.03
CA PRO D 495 10.59 -28.76 46.09
C PRO D 495 9.67 -29.97 45.97
N ARG D 496 10.17 -31.11 46.43
CA ARG D 496 9.34 -32.31 46.49
C ARG D 496 8.16 -32.08 47.43
N LYS D 497 7.00 -32.61 47.05
CA LYS D 497 5.84 -32.50 47.92
C LYS D 497 6.05 -33.31 49.19
N ALA D 498 5.64 -32.74 50.32
CA ALA D 498 5.81 -33.42 51.59
C ALA D 498 4.97 -34.69 51.64
N THR D 499 5.52 -35.74 52.23
CA THR D 499 4.87 -37.03 52.30
C THR D 499 4.47 -37.36 53.73
N GLY D 500 3.27 -37.90 53.89
CA GLY D 500 2.80 -38.35 55.18
C GLY D 500 2.59 -39.85 55.24
N ARG D 501 3.07 -40.56 54.23
CA ARG D 501 2.90 -42.01 54.17
C ARG D 501 3.65 -42.69 55.31
N TRP D 502 3.15 -43.86 55.69
CA TRP D 502 3.91 -44.73 56.58
C TRP D 502 4.90 -45.59 55.79
N ASN D 503 4.41 -46.29 54.78
CA ASN D 503 5.27 -47.14 53.97
C ASN D 503 6.19 -46.29 53.10
N PRO D 504 7.35 -46.83 52.71
CA PRO D 504 8.28 -46.05 51.89
C PRO D 504 7.72 -45.73 50.52
N GLN D 505 8.16 -44.61 49.97
CA GLN D 505 7.84 -44.25 48.60
C GLN D 505 8.51 -45.23 47.65
N PRO D 506 7.95 -45.40 46.44
CA PRO D 506 8.63 -46.23 45.44
C PRO D 506 10.02 -45.69 45.14
N GLY D 507 10.97 -46.61 45.00
CA GLY D 507 12.32 -46.20 44.72
C GLY D 507 12.46 -45.61 43.33
N VAL D 508 13.41 -44.69 43.20
CA VAL D 508 13.71 -44.06 41.90
C VAL D 508 14.75 -44.96 41.24
N TYR D 509 14.26 -46.02 40.59
CA TYR D 509 15.17 -46.95 39.93
C TYR D 509 15.69 -46.35 38.63
N PRO D 510 16.99 -46.46 38.36
CA PRO D 510 17.48 -46.15 37.03
C PRO D 510 16.84 -47.07 36.01
N PRO D 511 16.60 -46.59 34.81
CA PRO D 511 15.82 -47.39 33.84
C PRO D 511 16.59 -48.63 33.41
N HIS D 512 15.81 -49.64 33.00
CA HIS D 512 16.41 -50.88 32.54
C HIS D 512 16.83 -50.76 31.08
N ALA D 513 17.84 -51.54 30.72
CA ALA D 513 18.36 -51.57 29.36
C ALA D 513 18.06 -52.94 28.74
N ALA D 514 18.12 -52.97 27.40
CA ALA D 514 17.89 -54.23 26.70
C ALA D 514 18.94 -55.26 27.05
N GLY D 515 20.14 -54.82 27.44
CA GLY D 515 21.18 -55.73 27.87
C GLY D 515 22.07 -55.12 28.93
N HIS D 516 22.23 -55.83 30.04
CA HIS D 516 23.05 -55.38 31.18
C HIS D 516 22.47 -54.06 31.69
N LEU D 517 23.25 -52.99 31.80
CA LEU D 517 22.81 -51.75 32.40
C LEU D 517 23.02 -50.59 31.43
N PRO D 518 22.19 -49.54 31.51
CA PRO D 518 22.38 -48.39 30.65
C PRO D 518 23.35 -47.38 31.22
N TYR D 519 23.90 -46.55 30.32
CA TYR D 519 24.76 -45.43 30.67
C TYR D 519 26.04 -45.86 31.39
N VAL D 520 26.38 -47.13 31.31
CA VAL D 520 27.63 -47.65 31.89
C VAL D 520 28.41 -48.33 30.78
N LEU D 521 29.67 -47.96 30.64
CA LEU D 521 30.55 -48.55 29.64
C LEU D 521 31.08 -49.88 30.20
N TYR D 522 30.62 -50.99 29.63
CA TYR D 522 31.00 -52.32 30.08
C TYR D 522 31.59 -53.10 28.92
N ASP D 523 32.03 -54.31 29.21
CA ASP D 523 32.59 -55.19 28.19
C ASP D 523 31.50 -56.12 27.69
N PRO D 524 31.07 -56.00 26.42
CA PRO D 524 30.03 -56.91 25.92
C PRO D 524 30.44 -58.36 25.95
N THR D 525 31.73 -58.66 25.78
CA THR D 525 32.19 -60.05 25.82
C THR D 525 32.18 -60.63 27.23
N ALA D 526 31.99 -59.80 28.26
CA ALA D 526 31.89 -60.28 29.63
C ALA D 526 30.45 -60.50 30.08
N THR D 527 29.48 -60.30 29.18
CA THR D 527 28.07 -60.46 29.49
C THR D 527 27.44 -61.43 28.50
N ASP D 528 26.38 -62.09 28.96
CA ASP D 528 25.63 -63.03 28.12
C ASP D 528 24.52 -62.36 27.34
N ALA D 529 24.39 -61.04 27.42
CA ALA D 529 23.35 -60.33 26.69
C ALA D 529 23.65 -60.33 25.19
N LYS D 530 22.59 -60.17 24.40
CA LYS D 530 22.67 -60.16 22.95
C LYS D 530 22.89 -58.77 22.37
N GLN D 531 23.04 -57.75 23.22
CA GLN D 531 23.09 -56.36 22.77
C GLN D 531 24.53 -55.91 22.53
N HIS D 532 25.24 -56.71 21.73
CA HIS D 532 26.63 -56.41 21.39
C HIS D 532 26.77 -55.31 20.36
N HIS D 533 25.73 -55.06 19.55
CA HIS D 533 25.81 -54.06 18.50
C HIS D 533 26.09 -52.66 19.04
N ARG D 534 25.68 -52.37 20.27
CA ARG D 534 25.92 -51.08 20.87
C ARG D 534 27.33 -50.93 21.45
N HIS D 535 28.10 -52.02 21.44
CA HIS D 535 29.55 -51.97 21.73
C HIS D 535 29.84 -51.49 23.14
N GLY D 536 29.13 -52.05 24.12
CA GLY D 536 29.46 -51.84 25.51
C GLY D 536 28.79 -50.65 26.16
N TYR D 537 28.25 -49.71 25.38
CA TYR D 537 27.51 -48.59 25.93
C TYR D 537 26.09 -48.67 25.39
N GLU D 538 25.12 -48.68 26.31
CA GLU D 538 23.73 -48.99 25.96
C GLU D 538 22.80 -47.93 26.54
N LYS D 539 21.82 -47.54 25.73
CA LYS D 539 20.71 -46.72 26.20
C LYS D 539 19.65 -47.60 26.87
N PRO D 540 18.88 -47.05 27.80
CA PRO D 540 17.74 -47.81 28.34
C PRO D 540 16.70 -48.05 27.26
N GLU D 541 16.07 -49.22 27.32
CA GLU D 541 15.01 -49.52 26.36
C GLU D 541 13.73 -48.77 26.68
N GLU D 542 13.59 -48.27 27.89
CA GLU D 542 12.47 -47.43 28.28
C GLU D 542 12.99 -46.03 28.60
N LEU D 543 12.38 -45.02 28.01
CA LEU D 543 12.81 -43.65 28.22
C LEU D 543 12.69 -43.28 29.70
N TRP D 544 13.72 -42.64 30.23
CA TRP D 544 13.80 -42.33 31.66
C TRP D 544 12.71 -41.32 32.01
N THR D 545 11.63 -41.81 32.63
CA THR D 545 10.39 -41.06 32.72
C THR D 545 10.21 -40.31 34.03
N ALA D 546 10.91 -40.71 35.09
CA ALA D 546 10.74 -40.13 36.43
C ALA D 546 9.31 -40.40 36.89
N LYS D 547 8.75 -39.50 37.71
CA LYS D 547 7.41 -39.65 38.27
C LYS D 547 7.28 -40.97 39.04
N SER D 548 8.26 -41.24 39.89
CA SER D 548 8.27 -42.46 40.69
C SER D 548 7.61 -42.27 42.04
N ARG D 549 7.91 -41.17 42.73
CA ARG D 549 7.29 -40.88 44.01
C ARG D 549 5.89 -40.35 43.81
N VAL D 550 4.93 -40.86 44.59
CA VAL D 550 3.52 -40.60 44.38
C VAL D 550 2.92 -39.96 45.62
N HIS D 551 1.83 -39.23 45.39
CA HIS D 551 1.15 -38.46 46.43
C HIS D 551 -0.35 -38.60 46.22
N PRO D 552 -1.15 -38.40 47.27
CA PRO D 552 -2.59 -38.52 47.12
C PRO D 552 -3.16 -37.36 46.31
N LEU D 553 -4.36 -37.59 45.78
CA LEU D 553 -5.01 -36.61 44.93
C LEU D 553 -5.88 -35.65 45.74
N THR E 1 -30.83 -50.20 107.02
CA THR E 1 -31.56 -49.00 106.60
C THR E 1 -31.26 -48.68 105.12
N SER E 2 -32.07 -47.79 104.55
CA SER E 2 -31.91 -47.39 103.16
C SER E 2 -32.60 -46.06 102.94
N VAL E 3 -32.27 -45.41 101.82
CA VAL E 3 -32.94 -44.18 101.45
C VAL E 3 -34.36 -44.42 100.97
N ASN E 4 -34.71 -45.68 100.67
CA ASN E 4 -36.08 -46.00 100.32
C ASN E 4 -37.02 -45.92 101.52
N SER E 5 -36.48 -45.88 102.73
CA SER E 5 -37.30 -45.74 103.92
C SER E 5 -37.99 -44.39 103.97
N ALA E 6 -37.34 -43.35 103.46
CA ALA E 6 -37.94 -42.02 103.44
C ALA E 6 -39.13 -41.99 102.48
N GLU E 7 -40.08 -41.10 102.79
CA GLU E 7 -41.34 -41.08 102.04
C GLU E 7 -41.12 -40.72 100.58
N ALA E 8 -40.42 -39.62 100.32
CA ALA E 8 -40.26 -39.14 98.95
C ALA E 8 -38.84 -38.67 98.66
N SER E 9 -37.86 -39.30 99.30
CA SER E 9 -36.46 -38.95 99.09
C SER E 9 -35.77 -39.99 98.21
N THR E 10 -34.85 -39.51 97.38
CA THR E 10 -34.06 -40.36 96.50
C THR E 10 -32.59 -40.18 96.81
N GLY E 11 -31.81 -41.24 96.58
CA GLY E 11 -30.39 -41.19 96.83
C GLY E 11 -29.68 -40.21 95.91
N ALA E 12 -28.64 -39.59 96.44
CA ALA E 12 -27.86 -38.60 95.69
C ALA E 12 -26.41 -39.06 95.63
N GLY E 13 -25.84 -39.03 94.42
CA GLY E 13 -24.46 -39.43 94.23
C GLY E 13 -23.43 -38.38 94.55
N GLY E 14 -23.83 -37.12 94.68
CA GLY E 14 -22.92 -36.06 95.02
C GLY E 14 -21.83 -35.81 94.00
N GLY E 15 -22.22 -35.72 92.72
CA GLY E 15 -21.26 -35.52 91.64
C GLY E 15 -20.59 -34.16 91.66
N GLY E 16 -19.95 -33.80 90.55
CA GLY E 16 -19.20 -32.56 90.47
C GLY E 16 -20.03 -31.39 89.99
N SER E 17 -19.38 -30.25 89.89
CA SER E 17 -20.00 -29.00 89.45
C SER E 17 -19.11 -28.32 88.43
N ASN E 18 -19.74 -27.64 87.48
CA ASN E 18 -19.01 -26.99 86.38
C ASN E 18 -19.76 -25.73 85.99
N PRO E 19 -19.41 -24.59 86.59
CA PRO E 19 -20.08 -23.31 86.26
C PRO E 19 -19.54 -22.71 84.96
N VAL E 20 -19.79 -23.41 83.85
CA VAL E 20 -19.23 -23.04 82.55
C VAL E 20 -20.36 -22.58 81.65
N LYS E 21 -20.18 -21.41 81.04
CA LYS E 21 -21.14 -20.85 80.09
C LYS E 21 -20.61 -21.09 78.68
N SER E 22 -21.36 -21.86 77.90
CA SER E 22 -21.03 -22.11 76.51
C SER E 22 -22.13 -21.52 75.63
N MET E 23 -21.93 -21.62 74.31
CA MET E 23 -22.86 -21.04 73.35
C MET E 23 -23.21 -22.07 72.30
N TRP E 24 -24.49 -22.11 71.93
CA TRP E 24 -24.99 -22.90 70.82
C TRP E 24 -25.31 -21.93 69.70
N SER E 25 -24.41 -21.81 68.74
CA SER E 25 -24.52 -20.82 67.67
C SER E 25 -25.17 -21.44 66.44
N GLU E 26 -26.17 -20.76 65.90
CA GLU E 26 -26.86 -21.21 64.71
C GLU E 26 -27.64 -20.04 64.13
N GLY E 27 -27.82 -20.06 62.81
CA GLY E 27 -28.55 -19.03 62.12
C GLY E 27 -27.70 -18.33 61.07
N ALA E 28 -28.38 -17.63 60.18
CA ALA E 28 -27.73 -16.88 59.11
C ALA E 28 -27.92 -15.39 59.35
N THR E 29 -26.80 -14.66 59.40
CA THR E 29 -26.82 -13.21 59.52
C THR E 29 -26.51 -12.65 58.14
N PHE E 30 -27.48 -11.95 57.55
CA PHE E 30 -27.36 -11.43 56.21
C PHE E 30 -26.86 -9.99 56.23
N SER E 31 -25.98 -9.67 55.28
CA SER E 31 -25.47 -8.32 55.09
C SER E 31 -25.78 -7.86 53.68
N ALA E 32 -25.27 -6.68 53.33
CA ALA E 32 -25.52 -6.14 52.01
C ALA E 32 -24.85 -6.97 50.92
N ASN E 33 -23.68 -7.55 51.22
CA ASN E 33 -22.92 -8.29 50.22
C ASN E 33 -22.39 -9.62 50.74
N SER E 34 -22.83 -10.08 51.90
CA SER E 34 -22.34 -11.34 52.45
C SER E 34 -23.35 -11.88 53.44
N VAL E 35 -23.23 -13.16 53.73
CA VAL E 35 -24.03 -13.82 54.76
C VAL E 35 -23.14 -14.75 55.57
N THR E 36 -23.28 -14.70 56.89
CA THR E 36 -22.54 -15.57 57.79
C THR E 36 -23.51 -16.60 58.35
N CYS E 37 -23.34 -17.85 57.96
CA CYS E 37 -24.25 -18.93 58.34
C CYS E 37 -23.54 -19.85 59.33
N THR E 38 -24.11 -19.98 60.51
CA THR E 38 -23.59 -20.86 61.54
C THR E 38 -24.56 -22.01 61.77
N PHE E 39 -24.04 -23.20 62.00
CA PHE E 39 -24.88 -24.30 62.44
C PHE E 39 -24.11 -25.16 63.43
N SER E 40 -24.78 -25.52 64.51
CA SER E 40 -24.22 -26.37 65.55
C SER E 40 -24.96 -27.70 65.56
N ARG E 41 -24.20 -28.79 65.64
CA ARG E 41 -24.76 -30.12 65.72
C ARG E 41 -24.05 -30.91 66.80
N GLN E 42 -24.83 -31.64 67.61
CA GLN E 42 -24.23 -32.58 68.54
C GLN E 42 -23.69 -33.77 67.77
N PHE E 43 -22.43 -34.11 68.03
CA PHE E 43 -21.78 -35.23 67.36
C PHE E 43 -21.34 -36.25 68.38
N LEU E 44 -21.41 -37.52 67.99
CA LEU E 44 -21.02 -38.64 68.84
C LEU E 44 -20.02 -39.50 68.09
N ILE E 45 -18.87 -39.75 68.71
CA ILE E 45 -17.86 -40.67 68.20
C ILE E 45 -17.94 -41.94 69.03
N PRO E 46 -18.36 -43.07 68.46
CA PRO E 46 -18.66 -44.25 69.27
C PRO E 46 -17.38 -44.90 69.80
N TYR E 47 -17.58 -45.76 70.80
CA TYR E 47 -16.47 -46.51 71.37
C TYR E 47 -15.98 -47.54 70.35
N ASP E 48 -14.72 -47.43 69.96
CA ASP E 48 -14.12 -48.39 69.04
C ASP E 48 -13.23 -49.32 69.83
N PRO E 49 -13.62 -50.56 70.07
CA PRO E 49 -12.86 -51.41 71.00
C PRO E 49 -11.44 -51.68 70.58
N GLU E 50 -11.18 -51.81 69.28
CA GLU E 50 -9.83 -52.07 68.78
C GLU E 50 -9.52 -51.07 67.67
N HIS E 51 -8.42 -50.33 67.86
CA HIS E 51 -7.98 -49.32 66.89
C HIS E 51 -7.06 -49.99 65.89
N HIS E 52 -7.66 -50.46 64.81
CA HIS E 52 -6.95 -51.26 63.80
C HIS E 52 -7.14 -50.65 62.42
N TYR E 53 -6.07 -50.67 61.63
CA TYR E 53 -6.13 -50.28 60.22
C TYR E 53 -6.45 -51.52 59.40
N LYS E 54 -7.45 -51.42 58.53
CA LYS E 54 -7.86 -52.52 57.68
C LYS E 54 -7.53 -52.23 56.23
N VAL E 55 -7.46 -53.30 55.43
CA VAL E 55 -7.24 -53.19 54.00
C VAL E 55 -8.55 -53.56 53.31
N PHE E 56 -9.17 -52.58 52.66
CA PHE E 56 -10.39 -52.79 51.90
C PHE E 56 -10.01 -53.38 50.54
N SER E 57 -10.35 -54.64 50.33
CA SER E 57 -9.95 -55.37 49.12
C SER E 57 -11.05 -56.35 48.74
N PRO E 58 -12.12 -55.87 48.12
CA PRO E 58 -13.15 -56.79 47.62
C PRO E 58 -12.68 -57.54 46.39
N ALA E 59 -13.30 -58.70 46.16
CA ALA E 59 -12.98 -59.53 45.01
C ALA E 59 -13.76 -59.06 43.79
N ALA E 60 -13.14 -59.22 42.62
CA ALA E 60 -13.72 -58.77 41.36
C ALA E 60 -13.75 -59.91 40.36
N SER E 61 -14.80 -59.94 39.54
CA SER E 61 -14.95 -60.97 38.53
C SER E 61 -15.65 -60.43 37.29
N LYS E 72 -24.16 -57.81 34.78
CA LYS E 72 -23.23 -57.57 35.87
C LYS E 72 -22.09 -56.65 35.44
N VAL E 73 -21.80 -55.64 36.25
CA VAL E 73 -20.79 -54.65 35.95
C VAL E 73 -19.83 -54.55 37.13
N CYS E 74 -18.55 -54.32 36.82
CA CYS E 74 -17.53 -54.10 37.84
C CYS E 74 -16.64 -52.95 37.40
N THR E 75 -15.77 -52.51 38.30
CA THR E 75 -14.84 -51.44 37.98
C THR E 75 -13.83 -51.91 36.93
N ILE E 76 -13.06 -50.96 36.42
CA ILE E 76 -12.04 -51.29 35.43
C ILE E 76 -11.01 -52.25 36.02
N SER E 77 -10.57 -51.96 37.23
CA SER E 77 -9.72 -52.84 38.01
C SER E 77 -10.28 -52.93 39.42
N PRO E 78 -10.04 -54.03 40.13
CA PRO E 78 -10.52 -54.13 41.51
C PRO E 78 -9.96 -53.01 42.36
N ILE E 79 -10.77 -52.53 43.30
CA ILE E 79 -10.35 -51.41 44.13
C ILE E 79 -9.60 -51.93 45.36
N MET E 80 -8.82 -51.05 45.97
CA MET E 80 -8.14 -51.35 47.22
C MET E 80 -7.93 -50.06 47.98
N GLY E 81 -7.99 -50.16 49.30
CA GLY E 81 -7.78 -48.98 50.12
C GLY E 81 -7.52 -49.36 51.56
N TYR E 82 -7.51 -48.35 52.41
CA TYR E 82 -7.28 -48.54 53.83
C TYR E 82 -8.39 -47.89 54.65
N SER E 83 -8.82 -48.61 55.67
CA SER E 83 -9.79 -48.12 56.64
C SER E 83 -9.07 -47.79 57.94
N THR E 84 -9.28 -46.58 58.45
CA THR E 84 -8.59 -46.06 59.61
C THR E 84 -9.53 -46.01 60.81
N PRO E 85 -8.99 -46.06 62.03
CA PRO E 85 -9.87 -45.97 63.22
C PRO E 85 -10.31 -44.55 63.51
N TRP E 86 -10.06 -43.63 62.58
CA TRP E 86 -10.38 -42.22 62.75
C TRP E 86 -11.71 -41.89 62.10
N ARG E 87 -12.45 -40.98 62.71
CA ARG E 87 -13.66 -40.43 62.13
C ARG E 87 -13.39 -38.99 61.69
N TYR E 88 -14.08 -38.56 60.64
CA TYR E 88 -13.86 -37.24 60.07
C TYR E 88 -15.19 -36.53 59.91
N LEU E 89 -15.15 -35.20 60.07
CA LEU E 89 -16.36 -34.39 59.96
C LEU E 89 -16.72 -34.14 58.51
N ASP E 90 -18.00 -34.24 58.20
CA ASP E 90 -18.52 -33.97 56.86
C ASP E 90 -19.67 -32.99 56.97
N PHE E 91 -19.47 -31.78 56.43
CA PHE E 91 -20.48 -30.74 56.43
C PHE E 91 -20.58 -30.10 55.05
N ASN E 92 -20.32 -30.87 54.00
CA ASN E 92 -20.26 -30.34 52.64
C ASN E 92 -21.66 -30.41 52.01
N ALA E 93 -22.52 -29.52 52.47
CA ALA E 93 -23.89 -29.44 51.98
C ALA E 93 -24.42 -28.05 52.26
N LEU E 94 -25.12 -27.48 51.27
CA LEU E 94 -25.62 -26.11 51.42
C LEU E 94 -26.77 -26.04 52.42
N ASN E 95 -27.59 -27.08 52.50
CA ASN E 95 -28.75 -27.04 53.39
C ASN E 95 -28.36 -27.10 54.86
N LEU E 96 -27.11 -27.42 55.19
CA LEU E 96 -26.69 -27.44 56.58
C LEU E 96 -26.49 -26.03 57.12
N PHE E 97 -26.21 -25.06 56.25
CA PHE E 97 -25.93 -23.70 56.68
C PHE E 97 -27.13 -22.78 56.58
N PHE E 98 -28.10 -23.09 55.72
CA PHE E 98 -29.29 -22.28 55.56
C PHE E 98 -30.51 -23.07 56.01
N SER E 99 -31.32 -22.48 56.88
CA SER E 99 -32.65 -23.00 57.11
C SER E 99 -33.51 -22.68 55.89
N PRO E 100 -34.63 -23.39 55.71
CA PRO E 100 -35.49 -23.10 54.55
C PRO E 100 -35.90 -21.64 54.46
N LEU E 101 -36.22 -21.01 55.59
CA LEU E 101 -36.51 -19.58 55.58
C LEU E 101 -35.29 -18.77 55.19
N GLU E 102 -34.12 -19.13 55.73
CA GLU E 102 -32.90 -18.40 55.41
C GLU E 102 -32.49 -18.61 53.96
N PHE E 103 -32.65 -19.82 53.44
CA PHE E 103 -32.37 -20.05 52.02
C PHE E 103 -33.32 -19.27 51.14
N GLN E 104 -34.61 -19.22 51.52
CA GLN E 104 -35.57 -18.42 50.77
C GLN E 104 -35.17 -16.95 50.77
N HIS E 105 -34.76 -16.43 51.92
CA HIS E 105 -34.28 -15.06 52.01
C HIS E 105 -33.07 -14.84 51.09
N LEU E 106 -32.13 -15.78 51.12
CA LEU E 106 -30.92 -15.66 50.30
C LEU E 106 -31.28 -15.61 48.81
N ILE E 107 -32.15 -16.52 48.37
CA ILE E 107 -32.46 -16.59 46.95
C ILE E 107 -33.46 -15.52 46.52
N GLU E 108 -34.12 -14.86 47.46
CA GLU E 108 -35.02 -13.77 47.12
C GLU E 108 -34.34 -12.41 47.12
N ASN E 109 -33.29 -12.25 47.92
CA ASN E 109 -32.71 -10.92 48.14
C ASN E 109 -31.34 -10.72 47.51
N TYR E 110 -30.79 -11.72 46.82
CA TYR E 110 -29.42 -11.61 46.34
C TYR E 110 -29.32 -12.17 44.92
N GLY E 111 -28.28 -11.73 44.22
CA GLY E 111 -28.09 -12.09 42.83
C GLY E 111 -27.12 -13.23 42.60
N SER E 112 -26.10 -13.34 43.45
CA SER E 112 -25.13 -14.41 43.29
C SER E 112 -24.59 -14.80 44.66
N ILE E 113 -24.05 -16.01 44.75
CA ILE E 113 -23.49 -16.53 45.99
C ILE E 113 -22.19 -17.26 45.69
N ALA E 114 -21.18 -17.03 46.53
CA ALA E 114 -19.93 -17.77 46.47
C ALA E 114 -19.44 -18.03 47.88
N PRO E 115 -18.73 -19.12 48.13
CA PRO E 115 -18.14 -19.33 49.46
C PRO E 115 -16.95 -18.41 49.68
N ASP E 116 -16.81 -17.94 50.91
CA ASP E 116 -15.79 -16.96 51.27
C ASP E 116 -14.84 -17.50 52.33
N ALA E 117 -15.36 -18.00 53.44
CA ALA E 117 -14.53 -18.51 54.52
C ALA E 117 -15.34 -19.51 55.32
N LEU E 118 -14.63 -20.28 56.15
CA LEU E 118 -15.24 -21.36 56.91
C LEU E 118 -14.55 -21.46 58.26
N THR E 119 -15.32 -21.75 59.31
CA THR E 119 -14.78 -21.91 60.65
C THR E 119 -15.51 -23.08 61.32
N VAL E 120 -14.75 -24.08 61.74
CA VAL E 120 -15.31 -25.26 62.39
C VAL E 120 -14.79 -25.30 63.81
N THR E 121 -15.70 -25.35 64.78
CA THR E 121 -15.35 -25.32 66.20
C THR E 121 -15.88 -26.58 66.87
N ILE E 122 -14.96 -27.40 67.39
CA ILE E 122 -15.32 -28.55 68.20
C ILE E 122 -15.29 -28.10 69.66
N SER E 123 -16.47 -27.89 70.24
CA SER E 123 -16.59 -27.41 71.60
C SER E 123 -17.51 -28.34 72.38
N GLU E 124 -17.57 -28.13 73.69
CA GLU E 124 -18.34 -28.95 74.60
C GLU E 124 -17.95 -30.42 74.44
N ILE E 125 -16.65 -30.67 74.37
CA ILE E 125 -16.14 -32.02 74.23
C ILE E 125 -16.35 -32.76 75.55
N ALA E 126 -16.69 -34.05 75.45
CA ALA E 126 -16.91 -34.87 76.63
C ALA E 126 -16.61 -36.32 76.27
N VAL E 127 -15.49 -36.82 76.74
CA VAL E 127 -15.17 -38.25 76.65
C VAL E 127 -15.78 -38.93 77.86
N LYS E 128 -16.56 -39.97 77.62
CA LYS E 128 -17.38 -40.59 78.65
C LYS E 128 -17.03 -42.05 78.79
N ASP E 129 -16.76 -42.47 80.02
CA ASP E 129 -16.57 -43.87 80.36
C ASP E 129 -17.92 -44.55 80.54
N VAL E 130 -18.02 -45.78 80.05
CA VAL E 130 -19.22 -46.59 80.18
C VAL E 130 -18.89 -47.80 81.04
N THR E 131 -19.67 -48.00 82.10
CA THR E 131 -19.46 -49.12 83.01
C THR E 131 -20.79 -49.82 83.24
N ASP E 132 -20.71 -50.96 83.95
CA ASP E 132 -21.92 -51.70 84.24
C ASP E 132 -22.80 -50.94 85.23
N LYS E 133 -24.11 -51.00 85.01
CA LYS E 133 -25.08 -50.34 85.87
C LYS E 133 -25.72 -51.36 86.80
N THR E 134 -26.11 -50.89 87.98
CA THR E 134 -26.78 -51.76 88.94
C THR E 134 -28.10 -52.27 88.37
N GLY E 135 -28.33 -53.57 88.51
CA GLY E 135 -29.55 -54.15 87.99
C GLY E 135 -29.61 -54.31 86.49
N GLY E 136 -28.45 -54.40 85.83
CA GLY E 136 -28.39 -54.55 84.39
C GLY E 136 -28.21 -53.22 83.68
N GLY E 137 -27.91 -53.32 82.40
CA GLY E 137 -27.66 -52.14 81.60
C GLY E 137 -26.29 -51.55 81.85
N VAL E 138 -26.06 -50.39 81.23
CA VAL E 138 -24.80 -49.68 81.37
C VAL E 138 -25.09 -48.24 81.80
N GLN E 139 -24.09 -47.62 82.39
CA GLN E 139 -24.16 -46.22 82.80
C GLN E 139 -22.93 -45.48 82.31
N VAL E 140 -23.08 -44.17 82.17
CA VAL E 140 -22.11 -43.32 81.50
C VAL E 140 -21.71 -42.19 82.43
N THR E 141 -20.41 -41.93 82.54
CA THR E 141 -19.92 -40.84 83.37
C THR E 141 -18.76 -40.13 82.68
N ASP E 142 -18.65 -38.83 82.92
CA ASP E 142 -17.62 -38.03 82.27
C ASP E 142 -16.23 -38.46 82.74
N SER E 143 -15.26 -38.33 81.84
CA SER E 143 -13.89 -38.77 82.08
C SER E 143 -12.96 -37.57 82.06
N THR E 144 -12.22 -37.39 83.16
CA THR E 144 -11.20 -36.35 83.20
C THR E 144 -9.94 -36.76 82.46
N THR E 145 -9.60 -38.04 82.48
CA THR E 145 -8.40 -38.54 81.80
C THR E 145 -8.65 -38.88 80.35
N GLY E 146 -9.89 -39.15 79.96
CA GLY E 146 -10.16 -39.47 78.57
C GLY E 146 -9.84 -38.29 77.66
N ARG E 147 -9.26 -38.59 76.50
CA ARG E 147 -8.86 -37.58 75.55
C ARG E 147 -9.49 -37.84 74.20
N LEU E 148 -9.68 -36.75 73.45
CA LEU E 148 -10.15 -36.81 72.07
C LEU E 148 -9.00 -36.39 71.17
N CYS E 149 -8.59 -37.27 70.27
CA CYS E 149 -7.58 -36.96 69.28
C CYS E 149 -8.25 -36.23 68.12
N MET E 150 -7.82 -35.00 67.87
CA MET E 150 -8.31 -34.19 66.76
C MET E 150 -7.13 -33.75 65.90
N LEU E 151 -7.24 -33.96 64.60
CA LEU E 151 -6.18 -33.65 63.65
C LEU E 151 -6.79 -32.92 62.46
N VAL E 152 -6.40 -31.66 62.28
CA VAL E 152 -6.88 -30.87 61.14
C VAL E 152 -5.83 -30.99 60.04
N ASP E 153 -6.24 -31.55 58.90
CA ASP E 153 -5.31 -31.87 57.81
C ASP E 153 -5.11 -30.63 56.93
N HIS E 154 -4.45 -29.64 57.51
CA HIS E 154 -4.21 -28.39 56.79
C HIS E 154 -3.30 -28.60 55.58
N GLU E 155 -2.38 -29.55 55.65
CA GLU E 155 -1.41 -29.77 54.58
C GLU E 155 -1.93 -30.71 53.50
N TYR E 156 -3.12 -31.29 53.68
CA TYR E 156 -3.67 -32.27 52.74
C TYR E 156 -2.71 -33.45 52.55
N LYS E 157 -2.04 -33.84 53.63
CA LYS E 157 -1.10 -34.96 53.55
C LYS E 157 -1.82 -36.30 53.47
N TYR E 158 -3.09 -36.36 53.83
CA TYR E 158 -3.89 -37.56 53.77
C TYR E 158 -4.91 -37.47 52.63
N PRO E 159 -5.35 -38.60 52.10
CA PRO E 159 -6.32 -38.56 50.99
C PRO E 159 -7.59 -37.83 51.38
N TYR E 160 -8.15 -37.11 50.41
CA TYR E 160 -9.31 -36.25 50.62
C TYR E 160 -10.55 -36.98 50.10
N VAL E 161 -11.43 -37.38 51.01
CA VAL E 161 -12.63 -38.13 50.66
C VAL E 161 -13.89 -37.29 50.76
N LEU E 162 -13.77 -36.02 51.14
CA LEU E 162 -14.94 -35.15 51.20
C LEU E 162 -15.36 -34.73 49.79
N GLY E 163 -16.63 -34.32 49.68
CA GLY E 163 -17.15 -33.85 48.41
C GLY E 163 -17.26 -34.90 47.33
N GLN E 164 -17.73 -36.09 47.68
CA GLN E 164 -17.94 -37.15 46.70
C GLN E 164 -19.39 -37.63 46.69
N GLY E 165 -20.31 -36.84 47.23
CA GLY E 165 -21.70 -37.23 47.27
C GLY E 165 -21.97 -38.45 48.10
N GLN E 166 -21.31 -38.57 49.25
CA GLN E 166 -21.44 -39.72 50.12
C GLN E 166 -22.47 -39.47 51.21
N ASP E 167 -23.11 -40.55 51.67
CA ASP E 167 -24.12 -40.48 52.72
C ASP E 167 -23.45 -40.36 54.09
N THR E 168 -22.71 -39.26 54.26
CA THR E 168 -21.92 -39.03 55.46
C THR E 168 -22.12 -37.64 56.03
N LEU E 169 -23.09 -36.88 55.53
CA LEU E 169 -23.21 -35.47 55.90
C LEU E 169 -23.77 -35.33 57.32
N ALA E 170 -23.60 -34.12 57.86
CA ALA E 170 -24.22 -33.78 59.11
C ALA E 170 -25.74 -33.76 58.94
N PRO E 171 -26.50 -34.01 60.00
CA PRO E 171 -27.96 -34.06 59.86
C PRO E 171 -28.54 -32.72 59.45
N GLU E 172 -29.61 -32.79 58.65
CA GLU E 172 -30.23 -31.57 58.14
C GLU E 172 -30.93 -30.78 59.24
N LEU E 173 -31.53 -31.46 60.22
CA LEU E 173 -32.17 -30.66 61.24
C LEU E 173 -31.28 -30.54 62.47
N PRO E 174 -31.33 -29.42 63.17
CA PRO E 174 -30.44 -29.23 64.33
C PRO E 174 -30.77 -30.12 65.52
N ILE E 175 -31.93 -30.79 65.51
CA ILE E 175 -32.36 -31.58 66.66
C ILE E 175 -31.83 -33.00 66.55
N TRP E 176 -31.01 -33.26 65.54
CA TRP E 176 -30.45 -34.58 65.31
C TRP E 176 -28.96 -34.60 65.62
N VAL E 177 -28.48 -35.77 66.03
CA VAL E 177 -27.09 -35.94 66.47
C VAL E 177 -26.27 -36.50 65.33
N TYR E 178 -25.12 -35.88 65.08
CA TYR E 178 -24.22 -36.32 64.03
C TYR E 178 -23.39 -37.51 64.49
N PHE E 179 -23.18 -38.46 63.58
CA PHE E 179 -22.26 -39.59 63.78
C PHE E 179 -21.22 -39.52 62.68
N PRO E 180 -20.08 -38.89 62.92
CA PRO E 180 -19.10 -38.67 61.86
C PRO E 180 -18.64 -40.00 61.26
N PRO E 181 -18.49 -40.05 59.94
CA PRO E 181 -18.12 -41.31 59.28
C PRO E 181 -16.70 -41.74 59.61
N GLN E 182 -16.48 -43.05 59.56
CA GLN E 182 -15.14 -43.59 59.73
C GLN E 182 -14.30 -43.27 58.50
N TYR E 183 -13.08 -42.79 58.72
CA TYR E 183 -12.23 -42.38 57.62
C TYR E 183 -11.63 -43.61 56.94
N ALA E 184 -11.85 -43.71 55.64
CA ALA E 184 -11.22 -44.72 54.81
C ALA E 184 -10.98 -44.12 53.44
N TYR E 185 -9.97 -44.62 52.75
CA TYR E 185 -9.60 -44.08 51.45
C TYR E 185 -9.22 -45.20 50.51
N LEU E 186 -9.23 -44.89 49.22
CA LEU E 186 -8.81 -45.81 48.16
C LEU E 186 -7.49 -45.34 47.58
N THR E 187 -6.66 -46.31 47.19
CA THR E 187 -5.34 -45.99 46.65
C THR E 187 -4.95 -47.05 45.63
N VAL E 188 -3.95 -46.73 44.83
CA VAL E 188 -3.54 -47.55 43.69
C VAL E 188 -2.87 -48.84 44.18
N GLY E 189 -2.70 -49.78 43.27
CA GLY E 189 -2.06 -51.03 43.60
C GLY E 189 -1.78 -51.84 42.35
N ASP E 190 -1.44 -53.11 42.56
CA ASP E 190 -1.16 -54.04 41.48
C ASP E 190 -2.23 -55.10 41.42
N VAL E 191 -2.85 -55.26 40.26
CA VAL E 191 -3.91 -56.24 40.07
C VAL E 191 -3.29 -57.61 39.87
N ASN E 192 -3.66 -58.57 40.72
CA ASN E 192 -3.15 -59.92 40.67
C ASN E 192 -4.30 -60.91 40.57
N THR E 193 -4.13 -61.91 39.72
CA THR E 193 -5.14 -62.94 39.52
C THR E 193 -4.96 -64.06 40.52
N GLN E 194 -6.06 -64.52 41.10
CA GLN E 194 -6.04 -65.56 42.12
C GLN E 194 -6.08 -66.96 41.50
N GLY E 195 -5.01 -67.26 40.76
CA GLY E 195 -4.84 -68.60 40.23
C GLY E 195 -5.81 -68.93 39.11
N ILE E 196 -6.22 -70.20 39.06
CA ILE E 196 -7.06 -70.72 37.99
C ILE E 196 -8.44 -70.04 37.97
N SER E 197 -8.88 -69.51 39.12
CA SER E 197 -10.23 -68.93 39.19
C SER E 197 -10.41 -67.79 38.20
N GLY E 198 -9.40 -66.92 38.07
CA GLY E 198 -9.46 -65.79 37.19
C GLY E 198 -9.89 -64.50 37.86
N ASP E 199 -10.51 -64.59 39.03
CA ASP E 199 -10.86 -63.38 39.78
C ASP E 199 -9.60 -62.66 40.22
N SER E 200 -9.63 -61.34 40.15
CA SER E 200 -8.47 -60.52 40.42
C SER E 200 -8.71 -59.62 41.62
N LYS E 201 -7.63 -59.33 42.34
CA LYS E 201 -7.66 -58.42 43.48
C LYS E 201 -6.51 -57.44 43.36
N LYS E 202 -6.72 -56.21 43.82
CA LYS E 202 -5.70 -55.17 43.79
C LYS E 202 -4.87 -55.29 45.06
N LEU E 203 -3.78 -56.05 44.99
CA LEU E 203 -2.86 -56.17 46.10
C LEU E 203 -2.01 -54.91 46.22
N ALA E 204 -1.65 -54.58 47.46
CA ALA E 204 -0.86 -53.38 47.70
C ALA E 204 0.49 -53.47 47.00
N SER E 205 0.90 -52.35 46.41
CA SER E 205 2.15 -52.26 45.66
C SER E 205 3.07 -51.24 46.33
N GLU E 206 4.20 -50.97 45.67
CA GLU E 206 5.09 -49.93 46.16
C GLU E 206 4.44 -48.56 46.05
N GLU E 207 3.53 -48.38 45.10
CA GLU E 207 2.83 -47.13 44.90
C GLU E 207 1.64 -46.96 45.83
N SER E 208 1.23 -48.01 46.53
CA SER E 208 0.11 -47.93 47.45
C SER E 208 0.45 -47.00 48.60
N ALA E 209 -0.50 -46.13 48.97
CA ALA E 209 -0.31 -45.16 50.03
C ALA E 209 -0.96 -45.69 51.30
N PHE E 210 -0.16 -46.01 52.29
CA PHE E 210 -0.63 -46.47 53.60
C PHE E 210 -0.37 -45.34 54.60
N TYR E 211 -1.44 -44.73 55.09
CA TYR E 211 -1.34 -43.59 55.99
C TYR E 211 -1.73 -44.02 57.40
N VAL E 212 -0.81 -43.84 58.33
CA VAL E 212 -1.06 -44.06 59.75
C VAL E 212 -1.19 -42.67 60.38
N LEU E 213 -2.41 -42.27 60.70
CA LEU E 213 -2.64 -40.94 61.24
C LEU E 213 -2.04 -40.77 62.63
N GLU E 214 -1.72 -41.86 63.31
CA GLU E 214 -1.05 -41.78 64.61
C GLU E 214 0.42 -41.39 64.48
N HIS E 215 0.96 -41.34 63.26
CA HIS E 215 2.34 -40.92 63.03
C HIS E 215 2.44 -39.43 62.72
N SER E 216 1.51 -38.62 63.22
CA SER E 216 1.55 -37.18 63.05
C SER E 216 1.09 -36.53 64.35
N SER E 217 1.46 -35.27 64.52
CA SER E 217 1.06 -34.52 65.71
C SER E 217 -0.40 -34.12 65.59
N PHE E 218 -1.16 -34.37 66.65
CA PHE E 218 -2.56 -33.96 66.72
C PHE E 218 -2.91 -33.61 68.16
N GLN E 219 -3.95 -32.80 68.31
CA GLN E 219 -4.34 -32.32 69.63
C GLN E 219 -5.09 -33.39 70.41
N LEU E 220 -4.79 -33.47 71.70
CA LEU E 220 -5.56 -34.28 72.65
C LEU E 220 -6.39 -33.33 73.50
N LEU E 221 -7.70 -33.42 73.39
CA LEU E 221 -8.63 -32.49 74.03
C LEU E 221 -9.42 -33.23 75.10
N GLY E 222 -9.38 -32.72 76.33
CA GLY E 222 -10.11 -33.31 77.43
C GLY E 222 -11.57 -32.92 77.44
N THR E 223 -12.30 -33.48 78.40
CA THR E 223 -13.70 -33.15 78.58
C THR E 223 -13.87 -31.67 78.85
N GLY E 224 -14.80 -31.04 78.14
CA GLY E 224 -15.04 -29.62 78.26
C GLY E 224 -14.11 -28.74 77.46
N GLY E 225 -13.14 -29.33 76.75
CA GLY E 225 -12.23 -28.56 75.94
C GLY E 225 -12.86 -28.13 74.63
N THR E 226 -12.06 -27.45 73.82
CA THR E 226 -12.52 -26.98 72.52
C THR E 226 -11.31 -26.76 71.62
N ALA E 227 -11.58 -26.74 70.31
CA ALA E 227 -10.56 -26.42 69.33
C ALA E 227 -11.25 -25.87 68.09
N THR E 228 -10.48 -25.18 67.25
CA THR E 228 -11.05 -24.49 66.11
C THR E 228 -10.18 -24.71 64.88
N MET E 229 -10.81 -24.57 63.72
CA MET E 229 -10.14 -24.58 62.43
C MET E 229 -10.73 -23.46 61.58
N SER E 230 -9.86 -22.66 60.97
CA SER E 230 -10.27 -21.62 60.05
C SER E 230 -9.74 -21.93 58.65
N TYR E 231 -10.56 -21.68 57.64
CA TYR E 231 -10.20 -21.93 56.26
C TYR E 231 -10.70 -20.79 55.41
N LYS E 232 -9.89 -20.35 54.46
CA LYS E 232 -10.25 -19.25 53.56
C LYS E 232 -10.41 -19.79 52.16
N PHE E 233 -11.62 -19.68 51.61
CA PHE E 233 -11.88 -20.16 50.27
C PHE E 233 -11.10 -19.32 49.26
N PRO E 234 -10.65 -19.94 48.16
CA PRO E 234 -10.03 -19.17 47.09
C PRO E 234 -11.07 -18.35 46.35
N PRO E 235 -10.65 -17.38 45.54
CA PRO E 235 -11.64 -16.54 44.84
C PRO E 235 -12.36 -17.31 43.74
N VAL E 236 -13.35 -18.10 44.14
CA VAL E 236 -14.12 -18.94 43.23
C VAL E 236 -15.09 -18.07 42.43
N PRO E 237 -15.58 -18.53 41.28
CA PRO E 237 -16.60 -17.78 40.56
C PRO E 237 -17.94 -17.88 41.26
N PRO E 238 -18.64 -16.76 41.41
CA PRO E 238 -19.96 -16.80 42.05
C PRO E 238 -20.97 -17.55 41.20
N GLU E 239 -21.95 -18.16 41.88
CA GLU E 239 -23.03 -18.86 41.20
C GLU E 239 -24.22 -17.92 41.06
N ASN E 240 -24.68 -17.74 39.83
CA ASN E 240 -25.77 -16.80 39.56
C ASN E 240 -27.09 -17.34 40.10
N LEU E 241 -27.78 -16.51 40.87
CA LEU E 241 -29.08 -16.86 41.44
C LEU E 241 -30.24 -16.31 40.62
N GLU E 242 -29.96 -15.75 39.44
CA GLU E 242 -30.98 -15.14 38.60
C GLU E 242 -30.96 -15.79 37.23
N GLY E 243 -32.13 -15.82 36.60
CA GLY E 243 -32.32 -16.50 35.33
C GLY E 243 -32.15 -15.60 34.13
N CYS E 244 -32.74 -16.04 33.02
CA CYS E 244 -32.63 -15.33 31.75
C CYS E 244 -34.02 -15.23 31.12
N SER E 245 -34.35 -14.05 30.61
CA SER E 245 -35.63 -13.80 29.97
C SER E 245 -35.55 -13.89 28.46
N GLN E 246 -34.44 -14.39 27.92
CA GLN E 246 -34.25 -14.49 26.49
C GLN E 246 -33.52 -15.79 26.16
N HIS E 247 -33.61 -16.18 24.91
CA HIS E 247 -32.77 -17.24 24.36
C HIS E 247 -31.62 -16.60 23.61
N PHE E 248 -30.40 -17.11 23.85
CA PHE E 248 -29.22 -16.52 23.22
C PHE E 248 -29.23 -16.69 21.70
N TYR E 249 -30.09 -17.55 21.17
CA TYR E 249 -30.27 -17.71 19.73
C TYR E 249 -31.45 -16.90 19.20
N GLU E 250 -32.06 -16.08 20.05
CA GLU E 250 -33.18 -15.23 19.67
C GLU E 250 -32.94 -13.81 20.12
N MET E 251 -31.69 -13.37 20.08
CA MET E 251 -31.29 -12.04 20.51
C MET E 251 -31.38 -11.01 19.39
N TYR E 252 -32.07 -11.31 18.31
CA TYR E 252 -32.14 -10.42 17.16
C TYR E 252 -33.42 -9.60 17.20
N ASN E 253 -33.63 -8.81 16.14
CA ASN E 253 -34.84 -8.02 15.98
C ASN E 253 -35.82 -8.82 15.13
N PRO E 254 -36.95 -9.28 15.69
CA PRO E 254 -37.87 -10.12 14.90
C PRO E 254 -38.49 -9.40 13.71
N LEU E 255 -38.51 -8.07 13.71
CA LEU E 255 -39.18 -7.32 12.64
C LEU E 255 -38.33 -7.19 11.38
N TYR E 256 -37.03 -7.47 11.45
CA TYR E 256 -36.13 -7.21 10.34
C TYR E 256 -35.38 -8.48 9.96
N GLY E 257 -35.23 -8.70 8.67
CA GLY E 257 -34.46 -9.83 8.18
C GLY E 257 -32.98 -9.56 8.20
N SER E 258 -32.21 -10.59 7.91
CA SER E 258 -30.76 -10.52 7.92
C SER E 258 -30.24 -9.99 6.59
N ARG E 259 -29.17 -9.19 6.66
CA ARG E 259 -28.48 -8.75 5.46
C ARG E 259 -27.61 -9.84 4.86
N LEU E 260 -27.35 -10.91 5.61
CA LEU E 260 -26.58 -12.03 5.12
C LEU E 260 -27.48 -12.99 4.34
N GLY E 261 -26.84 -13.86 3.56
CA GLY E 261 -27.57 -14.82 2.77
C GLY E 261 -27.22 -16.25 3.10
N VAL E 262 -28.11 -17.18 2.76
CA VAL E 262 -27.86 -18.60 3.02
C VAL E 262 -28.04 -19.37 1.71
N PRO E 263 -27.42 -20.54 1.59
CA PRO E 263 -27.52 -21.30 0.34
C PRO E 263 -28.96 -21.63 0.00
N ASP E 264 -29.28 -21.56 -1.30
CA ASP E 264 -30.56 -21.97 -1.84
C ASP E 264 -30.40 -23.18 -2.74
N THR E 265 -29.50 -23.11 -3.72
CA THR E 265 -29.12 -24.25 -4.54
C THR E 265 -27.74 -24.72 -4.10
N LEU E 266 -27.62 -26.02 -3.81
CA LEU E 266 -26.37 -26.57 -3.33
C LEU E 266 -25.52 -27.01 -4.52
N GLY E 267 -24.43 -27.71 -4.24
CA GLY E 267 -23.52 -28.16 -5.27
C GLY E 267 -22.22 -27.37 -5.27
N GLY E 268 -21.53 -27.48 -6.40
CA GLY E 268 -20.24 -26.82 -6.54
C GLY E 268 -20.33 -25.32 -6.74
N ASP E 269 -21.45 -24.83 -7.25
CA ASP E 269 -21.66 -23.40 -7.50
C ASP E 269 -22.92 -22.96 -6.74
N PRO E 270 -22.83 -22.87 -5.41
CA PRO E 270 -24.03 -22.61 -4.60
C PRO E 270 -24.52 -21.18 -4.75
N LYS E 271 -25.75 -21.03 -5.24
CA LYS E 271 -26.42 -19.75 -5.24
C LYS E 271 -26.94 -19.46 -3.84
N PHE E 272 -26.91 -18.20 -3.44
CA PHE E 272 -27.32 -17.79 -2.11
C PHE E 272 -28.51 -16.85 -2.20
N ARG E 273 -29.47 -17.04 -1.30
CA ARG E 273 -30.66 -16.21 -1.22
C ARG E 273 -30.65 -15.44 0.08
N SER E 274 -31.14 -14.20 0.03
CA SER E 274 -31.20 -13.34 1.19
C SER E 274 -32.31 -13.80 2.14
N LEU E 275 -32.24 -13.30 3.36
CA LEU E 275 -33.14 -13.75 4.42
C LEU E 275 -34.25 -12.74 4.65
N THR E 276 -35.47 -13.26 4.85
CA THR E 276 -36.61 -12.44 5.18
C THR E 276 -36.89 -12.53 6.68
N HIS E 277 -37.95 -11.86 7.12
CA HIS E 277 -38.38 -11.92 8.50
C HIS E 277 -39.29 -13.10 8.78
N GLU E 278 -39.60 -13.91 7.78
CA GLU E 278 -40.44 -15.09 7.97
C GLU E 278 -39.63 -16.31 8.37
N ASP E 279 -38.41 -16.45 7.84
CA ASP E 279 -37.58 -17.63 8.08
C ASP E 279 -36.66 -17.36 9.27
N HIS E 280 -37.23 -17.50 10.47
CA HIS E 280 -36.46 -17.30 11.70
C HIS E 280 -35.55 -18.48 12.02
N ALA E 281 -35.79 -19.65 11.43
CA ALA E 281 -35.00 -20.82 11.72
C ALA E 281 -33.64 -20.84 11.02
N ILE E 282 -33.41 -19.93 10.08
CA ILE E 282 -32.15 -19.86 9.35
C ILE E 282 -31.33 -18.64 9.78
N GLN E 283 -31.76 -17.93 10.81
CA GLN E 283 -31.03 -16.76 11.26
C GLN E 283 -29.63 -17.13 11.70
N PRO E 284 -28.59 -16.46 11.20
CA PRO E 284 -27.23 -16.78 11.62
C PRO E 284 -27.01 -16.44 13.09
N GLN E 285 -26.10 -17.18 13.72
CA GLN E 285 -25.83 -17.04 15.14
C GLN E 285 -24.39 -16.57 15.36
N ASN E 286 -24.23 -15.61 16.27
CA ASN E 286 -22.90 -15.10 16.59
C ASN E 286 -22.12 -16.06 17.47
N PHE E 287 -22.80 -16.83 18.33
CA PHE E 287 -22.13 -17.71 19.27
C PHE E 287 -22.81 -19.08 19.25
N MET E 288 -22.01 -20.12 19.45
CA MET E 288 -22.44 -21.50 19.40
C MET E 288 -22.98 -21.96 20.75
N PRO E 289 -23.80 -23.00 20.77
CA PRO E 289 -24.26 -23.56 22.03
C PRO E 289 -23.17 -24.40 22.70
N GLY E 290 -23.39 -24.69 23.97
CA GLY E 290 -22.43 -25.44 24.76
C GLY E 290 -22.39 -26.90 24.37
N PRO E 291 -21.32 -27.59 24.77
CA PRO E 291 -21.19 -29.01 24.43
C PRO E 291 -22.19 -29.87 25.19
N LEU E 292 -22.59 -30.96 24.56
CA LEU E 292 -23.48 -31.95 25.17
C LEU E 292 -22.85 -33.32 25.03
N VAL E 293 -22.76 -34.05 26.14
CA VAL E 293 -22.12 -35.36 26.17
C VAL E 293 -23.17 -36.35 26.66
N ASN E 294 -23.80 -37.07 25.73
CA ASN E 294 -24.81 -38.08 26.05
C ASN E 294 -25.92 -37.49 26.92
N SER E 295 -26.38 -36.29 26.56
CA SER E 295 -27.48 -35.64 27.26
C SER E 295 -28.80 -36.15 26.67
N VAL E 296 -29.15 -37.36 27.07
CA VAL E 296 -30.36 -38.02 26.58
C VAL E 296 -31.21 -38.43 27.79
N SER E 297 -32.50 -38.59 27.54
CA SER E 297 -33.43 -38.95 28.60
C SER E 297 -33.38 -40.44 28.88
N THR E 298 -34.06 -40.84 29.96
CA THR E 298 -34.13 -42.24 30.34
C THR E 298 -34.95 -43.08 29.36
N LYS E 299 -35.72 -42.45 28.47
CA LYS E 299 -36.47 -43.20 27.47
C LYS E 299 -35.56 -43.78 26.39
N GLU E 300 -34.30 -43.33 26.31
CA GLU E 300 -33.31 -43.90 25.40
C GLU E 300 -32.26 -44.61 26.25
N GLY E 301 -32.05 -45.90 25.97
CA GLY E 301 -31.08 -46.69 26.70
C GLY E 301 -31.20 -48.18 26.47
N ALA E 311 -27.26 -53.71 35.94
CA ALA E 311 -26.42 -53.23 34.86
C ALA E 311 -26.21 -51.72 34.96
N LEU E 312 -25.02 -51.27 34.57
CA LEU E 312 -24.67 -49.86 34.61
C LEU E 312 -25.07 -49.19 33.30
N THR E 313 -25.78 -48.08 33.39
CA THR E 313 -26.24 -47.33 32.23
C THR E 313 -25.69 -45.90 32.30
N GLY E 314 -25.99 -45.12 31.28
CA GLY E 314 -25.57 -43.74 31.23
C GLY E 314 -24.14 -43.58 30.74
N LEU E 315 -23.66 -42.35 30.85
CA LEU E 315 -22.29 -42.04 30.44
C LEU E 315 -21.29 -42.75 31.34
N SER E 316 -20.39 -43.50 30.73
CA SER E 316 -19.41 -44.27 31.49
C SER E 316 -18.18 -44.49 30.62
N THR E 317 -17.06 -44.80 31.28
CA THR E 317 -15.81 -45.05 30.58
C THR E 317 -15.13 -46.28 31.18
N GLY E 318 -14.40 -46.99 30.33
CA GLY E 318 -13.73 -48.20 30.78
C GLY E 318 -13.10 -48.93 29.62
N THR E 319 -12.59 -50.13 29.93
CA THR E 319 -11.92 -50.94 28.93
C THR E 319 -12.83 -51.97 28.28
N SER E 320 -14.01 -52.23 28.84
CA SER E 320 -14.93 -53.20 28.28
C SER E 320 -16.33 -52.89 28.80
N GLN E 321 -17.32 -53.57 28.21
CA GLN E 321 -18.69 -53.37 28.65
C GLN E 321 -18.90 -53.81 30.09
N ASN E 322 -18.14 -54.80 30.54
CA ASN E 322 -18.26 -55.29 31.92
C ASN E 322 -17.40 -54.52 32.91
N THR E 323 -16.32 -53.91 32.45
CA THR E 323 -15.39 -53.16 33.31
C THR E 323 -15.51 -51.68 32.97
N ARG E 324 -16.39 -50.98 33.68
CA ARG E 324 -16.63 -49.57 33.44
C ARG E 324 -16.70 -48.83 34.78
N ILE E 325 -16.62 -47.52 34.69
CA ILE E 325 -16.96 -46.62 35.80
C ILE E 325 -17.94 -45.59 35.24
N SER E 326 -18.99 -45.31 36.01
CA SER E 326 -20.00 -44.35 35.57
C SER E 326 -19.45 -42.94 35.66
N LEU E 327 -19.80 -42.12 34.67
CA LEU E 327 -19.41 -40.71 34.64
C LEU E 327 -20.59 -39.80 34.96
N ARG E 328 -21.59 -40.32 35.68
CA ARG E 328 -22.70 -39.49 36.12
C ARG E 328 -22.21 -38.43 37.10
N PRO E 329 -22.85 -37.25 37.12
CA PRO E 329 -23.99 -36.83 36.30
C PRO E 329 -23.56 -36.20 34.98
N GLY E 330 -22.29 -36.32 34.62
CA GLY E 330 -21.77 -35.69 33.43
C GLY E 330 -21.31 -34.27 33.72
N PRO E 331 -20.87 -33.57 32.68
CA PRO E 331 -20.36 -32.21 32.88
C PRO E 331 -21.45 -31.28 33.39
N VAL E 332 -21.02 -30.25 34.13
CA VAL E 332 -21.94 -29.25 34.63
C VAL E 332 -22.59 -28.47 33.50
N SER E 333 -22.02 -28.54 32.30
CA SER E 333 -22.54 -27.81 31.16
C SER E 333 -23.86 -28.37 30.64
N GLN E 334 -24.26 -29.55 31.08
CA GLN E 334 -25.48 -30.16 30.58
C GLN E 334 -26.38 -30.56 31.75
N PRO E 335 -27.69 -30.50 31.55
CA PRO E 335 -28.63 -30.90 32.60
C PRO E 335 -28.86 -32.41 32.60
N TYR E 336 -29.57 -32.85 33.64
CA TYR E 336 -30.05 -34.22 33.67
C TYR E 336 -31.51 -34.34 34.06
N HIS E 337 -32.19 -33.21 34.31
CA HIS E 337 -33.62 -33.22 34.59
C HIS E 337 -34.19 -31.81 34.49
N HIS E 338 -35.29 -31.65 33.77
CA HIS E 338 -35.92 -30.35 33.63
C HIS E 338 -37.36 -30.54 33.18
N TRP E 339 -38.17 -29.49 33.39
CA TRP E 339 -39.55 -29.49 32.94
C TRP E 339 -39.59 -29.09 31.47
N ASP E 340 -40.00 -30.02 30.61
CA ASP E 340 -40.12 -29.76 29.19
C ASP E 340 -41.42 -28.99 28.93
N THR E 341 -41.83 -28.93 27.66
CA THR E 341 -43.01 -28.16 27.29
C THR E 341 -44.25 -28.65 28.05
N ASP E 342 -44.43 -29.97 28.15
CA ASP E 342 -45.59 -30.49 28.85
C ASP E 342 -45.27 -31.73 29.69
N LYS E 343 -43.99 -31.95 30.02
CA LYS E 343 -43.62 -33.13 30.79
C LYS E 343 -42.28 -32.89 31.46
N TYR E 344 -41.97 -33.73 32.44
CA TYR E 344 -40.68 -33.72 33.11
C TYR E 344 -39.76 -34.73 32.44
N VAL E 345 -38.58 -34.28 32.03
CA VAL E 345 -37.62 -35.12 31.31
C VAL E 345 -36.40 -35.28 32.21
N THR E 346 -36.04 -36.53 32.48
CA THR E 346 -34.90 -36.87 33.32
C THR E 346 -33.84 -37.57 32.48
N GLY E 347 -32.59 -37.13 32.63
CA GLY E 347 -31.52 -37.70 31.84
C GLY E 347 -31.10 -39.08 32.31
N ILE E 348 -30.46 -39.82 31.41
CA ILE E 348 -29.93 -41.13 31.75
C ILE E 348 -28.75 -41.01 32.70
N ASN E 349 -28.13 -39.85 32.78
CA ASN E 349 -27.02 -39.60 33.69
C ASN E 349 -27.47 -38.90 34.97
N ALA E 350 -28.76 -38.85 35.22
CA ALA E 350 -29.28 -38.07 36.34
C ALA E 350 -28.87 -38.68 37.68
N ILE E 351 -28.51 -37.81 38.62
CA ILE E 351 -28.30 -38.17 40.01
C ILE E 351 -29.43 -37.56 40.83
N SER E 352 -29.98 -38.35 41.74
CA SER E 352 -31.13 -37.93 42.54
C SER E 352 -30.69 -37.70 43.97
N HIS E 353 -30.93 -36.49 44.48
CA HIS E 353 -30.67 -36.18 45.88
C HIS E 353 -31.82 -36.74 46.71
N GLY E 354 -31.77 -38.05 46.92
CA GLY E 354 -32.82 -38.75 47.62
C GLY E 354 -33.95 -39.19 46.71
N GLN E 355 -34.77 -40.09 47.22
CA GLN E 355 -35.90 -40.64 46.49
C GLN E 355 -37.19 -40.26 47.19
N THR E 356 -38.27 -40.20 46.42
CA THR E 356 -39.61 -39.99 46.96
C THR E 356 -40.36 -41.32 46.92
N THR E 357 -40.87 -41.75 48.07
CA THR E 357 -41.53 -43.04 48.19
C THR E 357 -42.83 -43.08 47.39
N GLN E 368 -36.04 -47.18 46.74
CA GLN E 368 -36.31 -47.13 45.30
C GLN E 368 -37.61 -46.40 45.01
N GLY E 369 -37.57 -45.47 44.06
CA GLY E 369 -38.74 -44.71 43.70
C GLY E 369 -38.36 -43.55 42.81
N VAL E 370 -39.33 -42.65 42.61
CA VAL E 370 -39.08 -41.46 41.81
C VAL E 370 -38.06 -40.58 42.52
N GLY E 371 -37.10 -40.06 41.74
CA GLY E 371 -36.02 -39.28 42.31
C GLY E 371 -36.38 -37.84 42.55
N ARG E 372 -35.41 -37.12 43.12
CA ARG E 372 -35.54 -35.69 43.42
C ARG E 372 -34.39 -34.97 42.73
N PHE E 373 -34.70 -34.20 41.69
CA PHE E 373 -33.70 -33.57 40.84
C PHE E 373 -33.94 -32.07 40.77
N PRO E 374 -32.90 -31.30 40.48
CA PRO E 374 -33.10 -29.88 40.18
C PRO E 374 -33.82 -29.71 38.85
N ASN E 375 -34.52 -28.58 38.73
CA ASN E 375 -35.20 -28.21 37.48
C ASN E 375 -34.28 -27.26 36.73
N GLU E 376 -33.62 -27.79 35.70
CA GLU E 376 -32.65 -27.01 34.92
C GLU E 376 -33.37 -26.31 33.76
N LYS E 377 -34.23 -25.36 34.15
CA LYS E 377 -34.95 -24.58 33.15
C LYS E 377 -34.04 -23.62 32.41
N GLU E 378 -33.04 -23.06 33.10
CA GLU E 378 -32.15 -22.10 32.47
C GLU E 378 -31.30 -22.76 31.39
N GLN E 379 -30.82 -23.98 31.65
CA GLN E 379 -30.07 -24.71 30.64
C GLN E 379 -30.96 -25.13 29.48
N LEU E 380 -32.19 -25.55 29.77
CA LEU E 380 -33.14 -25.86 28.70
C LEU E 380 -33.44 -24.64 27.85
N LYS E 381 -33.35 -23.45 28.43
CA LYS E 381 -33.62 -22.23 27.69
C LYS E 381 -32.53 -21.90 26.68
N GLN E 382 -31.36 -22.53 26.76
CA GLN E 382 -30.21 -22.16 25.94
C GLN E 382 -29.67 -23.37 25.18
N LEU E 383 -30.58 -24.11 24.54
CA LEU E 383 -30.23 -25.21 23.63
C LEU E 383 -29.55 -26.37 24.32
N GLN E 384 -29.60 -26.44 25.65
CA GLN E 384 -28.96 -27.52 26.38
C GLN E 384 -29.93 -28.59 26.85
N GLY E 385 -31.19 -28.53 26.41
CA GLY E 385 -32.17 -29.48 26.88
C GLY E 385 -31.81 -30.91 26.52
N LEU E 386 -32.43 -31.85 27.23
CA LEU E 386 -32.15 -33.26 27.01
C LEU E 386 -32.69 -33.69 25.66
N ASN E 387 -32.04 -34.71 25.08
CA ASN E 387 -32.36 -35.21 23.74
C ASN E 387 -32.31 -34.09 22.71
N MET E 388 -31.30 -33.22 22.83
CA MET E 388 -31.10 -32.12 21.90
C MET E 388 -30.20 -32.60 20.77
N HIS E 389 -30.83 -33.05 19.68
CA HIS E 389 -30.07 -33.54 18.55
C HIS E 389 -29.34 -32.40 17.85
N THR E 390 -28.15 -32.71 17.34
CA THR E 390 -27.36 -31.76 16.55
C THR E 390 -27.03 -32.41 15.23
N TYR E 391 -27.27 -31.69 14.13
CA TYR E 391 -27.30 -32.26 12.80
C TYR E 391 -26.11 -31.76 11.99
N PHE E 392 -25.39 -32.70 11.40
CA PHE E 392 -24.21 -32.39 10.59
C PHE E 392 -24.40 -33.04 9.21
N PRO E 393 -24.88 -32.30 8.22
CA PRO E 393 -25.13 -32.84 6.88
C PRO E 393 -23.86 -33.36 6.21
N THR E 401 -24.57 -38.16 11.04
CA THR E 401 -25.23 -36.98 10.47
C THR E 401 -26.30 -36.45 11.41
N ASP E 402 -26.73 -37.29 12.35
CA ASP E 402 -27.73 -36.92 13.36
C ASP E 402 -27.34 -37.61 14.65
N GLN E 403 -26.75 -36.86 15.57
CA GLN E 403 -26.32 -37.40 16.85
C GLN E 403 -26.55 -36.37 17.95
N ILE E 404 -26.66 -36.87 19.18
CA ILE E 404 -26.93 -35.99 20.31
C ILE E 404 -25.67 -35.23 20.73
N GLU E 405 -24.49 -35.83 20.54
CA GLU E 405 -23.26 -35.23 21.02
C GLU E 405 -22.98 -33.90 20.33
N ARG E 406 -22.64 -32.89 21.13
CA ARG E 406 -22.26 -31.59 20.62
C ARG E 406 -20.78 -31.33 20.92
N PRO E 407 -19.95 -31.12 19.92
CA PRO E 407 -18.55 -30.77 20.20
C PRO E 407 -18.45 -29.40 20.84
N LEU E 408 -17.37 -29.22 21.61
CA LEU E 408 -17.12 -27.92 22.22
C LEU E 408 -16.67 -26.94 21.15
N MET E 409 -17.61 -26.19 20.59
CA MET E 409 -17.29 -25.26 19.51
C MET E 409 -16.63 -24.01 20.06
N VAL E 410 -15.77 -23.41 19.23
CA VAL E 410 -15.16 -22.13 19.57
C VAL E 410 -16.23 -21.05 19.57
N GLY E 411 -16.23 -20.22 20.60
CA GLY E 411 -17.27 -19.23 20.75
C GLY E 411 -18.56 -19.78 21.32
N SER E 412 -18.47 -20.82 22.15
CA SER E 412 -19.65 -21.44 22.73
C SER E 412 -20.09 -20.69 23.98
N VAL E 413 -21.39 -20.79 24.28
CA VAL E 413 -21.97 -20.24 25.50
C VAL E 413 -22.94 -21.26 26.06
N TRP E 414 -22.91 -21.43 27.38
CA TRP E 414 -23.80 -22.40 28.02
C TRP E 414 -24.02 -21.97 29.47
N ASN E 415 -24.99 -22.61 30.11
CA ASN E 415 -25.32 -22.41 31.51
C ASN E 415 -24.90 -23.63 32.31
N ARG E 416 -24.29 -23.38 33.47
CA ARG E 416 -23.96 -24.47 34.37
C ARG E 416 -25.20 -24.91 35.15
N ARG E 417 -25.14 -26.14 35.66
CA ARG E 417 -26.24 -26.66 36.46
C ARG E 417 -26.44 -25.79 37.70
N ALA E 418 -27.69 -25.44 37.97
CA ALA E 418 -28.00 -24.47 39.01
C ALA E 418 -27.66 -25.03 40.39
N LEU E 419 -27.14 -24.16 41.25
CA LEU E 419 -26.90 -24.53 42.65
C LEU E 419 -28.24 -24.61 43.37
N HIS E 420 -28.47 -25.72 44.07
CA HIS E 420 -29.72 -25.95 44.76
C HIS E 420 -29.49 -26.07 46.26
N TYR E 421 -30.58 -26.22 46.99
CA TYR E 421 -30.54 -26.17 48.45
C TYR E 421 -29.70 -27.31 49.02
N GLU E 422 -29.85 -28.51 48.47
CA GLU E 422 -29.20 -29.69 49.00
C GLU E 422 -27.88 -30.01 48.32
N SER E 423 -27.42 -29.17 47.40
CA SER E 423 -26.19 -29.44 46.67
C SER E 423 -24.98 -29.40 47.59
N GLN E 424 -23.97 -30.18 47.25
CA GLN E 424 -22.69 -30.08 47.93
C GLN E 424 -22.07 -28.72 47.66
N LEU E 425 -21.15 -28.32 48.52
CA LEU E 425 -20.58 -26.98 48.46
C LEU E 425 -19.20 -26.94 47.81
N TRP E 426 -18.43 -28.03 47.92
CA TRP E 426 -17.11 -28.06 47.32
C TRP E 426 -16.71 -29.50 47.03
N SER E 427 -15.70 -29.65 46.19
CA SER E 427 -15.09 -30.94 45.92
C SER E 427 -13.67 -30.69 45.47
N LYS E 428 -12.74 -31.55 45.89
CA LYS E 428 -11.33 -31.35 45.57
C LYS E 428 -11.08 -31.69 44.12
N ILE E 429 -10.59 -30.70 43.36
CA ILE E 429 -10.12 -30.97 42.01
C ILE E 429 -8.87 -31.83 42.14
N PRO E 430 -8.83 -33.00 41.53
CA PRO E 430 -7.61 -33.82 41.58
C PRO E 430 -6.45 -33.06 40.96
N ASN E 431 -5.32 -33.05 41.66
CA ASN E 431 -4.16 -32.28 41.23
C ASN E 431 -3.42 -32.99 40.10
N LEU E 432 -4.16 -33.22 39.01
CA LEU E 432 -3.58 -33.76 37.80
C LEU E 432 -2.81 -32.67 37.06
N ASP E 433 -2.17 -33.07 35.96
CA ASP E 433 -1.30 -32.14 35.24
C ASP E 433 -2.10 -30.97 34.66
N ASP E 434 -3.28 -31.25 34.10
CA ASP E 434 -4.07 -30.22 33.45
C ASP E 434 -5.54 -30.39 33.81
N SER E 435 -6.28 -29.30 33.69
CA SER E 435 -7.71 -29.30 33.95
C SER E 435 -8.38 -28.27 33.04
N PHE E 436 -9.65 -28.51 32.73
CA PHE E 436 -10.42 -27.63 31.85
C PHE E 436 -11.73 -27.27 32.52
N LYS E 437 -11.87 -26.00 32.92
CA LYS E 437 -13.11 -25.46 33.47
C LYS E 437 -13.58 -26.29 34.65
N THR E 438 -12.66 -26.61 35.56
CA THR E 438 -12.96 -27.38 36.76
C THR E 438 -13.43 -26.50 37.91
N GLN E 439 -13.94 -25.30 37.61
CA GLN E 439 -14.34 -24.38 38.67
C GLN E 439 -15.53 -24.92 39.47
N PHE E 440 -16.40 -25.69 38.83
CA PHE E 440 -17.60 -26.21 39.46
C PHE E 440 -17.63 -27.72 39.33
N ALA E 441 -17.87 -28.41 40.44
CA ALA E 441 -17.96 -29.85 40.44
C ALA E 441 -19.28 -30.32 39.82
N ALA E 442 -19.26 -31.55 39.30
CA ALA E 442 -20.45 -32.08 38.66
C ALA E 442 -21.56 -32.40 39.66
N LEU E 443 -21.19 -32.76 40.89
CA LEU E 443 -22.16 -33.05 41.93
C LEU E 443 -22.73 -31.79 42.57
N GLY E 444 -22.21 -30.63 42.22
CA GLY E 444 -22.65 -29.37 42.78
C GLY E 444 -21.51 -28.61 43.44
N GLY E 445 -21.81 -27.37 43.78
CA GLY E 445 -20.81 -26.57 44.45
C GLY E 445 -19.66 -26.17 43.53
N TRP E 446 -18.53 -25.89 44.15
CA TRP E 446 -17.35 -25.40 43.48
C TRP E 446 -16.24 -26.45 43.50
N GLY E 447 -15.29 -26.28 42.60
CA GLY E 447 -14.10 -27.12 42.55
C GLY E 447 -12.93 -26.37 43.14
N LEU E 448 -12.27 -27.00 44.11
CA LEU E 448 -11.18 -26.38 44.85
C LEU E 448 -9.93 -27.25 44.78
N HIS E 449 -8.80 -26.63 44.44
CA HIS E 449 -7.54 -27.34 44.52
C HIS E 449 -7.11 -27.54 45.98
N GLN E 450 -7.50 -26.61 46.85
CA GLN E 450 -7.26 -26.72 48.29
C GLN E 450 -8.59 -26.52 48.98
N PRO E 451 -9.43 -27.55 49.03
CA PRO E 451 -10.74 -27.44 49.67
C PRO E 451 -10.59 -27.35 51.18
N PRO E 452 -11.68 -27.14 51.92
CA PRO E 452 -11.59 -27.12 53.38
C PRO E 452 -10.93 -28.38 53.90
N PRO E 453 -9.94 -28.25 54.78
CA PRO E 453 -9.19 -29.41 55.25
C PRO E 453 -10.08 -30.36 56.05
N GLN E 454 -9.74 -31.64 55.98
CA GLN E 454 -10.48 -32.66 56.71
C GLN E 454 -10.07 -32.64 58.18
N ILE E 455 -11.06 -32.77 59.05
CA ILE E 455 -10.84 -32.84 60.49
C ILE E 455 -11.08 -34.27 60.92
N PHE E 456 -10.03 -34.95 61.35
CA PHE E 456 -10.11 -36.34 61.78
C PHE E 456 -10.24 -36.36 63.30
N LEU E 457 -11.17 -37.17 63.80
CA LEU E 457 -11.43 -37.28 65.23
C LEU E 457 -11.48 -38.74 65.64
N LYS E 458 -10.93 -39.04 66.81
CA LYS E 458 -11.08 -40.36 67.41
C LYS E 458 -10.91 -40.20 68.91
N ILE E 459 -11.18 -41.28 69.64
CA ILE E 459 -10.95 -41.30 71.08
C ILE E 459 -9.62 -41.97 71.34
N LEU E 460 -8.76 -41.32 72.12
CA LEU E 460 -7.48 -41.91 72.47
C LEU E 460 -7.73 -43.17 73.29
N PRO E 461 -7.28 -44.34 72.84
CA PRO E 461 -7.53 -45.57 73.59
C PRO E 461 -6.86 -45.54 74.95
N GLN E 462 -7.55 -46.09 75.94
CA GLN E 462 -7.04 -46.21 77.30
C GLN E 462 -6.97 -47.68 77.67
N SER E 463 -5.90 -48.05 78.37
CA SER E 463 -5.63 -49.45 78.67
C SER E 463 -6.32 -49.88 79.96
N GLY E 464 -6.73 -51.14 79.99
CA GLY E 464 -7.32 -51.71 81.18
C GLY E 464 -6.27 -52.08 82.20
N PRO E 465 -6.73 -52.37 83.42
CA PRO E 465 -5.78 -52.66 84.51
C PRO E 465 -5.00 -53.94 84.27
N ILE E 466 -3.70 -53.87 84.57
CA ILE E 466 -2.82 -55.03 84.57
C ILE E 466 -2.02 -55.01 85.86
N GLY E 467 -2.04 -56.13 86.59
CA GLY E 467 -1.35 -56.19 87.86
C GLY E 467 -1.62 -57.45 88.65
N GLY E 468 -1.94 -57.29 89.93
CA GLY E 468 -2.16 -58.43 90.80
C GLY E 468 -3.47 -59.16 90.56
N ILE E 469 -4.38 -58.56 89.79
CA ILE E 469 -5.63 -59.24 89.45
C ILE E 469 -5.34 -60.38 88.49
N LYS E 470 -5.83 -61.57 88.81
CA LYS E 470 -5.49 -62.76 88.06
C LYS E 470 -6.17 -62.77 86.70
N SER E 471 -5.40 -63.08 85.65
CA SER E 471 -5.92 -63.28 84.30
C SER E 471 -6.73 -62.09 83.80
N MET E 472 -6.20 -60.88 84.05
CA MET E 472 -6.88 -59.69 83.57
C MET E 472 -6.78 -59.57 82.06
N GLY E 473 -5.58 -59.73 81.50
CA GLY E 473 -5.37 -59.64 80.07
C GLY E 473 -5.35 -58.21 79.58
N ILE E 474 -4.93 -58.05 78.33
CA ILE E 474 -4.92 -56.73 77.70
C ILE E 474 -6.36 -56.32 77.42
N THR E 475 -6.70 -55.08 77.80
CA THR E 475 -8.08 -54.63 77.75
C THR E 475 -8.11 -53.11 77.57
N THR E 476 -9.08 -52.64 76.81
CA THR E 476 -9.29 -51.20 76.60
C THR E 476 -10.52 -50.75 77.38
N LEU E 477 -10.44 -49.55 77.93
CA LEU E 477 -11.56 -48.98 78.66
C LEU E 477 -12.64 -48.49 77.70
N VAL E 478 -13.89 -48.76 78.05
CA VAL E 478 -15.03 -48.40 77.19
C VAL E 478 -15.23 -46.90 77.32
N GLN E 479 -14.81 -46.15 76.30
CA GLN E 479 -14.97 -44.70 76.27
C GLN E 479 -15.54 -44.30 74.92
N TYR E 480 -16.51 -43.39 74.94
CA TYR E 480 -17.06 -42.81 73.74
C TYR E 480 -17.13 -41.29 73.89
N ALA E 481 -16.98 -40.58 72.79
CA ALA E 481 -16.90 -39.13 72.85
C ALA E 481 -18.20 -38.50 72.34
N VAL E 482 -18.55 -37.36 72.92
CA VAL E 482 -19.62 -36.52 72.42
C VAL E 482 -19.11 -35.08 72.40
N GLY E 483 -19.81 -34.24 71.65
CA GLY E 483 -19.43 -32.85 71.60
C GLY E 483 -20.41 -32.06 70.75
N ILE E 484 -20.13 -30.77 70.64
CA ILE E 484 -20.89 -29.87 69.78
C ILE E 484 -19.95 -29.35 68.70
N MET E 485 -20.27 -29.64 67.45
CA MET E 485 -19.51 -29.13 66.32
C MET E 485 -20.25 -27.91 65.78
N THR E 486 -19.56 -26.77 65.78
CA THR E 486 -20.11 -25.51 65.30
C THR E 486 -19.36 -25.10 64.05
N VAL E 487 -20.06 -25.09 62.91
CA VAL E 487 -19.47 -24.74 61.63
C VAL E 487 -20.04 -23.40 61.19
N THR E 488 -19.16 -22.43 60.97
CA THR E 488 -19.52 -21.11 60.49
C THR E 488 -18.93 -20.92 59.11
N MET E 489 -19.78 -20.60 58.13
CA MET E 489 -19.34 -20.40 56.76
C MET E 489 -19.85 -19.04 56.28
N THR E 490 -18.96 -18.27 55.68
CA THR E 490 -19.32 -16.99 55.10
C THR E 490 -19.52 -17.16 53.59
N PHE E 491 -20.46 -16.42 53.04
CA PHE E 491 -20.72 -16.40 51.61
C PHE E 491 -20.68 -14.96 51.12
N LYS E 492 -19.84 -14.71 50.12
CA LYS E 492 -19.90 -13.47 49.37
C LYS E 492 -21.19 -13.46 48.55
N LEU E 493 -21.96 -12.39 48.68
CA LEU E 493 -23.24 -12.27 48.02
C LEU E 493 -23.23 -11.10 47.06
N GLY E 494 -23.69 -11.34 45.84
CA GLY E 494 -23.77 -10.32 44.82
C GLY E 494 -25.19 -9.84 44.66
N PRO E 495 -25.36 -8.51 44.56
CA PRO E 495 -26.70 -7.93 44.61
C PRO E 495 -27.54 -8.29 43.41
N ARG E 496 -28.85 -8.21 43.60
CA ARG E 496 -29.80 -8.46 42.52
C ARG E 496 -29.55 -7.49 41.38
N LYS E 497 -29.60 -8.00 40.15
CA LYS E 497 -29.43 -7.15 38.99
C LYS E 497 -30.62 -6.23 38.82
N ALA E 498 -30.35 -5.03 38.30
CA ALA E 498 -31.41 -4.06 38.08
C ALA E 498 -32.38 -4.56 37.02
N THR E 499 -33.63 -4.13 37.12
CA THR E 499 -34.69 -4.57 36.25
C THR E 499 -35.42 -3.37 35.66
N GLY E 500 -35.85 -3.53 34.41
CA GLY E 500 -36.58 -2.47 33.73
C GLY E 500 -37.88 -2.94 33.11
N ARG E 501 -38.30 -4.16 33.42
CA ARG E 501 -39.56 -4.66 32.89
C ARG E 501 -40.74 -3.87 33.43
N TRP E 502 -41.82 -3.86 32.66
CA TRP E 502 -43.10 -3.37 33.18
C TRP E 502 -43.81 -4.44 33.98
N ASN E 503 -43.97 -5.62 33.40
CA ASN E 503 -44.66 -6.71 34.07
C ASN E 503 -43.82 -7.21 35.25
N PRO E 504 -44.46 -7.72 36.30
CA PRO E 504 -43.71 -8.17 37.47
C PRO E 504 -42.82 -9.36 37.16
N GLN E 505 -41.72 -9.46 37.91
CA GLN E 505 -40.85 -10.61 37.82
C GLN E 505 -41.58 -11.86 38.33
N PRO E 506 -41.18 -13.05 37.87
CA PRO E 506 -41.80 -14.27 38.39
C PRO E 506 -41.60 -14.38 39.90
N GLY E 507 -42.64 -14.85 40.58
CA GLY E 507 -42.57 -15.00 42.01
C GLY E 507 -41.57 -16.08 42.41
N VAL E 508 -40.88 -15.85 43.52
CA VAL E 508 -39.93 -16.83 44.05
C VAL E 508 -40.74 -17.77 44.93
N TYR E 509 -41.37 -18.74 44.30
CA TYR E 509 -42.23 -19.66 45.03
C TYR E 509 -41.40 -20.65 45.85
N PRO E 510 -41.86 -21.01 47.04
CA PRO E 510 -41.24 -22.14 47.73
C PRO E 510 -41.44 -23.42 46.94
N PRO E 511 -40.52 -24.37 47.03
CA PRO E 511 -40.63 -25.58 46.22
C PRO E 511 -41.81 -26.43 46.66
N HIS E 512 -42.28 -27.24 45.73
CA HIS E 512 -43.46 -28.06 45.96
C HIS E 512 -43.06 -29.43 46.51
N ALA E 513 -43.79 -29.89 47.52
CA ALA E 513 -43.59 -31.22 48.08
C ALA E 513 -44.55 -32.20 47.43
N ALA E 514 -44.21 -33.49 47.53
CA ALA E 514 -45.08 -34.53 46.98
C ALA E 514 -46.44 -34.53 47.64
N GLY E 515 -46.50 -34.18 48.93
CA GLY E 515 -47.76 -34.07 49.63
C GLY E 515 -47.78 -32.90 50.59
N HIS E 516 -48.78 -32.02 50.46
CA HIS E 516 -48.92 -30.83 51.30
C HIS E 516 -47.69 -29.95 51.08
N LEU E 517 -47.17 -29.31 52.13
CA LEU E 517 -46.08 -28.35 52.00
C LEU E 517 -44.78 -28.93 52.56
N PRO E 518 -43.64 -28.52 52.03
CA PRO E 518 -42.36 -28.97 52.55
C PRO E 518 -41.80 -28.05 53.62
N TYR E 519 -40.78 -28.52 54.32
CA TYR E 519 -40.00 -27.76 55.28
C TYR E 519 -40.82 -27.22 56.43
N VAL E 520 -42.06 -27.68 56.60
CA VAL E 520 -42.90 -27.30 57.72
C VAL E 520 -43.46 -28.57 58.34
N LEU E 521 -43.43 -28.64 59.67
CA LEU E 521 -43.97 -29.79 60.38
C LEU E 521 -45.49 -29.65 60.47
N TYR E 522 -46.20 -30.65 59.97
CA TYR E 522 -47.65 -30.65 60.00
C TYR E 522 -48.14 -32.00 60.50
N ASP E 523 -49.46 -32.12 60.68
CA ASP E 523 -50.06 -33.37 61.10
C ASP E 523 -50.47 -34.16 59.87
N PRO E 524 -49.87 -35.32 59.61
CA PRO E 524 -50.25 -36.08 58.41
C PRO E 524 -51.70 -36.52 58.40
N THR E 525 -52.28 -36.83 59.57
CA THR E 525 -53.65 -37.32 59.61
C THR E 525 -54.67 -36.25 59.23
N ALA E 526 -54.30 -34.98 59.29
CA ALA E 526 -55.19 -33.88 58.94
C ALA E 526 -55.20 -33.58 57.45
N THR E 527 -54.37 -34.28 56.66
CA THR E 527 -54.25 -34.03 55.24
C THR E 527 -54.60 -35.30 54.46
N ASP E 528 -55.08 -35.11 53.23
CA ASP E 528 -55.41 -36.22 52.35
C ASP E 528 -54.20 -36.75 51.58
N ALA E 529 -53.03 -36.15 51.79
CA ALA E 529 -51.83 -36.59 51.08
C ALA E 529 -51.44 -38.00 51.51
N LYS E 530 -50.78 -38.71 50.60
CA LYS E 530 -50.37 -40.09 50.83
C LYS E 530 -48.97 -40.21 51.43
N GLN E 531 -48.30 -39.09 51.70
CA GLN E 531 -46.95 -39.11 52.26
C GLN E 531 -46.96 -39.18 53.79
N HIS E 532 -47.69 -40.16 54.33
CA HIS E 532 -47.67 -40.40 55.77
C HIS E 532 -46.37 -41.02 56.24
N HIS E 533 -45.58 -41.59 55.32
CA HIS E 533 -44.34 -42.25 55.69
C HIS E 533 -43.29 -41.29 56.21
N ARG E 534 -43.45 -39.99 55.95
CA ARG E 534 -42.56 -38.97 56.49
C ARG E 534 -42.98 -38.49 57.87
N HIS E 535 -44.17 -38.87 58.34
CA HIS E 535 -44.64 -38.56 59.69
C HIS E 535 -44.68 -37.05 59.95
N GLY E 536 -45.09 -36.29 58.96
CA GLY E 536 -45.44 -34.89 59.14
C GLY E 536 -44.40 -33.89 58.68
N TYR E 537 -43.15 -34.30 58.49
CA TYR E 537 -42.12 -33.42 57.97
C TYR E 537 -41.70 -33.89 56.59
N GLU E 538 -41.77 -32.99 55.62
CA GLU E 538 -41.61 -33.35 54.22
C GLU E 538 -40.59 -32.44 53.56
N LYS E 539 -39.87 -32.99 52.59
CA LYS E 539 -38.96 -32.29 51.71
C LYS E 539 -39.56 -32.17 50.31
N PRO E 540 -39.25 -31.10 49.59
CA PRO E 540 -39.82 -30.95 48.25
C PRO E 540 -39.35 -32.04 47.31
N GLU E 541 -40.24 -32.46 46.40
CA GLU E 541 -39.87 -33.45 45.40
C GLU E 541 -38.99 -32.85 44.32
N GLU E 542 -38.92 -31.53 44.24
CA GLU E 542 -38.04 -30.83 43.30
C GLU E 542 -37.04 -30.00 44.11
N LEU E 543 -35.78 -30.11 43.74
CA LEU E 543 -34.73 -29.42 44.49
C LEU E 543 -34.84 -27.91 44.34
N TRP E 544 -34.64 -27.21 45.44
CA TRP E 544 -34.83 -25.76 45.52
C TRP E 544 -33.67 -25.06 44.82
N THR E 545 -33.90 -24.62 43.58
CA THR E 545 -32.82 -24.17 42.70
C THR E 545 -32.71 -22.66 42.55
N ALA E 546 -33.73 -21.90 42.92
CA ALA E 546 -33.76 -20.44 42.77
C ALA E 546 -33.77 -20.14 41.25
N LYS E 547 -33.09 -19.08 40.82
CA LYS E 547 -33.12 -18.63 39.42
C LYS E 547 -34.54 -18.35 38.95
N SER E 548 -35.36 -17.82 39.86
CA SER E 548 -36.75 -17.50 39.54
C SER E 548 -36.87 -16.21 38.75
N ARG E 549 -35.98 -15.26 38.97
CA ARG E 549 -36.06 -13.94 38.34
C ARG E 549 -35.17 -13.91 37.11
N VAL E 550 -35.72 -13.39 36.01
CA VAL E 550 -35.08 -13.47 34.70
C VAL E 550 -34.66 -12.07 34.26
N HIS E 551 -33.64 -12.04 33.40
CA HIS E 551 -33.06 -10.80 32.90
C HIS E 551 -32.74 -10.99 31.42
N PRO E 552 -32.66 -9.90 30.66
CA PRO E 552 -32.37 -10.02 29.23
C PRO E 552 -30.94 -10.42 28.97
N LEU E 553 -30.71 -10.97 27.78
CA LEU E 553 -29.37 -11.42 27.39
C LEU E 553 -28.66 -10.36 26.57
N THR F 1 61.36 100.84 -29.36
CA THR F 1 62.25 99.76 -28.96
C THR F 1 61.51 98.42 -28.97
N SER F 2 62.25 97.34 -28.73
CA SER F 2 61.68 96.01 -28.74
C SER F 2 62.57 95.08 -27.94
N VAL F 3 61.98 93.94 -27.54
CA VAL F 3 62.76 92.90 -26.87
C VAL F 3 63.78 92.30 -27.82
N ASN F 4 63.51 92.36 -29.13
CA ASN F 4 64.41 91.80 -30.14
C ASN F 4 65.76 92.51 -30.18
N SER F 5 65.89 93.67 -29.53
CA SER F 5 67.18 94.35 -29.48
C SER F 5 68.24 93.47 -28.82
N ALA F 6 67.87 92.76 -27.76
CA ALA F 6 68.73 91.76 -27.14
C ALA F 6 68.50 90.44 -27.85
N GLU F 7 69.47 90.03 -28.67
CA GLU F 7 69.30 88.85 -29.51
C GLU F 7 69.23 87.55 -28.71
N ALA F 8 69.65 87.57 -27.44
CA ALA F 8 69.64 86.37 -26.61
C ALA F 8 68.56 86.43 -25.53
N SER F 9 67.49 87.21 -25.75
CA SER F 9 66.42 87.37 -24.78
C SER F 9 65.08 87.17 -25.45
N THR F 10 64.12 86.65 -24.69
CA THR F 10 62.76 86.42 -25.16
C THR F 10 61.78 87.18 -24.27
N GLY F 11 60.69 87.64 -24.88
CA GLY F 11 59.66 88.33 -24.12
C GLY F 11 58.90 87.37 -23.22
N ALA F 12 58.38 87.92 -22.12
CA ALA F 12 57.66 87.13 -21.13
C ALA F 12 56.26 87.72 -20.94
N GLY F 13 55.28 86.84 -20.79
CA GLY F 13 53.90 87.26 -20.62
C GLY F 13 53.43 87.39 -19.19
N GLY F 14 54.22 86.93 -18.23
CA GLY F 14 53.87 87.08 -16.82
C GLY F 14 52.62 86.35 -16.40
N GLY F 15 52.48 85.08 -16.80
CA GLY F 15 51.32 84.30 -16.45
C GLY F 15 51.23 84.00 -14.96
N GLY F 16 50.27 83.14 -14.61
CA GLY F 16 50.02 82.81 -13.23
C GLY F 16 50.86 81.64 -12.74
N SER F 17 50.60 81.26 -11.50
CA SER F 17 51.31 80.16 -10.85
C SER F 17 50.31 79.29 -10.10
N ASN F 18 50.51 77.98 -10.16
CA ASN F 18 49.61 77.02 -9.51
C ASN F 18 50.43 75.90 -8.91
N PRO F 19 50.87 76.05 -7.66
CA PRO F 19 51.69 75.02 -7.01
C PRO F 19 50.86 73.84 -6.51
N VAL F 20 50.28 73.10 -7.44
CA VAL F 20 49.41 71.98 -7.11
C VAL F 20 50.13 70.68 -7.43
N LYS F 21 49.73 69.63 -6.74
CA LYS F 21 50.26 68.28 -6.97
C LYS F 21 49.12 67.34 -7.29
N SER F 22 49.19 66.72 -8.47
CA SER F 22 48.23 65.71 -8.89
C SER F 22 48.98 64.41 -9.14
N MET F 23 48.22 63.33 -9.30
CA MET F 23 48.78 62.01 -9.50
C MET F 23 48.26 61.43 -10.81
N TRP F 24 49.16 60.82 -11.59
CA TRP F 24 48.80 60.08 -12.79
C TRP F 24 48.79 58.61 -12.40
N SER F 25 47.61 58.09 -12.09
CA SER F 25 47.48 56.72 -11.61
C SER F 25 47.30 55.78 -12.79
N GLU F 26 48.04 54.67 -12.77
CA GLU F 26 47.99 53.67 -13.82
C GLU F 26 48.51 52.36 -13.27
N GLY F 27 48.34 51.30 -14.05
CA GLY F 27 48.86 49.99 -13.69
C GLY F 27 47.87 49.18 -12.88
N ALA F 28 48.16 47.89 -12.75
CA ALA F 28 47.33 46.95 -12.01
C ALA F 28 48.09 46.44 -10.80
N THR F 29 47.45 46.50 -9.64
CA THR F 29 47.99 45.93 -8.41
C THR F 29 47.28 44.61 -8.15
N PHE F 30 48.03 43.52 -8.20
CA PHE F 30 47.48 42.19 -8.02
C PHE F 30 47.55 41.77 -6.55
N SER F 31 46.55 41.01 -6.13
CA SER F 31 46.50 40.47 -4.78
C SER F 31 46.11 39.00 -4.86
N ALA F 32 45.93 38.38 -3.70
CA ALA F 32 45.61 36.96 -3.65
C ALA F 32 44.22 36.69 -4.24
N ASN F 33 43.26 37.57 -3.98
CA ASN F 33 41.87 37.34 -4.39
C ASN F 33 41.31 38.42 -5.30
N SER F 34 42.08 39.46 -5.61
CA SER F 34 41.54 40.55 -6.44
C SER F 34 42.68 41.29 -7.09
N VAL F 35 42.34 42.07 -8.10
CA VAL F 35 43.28 42.97 -8.77
C VAL F 35 42.62 44.33 -8.95
N THR F 36 43.35 45.39 -8.63
CA THR F 36 42.87 46.77 -8.78
C THR F 36 43.62 47.39 -9.94
N CYS F 37 42.93 47.64 -11.04
CA CYS F 37 43.54 48.16 -12.26
C CYS F 37 43.11 49.62 -12.45
N THR F 38 44.08 50.51 -12.49
CA THR F 38 43.84 51.93 -12.74
C THR F 38 44.43 52.31 -14.09
N PHE F 39 43.70 53.12 -14.84
CA PHE F 39 44.24 53.68 -16.07
C PHE F 39 43.79 55.13 -16.19
N SER F 40 44.72 55.99 -16.57
CA SER F 40 44.47 57.41 -16.76
C SER F 40 44.63 57.77 -18.23
N ARG F 41 43.71 58.56 -18.75
CA ARG F 41 43.78 59.03 -20.13
C ARG F 41 43.49 60.53 -20.15
N GLN F 42 44.29 61.28 -20.89
CA GLN F 42 43.94 62.67 -21.15
C GLN F 42 42.75 62.72 -22.09
N PHE F 43 41.74 63.49 -21.74
CA PHE F 43 40.53 63.61 -22.54
C PHE F 43 40.31 65.05 -22.94
N LEU F 44 39.78 65.24 -24.15
CA LEU F 44 39.48 66.55 -24.71
C LEU F 44 38.03 66.59 -25.16
N ILE F 45 37.30 67.61 -24.74
CA ILE F 45 35.94 67.86 -25.18
C ILE F 45 35.97 69.10 -26.06
N PRO F 46 35.62 68.99 -27.35
CA PRO F 46 35.86 70.10 -28.28
C PRO F 46 34.87 71.23 -28.07
N TYR F 47 35.20 72.37 -28.68
CA TYR F 47 34.32 73.52 -28.66
C TYR F 47 33.06 73.20 -29.47
N ASP F 48 31.90 73.52 -28.90
CA ASP F 48 30.63 73.29 -29.57
C ASP F 48 30.01 74.64 -29.92
N PRO F 49 30.15 75.11 -31.17
CA PRO F 49 29.60 76.42 -31.53
C PRO F 49 28.10 76.52 -31.39
N GLU F 50 27.39 75.40 -31.44
CA GLU F 50 25.94 75.38 -31.28
C GLU F 50 25.55 74.20 -30.39
N HIS F 51 25.01 74.50 -29.21
CA HIS F 51 24.55 73.46 -28.29
C HIS F 51 23.08 73.15 -28.59
N HIS F 52 22.88 72.53 -29.75
CA HIS F 52 21.54 72.26 -30.26
C HIS F 52 21.25 70.77 -30.20
N TYR F 53 20.10 70.42 -29.65
CA TYR F 53 19.60 69.06 -29.77
C TYR F 53 19.10 68.83 -31.18
N LYS F 54 19.51 67.71 -31.78
CA LYS F 54 19.11 67.39 -33.14
C LYS F 54 18.30 66.11 -33.14
N VAL F 55 17.52 65.91 -34.19
CA VAL F 55 16.75 64.68 -34.38
C VAL F 55 17.46 63.85 -35.44
N PHE F 56 17.56 62.55 -35.18
CA PHE F 56 18.22 61.60 -36.06
C PHE F 56 17.12 60.77 -36.73
N SER F 57 16.69 61.21 -37.91
CA SER F 57 15.60 60.56 -38.64
C SER F 57 16.03 60.33 -40.08
N PRO F 58 16.89 59.34 -40.32
CA PRO F 58 17.28 59.03 -41.69
C PRO F 58 16.11 58.43 -42.47
N ALA F 59 16.15 58.64 -43.79
CA ALA F 59 15.10 58.11 -44.66
C ALA F 59 15.33 56.63 -44.95
N ALA F 60 14.22 55.90 -45.05
CA ALA F 60 14.24 54.47 -45.30
C ALA F 60 13.51 54.17 -46.59
N SER F 61 14.13 53.36 -47.44
CA SER F 61 13.53 52.99 -48.72
C SER F 61 13.38 51.48 -48.85
N LYS F 72 20.01 44.99 -51.21
CA LYS F 72 19.86 46.08 -50.26
C LYS F 72 18.95 45.68 -49.11
N VAL F 73 19.44 45.87 -47.88
CA VAL F 73 18.70 45.53 -46.68
C VAL F 73 18.57 46.78 -45.82
N CYS F 74 17.49 46.84 -45.05
CA CYS F 74 17.22 47.92 -44.12
C CYS F 74 16.72 47.34 -42.81
N THR F 75 16.61 48.20 -41.80
CA THR F 75 16.08 47.78 -40.51
C THR F 75 14.60 47.40 -40.65
N ILE F 76 14.06 46.80 -39.59
CA ILE F 76 12.66 46.41 -39.60
C ILE F 76 11.76 47.63 -39.77
N SER F 77 12.06 48.70 -39.05
CA SER F 77 11.38 49.97 -39.19
C SER F 77 12.42 51.08 -39.25
N PRO F 78 12.09 52.21 -39.88
CA PRO F 78 13.03 53.34 -39.87
C PRO F 78 13.32 53.78 -38.45
N ILE F 79 14.55 54.23 -38.22
CA ILE F 79 14.99 54.59 -36.88
C ILE F 79 14.78 56.08 -36.67
N MET F 80 14.74 56.46 -35.39
CA MET F 80 14.63 57.86 -34.99
C MET F 80 15.25 58.00 -33.61
N GLY F 81 15.93 59.12 -33.40
CA GLY F 81 16.55 59.34 -32.11
C GLY F 81 16.85 60.81 -31.90
N TYR F 82 17.57 61.08 -30.82
CA TYR F 82 17.98 62.42 -30.48
C TYR F 82 19.48 62.48 -30.23
N SER F 83 20.11 63.51 -30.78
CA SER F 83 21.52 63.81 -30.57
C SER F 83 21.63 65.01 -29.64
N THR F 84 22.41 64.87 -28.58
CA THR F 84 22.54 65.87 -27.54
C THR F 84 23.90 66.56 -27.62
N PRO F 85 24.00 67.81 -27.16
CA PRO F 85 25.31 68.48 -27.13
C PRO F 85 26.27 67.92 -26.10
N TRP F 86 25.86 66.91 -25.34
CA TRP F 86 26.69 66.34 -24.29
C TRP F 86 27.56 65.23 -24.84
N ARG F 87 28.78 65.14 -24.32
CA ARG F 87 29.65 64.00 -24.53
C ARG F 87 29.50 63.04 -23.35
N TYR F 88 30.08 61.85 -23.49
CA TYR F 88 30.04 60.89 -22.40
C TYR F 88 31.27 60.00 -22.46
N LEU F 89 31.60 59.40 -21.32
CA LEU F 89 32.79 58.58 -21.19
C LEU F 89 32.49 57.12 -21.54
N ASP F 90 33.42 56.50 -22.26
CA ASP F 90 33.31 55.10 -22.64
C ASP F 90 34.64 54.41 -22.32
N PHE F 91 34.60 53.50 -21.36
CA PHE F 91 35.76 52.70 -20.96
C PHE F 91 35.38 51.23 -20.82
N ASN F 92 34.41 50.79 -21.60
CA ASN F 92 33.87 49.43 -21.49
C ASN F 92 34.70 48.49 -22.38
N ALA F 93 35.90 48.19 -21.89
CA ALA F 93 36.80 47.28 -22.58
C ALA F 93 37.82 46.76 -21.59
N LEU F 94 38.13 45.47 -21.68
CA LEU F 94 39.05 44.86 -20.73
C LEU F 94 40.48 45.30 -20.97
N ASN F 95 40.86 45.55 -22.22
CA ASN F 95 42.25 45.89 -22.52
C ASN F 95 42.63 47.28 -22.02
N LEU F 96 41.67 48.10 -21.62
CA LEU F 96 42.00 49.43 -21.10
C LEU F 96 42.58 49.36 -19.70
N PHE F 97 42.17 48.38 -18.90
CA PHE F 97 42.57 48.30 -17.51
C PHE F 97 43.83 47.47 -17.31
N PHE F 98 44.12 46.54 -18.21
CA PHE F 98 45.30 45.69 -18.12
C PHE F 98 46.27 46.05 -19.24
N SER F 99 47.52 46.31 -18.87
CA SER F 99 48.59 46.30 -19.85
C SER F 99 48.84 44.86 -20.28
N PRO F 100 49.44 44.65 -21.46
CA PRO F 100 49.65 43.28 -21.93
C PRO F 100 50.39 42.39 -20.94
N LEU F 101 51.42 42.93 -20.27
CA LEU F 101 52.08 42.18 -19.21
C LEU F 101 51.11 41.91 -18.06
N GLU F 102 50.30 42.91 -17.70
CA GLU F 102 49.35 42.73 -16.61
C GLU F 102 48.29 41.70 -16.97
N PHE F 103 47.81 41.70 -18.21
CA PHE F 103 46.84 40.69 -18.61
C PHE F 103 47.47 39.30 -18.64
N GLN F 104 48.73 39.20 -19.07
CA GLN F 104 49.43 37.92 -19.01
C GLN F 104 49.53 37.43 -17.57
N HIS F 105 49.88 38.33 -16.65
CA HIS F 105 49.93 37.97 -15.23
C HIS F 105 48.58 37.48 -14.74
N LEU F 106 47.51 38.20 -15.11
CA LEU F 106 46.17 37.83 -14.67
C LEU F 106 45.79 36.44 -15.17
N ILE F 107 45.96 36.19 -16.46
CA ILE F 107 45.53 34.92 -17.03
C ILE F 107 46.51 33.78 -16.76
N GLU F 108 47.69 34.09 -16.23
CA GLU F 108 48.65 33.04 -15.87
C GLU F 108 48.60 32.69 -14.40
N ASN F 109 48.14 33.60 -13.55
CA ASN F 109 48.21 33.39 -12.11
C ASN F 109 46.85 33.18 -11.44
N TYR F 110 45.75 33.22 -12.19
CA TYR F 110 44.44 33.18 -11.58
C TYR F 110 43.52 32.25 -12.35
N GLY F 111 42.44 31.84 -11.69
CA GLY F 111 41.52 30.87 -12.26
C GLY F 111 40.20 31.43 -12.73
N SER F 112 39.78 32.57 -12.18
CA SER F 112 38.56 33.20 -12.63
C SER F 112 38.63 34.70 -12.35
N ILE F 113 37.82 35.47 -13.09
CA ILE F 113 37.78 36.92 -12.94
C ILE F 113 36.33 37.38 -13.00
N ALA F 114 35.97 38.30 -12.11
CA ALA F 114 34.66 38.93 -12.12
C ALA F 114 34.81 40.40 -11.77
N PRO F 115 33.95 41.26 -12.29
CA PRO F 115 34.00 42.68 -11.90
C PRO F 115 33.46 42.87 -10.49
N ASP F 116 34.11 43.77 -9.75
CA ASP F 116 33.77 44.03 -8.36
C ASP F 116 33.35 45.47 -8.11
N ALA F 117 34.16 46.44 -8.53
CA ALA F 117 33.88 47.84 -8.27
C ALA F 117 34.54 48.69 -9.33
N LEU F 118 34.10 49.94 -9.42
CA LEU F 118 34.57 50.87 -10.43
C LEU F 118 34.63 52.26 -9.83
N THR F 119 35.65 53.03 -10.21
CA THR F 119 35.81 54.40 -9.74
C THR F 119 36.35 55.25 -10.88
N VAL F 120 35.59 56.26 -11.28
CA VAL F 120 35.97 57.14 -12.38
C VAL F 120 36.23 58.53 -11.81
N THR F 121 37.40 59.08 -12.09
CA THR F 121 37.80 60.38 -11.56
C THR F 121 38.12 61.31 -12.72
N ILE F 122 37.43 62.44 -12.76
CA ILE F 122 37.74 63.52 -13.69
C ILE F 122 38.57 64.54 -12.91
N SER F 123 39.85 64.62 -13.23
CA SER F 123 40.79 65.48 -12.54
C SER F 123 41.60 66.28 -13.55
N GLU F 124 42.32 67.27 -13.06
CA GLU F 124 43.11 68.17 -13.90
C GLU F 124 42.24 68.82 -14.97
N ILE F 125 41.01 69.17 -14.58
CA ILE F 125 40.10 69.82 -15.51
C ILE F 125 40.65 71.19 -15.88
N ALA F 126 40.57 71.52 -17.17
CA ALA F 126 41.03 72.81 -17.66
C ALA F 126 40.11 73.23 -18.80
N VAL F 127 39.25 74.21 -18.54
CA VAL F 127 38.47 74.84 -19.59
C VAL F 127 39.32 75.95 -20.20
N LYS F 128 39.47 75.93 -21.52
CA LYS F 128 40.44 76.76 -22.22
C LYS F 128 39.74 77.60 -23.27
N ASP F 129 39.98 78.91 -23.22
CA ASP F 129 39.50 79.83 -24.23
C ASP F 129 40.51 79.90 -25.38
N VAL F 130 39.98 80.02 -26.59
CA VAL F 130 40.80 80.12 -27.80
C VAL F 130 40.56 81.48 -28.43
N THR F 131 41.63 82.23 -28.63
CA THR F 131 41.55 83.55 -29.25
C THR F 131 42.54 83.62 -30.41
N ASP F 132 42.49 84.73 -31.13
CA ASP F 132 43.39 84.91 -32.27
C ASP F 132 44.81 85.16 -31.80
N LYS F 133 45.77 84.58 -32.52
CA LYS F 133 47.18 84.74 -32.23
C LYS F 133 47.79 85.76 -33.18
N THR F 134 48.82 86.44 -32.70
CA THR F 134 49.49 87.45 -33.52
C THR F 134 50.16 86.80 -34.72
N GLY F 135 50.00 87.42 -35.89
CA GLY F 135 50.54 86.87 -37.11
C GLY F 135 49.80 85.67 -37.65
N GLY F 136 48.52 85.53 -37.33
CA GLY F 136 47.74 84.40 -37.79
C GLY F 136 47.76 83.25 -36.80
N GLY F 137 46.81 82.34 -36.98
CA GLY F 137 46.67 81.22 -36.08
C GLY F 137 45.86 81.56 -34.85
N VAL F 138 45.82 80.61 -33.92
CA VAL F 138 45.07 80.74 -32.69
C VAL F 138 45.99 80.46 -31.50
N GLN F 139 45.57 80.93 -30.33
CA GLN F 139 46.27 80.64 -29.09
C GLN F 139 45.25 80.34 -28.01
N VAL F 140 45.71 79.65 -26.96
CA VAL F 140 44.86 79.03 -25.96
C VAL F 140 45.26 79.54 -24.58
N THR F 141 44.26 79.89 -23.78
CA THR F 141 44.47 80.40 -22.43
C THR F 141 43.55 79.67 -21.44
N ASP F 142 44.10 79.28 -20.30
CA ASP F 142 43.29 78.67 -19.26
C ASP F 142 42.26 79.66 -18.73
N SER F 143 41.07 79.15 -18.42
CA SER F 143 39.94 79.99 -18.03
C SER F 143 39.56 79.71 -16.59
N THR F 144 39.35 80.79 -15.83
CA THR F 144 38.86 80.68 -14.46
C THR F 144 37.35 80.73 -14.37
N THR F 145 36.68 81.29 -15.38
CA THR F 145 35.23 81.35 -15.40
C THR F 145 34.57 80.22 -16.18
N GLY F 146 35.31 79.58 -17.08
CA GLY F 146 34.75 78.46 -17.82
C GLY F 146 34.43 77.30 -16.90
N ARG F 147 33.34 76.60 -17.22
CA ARG F 147 32.86 75.49 -16.42
C ARG F 147 32.69 74.26 -17.28
N LEU F 148 32.96 73.10 -16.69
CA LEU F 148 32.68 71.80 -17.29
C LEU F 148 31.46 71.23 -16.59
N CYS F 149 30.40 70.97 -17.35
CA CYS F 149 29.21 70.33 -16.84
C CYS F 149 29.43 68.82 -16.83
N MET F 150 29.38 68.23 -15.64
CA MET F 150 29.52 66.80 -15.43
C MET F 150 28.26 66.28 -14.76
N LEU F 151 27.66 65.24 -15.34
CA LEU F 151 26.41 64.68 -14.86
C LEU F 151 26.55 63.16 -14.83
N VAL F 152 26.55 62.57 -13.64
CA VAL F 152 26.62 61.13 -13.51
C VAL F 152 25.20 60.59 -13.40
N ASP F 153 24.79 59.79 -14.37
CA ASP F 153 23.42 59.28 -14.45
C ASP F 153 23.26 58.05 -13.56
N HIS F 154 23.30 58.32 -12.25
CA HIS F 154 23.17 57.25 -11.27
C HIS F 154 21.81 56.57 -11.33
N GLU F 155 20.76 57.35 -11.60
CA GLU F 155 19.40 56.82 -11.61
C GLU F 155 19.01 56.21 -12.95
N TYR F 156 19.89 56.24 -13.95
CA TYR F 156 19.60 55.70 -15.27
C TYR F 156 18.37 56.36 -15.89
N LYS F 157 18.24 57.67 -15.69
CA LYS F 157 17.11 58.40 -16.27
C LYS F 157 17.18 58.40 -17.78
N TYR F 158 18.37 58.58 -18.35
CA TYR F 158 18.64 58.72 -19.76
C TYR F 158 18.97 57.37 -20.39
N PRO F 159 18.71 57.24 -21.70
CA PRO F 159 18.98 55.95 -22.37
C PRO F 159 20.44 55.55 -22.25
N TYR F 160 20.65 54.24 -22.11
CA TYR F 160 21.98 53.67 -21.92
C TYR F 160 22.50 53.18 -23.27
N VAL F 161 23.56 53.80 -23.77
CA VAL F 161 24.14 53.45 -25.05
C VAL F 161 25.50 52.79 -24.91
N LEU F 162 26.02 52.66 -23.70
CA LEU F 162 27.28 51.95 -23.50
C LEU F 162 27.08 50.45 -23.69
N GLY F 163 28.19 49.76 -23.92
CA GLY F 163 28.16 48.32 -24.09
C GLY F 163 27.43 47.85 -25.33
N GLN F 164 27.65 48.52 -26.47
CA GLN F 164 27.10 48.08 -27.73
C GLN F 164 28.18 47.82 -28.77
N GLY F 165 29.44 47.76 -28.34
CA GLY F 165 30.54 47.48 -29.27
C GLY F 165 30.75 48.55 -30.32
N GLN F 166 30.66 49.81 -29.93
CA GLN F 166 30.83 50.93 -30.86
C GLN F 166 32.20 51.56 -30.70
N ASP F 167 32.68 52.16 -31.79
CA ASP F 167 34.01 52.75 -31.81
C ASP F 167 34.04 54.06 -31.03
N THR F 168 33.87 53.95 -29.70
CA THR F 168 33.81 55.12 -28.84
C THR F 168 34.68 54.97 -27.60
N LEU F 169 35.50 53.93 -27.53
CA LEU F 169 36.23 53.60 -26.32
C LEU F 169 37.39 54.55 -26.07
N ALA F 170 37.90 54.52 -24.85
CA ALA F 170 39.12 55.23 -24.53
C ALA F 170 40.29 54.62 -25.29
N PRO F 171 41.34 55.40 -25.57
CA PRO F 171 42.47 54.86 -26.33
C PRO F 171 43.13 53.70 -25.61
N GLU F 172 43.57 52.72 -26.38
CA GLU F 172 44.20 51.53 -25.80
C GLU F 172 45.56 51.84 -25.19
N LEU F 173 46.22 52.90 -25.66
CA LEU F 173 47.53 53.23 -25.14
C LEU F 173 47.46 54.46 -24.25
N PRO F 174 48.24 54.49 -23.16
CA PRO F 174 48.18 55.65 -22.25
C PRO F 174 48.74 56.94 -22.84
N ILE F 175 49.36 56.89 -24.02
CA ILE F 175 49.96 58.07 -24.61
C ILE F 175 49.04 58.78 -25.59
N TRP F 176 47.80 58.32 -25.75
CA TRP F 176 46.85 58.92 -26.67
C TRP F 176 45.79 59.68 -25.89
N VAL F 177 45.28 60.75 -26.51
CA VAL F 177 44.29 61.61 -25.89
C VAL F 177 42.90 61.10 -26.21
N TYR F 178 42.08 60.93 -25.18
CA TYR F 178 40.70 60.49 -25.35
C TYR F 178 39.84 61.62 -25.89
N PHE F 179 38.98 61.28 -26.85
CA PHE F 179 37.95 62.19 -27.36
C PHE F 179 36.61 61.55 -27.07
N PRO F 180 35.96 61.87 -25.96
CA PRO F 180 34.72 61.19 -25.57
C PRO F 180 33.65 61.37 -26.63
N PRO F 181 32.88 60.32 -26.90
CA PRO F 181 31.87 60.41 -27.96
C PRO F 181 30.73 61.34 -27.60
N GLN F 182 30.10 61.90 -28.63
CA GLN F 182 28.90 62.69 -28.44
C GLN F 182 27.73 61.78 -28.04
N TYR F 183 26.90 62.26 -27.13
CA TYR F 183 25.80 61.45 -26.63
C TYR F 183 24.59 61.57 -27.56
N ALA F 184 24.12 60.43 -28.05
CA ALA F 184 22.89 60.36 -28.82
C ALA F 184 22.26 59.01 -28.56
N TYR F 185 20.95 58.93 -28.78
CA TYR F 185 20.22 57.71 -28.49
C TYR F 185 19.09 57.56 -29.49
N LEU F 186 18.57 56.33 -29.57
CA LEU F 186 17.41 56.02 -30.39
C LEU F 186 16.20 55.81 -29.48
N THR F 187 15.02 56.07 -30.04
CA THR F 187 13.79 55.95 -29.26
C THR F 187 12.66 55.54 -30.19
N VAL F 188 11.55 55.13 -29.58
CA VAL F 188 10.41 54.65 -30.35
C VAL F 188 9.67 55.81 -31.00
N GLY F 189 8.87 55.50 -32.00
CA GLY F 189 8.09 56.51 -32.69
C GLY F 189 7.06 55.87 -33.59
N ASP F 190 6.42 56.71 -34.40
CA ASP F 190 5.40 56.24 -35.34
C ASP F 190 5.94 56.33 -36.76
N VAL F 191 5.82 55.23 -37.50
CA VAL F 191 6.31 55.17 -38.87
C VAL F 191 5.28 55.83 -39.78
N ASN F 192 5.72 56.81 -40.55
CA ASN F 192 4.87 57.56 -41.47
C ASN F 192 5.41 57.42 -42.88
N THR F 193 4.53 57.10 -43.83
CA THR F 193 4.90 57.02 -45.23
C THR F 193 5.02 58.41 -45.84
N GLN F 194 6.09 58.64 -46.60
CA GLN F 194 6.37 59.95 -47.17
C GLN F 194 5.60 60.12 -48.47
N GLY F 195 4.27 60.22 -48.33
CA GLY F 195 3.42 60.54 -49.47
C GLY F 195 3.41 59.44 -50.52
N ILE F 196 3.36 59.86 -51.78
CA ILE F 196 3.23 58.92 -52.90
C ILE F 196 4.48 58.05 -53.03
N SER F 197 5.64 58.59 -52.65
CA SER F 197 6.90 57.86 -52.83
C SER F 197 6.89 56.50 -52.14
N GLY F 198 6.20 56.40 -51.00
CA GLY F 198 6.13 55.16 -50.26
C GLY F 198 7.24 54.94 -49.28
N ASP F 199 8.26 55.79 -49.25
CA ASP F 199 9.31 55.68 -48.25
C ASP F 199 8.78 56.06 -46.89
N SER F 200 9.34 55.46 -45.86
CA SER F 200 8.85 55.60 -44.49
C SER F 200 9.91 56.22 -43.60
N LYS F 201 9.48 57.14 -42.75
CA LYS F 201 10.34 57.75 -41.74
C LYS F 201 9.65 57.62 -40.38
N LYS F 202 10.45 57.39 -39.34
CA LYS F 202 9.90 57.27 -37.99
C LYS F 202 9.82 58.67 -37.39
N LEU F 203 8.63 59.23 -37.37
CA LEU F 203 8.38 60.53 -36.77
C LEU F 203 8.11 60.38 -35.29
N ALA F 204 8.52 61.39 -34.52
CA ALA F 204 8.35 61.36 -33.08
C ALA F 204 6.88 61.23 -32.70
N SER F 205 6.61 60.37 -31.73
CA SER F 205 5.25 60.08 -31.27
C SER F 205 5.11 60.47 -29.80
N GLU F 206 3.97 60.14 -29.22
CA GLU F 206 3.76 60.41 -27.80
C GLU F 206 4.69 59.57 -26.94
N GLU F 207 5.05 58.37 -27.40
CA GLU F 207 5.96 57.51 -26.65
C GLU F 207 7.43 57.87 -26.87
N SER F 208 7.74 58.72 -27.85
CA SER F 208 9.11 59.12 -28.07
C SER F 208 9.67 59.83 -26.85
N ALA F 209 10.87 59.43 -26.44
CA ALA F 209 11.50 59.95 -25.23
C ALA F 209 12.51 61.01 -25.62
N PHE F 210 12.15 62.27 -25.43
CA PHE F 210 13.03 63.40 -25.71
C PHE F 210 13.65 63.84 -24.39
N TYR F 211 14.95 63.68 -24.26
CA TYR F 211 15.67 63.96 -23.03
C TYR F 211 16.51 65.21 -23.19
N VAL F 212 16.23 66.22 -22.36
CA VAL F 212 17.05 67.42 -22.26
C VAL F 212 17.89 67.27 -21.00
N LEU F 213 19.19 67.05 -21.17
CA LEU F 213 20.07 66.84 -20.02
C LEU F 213 20.30 68.12 -19.23
N GLU F 214 19.99 69.28 -19.81
CA GLU F 214 20.12 70.53 -19.07
C GLU F 214 18.99 70.75 -18.07
N HIS F 215 17.95 69.91 -18.11
CA HIS F 215 16.85 70.04 -17.16
C HIS F 215 17.12 69.33 -15.84
N SER F 216 18.23 68.61 -15.73
CA SER F 216 18.61 67.96 -14.48
C SER F 216 19.74 68.71 -13.81
N SER F 217 19.90 68.46 -12.53
CA SER F 217 20.98 69.08 -11.75
C SER F 217 22.29 68.33 -12.01
N PHE F 218 23.33 69.09 -12.35
CA PHE F 218 24.65 68.51 -12.57
C PHE F 218 25.70 69.45 -11.99
N GLN F 219 26.96 68.99 -12.01
CA GLN F 219 28.06 69.73 -11.45
C GLN F 219 28.70 70.64 -12.48
N LEU F 220 29.06 71.84 -12.05
CA LEU F 220 29.88 72.75 -12.83
C LEU F 220 31.26 72.81 -12.18
N LEU F 221 32.29 72.39 -12.92
CA LEU F 221 33.64 72.27 -12.39
C LEU F 221 34.56 73.23 -13.12
N GLY F 222 35.27 74.08 -12.36
CA GLY F 222 36.20 75.02 -12.94
C GLY F 222 37.52 74.36 -13.28
N THR F 223 38.42 75.18 -13.83
CA THR F 223 39.76 74.71 -14.16
C THR F 223 40.47 74.22 -12.91
N GLY F 224 41.06 73.03 -12.99
CA GLY F 224 41.71 72.41 -11.86
C GLY F 224 40.79 71.63 -10.95
N GLY F 225 39.48 71.62 -11.22
CA GLY F 225 38.56 70.89 -10.39
C GLY F 225 38.64 69.40 -10.64
N THR F 226 37.87 68.66 -9.84
CA THR F 226 37.81 67.21 -9.94
C THR F 226 36.44 66.72 -9.48
N ALA F 227 36.08 65.52 -9.91
CA ALA F 227 34.83 64.91 -9.51
C ALA F 227 34.93 63.40 -9.72
N THR F 228 34.45 62.64 -8.73
CA THR F 228 34.57 61.20 -8.75
C THR F 228 33.20 60.53 -8.73
N MET F 229 33.11 59.39 -9.41
CA MET F 229 31.95 58.52 -9.40
C MET F 229 32.38 57.14 -8.95
N SER F 230 31.61 56.55 -8.03
CA SER F 230 31.86 55.21 -7.55
C SER F 230 30.68 54.32 -7.91
N TYR F 231 30.98 53.09 -8.30
CA TYR F 231 29.95 52.13 -8.67
C TYR F 231 30.36 50.76 -8.17
N LYS F 232 29.40 49.99 -7.67
CA LYS F 232 29.64 48.65 -7.18
C LYS F 232 28.93 47.66 -8.07
N PHE F 233 29.68 46.73 -8.66
CA PHE F 233 29.09 45.75 -9.55
C PHE F 233 28.23 44.77 -8.76
N PRO F 234 27.08 44.37 -9.31
CA PRO F 234 26.30 43.32 -8.66
C PRO F 234 27.04 42.00 -8.72
N PRO F 235 26.78 41.09 -7.78
CA PRO F 235 27.44 39.77 -7.82
C PRO F 235 27.14 39.05 -9.13
N VAL F 236 28.19 38.74 -9.86
CA VAL F 236 28.06 38.19 -11.21
C VAL F 236 28.83 36.89 -11.28
N PRO F 237 28.46 36.00 -12.19
CA PRO F 237 29.22 34.76 -12.38
C PRO F 237 30.61 35.05 -12.88
N PRO F 238 31.64 34.61 -12.15
CA PRO F 238 33.01 34.83 -12.62
C PRO F 238 33.29 34.07 -13.90
N GLU F 239 34.12 34.67 -14.75
CA GLU F 239 34.50 34.03 -16.00
C GLU F 239 35.68 33.09 -15.75
N ASN F 240 35.52 31.82 -16.08
CA ASN F 240 36.55 30.84 -15.83
C ASN F 240 37.75 31.10 -16.74
N LEU F 241 38.94 31.20 -16.15
CA LEU F 241 40.16 31.42 -16.90
C LEU F 241 40.89 30.13 -17.25
N GLU F 242 40.32 28.97 -16.91
CA GLU F 242 40.94 27.69 -17.15
C GLU F 242 40.03 26.82 -18.00
N GLY F 243 40.64 25.98 -18.83
CA GLY F 243 39.93 25.15 -19.76
C GLY F 243 39.59 23.78 -19.22
N CYS F 244 39.34 22.85 -20.14
CA CYS F 244 38.96 21.48 -19.81
C CYS F 244 39.87 20.51 -20.55
N SER F 245 40.33 19.48 -19.84
CA SER F 245 41.20 18.46 -20.41
C SER F 245 40.42 17.22 -20.83
N GLN F 246 39.09 17.28 -20.83
CA GLN F 246 38.26 16.15 -21.22
C GLN F 246 37.11 16.64 -22.08
N HIS F 247 36.55 15.72 -22.85
CA HIS F 247 35.27 15.93 -23.51
C HIS F 247 34.17 15.41 -22.61
N PHE F 248 33.14 16.23 -22.39
CA PHE F 248 32.08 15.84 -21.47
C PHE F 248 31.32 14.61 -21.96
N TYR F 249 31.42 14.28 -23.23
CA TYR F 249 30.83 13.07 -23.79
C TYR F 249 31.80 11.91 -23.79
N GLU F 250 33.03 12.11 -23.35
CA GLU F 250 34.04 11.07 -23.22
C GLU F 250 34.45 10.91 -21.76
N MET F 251 33.49 11.09 -20.86
CA MET F 251 33.72 11.00 -19.43
C MET F 251 33.69 9.58 -18.90
N TYR F 252 33.50 8.59 -19.77
CA TYR F 252 33.32 7.22 -19.35
C TYR F 252 34.65 6.47 -19.29
N ASN F 253 34.59 5.24 -18.78
CA ASN F 253 35.76 4.37 -18.77
C ASN F 253 35.90 3.70 -20.14
N PRO F 254 36.99 3.93 -20.87
CA PRO F 254 37.12 3.34 -22.20
C PRO F 254 37.32 1.83 -22.19
N LEU F 255 37.71 1.24 -21.05
CA LEU F 255 38.03 -0.18 -20.99
C LEU F 255 36.80 -1.07 -20.86
N TYR F 256 35.64 -0.52 -20.50
CA TYR F 256 34.47 -1.31 -20.19
C TYR F 256 33.28 -0.87 -21.01
N GLY F 257 32.54 -1.83 -21.54
CA GLY F 257 31.31 -1.52 -22.23
C GLY F 257 30.19 -1.17 -21.26
N SER F 258 29.16 -0.53 -21.80
CA SER F 258 28.04 -0.10 -20.99
C SER F 258 27.13 -1.28 -20.65
N ARG F 259 26.48 -1.19 -19.49
CA ARG F 259 25.49 -2.18 -19.10
C ARG F 259 24.14 -1.93 -19.75
N LEU F 260 23.98 -0.82 -20.47
CA LEU F 260 22.73 -0.45 -21.10
C LEU F 260 22.79 -0.81 -22.59
N GLY F 261 21.77 -1.53 -23.07
CA GLY F 261 21.69 -1.85 -24.47
C GLY F 261 21.00 -0.77 -25.28
N VAL F 262 21.22 -0.80 -26.59
CA VAL F 262 20.60 0.16 -27.50
C VAL F 262 19.92 -0.60 -28.62
N PRO F 263 18.95 0.01 -29.30
CA PRO F 263 18.22 -0.71 -30.35
C PRO F 263 19.16 -1.22 -31.43
N ASP F 264 18.88 -2.43 -31.90
CA ASP F 264 19.62 -3.05 -33.00
C ASP F 264 18.73 -3.30 -34.21
N THR F 265 17.58 -3.95 -34.00
CA THR F 265 16.57 -4.13 -35.02
C THR F 265 15.34 -3.31 -34.66
N LEU F 266 14.85 -2.53 -35.61
CA LEU F 266 13.73 -1.64 -35.37
C LEU F 266 12.42 -2.36 -35.69
N GLY F 267 11.32 -1.61 -35.73
CA GLY F 267 10.02 -2.16 -36.03
C GLY F 267 9.06 -2.06 -34.86
N GLY F 268 7.91 -2.72 -35.02
CA GLY F 268 6.91 -2.73 -33.96
C GLY F 268 7.34 -3.49 -32.72
N ASP F 269 8.28 -4.43 -32.87
CA ASP F 269 8.82 -5.20 -31.74
C ASP F 269 10.34 -5.14 -31.82
N PRO F 270 10.93 -4.02 -31.42
CA PRO F 270 12.39 -3.86 -31.57
C PRO F 270 13.16 -4.77 -30.64
N LYS F 271 14.38 -5.11 -31.06
CA LYS F 271 15.33 -5.86 -30.26
C LYS F 271 16.50 -4.96 -29.87
N PHE F 272 17.12 -5.28 -28.74
CA PHE F 272 18.17 -4.44 -28.17
C PHE F 272 19.45 -5.24 -28.00
N ARG F 273 20.58 -4.58 -28.25
CA ARG F 273 21.90 -5.18 -28.20
C ARG F 273 22.73 -4.53 -27.09
N SER F 274 23.43 -5.36 -26.33
CA SER F 274 24.38 -4.86 -25.34
C SER F 274 25.63 -4.33 -26.04
N LEU F 275 26.17 -3.25 -25.49
CA LEU F 275 27.23 -2.51 -26.16
C LEU F 275 28.61 -3.07 -25.79
N THR F 276 29.46 -3.22 -26.79
CA THR F 276 30.82 -3.69 -26.60
C THR F 276 31.72 -2.55 -26.14
N HIS F 277 33.00 -2.83 -26.04
CA HIS F 277 33.99 -1.84 -25.62
C HIS F 277 34.63 -1.09 -26.79
N GLU F 278 34.24 -1.40 -28.03
CA GLU F 278 34.80 -0.74 -29.19
C GLU F 278 33.79 0.11 -29.95
N ASP F 279 32.50 0.05 -29.60
CA ASP F 279 31.49 0.89 -30.24
C ASP F 279 31.21 2.09 -29.32
N HIS F 280 32.11 3.08 -29.41
CA HIS F 280 32.02 4.25 -28.54
C HIS F 280 31.14 5.34 -29.12
N ALA F 281 30.70 5.21 -30.38
CA ALA F 281 29.80 6.20 -30.95
C ALA F 281 28.37 6.04 -30.43
N ILE F 282 28.06 4.94 -29.76
CA ILE F 282 26.72 4.67 -29.26
C ILE F 282 26.68 4.68 -27.74
N GLN F 283 27.68 5.27 -27.09
CA GLN F 283 27.71 5.33 -25.65
C GLN F 283 26.62 6.27 -25.14
N PRO F 284 25.75 5.83 -24.23
CA PRO F 284 24.72 6.72 -23.70
C PRO F 284 25.32 7.88 -22.91
N GLN F 285 24.61 9.01 -22.92
CA GLN F 285 25.09 10.23 -22.31
C GLN F 285 24.15 10.68 -21.20
N ASN F 286 24.73 11.11 -20.08
CA ASN F 286 23.95 11.61 -18.96
C ASN F 286 23.42 13.02 -19.19
N PHE F 287 24.16 13.85 -19.93
CA PHE F 287 23.79 15.24 -20.14
C PHE F 287 23.90 15.59 -21.60
N MET F 288 23.00 16.46 -22.05
CA MET F 288 22.92 16.85 -23.46
C MET F 288 23.88 17.99 -23.77
N PRO F 289 24.28 18.15 -25.02
CA PRO F 289 25.08 19.31 -25.40
C PRO F 289 24.23 20.58 -25.39
N GLY F 290 24.93 21.72 -25.36
CA GLY F 290 24.28 22.99 -25.32
C GLY F 290 23.59 23.35 -26.63
N PRO F 291 22.67 24.31 -26.58
CA PRO F 291 21.94 24.69 -27.79
C PRO F 291 22.84 25.39 -28.80
N LEU F 292 22.53 25.16 -30.07
CA LEU F 292 23.21 25.83 -31.17
C LEU F 292 22.17 26.45 -32.08
N VAL F 293 22.33 27.73 -32.39
CA VAL F 293 21.39 28.45 -33.23
C VAL F 293 22.18 29.03 -34.40
N ASN F 294 21.99 28.46 -35.58
CA ASN F 294 22.68 28.89 -36.79
C ASN F 294 24.20 28.93 -36.57
N SER F 295 24.72 27.90 -35.92
CA SER F 295 26.16 27.82 -35.67
C SER F 295 26.88 27.20 -36.88
N VAL F 296 26.80 27.92 -38.00
CA VAL F 296 27.41 27.49 -39.25
C VAL F 296 28.56 28.42 -39.58
N SER F 297 29.46 27.92 -40.42
CA SER F 297 30.62 28.69 -40.85
C SER F 297 30.27 29.53 -42.08
N THR F 298 31.19 30.43 -42.43
CA THR F 298 30.97 31.30 -43.58
C THR F 298 30.88 30.51 -44.88
N LYS F 299 31.62 29.40 -44.98
CA LYS F 299 31.54 28.55 -46.17
C LYS F 299 30.15 27.93 -46.31
N GLU F 300 29.55 27.53 -45.19
CA GLU F 300 28.22 26.93 -45.20
C GLU F 300 27.11 27.95 -44.97
N GLY F 301 27.43 29.23 -44.83
CA GLY F 301 26.43 30.25 -44.59
C GLY F 301 26.02 31.00 -45.84
N ALA F 311 24.61 42.77 -48.46
CA ALA F 311 23.37 42.29 -47.86
C ALA F 311 23.61 41.81 -46.43
N LEU F 312 22.52 41.54 -45.72
CA LEU F 312 22.59 41.07 -44.34
C LEU F 312 22.69 39.55 -44.34
N THR F 313 23.79 39.03 -43.82
CA THR F 313 24.01 37.59 -43.70
C THR F 313 24.00 37.19 -42.24
N GLY F 314 24.08 35.89 -42.01
CA GLY F 314 24.09 35.37 -40.66
C GLY F 314 22.71 35.35 -40.03
N LEU F 315 22.71 35.17 -38.71
CA LEU F 315 21.47 35.12 -37.96
C LEU F 315 20.82 36.50 -37.89
N SER F 316 19.60 36.60 -38.40
CA SER F 316 18.88 37.86 -38.41
C SER F 316 17.39 37.60 -38.24
N THR F 317 16.69 38.59 -37.71
CA THR F 317 15.26 38.50 -37.49
C THR F 317 14.58 39.76 -37.98
N GLY F 318 13.36 39.62 -38.48
CA GLY F 318 12.65 40.77 -39.00
C GLY F 318 11.32 40.39 -39.60
N THR F 319 10.79 41.31 -40.41
CA THR F 319 9.47 41.11 -40.99
C THR F 319 9.51 40.62 -42.43
N SER F 320 10.61 40.82 -43.13
CA SER F 320 10.76 40.35 -44.50
C SER F 320 12.25 40.21 -44.77
N GLN F 321 12.58 39.71 -45.97
CA GLN F 321 13.98 39.55 -46.33
C GLN F 321 14.71 40.88 -46.34
N ASN F 322 14.03 41.94 -46.80
CA ASN F 322 14.63 43.27 -46.87
C ASN F 322 14.48 44.07 -45.58
N THR F 323 13.65 43.62 -44.64
CA THR F 323 13.42 44.31 -43.37
C THR F 323 13.86 43.37 -42.24
N ARG F 324 15.13 43.48 -41.87
CA ARG F 324 15.73 42.61 -40.86
C ARG F 324 16.67 43.41 -39.97
N ILE F 325 17.01 42.82 -38.84
CA ILE F 325 18.11 43.26 -37.99
C ILE F 325 18.97 42.04 -37.69
N SER F 326 20.28 42.24 -37.69
CA SER F 326 21.21 41.15 -37.44
C SER F 326 21.18 40.76 -35.97
N LEU F 327 21.35 39.46 -35.71
CA LEU F 327 21.48 38.93 -34.36
C LEU F 327 22.90 38.47 -34.06
N ARG F 328 23.89 38.98 -34.80
CA ARG F 328 25.27 38.67 -34.51
C ARG F 328 25.64 39.20 -33.13
N PRO F 329 26.54 38.52 -32.42
CA PRO F 329 27.23 37.29 -32.79
C PRO F 329 26.45 36.04 -32.38
N GLY F 330 25.17 36.19 -32.06
CA GLY F 330 24.38 35.08 -31.59
C GLY F 330 24.59 34.86 -30.11
N PRO F 331 23.98 33.80 -29.57
CA PRO F 331 24.11 33.52 -28.13
C PRO F 331 25.55 33.22 -27.76
N VAL F 332 25.90 33.56 -26.52
CA VAL F 332 27.22 33.22 -25.99
C VAL F 332 27.43 31.73 -25.85
N SER F 333 26.37 30.93 -25.96
CA SER F 333 26.48 29.48 -25.86
C SER F 333 27.19 28.85 -27.05
N GLN F 334 27.41 29.60 -28.12
CA GLN F 334 28.02 29.05 -29.32
C GLN F 334 29.18 29.94 -29.78
N PRO F 335 30.18 29.35 -30.41
CA PRO F 335 31.31 30.15 -30.93
C PRO F 335 31.00 30.70 -32.32
N TYR F 336 31.93 31.54 -32.79
CA TYR F 336 31.91 31.98 -34.17
C TYR F 336 33.29 31.89 -34.83
N HIS F 337 34.30 31.38 -34.13
CA HIS F 337 35.62 31.18 -34.70
C HIS F 337 36.42 30.26 -33.79
N HIS F 338 37.02 29.24 -34.37
CA HIS F 338 37.85 28.32 -33.61
C HIS F 338 38.77 27.56 -34.56
N TRP F 339 39.82 26.98 -33.99
CA TRP F 339 40.76 26.18 -34.77
C TRP F 339 40.29 24.73 -34.78
N ASP F 340 39.63 24.33 -35.86
CA ASP F 340 39.35 22.92 -36.07
C ASP F 340 40.63 22.21 -36.50
N THR F 341 40.57 20.88 -36.47
CA THR F 341 41.75 20.00 -36.51
C THR F 341 42.87 20.48 -37.41
N ASP F 342 42.52 21.02 -38.59
CA ASP F 342 43.57 21.48 -39.50
C ASP F 342 43.21 22.79 -40.20
N LYS F 343 42.28 23.58 -39.65
CA LYS F 343 41.90 24.81 -40.33
C LYS F 343 41.20 25.73 -39.34
N TYR F 344 41.27 27.03 -39.62
CA TYR F 344 40.57 28.03 -38.82
C TYR F 344 39.17 28.22 -39.39
N VAL F 345 38.15 27.90 -38.59
CA VAL F 345 36.76 27.96 -39.02
C VAL F 345 36.12 29.17 -38.37
N THR F 346 35.56 30.05 -39.20
CA THR F 346 34.92 31.27 -38.75
C THR F 346 33.44 31.21 -39.07
N GLY F 347 32.61 31.49 -38.06
CA GLY F 347 31.17 31.40 -38.24
C GLY F 347 30.61 32.55 -39.04
N ILE F 348 29.41 32.33 -39.57
CA ILE F 348 28.70 33.37 -40.32
C ILE F 348 28.23 34.48 -39.39
N ASN F 349 28.10 34.19 -38.10
CA ASN F 349 27.72 35.18 -37.09
C ASN F 349 28.93 35.71 -36.32
N ALA F 350 30.05 35.88 -37.00
CA ALA F 350 31.28 36.28 -36.31
C ALA F 350 31.43 37.79 -36.29
N ILE F 351 31.83 38.32 -35.14
CA ILE F 351 32.19 39.71 -34.98
C ILE F 351 33.71 39.79 -34.88
N SER F 352 34.28 40.83 -35.49
CA SER F 352 35.73 40.99 -35.57
C SER F 352 36.15 42.20 -34.75
N HIS F 353 36.91 41.96 -33.68
CA HIS F 353 37.47 43.04 -32.86
C HIS F 353 38.67 43.64 -33.59
N GLY F 354 38.35 44.39 -34.64
CA GLY F 354 39.37 44.89 -35.55
C GLY F 354 39.62 43.92 -36.68
N GLN F 355 40.56 44.29 -37.54
CA GLN F 355 40.90 43.47 -38.69
C GLN F 355 42.40 43.53 -38.94
N THR F 356 42.89 42.52 -39.66
CA THR F 356 44.28 42.45 -40.06
C THR F 356 44.36 42.74 -41.56
N THR F 357 45.08 43.80 -41.92
CA THR F 357 45.18 44.21 -43.32
C THR F 357 46.38 43.56 -44.00
N GLN F 368 39.10 46.49 -44.90
CA GLN F 368 38.67 45.11 -45.12
C GLN F 368 39.86 44.16 -45.14
N GLY F 369 39.70 43.02 -44.47
CA GLY F 369 40.76 42.04 -44.42
C GLY F 369 40.40 40.90 -43.50
N VAL F 370 41.42 40.15 -43.08
CA VAL F 370 41.22 39.04 -42.16
C VAL F 370 40.80 39.59 -40.81
N GLY F 371 39.73 39.03 -40.25
CA GLY F 371 39.25 39.48 -38.97
C GLY F 371 40.07 38.96 -37.80
N ARG F 372 39.85 39.57 -36.65
CA ARG F 372 40.51 39.19 -35.41
C ARG F 372 39.48 38.61 -34.47
N PHE F 373 39.58 37.33 -34.18
CA PHE F 373 38.57 36.59 -33.45
C PHE F 373 39.18 35.83 -32.28
N PRO F 374 38.40 35.55 -31.25
CA PRO F 374 38.84 34.61 -30.23
C PRO F 374 38.89 33.19 -30.76
N ASN F 375 39.76 32.37 -30.17
CA ASN F 375 39.88 30.96 -30.52
C ASN F 375 39.09 30.17 -29.49
N GLU F 376 37.87 29.77 -29.87
CA GLU F 376 36.96 29.07 -28.94
C GLU F 376 37.23 27.57 -28.99
N LYS F 377 38.40 27.19 -28.46
CA LYS F 377 38.74 25.77 -28.40
C LYS F 377 37.93 25.06 -27.33
N GLU F 378 37.59 25.74 -26.24
CA GLU F 378 36.86 25.10 -25.15
C GLU F 378 35.43 24.77 -25.56
N GLN F 379 34.84 25.57 -26.46
CA GLN F 379 33.52 25.25 -26.98
C GLN F 379 33.60 24.18 -28.07
N LEU F 380 34.65 24.20 -28.89
CA LEU F 380 34.84 23.14 -29.86
C LEU F 380 35.02 21.79 -29.17
N LYS F 381 35.62 21.78 -27.98
CA LYS F 381 35.83 20.53 -27.26
C LYS F 381 34.52 19.96 -26.71
N GLN F 382 33.46 20.75 -26.63
CA GLN F 382 32.24 20.30 -25.97
C GLN F 382 31.03 20.32 -26.91
N LEU F 383 31.20 19.80 -28.13
CA LEU F 383 30.13 19.59 -29.08
C LEU F 383 29.51 20.90 -29.57
N GLN F 384 30.17 22.02 -29.33
CA GLN F 384 29.63 23.32 -29.75
C GLN F 384 30.32 23.87 -30.99
N GLY F 385 31.19 23.08 -31.62
CA GLY F 385 31.92 23.58 -32.78
C GLY F 385 31.01 23.97 -33.92
N LEU F 386 31.56 24.77 -34.82
CA LEU F 386 30.80 25.23 -35.97
C LEU F 386 30.51 24.07 -36.93
N ASN F 387 29.37 24.17 -37.61
CA ASN F 387 28.91 23.13 -38.54
C ASN F 387 28.76 21.79 -37.85
N MET F 388 28.38 21.79 -36.57
CA MET F 388 28.11 20.57 -35.84
C MET F 388 26.66 20.17 -36.06
N HIS F 389 26.46 19.21 -36.97
CA HIS F 389 25.10 18.79 -37.31
C HIS F 389 24.47 18.00 -36.17
N THR F 390 23.14 18.03 -36.12
CA THR F 390 22.37 17.29 -35.14
C THR F 390 21.28 16.53 -35.88
N TYR F 391 21.18 15.23 -35.60
CA TYR F 391 20.39 14.33 -36.41
C TYR F 391 19.19 13.81 -35.61
N PHE F 392 18.00 13.98 -36.16
CA PHE F 392 16.76 13.47 -35.56
C PHE F 392 16.14 12.46 -36.50
N PRO F 393 16.26 11.16 -36.23
CA PRO F 393 15.68 10.12 -37.09
C PRO F 393 14.15 10.14 -37.07
N THR F 401 15.77 15.32 -41.25
CA THR F 401 16.42 14.53 -40.21
C THR F 401 17.77 15.12 -39.84
N ASP F 402 18.40 15.79 -40.80
CA ASP F 402 19.71 16.41 -40.61
C ASP F 402 19.54 17.92 -40.61
N GLN F 403 20.07 18.58 -39.59
CA GLN F 403 19.99 20.03 -39.49
C GLN F 403 21.08 20.51 -38.52
N ILE F 404 21.24 21.82 -38.48
CA ILE F 404 22.29 22.43 -37.66
C ILE F 404 21.76 22.83 -36.29
N GLU F 405 20.55 23.39 -36.23
CA GLU F 405 20.04 23.95 -34.98
C GLU F 405 19.89 22.87 -33.92
N ARG F 406 20.38 23.17 -32.71
CA ARG F 406 20.20 22.31 -31.56
C ARG F 406 19.24 22.96 -30.58
N PRO F 407 18.11 22.35 -30.27
CA PRO F 407 17.22 22.92 -29.27
C PRO F 407 17.85 22.86 -27.89
N LEU F 408 17.45 23.80 -27.04
CA LEU F 408 17.92 23.81 -25.65
C LEU F 408 17.26 22.64 -24.93
N MET F 409 18.03 21.57 -24.72
CA MET F 409 17.52 20.35 -24.12
C MET F 409 17.64 20.42 -22.60
N VAL F 410 16.72 19.71 -21.92
CA VAL F 410 16.79 19.61 -20.48
C VAL F 410 18.02 18.80 -20.09
N GLY F 411 18.76 19.31 -19.10
CA GLY F 411 20.00 18.67 -18.72
C GLY F 411 21.16 18.98 -19.64
N SER F 412 21.15 20.14 -20.28
CA SER F 412 22.20 20.52 -21.21
C SER F 412 23.39 21.10 -20.45
N VAL F 413 24.57 21.00 -21.08
CA VAL F 413 25.79 21.61 -20.58
C VAL F 413 26.53 22.20 -21.76
N TRP F 414 27.05 23.42 -21.59
CA TRP F 414 27.78 24.08 -22.66
C TRP F 414 28.78 25.06 -22.06
N ASN F 415 29.70 25.51 -22.91
CA ASN F 415 30.69 26.51 -22.54
C ASN F 415 30.33 27.84 -23.16
N ARG F 416 30.55 28.92 -22.42
CA ARG F 416 30.32 30.25 -22.95
C ARG F 416 31.54 30.73 -23.73
N ARG F 417 31.30 31.73 -24.58
CA ARG F 417 32.39 32.32 -25.34
C ARG F 417 33.41 32.93 -24.39
N ALA F 418 34.68 32.58 -24.59
CA ALA F 418 35.72 32.92 -23.63
C ALA F 418 35.96 34.43 -23.61
N LEU F 419 36.13 34.97 -22.41
CA LEU F 419 36.52 36.37 -22.27
C LEU F 419 37.92 36.56 -22.83
N HIS F 420 38.10 37.63 -23.61
CA HIS F 420 39.38 37.92 -24.21
C HIS F 420 39.84 39.31 -23.82
N TYR F 421 41.05 39.66 -24.27
CA TYR F 421 41.71 40.87 -23.80
C TYR F 421 40.93 42.12 -24.20
N GLU F 422 40.41 42.15 -25.43
CA GLU F 422 39.76 43.33 -25.97
C GLU F 422 38.25 43.33 -25.80
N SER F 423 37.68 42.34 -25.12
CA SER F 423 36.23 42.24 -25.02
C SER F 423 35.68 43.37 -24.17
N GLN F 424 34.43 43.74 -24.46
CA GLN F 424 33.73 44.68 -23.61
C GLN F 424 33.53 44.07 -22.24
N LEU F 425 33.41 44.93 -21.23
CA LEU F 425 33.39 44.47 -19.84
C LEU F 425 32.00 44.35 -19.27
N TRP F 426 31.01 45.06 -19.82
CA TRP F 426 29.64 44.96 -19.35
C TRP F 426 28.71 45.42 -20.45
N SER F 427 27.42 45.12 -20.28
CA SER F 427 26.37 45.63 -21.15
C SER F 427 25.07 45.61 -20.37
N LYS F 428 24.24 46.62 -20.63
CA LYS F 428 22.98 46.76 -19.91
C LYS F 428 21.98 45.74 -20.43
N ILE F 429 21.47 44.90 -19.53
CA ILE F 429 20.38 44.00 -19.89
C ILE F 429 19.13 44.85 -20.05
N PRO F 430 18.47 44.80 -21.21
CA PRO F 430 17.22 45.56 -21.36
C PRO F 430 16.19 45.10 -20.33
N ASN F 431 15.54 46.07 -19.68
CA ASN F 431 14.61 45.77 -18.60
C ASN F 431 13.25 45.37 -19.16
N LEU F 432 13.26 44.30 -19.95
CA LEU F 432 12.04 43.69 -20.43
C LEU F 432 11.43 42.83 -19.32
N ASP F 433 10.26 42.26 -19.60
CA ASP F 433 9.53 41.54 -18.56
C ASP F 433 10.28 40.30 -18.10
N ASP F 434 10.86 39.55 -19.03
CA ASP F 434 11.54 38.31 -18.69
C ASP F 434 12.85 38.20 -19.46
N SER F 435 13.77 37.42 -18.91
CA SER F 435 15.06 37.17 -19.55
C SER F 435 15.52 35.76 -19.19
N PHE F 436 16.37 35.20 -20.04
CA PHE F 436 16.86 33.83 -19.86
C PHE F 436 18.37 33.83 -20.01
N LYS F 437 19.08 33.60 -18.89
CA LYS F 437 20.53 33.46 -18.86
C LYS F 437 21.21 34.66 -19.51
N THR F 438 20.76 35.86 -19.11
CA THR F 438 21.32 37.11 -19.59
C THR F 438 22.53 37.55 -18.78
N GLN F 439 23.18 36.62 -18.07
CA GLN F 439 24.30 37.00 -17.21
C GLN F 439 25.50 37.49 -18.02
N PHE F 440 25.65 37.03 -19.25
CA PHE F 440 26.78 37.40 -20.09
C PHE F 440 26.26 37.96 -21.41
N ALA F 441 26.78 39.11 -21.80
CA ALA F 441 26.40 39.73 -23.06
C ALA F 441 27.06 39.01 -24.23
N ALA F 442 26.40 39.06 -25.39
CA ALA F 442 26.92 38.37 -26.57
C ALA F 442 28.23 38.97 -27.05
N LEU F 443 28.39 40.29 -26.93
CA LEU F 443 29.61 40.94 -27.36
C LEU F 443 30.76 40.76 -26.37
N GLY F 444 30.49 40.22 -25.20
CA GLY F 444 31.51 40.00 -24.18
C GLY F 444 31.11 40.61 -22.85
N GLY F 445 31.91 40.27 -21.85
CA GLY F 445 31.66 40.83 -20.53
C GLY F 445 30.44 40.23 -19.87
N TRP F 446 29.83 41.02 -18.99
CA TRP F 446 28.72 40.58 -18.17
C TRP F 446 27.49 41.41 -18.49
N GLY F 447 26.32 40.79 -18.38
CA GLY F 447 25.07 41.52 -18.51
C GLY F 447 24.63 42.05 -17.16
N LEU F 448 24.38 43.36 -17.09
CA LEU F 448 24.04 44.02 -15.84
C LEU F 448 22.72 44.75 -16.00
N HIS F 449 21.80 44.54 -15.05
CA HIS F 449 20.57 45.31 -15.05
C HIS F 449 20.82 46.75 -14.64
N GLN F 450 21.84 46.98 -13.81
CA GLN F 450 22.26 48.31 -13.40
C GLN F 450 23.75 48.44 -13.67
N PRO F 451 24.15 48.66 -14.92
CA PRO F 451 25.56 48.72 -15.26
C PRO F 451 26.18 50.01 -14.76
N PRO F 452 27.49 50.18 -14.91
CA PRO F 452 28.13 51.44 -14.51
C PRO F 452 27.42 52.63 -15.14
N PRO F 453 27.02 53.62 -14.33
CA PRO F 453 26.25 54.74 -14.86
C PRO F 453 27.04 55.56 -15.86
N GLN F 454 26.33 56.13 -16.83
CA GLN F 454 26.96 56.97 -17.83
C GLN F 454 27.32 58.32 -17.23
N ILE F 455 28.50 58.82 -17.58
CA ILE F 455 28.97 60.12 -17.13
C ILE F 455 28.96 61.05 -18.35
N PHE F 456 28.09 62.05 -18.31
CA PHE F 456 27.93 62.99 -19.41
C PHE F 456 28.76 64.24 -19.12
N LEU F 457 29.49 64.71 -20.12
CA LEU F 457 30.35 65.87 -19.99
C LEU F 457 30.08 66.84 -21.12
N LYS F 458 30.09 68.12 -20.81
CA LYS F 458 30.03 69.16 -21.84
C LYS F 458 30.63 70.43 -21.25
N ILE F 459 30.77 71.44 -22.10
CA ILE F 459 31.22 72.76 -21.65
C ILE F 459 30.02 73.68 -21.54
N LEU F 460 29.88 74.32 -20.39
CA LEU F 460 28.81 75.29 -20.20
C LEU F 460 29.01 76.43 -21.18
N PRO F 461 28.07 76.71 -22.07
CA PRO F 461 28.27 77.77 -23.05
C PRO F 461 28.40 79.13 -22.37
N GLN F 462 29.30 79.95 -22.89
CA GLN F 462 29.55 81.29 -22.37
C GLN F 462 29.10 82.31 -23.39
N SER F 463 28.28 83.27 -22.96
CA SER F 463 27.72 84.24 -23.89
C SER F 463 28.78 85.21 -24.36
N GLY F 464 28.69 85.60 -25.62
CA GLY F 464 29.57 86.60 -26.17
C GLY F 464 29.16 87.99 -25.73
N PRO F 465 30.08 88.93 -25.91
CA PRO F 465 29.81 90.31 -25.47
C PRO F 465 28.66 90.93 -26.26
N ILE F 466 27.86 91.73 -25.56
CA ILE F 466 26.76 92.49 -26.15
C ILE F 466 26.70 93.83 -25.45
N GLY F 467 26.62 94.91 -26.23
CA GLY F 467 26.55 96.23 -25.62
C GLY F 467 26.82 97.38 -26.58
N GLY F 468 27.69 98.30 -26.16
CA GLY F 468 27.93 99.52 -26.92
C GLY F 468 28.62 99.31 -28.26
N ILE F 469 29.36 98.22 -28.40
CA ILE F 469 30.00 97.91 -29.67
C ILE F 469 28.94 97.46 -30.67
N LYS F 470 29.15 97.81 -31.94
CA LYS F 470 28.13 97.64 -32.98
C LYS F 470 28.28 96.31 -33.70
N SER F 471 27.15 95.83 -34.23
CA SER F 471 27.12 94.64 -35.09
C SER F 471 27.70 93.41 -34.41
N MET F 472 27.44 93.26 -33.12
CA MET F 472 27.97 92.11 -32.38
C MET F 472 27.17 90.85 -32.67
N GLY F 473 25.85 90.93 -32.52
CA GLY F 473 25.06 89.72 -32.58
C GLY F 473 25.24 88.90 -31.31
N ILE F 474 24.70 87.68 -31.35
CA ILE F 474 24.77 86.76 -30.23
C ILE F 474 25.80 85.69 -30.58
N THR F 475 26.91 85.67 -29.84
CA THR F 475 28.00 84.75 -30.09
C THR F 475 28.31 83.97 -28.81
N THR F 476 29.09 82.91 -28.99
CA THR F 476 29.55 82.08 -27.89
C THR F 476 31.08 82.11 -27.85
N LEU F 477 31.62 82.27 -26.65
CA LEU F 477 33.07 82.29 -26.49
C LEU F 477 33.66 80.95 -26.89
N VAL F 478 34.75 81.00 -27.66
CA VAL F 478 35.37 79.78 -28.17
C VAL F 478 36.13 79.10 -27.04
N GLN F 479 35.51 78.09 -26.44
CA GLN F 479 36.09 77.36 -25.32
C GLN F 479 36.00 75.87 -25.58
N TYR F 480 37.07 75.16 -25.25
CA TYR F 480 37.06 73.70 -25.21
C TYR F 480 37.51 73.27 -23.82
N ALA F 481 37.56 71.96 -23.59
CA ALA F 481 37.94 71.46 -22.28
C ALA F 481 38.93 70.32 -22.42
N VAL F 482 39.83 70.21 -21.45
CA VAL F 482 40.72 69.07 -21.33
C VAL F 482 40.70 68.60 -19.88
N GLY F 483 41.19 67.39 -19.68
CA GLY F 483 41.26 66.87 -18.32
C GLY F 483 41.91 65.51 -18.33
N ILE F 484 41.95 64.90 -17.14
CA ILE F 484 42.47 63.55 -16.96
C ILE F 484 41.34 62.68 -16.43
N MET F 485 40.98 61.66 -17.20
CA MET F 485 39.97 60.68 -16.82
C MET F 485 40.69 59.45 -16.29
N THR F 486 40.60 59.24 -14.98
CA THR F 486 41.27 58.15 -14.29
C THR F 486 40.22 57.17 -13.81
N VAL F 487 40.26 55.95 -14.33
CA VAL F 487 39.27 54.92 -14.01
C VAL F 487 39.97 53.81 -13.26
N THR F 488 39.45 53.47 -12.08
CA THR F 488 39.92 52.38 -11.25
C THR F 488 38.85 51.31 -11.22
N MET F 489 39.20 50.08 -11.60
CA MET F 489 38.28 48.97 -11.59
C MET F 489 38.87 47.82 -10.80
N THR F 490 38.07 47.25 -9.90
CA THR F 490 38.49 46.10 -9.13
C THR F 490 37.90 44.83 -9.73
N PHE F 491 38.68 43.76 -9.74
CA PHE F 491 38.23 42.47 -10.22
C PHE F 491 38.45 41.44 -9.12
N LYS F 492 37.38 40.78 -8.71
CA LYS F 492 37.50 39.61 -7.85
C LYS F 492 38.14 38.48 -8.64
N LEU F 493 39.18 37.88 -8.07
CA LEU F 493 39.96 36.86 -8.74
C LEU F 493 39.87 35.55 -7.99
N GLY F 494 39.58 34.48 -8.72
CA GLY F 494 39.48 33.16 -8.16
C GLY F 494 40.71 32.34 -8.48
N PRO F 495 41.21 31.61 -7.48
CA PRO F 495 42.52 30.97 -7.61
C PRO F 495 42.50 29.84 -8.62
N ARG F 496 43.70 29.51 -9.10
CA ARG F 496 43.86 28.42 -10.04
C ARG F 496 43.41 27.10 -9.43
N LYS F 497 42.80 26.25 -10.24
CA LYS F 497 42.38 24.94 -9.76
C LYS F 497 43.60 24.07 -9.48
N ALA F 498 43.48 23.24 -8.45
CA ALA F 498 44.56 22.31 -8.13
C ALA F 498 44.71 21.27 -9.22
N THR F 499 45.95 20.96 -9.57
CA THR F 499 46.25 20.04 -10.66
C THR F 499 47.00 18.82 -10.12
N GLY F 500 46.60 17.64 -10.57
CA GLY F 500 47.30 16.41 -10.27
C GLY F 500 47.95 15.75 -11.47
N ARG F 501 48.09 16.44 -12.60
CA ARG F 501 48.71 15.85 -13.78
C ARG F 501 50.17 15.53 -13.51
N TRP F 502 50.66 14.48 -14.18
CA TRP F 502 52.09 14.24 -14.21
C TRP F 502 52.76 15.11 -15.26
N ASN F 503 52.21 15.13 -16.48
CA ASN F 503 52.77 15.94 -17.54
C ASN F 503 52.49 17.42 -17.28
N PRO F 504 53.33 18.32 -17.80
CA PRO F 504 53.13 19.74 -17.56
C PRO F 504 51.86 20.27 -18.22
N GLN F 505 51.29 21.30 -17.61
CA GLN F 505 50.17 22.00 -18.20
C GLN F 505 50.62 22.70 -19.48
N PRO F 506 49.69 22.95 -20.40
CA PRO F 506 50.05 23.71 -21.61
C PRO F 506 50.59 25.09 -21.24
N GLY F 507 51.62 25.52 -21.95
CA GLY F 507 52.19 26.82 -21.69
C GLY F 507 51.23 27.94 -22.00
N VAL F 508 51.30 29.00 -21.19
CA VAL F 508 50.46 30.19 -21.40
C VAL F 508 51.22 31.07 -22.37
N TYR F 509 51.09 30.75 -23.66
CA TYR F 509 51.81 31.50 -24.69
C TYR F 509 51.17 32.87 -24.88
N PRO F 510 51.96 33.92 -24.98
CA PRO F 510 51.42 35.20 -25.44
C PRO F 510 50.90 35.06 -26.85
N PRO F 511 49.85 35.78 -27.20
CA PRO F 511 49.20 35.55 -28.49
C PRO F 511 50.11 35.92 -29.65
N HIS F 512 49.91 35.22 -30.76
CA HIS F 512 50.73 35.42 -31.94
C HIS F 512 50.18 36.59 -32.76
N ALA F 513 51.09 37.36 -33.35
CA ALA F 513 50.72 38.51 -34.15
C ALA F 513 50.98 38.22 -35.63
N ALA F 514 50.33 39.02 -36.49
CA ALA F 514 50.49 38.83 -37.93
C ALA F 514 51.92 39.05 -38.38
N GLY F 515 52.57 40.08 -37.84
CA GLY F 515 53.96 40.35 -38.16
C GLY F 515 54.82 40.53 -36.93
N HIS F 516 55.82 39.65 -36.78
CA HIS F 516 56.73 39.67 -35.62
C HIS F 516 55.89 39.47 -34.36
N LEU F 517 56.00 40.35 -33.36
CA LEU F 517 55.40 40.12 -32.06
C LEU F 517 54.40 41.22 -31.73
N PRO F 518 53.39 40.92 -30.93
CA PRO F 518 52.42 41.93 -30.53
C PRO F 518 52.83 42.65 -29.25
N TYR F 519 52.22 43.82 -29.05
CA TYR F 519 52.34 44.61 -27.82
C TYR F 519 53.76 45.04 -27.52
N VAL F 520 54.69 44.87 -28.46
CA VAL F 520 56.06 45.35 -28.31
C VAL F 520 56.40 46.22 -29.50
N LEU F 521 57.08 47.33 -29.23
CA LEU F 521 57.44 48.28 -30.27
C LEU F 521 58.77 47.87 -30.89
N TYR F 522 58.75 47.52 -32.17
CA TYR F 522 59.93 47.09 -32.88
C TYR F 522 60.14 47.98 -34.10
N ASP F 523 61.28 47.79 -34.76
CA ASP F 523 61.58 48.49 -36.00
C ASP F 523 61.05 47.67 -37.16
N PRO F 524 60.04 48.13 -37.90
CA PRO F 524 59.54 47.33 -39.03
C PRO F 524 60.58 47.09 -40.11
N THR F 525 61.54 48.01 -40.26
CA THR F 525 62.58 47.83 -41.28
C THR F 525 63.58 46.75 -40.88
N ALA F 526 63.60 46.34 -39.63
CA ALA F 526 64.53 45.31 -39.16
C ALA F 526 64.02 43.89 -39.41
N THR F 527 62.75 43.73 -39.78
CA THR F 527 62.17 42.42 -40.05
C THR F 527 61.69 42.35 -41.49
N ASP F 528 61.36 41.13 -41.92
CA ASP F 528 60.84 40.89 -43.25
C ASP F 528 59.32 40.75 -43.27
N ALA F 529 58.65 41.08 -42.16
CA ALA F 529 57.20 41.01 -42.11
C ALA F 529 56.58 42.05 -43.04
N LYS F 530 55.35 41.78 -43.47
CA LYS F 530 54.62 42.62 -44.40
C LYS F 530 53.56 43.48 -43.71
N GLN F 531 53.87 43.98 -42.52
CA GLN F 531 52.92 44.75 -41.72
C GLN F 531 53.51 46.10 -41.32
N HIS F 532 54.11 46.79 -42.28
CA HIS F 532 54.67 48.12 -41.99
C HIS F 532 53.59 49.16 -41.72
N HIS F 533 52.33 48.85 -42.04
CA HIS F 533 51.26 49.82 -41.86
C HIS F 533 50.91 50.06 -40.40
N ARG F 534 51.31 49.15 -39.50
CA ARG F 534 51.10 49.35 -38.08
C ARG F 534 52.28 50.04 -37.41
N HIS F 535 53.35 50.33 -38.15
CA HIS F 535 54.45 51.18 -37.69
C HIS F 535 55.12 50.62 -36.43
N GLY F 536 55.33 49.31 -36.39
CA GLY F 536 56.15 48.70 -35.37
C GLY F 536 55.42 48.27 -34.11
N TYR F 537 54.21 48.75 -33.88
CA TYR F 537 53.39 48.29 -32.76
C TYR F 537 52.21 47.52 -33.32
N GLU F 538 51.99 46.32 -32.80
CA GLU F 538 51.06 45.40 -33.41
C GLU F 538 50.12 44.80 -32.37
N LYS F 539 48.92 44.50 -32.80
CA LYS F 539 47.94 43.68 -32.12
C LYS F 539 48.07 42.24 -32.57
N PRO F 540 47.83 41.27 -31.69
CA PRO F 540 47.80 39.88 -32.14
C PRO F 540 46.66 39.63 -33.10
N GLU F 541 46.92 38.78 -34.10
CA GLU F 541 45.88 38.45 -35.06
C GLU F 541 44.77 37.61 -34.44
N GLU F 542 45.05 36.95 -33.32
CA GLU F 542 44.06 36.21 -32.56
C GLU F 542 43.87 36.89 -31.22
N LEU F 543 42.61 37.03 -30.81
CA LEU F 543 42.30 37.69 -29.55
C LEU F 543 42.81 36.87 -28.37
N TRP F 544 43.39 37.55 -27.38
CA TRP F 544 44.07 36.91 -26.26
C TRP F 544 43.01 36.38 -25.30
N THR F 545 42.84 35.06 -25.28
CA THR F 545 41.64 34.44 -24.69
C THR F 545 41.89 33.67 -23.41
N ALA F 546 43.14 33.45 -23.01
CA ALA F 546 43.46 32.67 -21.80
C ALA F 546 42.97 31.23 -22.01
N LYS F 547 42.57 30.57 -20.92
CA LYS F 547 42.09 29.18 -20.96
C LYS F 547 43.15 28.22 -21.48
N SER F 548 44.43 28.53 -21.20
CA SER F 548 45.51 27.65 -21.64
C SER F 548 45.61 26.41 -20.75
N ARG F 549 45.36 26.56 -19.45
CA ARG F 549 45.50 25.46 -18.50
C ARG F 549 44.19 24.70 -18.38
N VAL F 550 44.27 23.38 -18.54
CA VAL F 550 43.08 22.54 -18.63
C VAL F 550 43.01 21.64 -17.41
N HIS F 551 41.78 21.25 -17.07
CA HIS F 551 41.49 20.39 -15.93
C HIS F 551 40.45 19.36 -16.33
N PRO F 552 40.41 18.21 -15.68
CA PRO F 552 39.47 17.16 -16.08
C PRO F 552 38.05 17.51 -15.70
N LEU F 553 37.12 16.88 -16.42
CA LEU F 553 35.69 17.09 -16.16
C LEU F 553 35.16 16.07 -15.17
N GLY G 1 -18.94 -27.24 -53.34
CA GLY G 1 -18.00 -26.12 -53.35
C GLY G 1 -18.49 -24.94 -52.53
N LEU G 2 -19.77 -24.96 -52.18
CA LEU G 2 -20.33 -23.88 -51.38
C LEU G 2 -19.73 -23.83 -49.98
N ALA G 3 -19.50 -24.99 -49.38
CA ALA G 3 -19.07 -25.05 -47.98
C ALA G 3 -17.66 -24.48 -47.81
N SER G 4 -16.76 -24.79 -48.73
CA SER G 4 -15.38 -24.28 -48.62
C SER G 4 -15.35 -22.76 -48.69
N ALA G 5 -16.08 -22.18 -49.64
CA ALA G 5 -16.15 -20.72 -49.75
C ALA G 5 -16.85 -20.13 -48.53
N ASN G 6 -17.84 -20.85 -47.99
CA ASN G 6 -18.48 -20.40 -46.76
C ASN G 6 -17.46 -20.30 -45.63
N VAL G 7 -16.60 -21.32 -45.49
CA VAL G 7 -15.60 -21.30 -44.42
C VAL G 7 -14.58 -20.20 -44.64
N ASP G 8 -14.15 -20.00 -45.90
CA ASP G 8 -13.20 -18.94 -46.18
C ASP G 8 -13.78 -17.57 -45.86
N PHE G 9 -15.03 -17.33 -46.26
CA PHE G 9 -15.69 -16.07 -45.94
C PHE G 9 -15.85 -15.90 -44.45
N ALA G 10 -16.17 -17.00 -43.74
CA ALA G 10 -16.27 -16.95 -42.29
C ALA G 10 -14.96 -16.52 -41.66
N PHE G 11 -13.85 -17.09 -42.12
CA PHE G 11 -12.57 -16.75 -41.55
C PHE G 11 -12.18 -15.31 -41.85
N SER G 12 -12.43 -14.84 -43.07
CA SER G 12 -12.15 -13.44 -43.38
C SER G 12 -12.99 -12.49 -42.53
N LEU G 13 -14.27 -12.82 -42.34
CA LEU G 13 -15.15 -12.00 -41.52
C LEU G 13 -14.66 -11.97 -40.08
N TYR G 14 -14.24 -13.12 -39.55
CA TYR G 14 -13.73 -13.17 -38.18
C TYR G 14 -12.43 -12.38 -38.05
N LYS G 15 -11.57 -12.44 -39.08
CA LYS G 15 -10.33 -11.66 -39.04
C LYS G 15 -10.63 -10.17 -39.00
N GLN G 16 -11.58 -9.71 -39.81
CA GLN G 16 -12.00 -8.32 -39.72
C GLN G 16 -12.57 -8.00 -38.35
N LEU G 17 -13.34 -8.94 -37.77
CA LEU G 17 -13.91 -8.72 -36.45
C LEU G 17 -12.82 -8.48 -35.41
N VAL G 18 -11.82 -9.36 -35.35
CA VAL G 18 -10.75 -9.19 -34.38
C VAL G 18 -9.94 -7.92 -34.69
N LEU G 19 -9.82 -7.59 -35.97
CA LEU G 19 -9.15 -6.34 -36.34
C LEU G 19 -9.88 -5.13 -35.77
N LYS G 20 -11.21 -5.19 -35.69
CA LYS G 20 -11.98 -4.12 -35.08
C LYS G 20 -12.03 -4.21 -33.56
N ALA G 21 -11.66 -5.35 -32.97
CA ALA G 21 -11.69 -5.51 -31.52
C ALA G 21 -10.70 -6.60 -31.10
N PRO G 22 -9.44 -6.24 -30.82
CA PRO G 22 -8.42 -7.28 -30.58
C PRO G 22 -8.72 -8.19 -29.40
N ASP G 23 -9.31 -7.67 -28.32
CA ASP G 23 -9.49 -8.45 -27.10
C ASP G 23 -10.93 -8.67 -26.70
N LYS G 24 -11.89 -7.97 -27.30
CA LYS G 24 -13.28 -8.13 -26.92
C LYS G 24 -13.81 -9.50 -27.37
N ASN G 25 -14.83 -9.98 -26.65
CA ASN G 25 -15.47 -11.22 -27.01
C ASN G 25 -16.07 -11.13 -28.40
N VAL G 26 -15.86 -12.18 -29.20
CA VAL G 26 -16.36 -12.24 -30.56
C VAL G 26 -17.35 -13.40 -30.65
N ILE G 27 -18.51 -13.15 -31.23
CA ILE G 27 -19.50 -14.20 -31.44
C ILE G 27 -20.29 -13.86 -32.68
N PHE G 28 -20.31 -14.78 -33.65
CA PHE G 28 -21.09 -14.54 -34.86
C PHE G 28 -21.34 -15.87 -35.55
N SER G 29 -22.47 -15.94 -36.25
CA SER G 29 -22.79 -17.13 -37.02
C SER G 29 -22.41 -16.90 -38.47
N PRO G 30 -21.37 -17.57 -38.99
CA PRO G 30 -21.06 -17.44 -40.41
C PRO G 30 -22.20 -17.87 -41.31
N LEU G 31 -22.96 -18.89 -40.90
CA LEU G 31 -24.11 -19.31 -41.70
C LEU G 31 -25.13 -18.19 -41.82
N SER G 32 -25.42 -17.51 -40.72
CA SER G 32 -26.42 -16.44 -40.76
C SER G 32 -25.98 -15.30 -41.67
N ILE G 33 -24.71 -14.90 -41.57
CA ILE G 33 -24.20 -13.85 -42.44
C ILE G 33 -24.20 -14.31 -43.89
N SER G 34 -23.92 -15.59 -44.12
CA SER G 34 -23.93 -16.12 -45.47
C SER G 34 -25.32 -16.03 -46.10
N THR G 35 -26.35 -16.48 -45.36
CA THR G 35 -27.70 -16.39 -45.90
C THR G 35 -28.13 -14.94 -46.08
N ALA G 36 -27.78 -14.06 -45.14
CA ALA G 36 -28.14 -12.66 -45.29
C ALA G 36 -27.47 -12.04 -46.51
N LEU G 37 -26.19 -12.33 -46.72
CA LEU G 37 -25.46 -11.76 -47.85
C LEU G 37 -26.01 -12.29 -49.18
N ALA G 38 -26.29 -13.60 -49.24
CA ALA G 38 -26.87 -14.16 -50.44
C ALA G 38 -28.27 -13.60 -50.71
N PHE G 39 -29.04 -13.36 -49.65
CA PHE G 39 -30.39 -12.83 -49.84
C PHE G 39 -30.34 -11.39 -50.32
N LEU G 40 -29.38 -10.62 -49.82
CA LEU G 40 -29.14 -9.28 -50.35
C LEU G 40 -28.72 -9.35 -51.81
N SER G 41 -27.87 -10.33 -52.15
CA SER G 41 -27.49 -10.53 -53.55
C SER G 41 -28.68 -10.88 -54.42
N LEU G 42 -29.67 -11.57 -53.85
CA LEU G 42 -30.87 -11.94 -54.61
C LEU G 42 -31.55 -10.74 -55.24
N GLY G 43 -31.47 -9.59 -54.59
CA GLY G 43 -32.08 -8.37 -55.10
C GLY G 43 -31.14 -7.44 -55.84
N ALA G 44 -29.96 -7.90 -56.22
CA ALA G 44 -28.97 -7.03 -56.85
C ALA G 44 -28.96 -7.23 -58.36
N HIS G 45 -28.18 -6.37 -59.03
CA HIS G 45 -28.02 -6.43 -60.48
C HIS G 45 -26.68 -5.83 -60.87
N ASN G 46 -26.29 -6.06 -62.11
CA ASN G 46 -25.09 -5.48 -62.75
C ASN G 46 -23.87 -5.85 -61.91
N THR G 47 -23.00 -4.90 -61.58
CA THR G 47 -21.75 -5.19 -60.89
C THR G 47 -21.91 -5.35 -59.38
N THR G 48 -23.07 -5.01 -58.83
CA THR G 48 -23.28 -5.24 -57.39
C THR G 48 -23.27 -6.73 -57.09
N LEU G 49 -23.91 -7.53 -57.93
CA LEU G 49 -23.84 -8.98 -57.78
C LEU G 49 -22.41 -9.47 -57.92
N THR G 50 -21.67 -8.94 -58.89
CA THR G 50 -20.29 -9.35 -59.09
C THR G 50 -19.43 -9.05 -57.88
N GLU G 51 -19.63 -7.89 -57.24
CA GLU G 51 -18.86 -7.54 -56.06
C GLU G 51 -19.28 -8.38 -54.85
N ILE G 52 -20.60 -8.55 -54.65
CA ILE G 52 -21.08 -9.32 -53.52
C ILE G 52 -20.72 -10.79 -53.65
N LEU G 53 -20.43 -11.25 -54.87
CA LEU G 53 -19.97 -12.62 -55.07
C LEU G 53 -18.44 -12.72 -55.15
N LYS G 54 -17.75 -11.62 -55.44
CA LYS G 54 -16.32 -11.56 -55.16
C LYS G 54 -16.10 -11.73 -53.67
N GLY G 55 -16.98 -11.13 -52.86
CA GLY G 55 -17.11 -11.54 -51.48
C GLY G 55 -17.53 -12.99 -51.36
N LEU G 56 -17.18 -13.60 -50.24
CA LEU G 56 -17.38 -15.02 -49.95
C LEU G 56 -16.65 -15.94 -50.92
N LYS G 57 -15.64 -15.43 -51.64
CA LYS G 57 -14.71 -16.27 -52.41
C LYS G 57 -15.44 -17.13 -53.44
N PHE G 58 -16.07 -16.49 -54.41
CA PHE G 58 -16.90 -17.21 -55.37
C PHE G 58 -16.32 -17.07 -56.77
N ASN G 59 -15.94 -18.18 -57.37
CA ASN G 59 -15.39 -18.18 -58.73
C ASN G 59 -16.55 -18.23 -59.72
N LEU G 60 -16.96 -17.05 -60.20
CA LEU G 60 -18.10 -16.97 -61.10
C LEU G 60 -17.83 -17.61 -62.45
N THR G 61 -16.56 -17.84 -62.79
CA THR G 61 -16.26 -18.50 -64.06
C THR G 61 -16.76 -19.94 -64.08
N GLU G 62 -16.91 -20.56 -62.91
CA GLU G 62 -17.37 -21.94 -62.81
C GLU G 62 -18.74 -22.06 -62.15
N THR G 63 -18.99 -21.29 -61.08
CA THR G 63 -20.22 -21.39 -60.32
C THR G 63 -21.12 -20.20 -60.63
N SER G 64 -22.38 -20.47 -60.97
CA SER G 64 -23.35 -19.44 -61.28
C SER G 64 -24.19 -19.12 -60.05
N GLU G 65 -24.74 -17.90 -60.02
CA GLU G 65 -25.45 -17.42 -58.86
C GLU G 65 -26.73 -18.22 -58.60
N ALA G 66 -27.39 -18.69 -59.65
CA ALA G 66 -28.59 -19.49 -59.47
C ALA G 66 -28.27 -20.79 -58.72
N GLU G 67 -27.18 -21.45 -59.10
CA GLU G 67 -26.80 -22.68 -58.41
C GLU G 67 -26.37 -22.39 -56.98
N ILE G 68 -25.72 -21.25 -56.74
CA ILE G 68 -25.42 -20.84 -55.37
C ILE G 68 -26.69 -20.73 -54.55
N HIS G 69 -27.69 -20.04 -55.09
CA HIS G 69 -28.96 -19.97 -54.38
C HIS G 69 -29.48 -21.37 -54.12
N GLN G 70 -29.59 -22.20 -55.16
CA GLN G 70 -30.21 -23.51 -55.01
C GLN G 70 -29.52 -24.33 -53.94
N SER G 71 -28.18 -24.24 -53.87
CA SER G 71 -27.44 -24.91 -52.82
C SER G 71 -27.81 -24.34 -51.45
N PHE G 72 -27.94 -23.01 -51.35
CA PHE G 72 -28.36 -22.43 -50.08
C PHE G 72 -29.75 -22.92 -49.67
N GLN G 73 -30.68 -22.99 -50.62
CA GLN G 73 -32.05 -23.39 -50.29
C GLN G 73 -32.08 -24.85 -49.87
N HIS G 74 -31.26 -25.68 -50.52
CA HIS G 74 -31.11 -27.06 -50.11
C HIS G 74 -30.54 -27.16 -48.70
N LEU G 75 -29.57 -26.30 -48.37
CA LEU G 75 -29.03 -26.29 -47.01
C LEU G 75 -30.11 -25.96 -46.00
N LEU G 76 -30.92 -24.94 -46.28
CA LEU G 76 -32.00 -24.58 -45.37
C LEU G 76 -33.03 -25.71 -45.27
N ARG G 77 -33.33 -26.37 -46.37
CA ARG G 77 -34.29 -27.48 -46.34
C ARG G 77 -33.77 -28.63 -45.48
N THR G 78 -32.48 -28.96 -45.62
CA THR G 78 -31.90 -30.00 -44.78
C THR G 78 -31.88 -29.60 -43.32
N LEU G 79 -31.56 -28.33 -43.04
CA LEU G 79 -31.54 -27.87 -41.64
C LEU G 79 -32.92 -27.92 -41.02
N ASN G 80 -33.96 -27.54 -41.77
CA ASN G 80 -35.32 -27.61 -41.26
C ASN G 80 -35.86 -29.04 -41.24
N GLN G 81 -35.19 -29.97 -41.93
CA GLN G 81 -35.58 -31.37 -41.89
C GLN G 81 -35.12 -32.08 -40.62
N SER G 82 -34.24 -31.46 -39.84
CA SER G 82 -33.75 -32.07 -38.61
C SER G 82 -34.87 -32.19 -37.58
N SER G 83 -34.73 -33.17 -36.70
CA SER G 83 -35.71 -33.39 -35.65
C SER G 83 -35.44 -32.46 -34.47
N ASP G 84 -36.11 -32.71 -33.35
CA ASP G 84 -36.07 -31.82 -32.21
C ASP G 84 -34.80 -31.95 -31.37
N GLU G 85 -34.00 -33.00 -31.57
CA GLU G 85 -32.82 -33.18 -30.74
C GLU G 85 -31.82 -32.04 -30.92
N LEU G 86 -31.71 -31.52 -32.15
CA LEU G 86 -30.88 -30.38 -32.45
C LEU G 86 -31.67 -29.46 -33.37
N GLN G 87 -31.74 -28.18 -33.02
CA GLN G 87 -32.39 -27.19 -33.86
C GLN G 87 -31.52 -25.95 -33.96
N LEU G 88 -31.51 -25.34 -35.13
CA LEU G 88 -30.85 -24.06 -35.37
C LEU G 88 -31.86 -23.18 -36.07
N SER G 89 -32.37 -22.18 -35.35
CA SER G 89 -33.40 -21.29 -35.88
C SER G 89 -32.76 -20.00 -36.35
N MET G 90 -33.04 -19.64 -37.61
CA MET G 90 -32.50 -18.48 -38.29
C MET G 90 -33.66 -17.70 -38.88
N GLY G 91 -33.67 -16.37 -38.67
CA GLY G 91 -34.80 -15.59 -39.10
C GLY G 91 -34.48 -14.24 -39.72
N ASN G 92 -33.34 -14.15 -40.41
CA ASN G 92 -32.91 -12.88 -40.98
C ASN G 92 -33.94 -12.31 -41.94
N ALA G 93 -33.94 -10.99 -42.09
CA ALA G 93 -34.93 -10.33 -42.92
C ALA G 93 -34.42 -8.96 -43.37
N MET G 94 -35.29 -8.26 -44.09
CA MET G 94 -35.00 -6.98 -44.72
C MET G 94 -36.16 -6.02 -44.44
N PHE G 95 -35.86 -4.81 -44.00
CA PHE G 95 -36.90 -3.81 -43.80
C PHE G 95 -36.76 -2.71 -44.83
N VAL G 96 -37.76 -2.62 -45.72
CA VAL G 96 -37.71 -1.77 -46.90
C VAL G 96 -38.40 -0.45 -46.59
N LYS G 97 -37.96 0.60 -47.28
CA LYS G 97 -38.58 1.91 -47.13
C LYS G 97 -40.01 1.87 -47.64
N GLU G 98 -40.96 2.27 -46.79
CA GLU G 98 -42.37 2.17 -47.14
C GLU G 98 -42.77 3.16 -48.23
N GLN G 99 -42.02 4.25 -48.39
CA GLN G 99 -42.33 5.22 -49.44
C GLN G 99 -42.09 4.67 -50.83
N LEU G 100 -41.39 3.54 -50.96
CA LEU G 100 -41.14 2.90 -52.23
C LEU G 100 -41.84 1.54 -52.23
N SER G 101 -42.57 1.24 -53.31
CA SER G 101 -43.31 0.00 -53.38
C SER G 101 -42.37 -1.18 -53.61
N LEU G 102 -42.43 -2.15 -52.72
CA LEU G 102 -41.60 -3.34 -52.81
C LEU G 102 -42.17 -4.29 -53.87
N LEU G 103 -41.27 -5.06 -54.48
CA LEU G 103 -41.65 -5.98 -55.54
C LEU G 103 -42.35 -7.20 -54.95
N ASP G 104 -43.56 -7.50 -55.46
CA ASP G 104 -44.28 -8.68 -55.03
C ASP G 104 -43.52 -9.96 -55.40
N ARG G 105 -42.93 -9.98 -56.59
CA ARG G 105 -42.17 -11.15 -57.03
C ARG G 105 -41.00 -11.43 -56.09
N PHE G 106 -40.29 -10.38 -55.68
CA PHE G 106 -39.17 -10.57 -54.77
C PHE G 106 -39.63 -11.10 -53.41
N THR G 107 -40.74 -10.57 -52.89
CA THR G 107 -41.25 -11.06 -51.60
C THR G 107 -41.67 -12.51 -51.70
N GLU G 108 -42.35 -12.89 -52.78
CA GLU G 108 -42.74 -14.29 -52.96
C GLU G 108 -41.52 -15.19 -53.07
N ASP G 109 -40.51 -14.75 -53.82
CA ASP G 109 -39.30 -15.56 -53.96
C ASP G 109 -38.57 -15.71 -52.64
N ALA G 110 -38.47 -14.62 -51.86
CA ALA G 110 -37.82 -14.70 -50.56
C ALA G 110 -38.59 -15.61 -49.61
N LYS G 111 -39.93 -15.53 -49.63
CA LYS G 111 -40.73 -16.39 -48.76
C LYS G 111 -40.59 -17.86 -49.12
N ARG G 112 -40.71 -18.19 -50.40
CA ARG G 112 -40.60 -19.58 -50.83
C ARG G 112 -39.20 -20.15 -50.66
N LEU G 113 -38.17 -19.39 -50.99
CA LEU G 113 -36.81 -19.92 -51.08
C LEU G 113 -35.98 -19.67 -49.82
N TYR G 114 -35.73 -18.42 -49.47
CA TYR G 114 -34.99 -18.09 -48.25
C TYR G 114 -35.88 -17.92 -47.02
N GLY G 115 -37.19 -18.09 -47.17
CA GLY G 115 -38.10 -18.04 -46.04
C GLY G 115 -38.18 -16.71 -45.32
N SER G 116 -37.36 -15.74 -45.68
CA SER G 116 -37.44 -14.42 -45.07
C SER G 116 -38.64 -13.66 -45.61
N GLU G 117 -39.28 -12.89 -44.73
CA GLU G 117 -40.44 -12.11 -45.09
C GLU G 117 -40.13 -10.63 -44.92
N ALA G 118 -40.45 -9.84 -45.93
CA ALA G 118 -40.21 -8.41 -45.91
C ALA G 118 -41.51 -7.67 -46.14
N PHE G 119 -41.58 -6.45 -45.61
CA PHE G 119 -42.79 -5.64 -45.73
C PHE G 119 -42.39 -4.17 -45.70
N ALA G 120 -43.31 -3.31 -46.13
CA ALA G 120 -43.10 -1.88 -46.04
C ALA G 120 -42.99 -1.46 -44.58
N THR G 121 -41.98 -0.66 -44.28
CA THR G 121 -41.67 -0.27 -42.91
C THR G 121 -41.77 1.24 -42.76
N ASP G 122 -42.53 1.68 -41.75
CA ASP G 122 -42.72 3.11 -41.48
C ASP G 122 -41.47 3.67 -40.81
N PHE G 123 -40.44 3.87 -41.65
CA PHE G 123 -39.19 4.43 -41.15
C PHE G 123 -39.30 5.92 -40.83
N GLN G 124 -40.39 6.57 -41.21
CA GLN G 124 -40.67 7.91 -40.70
C GLN G 124 -40.84 7.84 -39.19
N ASP G 125 -40.28 8.84 -38.49
CA ASP G 125 -40.19 8.84 -37.03
C ASP G 125 -39.43 7.59 -36.55
N SER G 126 -38.14 7.58 -36.90
CA SER G 126 -37.28 6.43 -36.65
C SER G 126 -37.30 5.95 -35.19
N ALA G 127 -37.72 6.81 -34.26
CA ALA G 127 -37.91 6.36 -32.89
C ALA G 127 -38.97 5.27 -32.82
N ALA G 128 -40.07 5.44 -33.56
CA ALA G 128 -41.08 4.39 -33.65
C ALA G 128 -40.62 3.23 -34.53
N ALA G 129 -39.76 3.50 -35.51
CA ALA G 129 -39.20 2.43 -36.32
C ALA G 129 -38.39 1.47 -35.46
N LYS G 130 -37.59 2.02 -34.54
CA LYS G 130 -36.86 1.18 -33.58
C LYS G 130 -37.81 0.28 -32.81
N LYS G 131 -38.91 0.86 -32.30
CA LYS G 131 -39.85 0.07 -31.52
C LYS G 131 -40.48 -1.05 -32.35
N LEU G 132 -40.90 -0.74 -33.59
CA LEU G 132 -41.58 -1.75 -34.38
C LEU G 132 -40.62 -2.86 -34.80
N ILE G 133 -39.38 -2.52 -35.14
CA ILE G 133 -38.42 -3.55 -35.54
C ILE G 133 -38.06 -4.42 -34.35
N ASN G 134 -37.90 -3.81 -33.16
CA ASN G 134 -37.64 -4.61 -31.97
C ASN G 134 -38.82 -5.51 -31.64
N ASP G 135 -40.04 -5.00 -31.78
CA ASP G 135 -41.22 -5.82 -31.53
C ASP G 135 -41.29 -7.00 -32.49
N TYR G 136 -40.99 -6.76 -33.78
CA TYR G 136 -41.00 -7.85 -34.75
C TYR G 136 -39.95 -8.89 -34.42
N VAL G 137 -38.74 -8.44 -34.07
CA VAL G 137 -37.68 -9.41 -33.78
C VAL G 137 -37.97 -10.16 -32.49
N LYS G 138 -38.68 -9.54 -31.55
CA LYS G 138 -39.04 -10.23 -30.32
C LYS G 138 -40.15 -11.24 -30.56
N ASN G 139 -41.12 -10.89 -31.40
CA ASN G 139 -42.19 -11.83 -31.74
C ASN G 139 -41.67 -13.01 -32.55
N GLY G 140 -40.71 -12.76 -33.44
CA GLY G 140 -40.13 -13.82 -34.24
C GLY G 140 -39.50 -14.92 -33.42
N THR G 141 -38.48 -14.57 -32.65
CA THR G 141 -37.86 -15.52 -31.73
C THR G 141 -38.75 -15.74 -30.52
N ARG G 142 -38.37 -16.72 -29.70
CA ARG G 142 -39.12 -16.97 -28.46
C ARG G 142 -38.81 -15.94 -27.38
N GLY G 143 -37.83 -15.08 -27.58
CA GLY G 143 -37.44 -14.10 -26.60
C GLY G 143 -35.94 -14.10 -26.35
N LYS G 144 -35.21 -14.84 -27.17
CA LYS G 144 -33.77 -14.95 -27.00
C LYS G 144 -33.07 -13.62 -27.27
N ILE G 145 -33.59 -12.84 -28.21
CA ILE G 145 -32.92 -11.65 -28.72
C ILE G 145 -33.84 -10.45 -28.54
N THR G 146 -33.34 -9.42 -27.85
CA THR G 146 -34.07 -8.18 -27.65
C THR G 146 -33.11 -7.01 -27.73
N ASP G 147 -33.65 -5.82 -28.02
CA ASP G 147 -32.86 -4.60 -28.19
C ASP G 147 -31.77 -4.82 -29.24
N LEU G 148 -32.14 -5.48 -30.33
CA LEU G 148 -31.15 -5.84 -31.35
C LEU G 148 -30.57 -4.62 -32.03
N ILE G 149 -31.40 -3.65 -32.38
CA ILE G 149 -30.95 -2.45 -33.07
C ILE G 149 -30.73 -1.35 -32.04
N LYS G 150 -29.51 -0.83 -31.98
CA LYS G 150 -29.15 0.15 -30.96
C LYS G 150 -29.74 1.52 -31.28
N ASP G 151 -29.68 1.93 -32.55
CA ASP G 151 -30.17 3.23 -32.95
C ASP G 151 -30.44 3.22 -34.45
N LEU G 152 -31.29 4.16 -34.88
CA LEU G 152 -31.60 4.34 -36.29
C LEU G 152 -31.50 5.83 -36.62
N ASP G 153 -30.72 6.14 -37.66
CA ASP G 153 -30.59 7.52 -38.09
C ASP G 153 -31.90 8.02 -38.71
N SER G 154 -32.00 9.34 -38.83
CA SER G 154 -33.12 9.93 -39.55
C SER G 154 -33.03 9.55 -41.01
N GLN G 155 -34.19 9.35 -41.64
CA GLN G 155 -34.32 8.95 -43.05
C GLN G 155 -33.35 7.83 -43.43
N THR G 156 -33.23 6.85 -42.54
CA THR G 156 -32.57 5.59 -42.86
C THR G 156 -33.33 4.94 -44.00
N MET G 157 -32.60 4.49 -45.02
CA MET G 157 -33.25 4.05 -46.25
C MET G 157 -33.72 2.60 -46.16
N MET G 158 -32.84 1.67 -45.79
CA MET G 158 -33.25 0.30 -45.56
C MET G 158 -32.26 -0.35 -44.60
N VAL G 159 -32.76 -1.31 -43.81
CA VAL G 159 -31.95 -1.99 -42.81
C VAL G 159 -32.04 -3.49 -43.03
N LEU G 160 -30.93 -4.18 -42.77
CA LEU G 160 -30.84 -5.63 -42.88
C LEU G 160 -30.70 -6.23 -41.49
N VAL G 161 -31.62 -7.12 -41.14
CA VAL G 161 -31.65 -7.75 -39.83
C VAL G 161 -31.21 -9.19 -39.99
N ASN G 162 -30.42 -9.68 -39.03
CA ASN G 162 -29.97 -11.08 -39.04
C ASN G 162 -29.85 -11.55 -37.61
N TYR G 163 -30.71 -12.49 -37.21
CA TYR G 163 -30.63 -13.08 -35.89
C TYR G 163 -30.61 -14.60 -36.02
N ILE G 164 -30.22 -15.26 -34.94
CA ILE G 164 -29.98 -16.70 -34.97
C ILE G 164 -29.92 -17.18 -33.53
N PHE G 165 -30.33 -18.43 -33.30
CA PHE G 165 -30.13 -19.04 -31.98
C PHE G 165 -30.10 -20.55 -32.08
N PHE G 166 -29.11 -21.15 -31.42
CA PHE G 166 -28.92 -22.59 -31.39
C PHE G 166 -29.75 -23.21 -30.28
N LYS G 167 -30.01 -24.51 -30.40
CA LYS G 167 -30.59 -25.30 -29.31
C LYS G 167 -30.20 -26.75 -29.52
N ALA G 168 -29.22 -27.22 -28.75
CA ALA G 168 -28.72 -28.57 -28.89
C ALA G 168 -28.20 -29.06 -27.54
N LYS G 169 -28.08 -30.37 -27.42
CA LYS G 169 -27.65 -31.01 -26.19
C LYS G 169 -26.33 -31.75 -26.42
N TRP G 170 -25.45 -31.70 -25.44
CA TRP G 170 -24.16 -32.38 -25.54
C TRP G 170 -24.36 -33.89 -25.60
N GLU G 171 -23.47 -34.57 -26.33
CA GLU G 171 -23.44 -36.03 -26.26
C GLU G 171 -23.02 -36.50 -24.87
N MET G 172 -22.09 -35.78 -24.24
CA MET G 172 -21.71 -36.02 -22.85
C MET G 172 -22.09 -34.78 -22.05
N PRO G 173 -23.35 -34.66 -21.62
CA PRO G 173 -23.77 -33.46 -20.89
C PRO G 173 -22.98 -33.29 -19.59
N PHE G 174 -22.66 -32.03 -19.27
CA PHE G 174 -21.96 -31.74 -18.04
C PHE G 174 -22.89 -31.95 -16.84
N ASP G 175 -22.31 -32.24 -15.69
CA ASP G 175 -23.10 -32.43 -14.48
C ASP G 175 -23.25 -31.11 -13.75
N PRO G 176 -24.46 -30.57 -13.61
CA PRO G 176 -24.62 -29.30 -12.88
C PRO G 176 -24.16 -29.35 -11.45
N GLN G 177 -24.29 -30.51 -10.79
CA GLN G 177 -23.81 -30.65 -9.42
C GLN G 177 -22.30 -30.57 -9.33
N ASP G 178 -21.58 -30.74 -10.44
CA ASP G 178 -20.13 -30.64 -10.47
C ASP G 178 -19.64 -29.32 -11.03
N THR G 179 -20.53 -28.37 -11.29
CA THR G 179 -20.12 -27.06 -11.78
C THR G 179 -19.51 -26.27 -10.63
N HIS G 180 -18.26 -25.87 -10.79
CA HIS G 180 -17.46 -25.29 -9.72
C HIS G 180 -17.13 -23.84 -10.08
N GLN G 181 -17.16 -22.96 -9.08
CA GLN G 181 -16.75 -21.58 -9.27
C GLN G 181 -15.23 -21.54 -9.25
N SER G 182 -14.63 -21.04 -10.32
CA SER G 182 -13.18 -21.01 -10.46
C SER G 182 -12.73 -19.69 -11.08
N ARG G 183 -11.45 -19.63 -11.44
CA ARG G 183 -10.85 -18.45 -12.03
C ARG G 183 -10.62 -18.67 -13.52
N PHE G 184 -10.89 -17.63 -14.31
CA PHE G 184 -10.57 -17.58 -15.72
C PHE G 184 -9.52 -16.50 -15.91
N TYR G 185 -8.36 -16.87 -16.46
CA TYR G 185 -7.21 -15.98 -16.49
C TYR G 185 -7.26 -15.12 -17.76
N LEU G 186 -7.58 -13.83 -17.58
CA LEU G 186 -7.57 -12.90 -18.70
C LEU G 186 -6.16 -12.72 -19.25
N SER G 187 -5.16 -12.70 -18.36
CA SER G 187 -3.78 -12.47 -18.74
C SER G 187 -2.90 -13.27 -17.78
N LYS G 188 -1.62 -12.93 -17.73
CA LYS G 188 -0.69 -13.64 -16.86
C LYS G 188 -1.08 -13.47 -15.39
N LYS G 189 -1.51 -12.26 -15.01
CA LYS G 189 -1.82 -11.95 -13.62
C LYS G 189 -3.18 -11.29 -13.47
N LYS G 190 -4.06 -11.48 -14.45
CA LYS G 190 -5.42 -10.93 -14.41
C LYS G 190 -6.41 -12.06 -14.58
N TRP G 191 -7.34 -12.19 -13.63
CA TRP G 191 -8.31 -13.26 -13.67
C TRP G 191 -9.66 -12.73 -13.21
N VAL G 192 -10.71 -13.47 -13.57
CA VAL G 192 -12.08 -13.16 -13.16
C VAL G 192 -12.73 -14.43 -12.63
N MET G 193 -13.56 -14.28 -11.60
CA MET G 193 -14.28 -15.41 -11.04
C MET G 193 -15.44 -15.79 -11.95
N VAL G 194 -15.37 -16.97 -12.55
CA VAL G 194 -16.40 -17.44 -13.47
C VAL G 194 -16.71 -18.89 -13.16
N PRO G 195 -17.94 -19.35 -13.35
CA PRO G 195 -18.24 -20.76 -13.14
C PRO G 195 -17.77 -21.61 -14.33
N MET G 196 -17.19 -22.77 -14.00
CA MET G 196 -16.76 -23.73 -14.99
C MET G 196 -17.38 -25.07 -14.67
N MET G 197 -17.77 -25.81 -15.71
CA MET G 197 -18.34 -27.13 -15.59
C MET G 197 -17.28 -28.17 -15.87
N SER G 198 -17.39 -29.32 -15.23
CA SER G 198 -16.33 -30.32 -15.20
C SER G 198 -16.84 -31.68 -15.64
N LEU G 199 -15.95 -32.45 -16.24
CA LEU G 199 -16.19 -33.85 -16.57
C LEU G 199 -14.98 -34.67 -16.14
N HIS G 200 -15.17 -35.99 -16.09
CA HIS G 200 -14.09 -36.89 -15.71
C HIS G 200 -14.29 -38.25 -16.36
N HIS G 201 -13.18 -38.95 -16.56
CA HIS G 201 -13.18 -40.32 -17.10
C HIS G 201 -13.98 -40.41 -18.40
N LEU G 202 -13.74 -39.45 -19.29
CA LEU G 202 -14.42 -39.38 -20.57
C LEU G 202 -13.41 -39.34 -21.70
N THR G 203 -13.79 -39.86 -22.86
CA THR G 203 -12.95 -39.86 -24.04
C THR G 203 -13.60 -38.95 -25.08
N ILE G 204 -12.80 -38.04 -25.64
CA ILE G 204 -13.26 -37.12 -26.68
C ILE G 204 -12.14 -36.96 -27.71
N PRO G 205 -12.48 -36.49 -28.90
CA PRO G 205 -11.43 -36.13 -29.86
C PRO G 205 -10.59 -34.98 -29.33
N TYR G 206 -9.27 -35.15 -29.39
CA TYR G 206 -8.32 -34.28 -28.72
C TYR G 206 -7.05 -34.24 -29.56
N PHE G 207 -6.43 -33.07 -29.64
CA PHE G 207 -5.24 -32.91 -30.47
C PHE G 207 -4.39 -31.75 -29.94
N ARG G 208 -3.16 -32.05 -29.55
CA ARG G 208 -2.20 -31.04 -29.14
C ARG G 208 -1.32 -30.70 -30.34
N ASP G 209 -1.43 -29.46 -30.81
CA ASP G 209 -0.74 -29.01 -32.02
C ASP G 209 0.61 -28.45 -31.61
N GLU G 210 1.66 -29.28 -31.69
CA GLU G 210 2.99 -28.87 -31.22
C GLU G 210 3.65 -27.87 -32.14
N GLU G 211 3.30 -27.81 -33.43
CA GLU G 211 3.84 -26.78 -34.31
C GLU G 211 2.94 -25.56 -34.43
N LEU G 212 1.78 -25.57 -33.79
CA LEU G 212 0.91 -24.41 -33.73
C LEU G 212 0.68 -23.88 -32.32
N SER G 213 1.11 -24.61 -31.29
CA SER G 213 1.00 -24.17 -29.89
C SER G 213 -0.46 -23.92 -29.51
N CYS G 214 -1.26 -24.98 -29.62
CA CYS G 214 -2.66 -24.91 -29.23
C CYS G 214 -3.16 -26.31 -28.93
N THR G 215 -4.36 -26.39 -28.38
CA THR G 215 -4.99 -27.67 -28.05
C THR G 215 -6.44 -27.64 -28.50
N VAL G 216 -6.84 -28.60 -29.31
CA VAL G 216 -8.18 -28.66 -29.88
C VAL G 216 -8.90 -29.85 -29.28
N VAL G 217 -10.12 -29.61 -28.79
CA VAL G 217 -10.99 -30.68 -28.29
C VAL G 217 -12.32 -30.57 -29.02
N GLU G 218 -12.99 -31.70 -29.22
CA GLU G 218 -14.27 -31.73 -29.90
C GLU G 218 -15.33 -32.27 -28.97
N LEU G 219 -16.41 -31.51 -28.80
CA LEU G 219 -17.56 -31.92 -28.02
C LEU G 219 -18.75 -32.07 -28.97
N LYS G 220 -19.26 -33.29 -29.09
CA LYS G 220 -20.32 -33.59 -30.05
C LYS G 220 -21.68 -33.35 -29.43
N TYR G 221 -22.61 -32.87 -30.26
CA TYR G 221 -23.98 -32.66 -29.86
C TYR G 221 -24.82 -33.90 -30.19
N THR G 222 -26.01 -33.95 -29.62
CA THR G 222 -26.90 -35.10 -29.84
C THR G 222 -27.34 -35.21 -31.29
N GLY G 223 -27.23 -34.13 -32.07
CA GLY G 223 -27.57 -34.15 -33.48
C GLY G 223 -26.39 -34.48 -34.36
N ASN G 224 -26.44 -33.98 -35.58
CA ASN G 224 -25.40 -34.24 -36.57
C ASN G 224 -24.26 -33.23 -36.54
N ALA G 225 -24.27 -32.30 -35.60
CA ALA G 225 -23.26 -31.26 -35.49
C ALA G 225 -22.41 -31.50 -34.25
N SER G 226 -21.44 -30.60 -34.04
CA SER G 226 -20.52 -30.67 -32.91
C SER G 226 -19.83 -29.33 -32.79
N ALA G 227 -19.02 -29.19 -31.73
CA ALA G 227 -18.30 -27.96 -31.46
C ALA G 227 -16.83 -28.28 -31.23
N LEU G 228 -15.98 -27.32 -31.59
CA LEU G 228 -14.54 -27.42 -31.48
C LEU G 228 -14.05 -26.30 -30.57
N PHE G 229 -13.41 -26.68 -29.47
CA PHE G 229 -12.86 -25.74 -28.51
C PHE G 229 -11.35 -25.69 -28.69
N ILE G 230 -10.82 -24.48 -28.83
CA ILE G 230 -9.43 -24.25 -29.22
C ILE G 230 -8.77 -23.44 -28.13
N LEU G 231 -7.82 -24.05 -27.42
CA LEU G 231 -7.15 -23.44 -26.27
C LEU G 231 -5.69 -23.19 -26.63
N PRO G 232 -5.34 -21.95 -26.97
CA PRO G 232 -3.92 -21.63 -27.14
C PRO G 232 -3.23 -21.50 -25.80
N ASP G 233 -1.91 -21.68 -25.83
CA ASP G 233 -1.12 -21.47 -24.62
C ASP G 233 -1.05 -19.98 -24.29
N GLN G 234 -0.46 -19.68 -23.13
CA GLN G 234 -0.40 -18.32 -22.63
C GLN G 234 0.35 -17.42 -23.61
N ASP G 235 -0.26 -16.28 -23.93
CA ASP G 235 0.34 -15.30 -24.84
C ASP G 235 0.68 -15.91 -26.19
N LYS G 236 -0.18 -16.81 -26.67
CA LYS G 236 0.00 -17.39 -27.99
C LYS G 236 -1.28 -17.37 -28.81
N MET G 237 -2.31 -16.67 -28.35
CA MET G 237 -3.57 -16.60 -29.09
C MET G 237 -3.39 -15.88 -30.43
N GLU G 238 -2.62 -14.79 -30.44
CA GLU G 238 -2.43 -14.03 -31.67
C GLU G 238 -1.71 -14.85 -32.72
N GLU G 239 -0.73 -15.65 -32.31
CA GLU G 239 -0.03 -16.51 -33.26
C GLU G 239 -0.98 -17.57 -33.82
N VAL G 240 -1.89 -18.08 -33.00
CA VAL G 240 -2.89 -19.04 -33.48
C VAL G 240 -3.79 -18.37 -34.51
N GLU G 241 -4.24 -17.14 -34.21
CA GLU G 241 -5.12 -16.43 -35.13
C GLU G 241 -4.41 -16.13 -36.46
N ALA G 242 -3.15 -15.73 -36.40
CA ALA G 242 -2.43 -15.37 -37.62
C ALA G 242 -2.33 -16.55 -38.58
N MET G 243 -2.03 -17.74 -38.06
CA MET G 243 -1.91 -18.95 -38.86
C MET G 243 -3.21 -19.76 -38.83
N LEU G 244 -4.33 -19.08 -38.61
CA LEU G 244 -5.65 -19.71 -38.56
C LEU G 244 -6.29 -19.58 -39.94
N LEU G 245 -6.43 -20.69 -40.64
CA LEU G 245 -6.94 -20.72 -42.00
C LEU G 245 -7.82 -21.95 -42.16
N PRO G 246 -8.68 -21.97 -43.19
CA PRO G 246 -9.45 -23.20 -43.46
C PRO G 246 -8.57 -24.41 -43.67
N GLU G 247 -7.38 -24.23 -44.24
CA GLU G 247 -6.43 -25.32 -44.35
C GLU G 247 -5.90 -25.75 -42.98
N THR G 248 -6.00 -24.88 -41.98
CA THR G 248 -5.72 -25.31 -40.61
C THR G 248 -6.89 -26.09 -40.04
N LEU G 249 -8.12 -25.65 -40.34
CA LEU G 249 -9.30 -26.32 -39.81
C LEU G 249 -9.43 -27.73 -40.36
N LYS G 250 -9.09 -27.92 -41.65
CA LYS G 250 -9.15 -29.27 -42.22
C LYS G 250 -8.16 -30.20 -41.54
N ARG G 251 -6.94 -29.71 -41.28
CA ARG G 251 -5.95 -30.52 -40.59
C ARG G 251 -6.38 -30.83 -39.17
N TRP G 252 -6.99 -29.85 -38.49
CA TRP G 252 -7.51 -30.09 -37.16
C TRP G 252 -8.60 -31.15 -37.16
N ARG G 253 -9.53 -31.08 -38.11
CA ARG G 253 -10.62 -32.06 -38.15
C ARG G 253 -10.10 -33.45 -38.50
N ASP G 254 -9.14 -33.55 -39.42
CA ASP G 254 -8.59 -34.85 -39.79
C ASP G 254 -7.54 -35.35 -38.81
N SER G 255 -7.16 -34.52 -37.83
CA SER G 255 -6.19 -34.91 -36.82
C SER G 255 -6.85 -34.98 -35.45
N LEU G 256 -8.11 -35.39 -35.41
CA LEU G 256 -8.86 -35.53 -34.16
C LEU G 256 -8.93 -37.01 -33.80
N GLU G 257 -8.17 -37.41 -32.79
CA GLU G 257 -8.17 -38.77 -32.30
C GLU G 257 -8.73 -38.80 -30.88
N PHE G 258 -9.42 -39.88 -30.55
CA PHE G 258 -10.00 -40.01 -29.22
C PHE G 258 -8.90 -40.16 -28.17
N ARG G 259 -9.06 -39.47 -27.05
CA ARG G 259 -8.13 -39.59 -25.94
C ARG G 259 -8.91 -39.64 -24.63
N GLU G 260 -8.48 -40.53 -23.74
CA GLU G 260 -9.05 -40.62 -22.40
C GLU G 260 -8.47 -39.50 -21.54
N ILE G 261 -9.11 -38.34 -21.65
CA ILE G 261 -8.71 -37.19 -20.85
C ILE G 261 -9.20 -37.37 -19.42
N GLY G 262 -8.36 -37.02 -18.46
CA GLY G 262 -8.72 -37.16 -17.06
C GLY G 262 -9.88 -36.28 -16.66
N GLU G 263 -9.65 -34.97 -16.66
CA GLU G 263 -10.68 -34.00 -16.32
C GLU G 263 -10.75 -32.92 -17.39
N LEU G 264 -11.96 -32.46 -17.67
CA LEU G 264 -12.20 -31.38 -18.63
C LEU G 264 -12.97 -30.28 -17.93
N TYR G 265 -12.48 -29.05 -18.05
CA TYR G 265 -13.10 -27.88 -17.44
C TYR G 265 -13.44 -26.87 -18.52
N LEU G 266 -14.68 -26.37 -18.49
CA LEU G 266 -15.16 -25.48 -19.53
C LEU G 266 -16.00 -24.37 -18.92
N PRO G 267 -15.69 -23.11 -19.18
CA PRO G 267 -16.47 -22.02 -18.59
C PRO G 267 -17.94 -22.07 -19.00
N LYS G 268 -18.79 -21.72 -18.04
CA LYS G 268 -20.24 -21.68 -18.24
C LYS G 268 -20.61 -20.26 -18.64
N PHE G 269 -20.68 -20.02 -19.95
CA PHE G 269 -20.91 -18.68 -20.46
C PHE G 269 -22.02 -18.72 -21.50
N SER G 270 -22.75 -17.61 -21.62
CA SER G 270 -23.79 -17.43 -22.62
C SER G 270 -23.49 -16.11 -23.34
N ILE G 271 -22.73 -16.20 -24.42
CA ILE G 271 -22.32 -15.02 -25.16
C ILE G 271 -23.47 -14.51 -26.01
N SER G 272 -23.62 -13.19 -26.07
CA SER G 272 -24.66 -12.57 -26.88
C SER G 272 -24.23 -11.14 -27.18
N ARG G 273 -23.91 -10.85 -28.44
CA ARG G 273 -23.47 -9.52 -28.83
C ARG G 273 -24.08 -9.18 -30.19
N ASP G 274 -24.31 -7.88 -30.40
CA ASP G 274 -24.81 -7.37 -31.66
C ASP G 274 -23.70 -6.69 -32.43
N TYR G 275 -23.68 -6.89 -33.74
CA TYR G 275 -22.57 -6.44 -34.57
C TYR G 275 -23.12 -5.68 -35.77
N ASN G 276 -22.64 -4.46 -35.97
CA ASN G 276 -23.01 -3.65 -37.12
C ASN G 276 -21.93 -3.82 -38.19
N LEU G 277 -22.33 -4.30 -39.36
CA LEU G 277 -21.39 -4.80 -40.36
C LEU G 277 -21.16 -3.83 -41.52
N ASN G 278 -21.47 -2.55 -41.35
CA ASN G 278 -21.27 -1.59 -42.43
C ASN G 278 -19.78 -1.48 -42.78
N ASP G 279 -18.97 -1.01 -41.84
CA ASP G 279 -17.55 -0.85 -42.10
C ASP G 279 -16.87 -2.19 -42.32
N ILE G 280 -17.30 -3.23 -41.62
CA ILE G 280 -16.62 -4.52 -41.72
C ILE G 280 -16.87 -5.15 -43.09
N LEU G 281 -18.12 -5.07 -43.58
CA LEU G 281 -18.38 -5.54 -44.94
C LEU G 281 -17.74 -4.63 -45.97
N LEU G 282 -17.63 -3.33 -45.68
CA LEU G 282 -16.92 -2.42 -46.57
C LEU G 282 -15.47 -2.83 -46.74
N GLN G 283 -14.82 -3.20 -45.64
CA GLN G 283 -13.44 -3.69 -45.71
C GLN G 283 -13.38 -5.10 -46.28
N LEU G 284 -14.47 -5.87 -46.17
CA LEU G 284 -14.47 -7.25 -46.64
C LEU G 284 -14.38 -7.32 -48.15
N GLY G 285 -15.05 -6.41 -48.85
CA GLY G 285 -15.03 -6.43 -50.30
C GLY G 285 -16.36 -6.06 -50.94
N ILE G 286 -17.37 -5.84 -50.11
CA ILE G 286 -18.68 -5.37 -50.57
C ILE G 286 -18.80 -3.91 -50.15
N GLU G 287 -18.74 -3.02 -51.13
CA GLU G 287 -18.74 -1.59 -50.84
C GLU G 287 -19.71 -0.80 -51.71
N GLU G 288 -20.03 -1.29 -52.91
CA GLU G 288 -20.86 -0.51 -53.83
C GLU G 288 -22.29 -0.40 -53.34
N ALA G 289 -22.79 -1.41 -52.63
CA ALA G 289 -24.17 -1.40 -52.18
C ALA G 289 -24.43 -0.40 -51.06
N PHE G 290 -23.38 0.10 -50.40
CA PHE G 290 -23.54 0.98 -49.25
C PHE G 290 -23.45 2.45 -49.57
N THR G 291 -23.18 2.83 -50.83
CA THR G 291 -22.90 4.22 -51.19
C THR G 291 -23.93 4.77 -52.16
N SER G 292 -25.22 4.47 -51.92
CA SER G 292 -26.32 5.02 -52.71
C SER G 292 -26.20 4.68 -54.20
N LYS G 293 -25.49 3.59 -54.51
CA LYS G 293 -25.34 3.14 -55.89
C LYS G 293 -25.47 1.62 -55.97
N ALA G 294 -26.32 1.05 -55.12
CA ALA G 294 -26.39 -0.41 -54.99
C ALA G 294 -26.89 -1.07 -56.27
N ASP G 295 -27.68 -0.37 -57.08
CA ASP G 295 -28.36 -0.96 -58.23
C ASP G 295 -29.15 -2.20 -57.82
N LEU G 296 -29.90 -2.06 -56.72
CA LEU G 296 -30.67 -3.16 -56.15
C LEU G 296 -32.00 -3.28 -56.87
N SER G 297 -31.91 -3.65 -58.16
CA SER G 297 -33.09 -3.72 -59.01
C SER G 297 -33.97 -4.91 -58.68
N GLY G 298 -33.44 -5.93 -58.01
CA GLY G 298 -34.28 -7.05 -57.62
C GLY G 298 -35.19 -6.74 -56.45
N ILE G 299 -34.93 -5.62 -55.76
CA ILE G 299 -35.75 -5.25 -54.62
C ILE G 299 -37.03 -4.55 -55.08
N THR G 300 -36.88 -3.49 -55.90
CA THR G 300 -38.03 -2.78 -56.47
C THR G 300 -37.93 -2.54 -57.97
N GLY G 301 -36.73 -2.58 -58.56
CA GLY G 301 -36.58 -2.27 -59.95
C GLY G 301 -36.42 -0.79 -60.27
N ALA G 302 -36.03 0.03 -59.29
CA ALA G 302 -35.90 1.47 -59.51
C ALA G 302 -34.51 2.00 -59.18
N ARG G 303 -33.62 1.16 -58.64
CA ARG G 303 -32.27 1.57 -58.28
C ARG G 303 -32.31 2.76 -57.32
N ASN G 304 -33.25 2.71 -56.37
CA ASN G 304 -33.41 3.78 -55.40
C ASN G 304 -32.98 3.30 -54.01
N LEU G 305 -32.51 2.05 -53.90
CA LEU G 305 -32.27 1.45 -52.60
C LEU G 305 -30.82 0.99 -52.48
N ALA G 306 -30.22 1.27 -51.32
CA ALA G 306 -28.87 0.89 -50.98
C ALA G 306 -28.83 0.54 -49.49
N VAL G 307 -27.86 -0.27 -49.10
CA VAL G 307 -27.82 -0.78 -47.73
C VAL G 307 -27.18 0.24 -46.80
N SER G 308 -27.85 0.51 -45.69
CA SER G 308 -27.37 1.46 -44.69
C SER G 308 -26.93 0.82 -43.38
N GLN G 309 -27.61 -0.24 -42.94
CA GLN G 309 -27.28 -0.91 -41.68
C GLN G 309 -27.45 -2.42 -41.84
N VAL G 310 -26.40 -3.17 -41.51
CA VAL G 310 -26.49 -4.62 -41.39
C VAL G 310 -26.15 -5.01 -39.96
N VAL G 311 -27.15 -5.37 -39.17
CA VAL G 311 -26.98 -5.72 -37.77
C VAL G 311 -27.24 -7.21 -37.59
N HIS G 312 -26.28 -7.90 -36.99
CA HIS G 312 -26.38 -9.33 -36.73
C HIS G 312 -26.15 -9.60 -35.25
N LYS G 313 -27.05 -10.38 -34.64
CA LYS G 313 -26.91 -10.78 -33.25
C LYS G 313 -26.93 -12.30 -33.18
N ALA G 314 -25.82 -12.89 -32.76
CA ALA G 314 -25.71 -14.34 -32.61
C ALA G 314 -25.73 -14.67 -31.13
N VAL G 315 -26.83 -15.25 -30.67
CA VAL G 315 -26.97 -15.66 -29.29
C VAL G 315 -26.78 -17.17 -29.22
N LEU G 316 -25.85 -17.61 -28.38
CA LEU G 316 -25.52 -19.01 -28.29
C LEU G 316 -25.14 -19.32 -26.84
N ASP G 317 -25.61 -20.47 -26.36
CA ASP G 317 -25.59 -20.79 -24.94
C ASP G 317 -24.73 -22.03 -24.73
N VAL G 318 -23.82 -21.96 -23.75
CA VAL G 318 -22.98 -23.09 -23.39
C VAL G 318 -23.13 -23.38 -21.90
N PHE G 319 -24.05 -24.29 -21.57
CA PHE G 319 -24.31 -24.70 -20.20
C PHE G 319 -24.06 -26.19 -20.04
N GLU G 320 -24.45 -26.73 -18.88
CA GLU G 320 -24.15 -28.12 -18.55
C GLU G 320 -24.78 -29.08 -19.55
N GLU G 321 -26.06 -28.88 -19.86
CA GLU G 321 -26.80 -29.78 -20.75
C GLU G 321 -27.06 -29.13 -22.10
N GLY G 322 -26.27 -28.12 -22.46
CA GLY G 322 -26.49 -27.38 -23.68
C GLY G 322 -27.21 -26.08 -23.43
N THR G 323 -28.01 -25.68 -24.41
CA THR G 323 -28.79 -24.46 -24.29
C THR G 323 -29.91 -24.63 -23.26
N GLU G 324 -30.28 -23.51 -22.64
CA GLU G 324 -31.35 -23.43 -21.64
C GLU G 324 -31.32 -24.60 -20.66
N ALA G 325 -30.22 -24.69 -19.94
CA ALA G 325 -30.05 -25.76 -18.95
C ALA G 325 -31.08 -25.61 -17.83
N SER G 326 -31.54 -26.75 -17.33
CA SER G 326 -32.53 -26.78 -16.26
C SER G 326 -31.86 -26.64 -14.90
N ARG G 343 -4.33 -38.31 -15.36
CA ARG G 343 -4.13 -38.45 -16.80
C ARG G 343 -3.97 -37.07 -17.45
N THR G 344 -4.64 -36.89 -18.59
CA THR G 344 -4.60 -35.61 -19.28
C THR G 344 -5.72 -34.72 -18.75
N ILE G 345 -5.34 -33.52 -18.31
CA ILE G 345 -6.27 -32.55 -17.73
C ILE G 345 -6.38 -31.37 -18.67
N VAL G 346 -7.61 -30.99 -19.02
CA VAL G 346 -7.88 -29.85 -19.88
C VAL G 346 -8.68 -28.84 -19.07
N ARG G 347 -8.15 -27.62 -18.98
CA ARG G 347 -8.78 -26.54 -18.22
C ARG G 347 -8.83 -25.30 -19.09
N PHE G 348 -10.03 -24.83 -19.40
CA PHE G 348 -10.21 -23.65 -20.25
C PHE G 348 -10.28 -22.37 -19.40
N ASN G 349 -9.22 -22.14 -18.64
CA ASN G 349 -9.08 -20.91 -17.87
C ASN G 349 -8.26 -19.86 -18.62
N ARG G 350 -8.25 -19.94 -19.95
CA ARG G 350 -7.51 -19.04 -20.82
C ARG G 350 -8.42 -18.65 -21.98
N PRO G 351 -8.19 -17.50 -22.60
CA PRO G 351 -8.98 -17.13 -23.78
C PRO G 351 -8.89 -18.19 -24.87
N PHE G 352 -10.04 -18.51 -25.47
CA PHE G 352 -10.13 -19.66 -26.35
C PHE G 352 -11.11 -19.39 -27.49
N LEU G 353 -10.92 -20.16 -28.56
CA LEU G 353 -11.77 -20.13 -29.74
C LEU G 353 -12.83 -21.24 -29.66
N MET G 354 -13.92 -21.06 -30.41
CA MET G 354 -15.01 -22.02 -30.39
C MET G 354 -15.70 -22.01 -31.74
N ILE G 355 -15.63 -23.12 -32.47
CA ILE G 355 -16.14 -23.22 -33.83
C ILE G 355 -17.11 -24.39 -33.92
N ILE G 356 -18.35 -24.13 -34.27
CA ILE G 356 -19.39 -25.16 -34.35
C ILE G 356 -19.50 -25.61 -35.80
N VAL G 357 -19.29 -26.91 -36.02
CA VAL G 357 -19.28 -27.47 -37.38
C VAL G 357 -19.97 -28.83 -37.37
N PRO G 358 -20.47 -29.25 -38.53
CA PRO G 358 -20.96 -30.63 -38.65
C PRO G 358 -19.81 -31.62 -38.69
N THR G 359 -20.14 -32.87 -38.40
CA THR G 359 -19.19 -33.95 -38.64
C THR G 359 -19.17 -34.37 -40.10
N ASP G 360 -20.30 -34.28 -40.79
CA ASP G 360 -20.36 -34.72 -42.18
C ASP G 360 -19.60 -33.76 -43.10
N THR G 361 -19.86 -32.46 -42.97
CA THR G 361 -19.30 -31.47 -43.88
C THR G 361 -18.81 -30.27 -43.09
N GLN G 362 -17.87 -29.53 -43.69
CA GLN G 362 -17.31 -28.34 -43.05
C GLN G 362 -18.11 -27.10 -43.41
N ASN G 363 -18.83 -26.56 -42.42
CA ASN G 363 -19.61 -25.34 -42.60
C ASN G 363 -19.86 -24.75 -41.22
N ILE G 364 -19.46 -23.51 -41.01
CA ILE G 364 -19.39 -22.93 -39.67
C ILE G 364 -20.78 -22.43 -39.27
N PHE G 365 -21.44 -23.18 -38.40
CA PHE G 365 -22.71 -22.71 -37.83
C PHE G 365 -22.49 -21.51 -36.92
N PHE G 366 -21.53 -21.62 -35.99
CA PHE G 366 -21.21 -20.54 -35.07
C PHE G 366 -19.71 -20.45 -34.91
N MET G 367 -19.20 -19.25 -34.64
CA MET G 367 -17.79 -19.05 -34.35
C MET G 367 -17.64 -17.96 -33.30
N SER G 368 -16.80 -18.23 -32.29
CA SER G 368 -16.63 -17.31 -31.18
C SER G 368 -15.19 -17.34 -30.68
N LYS G 369 -14.78 -16.20 -30.14
CA LYS G 369 -13.56 -16.05 -29.37
C LYS G 369 -13.94 -15.50 -28.00
N VAL G 370 -13.67 -16.28 -26.96
CA VAL G 370 -14.05 -15.93 -25.59
C VAL G 370 -12.80 -15.47 -24.86
N THR G 371 -12.82 -14.23 -24.39
CA THR G 371 -11.71 -13.66 -23.62
C THR G 371 -12.11 -13.35 -22.19
N ASN G 372 -13.39 -13.05 -21.96
CA ASN G 372 -13.90 -12.79 -20.62
C ASN G 372 -15.30 -13.41 -20.50
N PRO G 373 -15.41 -14.65 -20.02
CA PRO G 373 -16.73 -15.28 -19.90
C PRO G 373 -17.66 -14.56 -18.94
N LYS G 374 -17.12 -13.69 -18.07
CA LYS G 374 -17.96 -12.83 -17.26
C LYS G 374 -18.65 -11.76 -18.09
N GLN G 375 -18.46 -11.78 -19.41
CA GLN G 375 -18.84 -10.66 -20.25
C GLN G 375 -19.29 -11.13 -21.63
#